data_5ZGH
#
_entry.id   5ZGH
#
_cell.length_a   1.0
_cell.length_b   1.0
_cell.length_c   1.0
_cell.angle_alpha   90.00
_cell.angle_beta   90.00
_cell.angle_gamma   90.00
#
_symmetry.space_group_name_H-M   'P 1'
#
loop_
_entity.id
_entity.type
_entity.pdbx_description
1 polymer Lhcr1
2 polymer Lhcr2
3 polymer Lhcr3
4 polymer PsaA
5 polymer PsaB
6 polymer PsaC
7 polymer PsaD
8 polymer PsaE
9 polymer PsaF
10 polymer PsaI
11 polymer PsaJ
12 polymer PsaK
13 polymer PsaL
14 polymer PsaM
15 polymer PsaO
16 non-polymer 'CHLOROPHYLL A'
17 non-polymer (1R,2S)-4-{(1E,3E,5E,7E,9E,11E,13E,15E,17E)-18-[(4S)-4-hydroxy-2,6,6-trimethylcyclohex-1-en-1-yl]-3,7,12,16-tetramethyloctadeca-1,3,5,7,9,11,13,15,17-nonaen-1-yl}-2,5,5-trimethylcyclohex-3-en-1-ol
18 non-polymer 1-DODECANOL
19 non-polymer 'CHLOROPHYLL A ISOMER'
20 non-polymer PHYLLOQUINONE
21 non-polymer 1,2-DIPALMITOYL-PHOSPHATIDYL-GLYCEROLE
22 non-polymer BETA-CAROTENE
23 non-polymer 'IRON/SULFUR CLUSTER'
24 non-polymer beta-D-glucopyranose
25 non-polymer 'DIGALACTOSYL DIACYL GLYCEROL (DGDG)'
26 non-polymer '(2S)-2,3-dihydroxypropyl octadecanoate'
#
loop_
_entity_poly.entity_id
_entity_poly.type
_entity_poly.pdbx_seq_one_letter_code
_entity_poly.pdbx_strand_id
1 'polypeptide(L)'
;EQSPALPFLSKPPNLSPDMPGYRGFDPLRFSDAFDVNWLQEGEIKNGRVAMLACLHFFVTEFYQFPFFAGAPKLAGPAHD
YFVKSGAMIQILAFIGFLEFLLHRGKVLYSDMEWKGRKPGELGFNPLNLPNDKAMRDREVNNGRLAMLGFAGIIHGEFLN
GKMPFEQITNFQPLQ
;
1
2 'polypeptide(L)'
;TRVPARGLRMQAPSGATMPSMPFLKRPSKLDGSLPGGEGCFDPLGFTEVFSLEWLREAEIKHCRVAMLAVLGVIAQEFGT
FDFYNAKSKLQLSPDLHNQFVQNGALQQILLFVCAWEFIVGLPALIESVNGNREPGYFGFDPLKLGGTVGSAQWKRMQAG
ELRNGRLAMIAFGGFFHQQLLTKQGIIEQLAHFNAIKPN
;
2
3 'polypeptide(L)'
;TNVARSSGNSRSVPFAPVPEAVRESGLAGSEAEFDPLMITSYLPISWMRESEVKHGRIAMLAFVGTLAQQAYQFPWYKGA
PTTLVGAHDHFVTTALAQILLFTSAFEIVAGVPAAIQTVRGSGRLPGYYGFDPLGLWGKDEASRKRMELAEVKNGRLAMI
AMLALWHQEVLSGGMGVIEQLVKQKFTP
;
3
4 'polypeptide(L)'
;MTLTTEKQVKVVVDRDVVPTSFEKWAKPGHFSRSLAKGPKTTTWIWNLHADAHDFDSHTSSLEEVSRKIFSAHFGQLAII
FIWLSGMYFHGARFSNYVAWLSNPTGIKPSAQVVWPIVGQQILNADVGGGMQGIQITSGLFQLWRASGIVNELQLYVTAL
GGLGMAGLMIFAGWFHYHKAAPKLEWFQNVESMLNHHLAGLLGLGSLSWAGHQIHVSLPINKLLDAGVAPSSIPLPHEFI
LNRNLMAELYPSFQQGLVPFFTLNWKQYSDILTFKGGLSPVTGGLWLTDVAHHHLAIAVLFLVAGHMYRTNWGIGHSIKQ
ILEAHKGPLTGEGHKGLYEILTTSWHANLAINLAMLGSLSIIVAHHMYAMPPYPYLATDYPTQLSLFTHHMWIGGFCIVG
AGAHAAIYMVRDYSPTVNFNNVLDRMIRHRDAIISHLNWVCIFLGMHSFGLYIHNDTMRALGRAQDMFSDTAIQLQPVFA
QWIQQIHTLAPGNTAVNALATASYAFGADTVTVGSKIAMMPIKLGTADFMVHHIHAFTIHVTTLILLKGVLYARNSRLIP
DKANLGFRFPCDGPGRGGTCQVSAWDHVFLGLFWMYNALSIVIFHFSWKMQSDVWGTVTSNGAISHITGGNFAQSAITIN
GWLRDFLWAQASQVIQSYGSSLSAYGLMFLGAHFVWAFSLMFLFSGRGYWQELIESIVWAHNKLKVAPAIAPRALSITQG
RAVGVAHYLLGGIATTWAFFLARIIAVG
;
A
5 'polypeptide(L)'
;MATKFPKFSQALASDPTTRRIWYGIATAHDFESHDGMTEENLYQKIFASHFGHLAIIFLWTSGNLFHVAWQGNFEQWVAN
PLKTKPLAHAIWDPHFGQAALKAFTRGDTVANISYSGVYHWWYTIGIRNNVELYTGALGLLVLSAVFLLAGWLHIQPKFK
PSLSWFKNNESRLNHHLAGLFGVSSLAWTGHLVHVAIPASRGQHVGWDNFIMTPPHPAGLQPFFTGNWSVYAQSPDSMQH
VFGTSQGAGTAILTFLGGFHPQTQSLWLTDMAHHHLAIAVIFIVAGHMYRTNFGIGHNLKTILEAHRPPSGRLGKGHIGI
YQTLTNSLHFQLGLALASLSVVTSLVAQHMYAMPPYAYMAFDYVTQSALYTHHQYIAGLLIVGAFAHGAIFFIRDYDPEQ
NQDNVLARMLAHKEAVISHLSWVSLFLGFHTLGLYVHNDVVVAFGNPEKQILIEPIFAQWIQATSGKMLYGFQVLLSSST
SNASVAAQQLWLPGWLEAVNNESNSLFLTIGPGDFLVHHAIALGLHTTTLILVKGALDARGSKLMPDKKDFGYSFPCDGP
GRGGTCDISAWDAFYLAMFWMLNTIGWVTFYWHWKHLSLWQGNVAQFNESSTYLMGWLRDYLWLNSSPLINGYNPYGMNS
LAVWSWMFLFAHLVWATGFMFLISWRGYWQELIETLAWAHERTPLANLIRWKDKPVALSIVQARLVGLVHFTVGYILTYA
AFVIASTAGKFS
;
B
6 'polypeptide(L)'
;MAHTVKIYDNCIGCTQCVRACPLDVLEMVPWDGCKAGQMASAPRTEDCVGCKRCETACPTDFLSIRVYLGGETTRSMGLA
Y
;
C
7 'polypeptide(L)'
;MLNLKMPSPSFLGSTGGWLRCAETEEKYAMTWSSDQQHIFEMPTGGAAVMNSGDNLLYLARKEQALALATQLRTQFKIQD
YKIYRIFPSGEVQYLHPKDGVLPYQVNKGREQVGRVKSTIGKNVNPAQVKFTSKATYDR
;
D
8 'polypeptide(L)'
;MIKKGSLVKILRPESFWYNEVGTVVNVETSKVLYPVLVRFDKVNYSGLNSTNFSLDELVEIKVEIKSDTSAKSPVKPPVK
SEVKAEKENKKEGA
;
E
9 'polypeptide(L)'
;MFKRSLIFIAAVMSVCQISAIQISAVSADVLTPCQQSEAFHKREINEVRTLENRQANYEANSPSYLALQSQIDQVHKRFD
KYGTLLCGQDGLPHLITDGDWRHAREFTIPALLFLYITGWIGWVGRSYLKYTKETKNPTEQEIILDVPMALKYMLSGFLW
PLSAWQEYRSGQLLAKEDEITVSPR
;
F
10 'polypeptide(L)' MSASYLPSILVPTVGLILPFASMAILFIAIEK I
11 'polypeptide(L)' MNLKKYLSTAPVVATLWLFLTAGILIELNRFFPDSLFY J
12 'polypeptide(L)' MMITIPYTIPTIMVISNLVGVAVGRYALGRSDLTQLIASMCFGHIIGVGIVLGLSNMGVI K
13 'polypeptide(L)'
;MTDYIKPYNNDPFVGHLATPINSSSLTRAYLSQLPIYRRGVSPFLRGLEIGMAHGYFLIGPFVQLGPLRNTDIKYLAGLL
SAIGLIVILTLGMLLYGAVSFTNDSQDLESVDGWRQLASGFLLGAVGGAGFAYLLLTLFS
;
L
14 'polypeptide(L)' MITDNQVFVALIMALVCGYLAVKLAKQLA M
15 'polypeptide(L)'
;MYGFVSVLPVASALQRQQCTCAARCSFTTRAARVAPVRIALSRPQRLVGASSLRMFEVSDGEPYPLNPAVIFIALIGWSA
VAAIPSNIPVLGGTGLTQAFLASIQRLLAQYPTGPKLDDPFWFYLIVYHVGLFALLIFGQIGYAGYAKGTYNRSA
;
O
#
# COMPACT_ATOMS: atom_id res chain seq x y z
N ALA A 5 18.67 -50.69 -18.15
CA ALA A 5 19.98 -50.90 -18.75
C ALA A 5 21.05 -50.12 -18.00
N LEU A 6 20.75 -48.86 -17.69
CA LEU A 6 21.64 -48.08 -16.83
C LEU A 6 21.53 -48.66 -15.42
N PRO A 7 22.65 -48.95 -14.75
CA PRO A 7 22.66 -50.03 -13.76
C PRO A 7 21.94 -49.75 -12.45
N PHE A 8 21.78 -48.49 -12.05
CA PHE A 8 21.24 -48.22 -10.72
C PHE A 8 19.71 -48.14 -10.69
N LEU A 9 19.07 -49.15 -11.30
CA LEU A 9 17.62 -49.37 -11.31
C LEU A 9 16.85 -48.15 -11.84
N SER A 10 17.48 -47.38 -12.73
CA SER A 10 16.85 -46.20 -13.32
C SER A 10 16.16 -46.53 -14.64
N LYS A 11 15.71 -47.76 -14.82
CA LYS A 11 15.09 -48.18 -16.06
C LYS A 11 13.62 -48.64 -16.03
N PRO A 12 12.67 -47.89 -15.44
CA PRO A 12 11.28 -48.01 -15.91
C PRO A 12 10.73 -46.76 -16.59
N PRO A 13 11.44 -46.12 -17.59
CA PRO A 13 10.86 -44.88 -18.13
C PRO A 13 9.69 -45.14 -19.08
N ASN A 14 9.21 -44.09 -19.73
CA ASN A 14 8.13 -44.19 -20.68
C ASN A 14 8.57 -44.80 -22.02
N LEU A 15 9.85 -45.12 -22.17
CA LEU A 15 10.38 -45.67 -23.41
C LEU A 15 9.93 -47.11 -23.64
N SER A 16 10.43 -47.69 -24.73
CA SER A 16 10.20 -49.08 -25.09
C SER A 16 11.49 -49.64 -25.67
N PRO A 17 11.84 -50.89 -25.36
CA PRO A 17 13.14 -51.42 -25.81
C PRO A 17 13.17 -51.78 -27.28
N ASP A 18 12.04 -52.06 -27.91
CA ASP A 18 11.99 -52.37 -29.33
C ASP A 18 12.16 -51.14 -30.21
N MET A 19 12.21 -49.95 -29.62
CA MET A 19 12.45 -48.73 -30.35
C MET A 19 13.87 -48.74 -30.90
N PRO A 20 14.08 -48.27 -32.13
CA PRO A 20 15.44 -48.28 -32.69
C PRO A 20 16.37 -47.32 -31.96
N GLY A 21 17.63 -47.71 -31.89
CA GLY A 21 18.61 -46.92 -31.17
C GLY A 21 18.52 -47.03 -29.67
N TYR A 22 17.77 -48.00 -29.16
CA TYR A 22 17.58 -48.14 -27.72
C TYR A 22 18.84 -48.67 -27.06
N ARG A 23 19.28 -47.99 -26.01
CA ARG A 23 20.30 -48.55 -25.14
C ARG A 23 19.99 -48.31 -23.66
N GLY A 24 18.81 -47.80 -23.32
CA GLY A 24 18.40 -47.64 -21.94
C GLY A 24 19.10 -46.54 -21.18
N PHE A 25 18.83 -45.29 -21.53
CA PHE A 25 19.57 -44.17 -20.92
C PHE A 25 18.69 -42.93 -20.96
N ASP A 26 18.05 -42.63 -19.83
CA ASP A 26 17.41 -41.33 -19.63
C ASP A 26 17.41 -41.04 -18.13
N PRO A 27 18.52 -40.52 -17.60
CA PRO A 27 18.55 -40.22 -16.16
C PRO A 27 17.69 -39.03 -15.79
N LEU A 28 17.65 -38.00 -16.62
CA LEU A 28 16.84 -36.83 -16.35
C LEU A 28 15.38 -37.00 -16.75
N ARG A 29 14.96 -38.24 -17.07
CA ARG A 29 13.60 -38.66 -17.39
C ARG A 29 12.88 -37.70 -18.35
N PHE A 30 13.59 -37.30 -19.41
CA PHE A 30 12.96 -36.55 -20.47
C PHE A 30 11.98 -37.38 -21.30
N SER A 31 12.00 -38.71 -21.17
CA SER A 31 11.03 -39.54 -21.87
C SER A 31 9.61 -39.25 -21.41
N ASP A 32 9.44 -39.06 -20.11
CA ASP A 32 8.20 -38.51 -19.59
C ASP A 32 8.04 -37.07 -20.08
N ALA A 33 6.78 -36.67 -20.22
CA ALA A 33 6.30 -35.33 -20.57
C ALA A 33 6.58 -34.91 -22.01
N PHE A 34 7.27 -35.72 -22.82
CA PHE A 34 7.75 -35.25 -24.11
C PHE A 34 7.46 -36.17 -25.28
N ASP A 35 6.55 -37.15 -25.12
CA ASP A 35 6.03 -37.99 -26.21
C ASP A 35 7.15 -38.76 -26.93
N VAL A 36 7.62 -39.83 -26.25
CA VAL A 36 8.79 -40.64 -26.58
C VAL A 36 8.98 -40.96 -28.06
N ASN A 37 7.88 -41.14 -28.79
CA ASN A 37 7.98 -41.33 -30.23
C ASN A 37 8.37 -40.03 -30.95
N TRP A 38 7.83 -38.89 -30.51
CA TRP A 38 8.26 -37.62 -31.08
C TRP A 38 9.70 -37.30 -30.72
N LEU A 39 10.13 -37.64 -29.50
CA LEU A 39 11.53 -37.48 -29.13
C LEU A 39 12.42 -38.35 -29.98
N GLN A 40 11.96 -39.58 -30.28
CA GLN A 40 12.70 -40.45 -31.18
C GLN A 40 12.80 -39.83 -32.56
N GLU A 41 11.71 -39.21 -33.02
CA GLU A 41 11.73 -38.54 -34.31
C GLU A 41 12.65 -37.33 -34.30
N GLY A 42 12.76 -36.64 -33.17
CA GLY A 42 13.68 -35.53 -33.08
C GLY A 42 15.12 -35.98 -33.02
N GLU A 43 15.38 -37.13 -32.42
CA GLU A 43 16.73 -37.67 -32.41
C GLU A 43 17.13 -38.15 -33.80
N ILE A 44 16.19 -38.76 -34.52
CA ILE A 44 16.49 -39.18 -35.88
C ILE A 44 16.74 -37.97 -36.76
N LYS A 45 15.91 -36.93 -36.65
CA LYS A 45 16.06 -35.82 -37.57
C LYS A 45 17.27 -34.94 -37.22
N ASN A 46 17.50 -34.70 -35.92
CA ASN A 46 18.73 -34.04 -35.51
C ASN A 46 19.97 -34.84 -35.89
N GLY A 47 19.86 -36.17 -35.89
CA GLY A 47 20.99 -36.99 -36.29
C GLY A 47 21.25 -36.95 -37.77
N ARG A 48 20.20 -36.87 -38.58
CA ARG A 48 20.41 -36.88 -40.02
C ARG A 48 20.85 -35.52 -40.53
N VAL A 49 20.24 -34.44 -40.03
CA VAL A 49 20.66 -33.14 -40.54
C VAL A 49 21.96 -32.70 -39.87
N ALA A 50 22.23 -33.19 -38.65
CA ALA A 50 23.55 -33.00 -38.09
C ALA A 50 24.57 -33.84 -38.83
N MET A 51 24.12 -34.97 -39.37
CA MET A 51 25.02 -35.87 -40.06
C MET A 51 25.47 -35.26 -41.38
N LEU A 52 24.51 -34.71 -42.15
CA LEU A 52 24.86 -33.96 -43.35
C LEU A 52 25.66 -32.72 -43.01
N ALA A 53 25.29 -32.05 -41.91
CA ALA A 53 25.92 -30.78 -41.57
C ALA A 53 27.36 -30.95 -41.16
N CYS A 54 27.72 -32.10 -40.59
CA CYS A 54 29.13 -32.36 -40.39
C CYS A 54 29.77 -33.04 -41.58
N LEU A 55 28.97 -33.57 -42.51
CA LEU A 55 29.55 -34.03 -43.76
C LEU A 55 30.05 -32.86 -44.60
N HIS A 56 29.36 -31.71 -44.51
CA HIS A 56 29.87 -30.48 -45.12
C HIS A 56 31.25 -30.09 -44.59
N PHE A 57 31.51 -30.34 -43.31
CA PHE A 57 32.81 -30.04 -42.74
C PHE A 57 33.88 -31.06 -43.15
N PHE A 58 33.51 -32.13 -43.85
CA PHE A 58 34.47 -33.01 -44.49
C PHE A 58 34.63 -32.72 -45.98
N VAL A 59 33.68 -32.03 -46.59
CA VAL A 59 33.72 -31.73 -48.02
C VAL A 59 33.91 -30.23 -48.13
N THR A 60 34.70 -29.68 -47.20
CA THR A 60 35.32 -28.38 -47.40
C THR A 60 36.67 -28.49 -48.09
N GLU A 61 37.07 -29.70 -48.45
CA GLU A 61 38.24 -29.98 -49.28
C GLU A 61 37.89 -29.60 -50.72
N PHE A 62 38.89 -29.60 -51.61
CA PHE A 62 38.89 -28.94 -52.93
C PHE A 62 37.77 -29.39 -53.87
N TYR A 63 37.05 -30.47 -53.58
CA TYR A 63 36.04 -30.94 -54.52
C TYR A 63 34.78 -30.10 -54.42
N GLN A 64 34.17 -29.88 -55.59
CA GLN A 64 32.86 -29.26 -55.78
C GLN A 64 32.82 -27.82 -55.23
N PHE A 65 33.63 -26.97 -55.86
CA PHE A 65 33.62 -25.53 -55.60
C PHE A 65 33.21 -24.79 -56.87
N PRO A 66 31.91 -24.84 -57.24
CA PRO A 66 31.50 -24.36 -58.58
C PRO A 66 31.21 -22.87 -58.69
N PHE A 67 32.28 -22.07 -58.77
CA PHE A 67 32.30 -20.73 -59.35
C PHE A 67 31.57 -19.68 -58.49
N PHE A 68 30.86 -20.08 -57.44
CA PHE A 68 30.04 -19.12 -56.73
C PHE A 68 30.70 -18.58 -55.47
N ALA A 69 31.36 -19.42 -54.68
CA ALA A 69 31.89 -18.98 -53.40
C ALA A 69 33.36 -18.62 -53.49
N GLY A 70 34.20 -19.61 -53.78
CA GLY A 70 35.63 -19.45 -53.76
C GLY A 70 36.26 -19.22 -52.39
N ALA A 71 35.47 -19.31 -51.32
CA ALA A 71 35.93 -19.05 -49.96
C ALA A 71 35.67 -20.27 -49.08
N PRO A 72 36.53 -21.28 -49.14
CA PRO A 72 36.29 -22.49 -48.36
C PRO A 72 36.90 -22.43 -46.98
N LYS A 73 36.45 -23.36 -46.13
CA LYS A 73 37.02 -23.67 -44.81
C LYS A 73 37.02 -22.43 -43.91
N LEU A 74 35.82 -21.91 -43.69
CA LEU A 74 35.65 -20.77 -42.81
C LEU A 74 34.77 -21.12 -41.63
N ALA A 75 33.56 -21.64 -41.88
CA ALA A 75 32.68 -22.34 -40.93
C ALA A 75 32.11 -21.46 -39.81
N GLY A 76 32.55 -20.21 -39.74
CA GLY A 76 32.09 -19.25 -38.77
C GLY A 76 31.32 -18.20 -39.51
N PRO A 77 32.01 -17.11 -39.88
CA PRO A 77 31.42 -16.11 -40.78
C PRO A 77 31.16 -16.60 -42.20
N ALA A 78 31.41 -17.89 -42.51
CA ALA A 78 30.83 -18.48 -43.71
C ALA A 78 29.31 -18.42 -43.67
N HIS A 79 28.73 -18.58 -42.47
CA HIS A 79 27.31 -18.29 -42.28
C HIS A 79 27.00 -16.83 -42.60
N ASP A 80 27.88 -15.91 -42.22
CA ASP A 80 27.70 -14.53 -42.64
C ASP A 80 28.01 -14.37 -44.12
N TYR A 81 28.90 -15.21 -44.66
CA TYR A 81 29.27 -15.12 -46.07
C TYR A 81 28.16 -15.57 -47.00
N PHE A 82 27.24 -16.43 -46.52
CA PHE A 82 26.14 -16.88 -47.37
C PHE A 82 24.77 -16.36 -46.93
N VAL A 83 24.63 -15.88 -45.69
CA VAL A 83 23.51 -15.00 -45.38
C VAL A 83 23.68 -13.67 -46.12
N LYS A 84 24.91 -13.15 -46.15
CA LYS A 84 25.18 -11.89 -46.83
C LYS A 84 25.01 -12.03 -48.35
N SER A 85 25.43 -13.16 -48.91
CA SER A 85 25.32 -13.38 -50.35
C SER A 85 23.89 -13.62 -50.79
N GLY A 86 22.97 -13.87 -49.88
CA GLY A 86 21.62 -14.22 -50.24
C GLY A 86 21.49 -15.70 -50.48
N ALA A 87 20.26 -16.09 -50.82
CA ALA A 87 19.82 -17.42 -51.26
C ALA A 87 19.93 -18.50 -50.18
N MET A 88 20.44 -18.20 -48.99
CA MET A 88 20.20 -19.07 -47.86
C MET A 88 18.77 -18.91 -47.37
N ILE A 89 18.18 -17.74 -47.59
CA ILE A 89 16.74 -17.59 -47.52
C ILE A 89 16.08 -18.55 -48.50
N GLN A 90 16.65 -18.67 -49.70
CA GLN A 90 16.12 -19.58 -50.69
C GLN A 90 16.42 -21.03 -50.36
N ILE A 91 17.41 -21.32 -49.51
CA ILE A 91 17.57 -22.70 -49.08
C ILE A 91 16.62 -23.00 -47.92
N LEU A 92 16.16 -21.98 -47.19
CA LEU A 92 14.99 -22.18 -46.35
C LEU A 92 13.73 -22.34 -47.19
N ALA A 93 13.71 -21.79 -48.40
CA ALA A 93 12.60 -22.08 -49.30
C ALA A 93 12.69 -23.51 -49.82
N PHE A 94 13.91 -24.01 -50.00
CA PHE A 94 14.09 -25.39 -50.47
C PHE A 94 13.70 -26.38 -49.39
N ILE A 95 14.17 -26.17 -48.16
CA ILE A 95 13.84 -27.07 -47.06
C ILE A 95 12.37 -26.93 -46.67
N GLY A 96 11.85 -25.69 -46.72
CA GLY A 96 10.46 -25.47 -46.37
C GLY A 96 9.50 -26.06 -47.39
N PHE A 97 9.85 -25.98 -48.67
CA PHE A 97 8.96 -26.53 -49.70
C PHE A 97 9.18 -28.02 -49.89
N LEU A 98 10.28 -28.59 -49.41
CA LEU A 98 10.35 -30.03 -49.30
C LEU A 98 9.53 -30.52 -48.11
N GLU A 99 9.81 -29.99 -46.93
CA GLU A 99 9.34 -30.53 -45.66
C GLU A 99 7.82 -30.45 -45.50
N PHE A 100 7.15 -29.60 -46.28
CA PHE A 100 5.69 -29.65 -46.34
C PHE A 100 5.21 -30.98 -46.91
N LEU A 101 5.98 -31.55 -47.83
CA LEU A 101 5.63 -32.81 -48.48
C LEU A 101 6.21 -34.01 -47.75
N LEU A 102 7.27 -33.80 -46.96
CA LEU A 102 7.86 -34.88 -46.14
C LEU A 102 6.86 -35.39 -45.11
N HIS A 103 6.34 -34.51 -44.29
CA HIS A 103 5.53 -34.93 -43.15
C HIS A 103 4.03 -34.83 -43.39
N ARG A 104 3.58 -33.76 -44.04
CA ARG A 104 2.22 -33.42 -44.44
C ARG A 104 1.30 -33.10 -43.26
N GLY A 105 1.77 -33.22 -42.01
CA GLY A 105 1.05 -32.76 -40.84
C GLY A 105 1.84 -31.65 -40.19
N LYS A 106 3.17 -31.77 -40.27
CA LYS A 106 4.18 -30.71 -40.16
C LYS A 106 4.08 -29.84 -38.88
N VAL A 107 3.42 -30.30 -37.82
CA VAL A 107 3.32 -29.52 -36.58
C VAL A 107 3.92 -30.36 -35.46
N LEU A 108 4.67 -29.69 -34.57
CA LEU A 108 5.67 -30.27 -33.69
C LEU A 108 5.12 -31.33 -32.73
N TYR A 109 4.30 -30.95 -31.78
CA TYR A 109 3.64 -31.96 -30.97
C TYR A 109 2.21 -32.22 -31.38
N SER A 110 1.53 -31.20 -31.89
CA SER A 110 0.17 -31.39 -32.34
C SER A 110 0.18 -32.16 -33.65
N ASP A 111 -0.53 -33.28 -33.65
CA ASP A 111 -0.80 -34.10 -34.85
C ASP A 111 0.49 -34.62 -35.48
N MET A 112 1.28 -35.34 -34.68
CA MET A 112 2.37 -36.12 -35.24
C MET A 112 1.78 -37.31 -35.98
N GLU A 113 2.18 -37.50 -37.22
CA GLU A 113 1.62 -38.54 -38.06
C GLU A 113 2.36 -39.84 -37.77
N TRP A 114 1.89 -40.57 -36.75
CA TRP A 114 2.44 -41.89 -36.46
C TRP A 114 1.67 -42.90 -37.30
N LYS A 115 2.16 -43.11 -38.51
CA LYS A 115 1.57 -44.08 -39.42
C LYS A 115 2.50 -45.23 -39.76
N GLY A 116 3.72 -44.92 -40.22
CA GLY A 116 4.57 -45.94 -40.79
C GLY A 116 5.58 -46.54 -39.84
N ARG A 117 5.16 -46.81 -38.59
CA ARG A 117 5.85 -47.68 -37.62
C ARG A 117 7.17 -47.08 -37.10
N LYS A 118 7.56 -45.93 -37.64
CA LYS A 118 8.94 -45.48 -37.52
C LYS A 118 8.99 -44.01 -37.92
N PRO A 119 9.80 -43.19 -37.25
CA PRO A 119 10.12 -41.88 -37.81
C PRO A 119 10.97 -41.94 -39.08
N GLY A 120 10.35 -42.33 -40.18
CA GLY A 120 10.93 -42.22 -41.50
C GLY A 120 9.79 -42.04 -42.49
N GLU A 121 9.84 -40.97 -43.27
CA GLU A 121 8.68 -40.52 -44.04
C GLU A 121 8.77 -40.99 -45.48
N LEU A 122 7.73 -41.71 -45.93
CA LEU A 122 7.46 -42.15 -47.30
C LEU A 122 8.46 -43.19 -47.79
N GLY A 123 9.49 -43.47 -47.01
CA GLY A 123 10.61 -44.23 -47.49
C GLY A 123 11.33 -43.49 -48.61
N PHE A 124 12.00 -42.37 -48.29
CA PHE A 124 12.83 -41.72 -49.29
C PHE A 124 14.05 -42.59 -49.53
N ASN A 125 13.89 -43.58 -50.39
CA ASN A 125 14.73 -44.77 -50.37
C ASN A 125 14.81 -45.36 -51.77
N PRO A 126 15.58 -44.71 -52.68
CA PRO A 126 15.69 -45.26 -54.04
C PRO A 126 16.63 -46.46 -54.11
N LEU A 127 17.67 -46.46 -53.28
CA LEU A 127 18.62 -47.56 -53.29
C LEU A 127 18.01 -48.81 -52.66
N ASN A 128 17.48 -48.67 -51.44
CA ASN A 128 16.49 -49.58 -50.84
C ASN A 128 17.08 -50.98 -50.60
N LEU A 129 18.29 -51.04 -50.07
CA LEU A 129 18.80 -52.38 -49.82
C LEU A 129 18.26 -52.92 -48.48
N PRO A 130 18.28 -52.17 -47.33
CA PRO A 130 17.56 -52.68 -46.16
C PRO A 130 16.17 -52.11 -46.01
N ASN A 131 15.32 -52.82 -45.27
CA ASN A 131 14.07 -52.27 -44.75
C ASN A 131 14.32 -51.70 -43.35
N ASP A 132 13.25 -51.47 -42.59
CA ASP A 132 13.36 -50.97 -41.21
C ASP A 132 13.75 -52.10 -40.26
N LYS A 133 14.95 -52.61 -40.48
CA LYS A 133 15.57 -53.65 -39.66
C LYS A 133 16.43 -52.99 -38.58
N ALA A 134 17.33 -53.77 -37.96
CA ALA A 134 18.36 -53.22 -37.06
C ALA A 134 19.43 -52.36 -37.77
N MET A 135 19.30 -52.11 -39.08
CA MET A 135 20.03 -51.03 -39.74
C MET A 135 19.68 -49.68 -39.13
N ARG A 136 18.47 -49.56 -38.56
CA ARG A 136 18.05 -48.33 -37.90
C ARG A 136 18.93 -48.00 -36.70
N ASP A 137 19.38 -49.03 -35.96
CA ASP A 137 20.27 -48.80 -34.82
C ASP A 137 21.61 -48.23 -35.25
N ARG A 138 22.19 -48.77 -36.32
CA ARG A 138 23.42 -48.23 -36.84
C ARG A 138 23.21 -46.99 -37.69
N GLU A 139 21.96 -46.57 -37.91
CA GLU A 139 21.71 -45.19 -38.28
C GLU A 139 21.77 -44.29 -37.06
N VAL A 140 21.25 -44.77 -35.93
CA VAL A 140 21.19 -43.95 -34.72
C VAL A 140 22.59 -43.70 -34.17
N ASN A 141 23.45 -44.71 -34.17
CA ASN A 141 24.80 -44.53 -33.66
C ASN A 141 25.63 -43.62 -34.56
N ASN A 142 25.49 -43.78 -35.87
CA ASN A 142 26.09 -42.85 -36.82
C ASN A 142 25.37 -41.51 -36.87
N GLY A 143 24.29 -41.33 -36.14
CA GLY A 143 23.64 -40.04 -36.02
C GLY A 143 24.12 -39.30 -34.80
N ARG A 144 24.15 -39.99 -33.66
CA ARG A 144 24.61 -39.40 -32.41
C ARG A 144 26.08 -39.04 -32.48
N LEU A 145 26.89 -39.95 -33.05
CA LEU A 145 28.30 -39.65 -33.29
C LEU A 145 28.46 -38.44 -34.18
N ALA A 146 27.63 -38.34 -35.21
CA ALA A 146 27.68 -37.18 -36.08
C ALA A 146 27.01 -35.95 -35.47
N MET A 147 26.38 -36.06 -34.31
CA MET A 147 26.01 -34.87 -33.58
C MET A 147 27.21 -34.33 -32.80
N LEU A 148 27.82 -35.20 -31.97
CA LEU A 148 28.85 -34.72 -31.07
C LEU A 148 30.12 -34.35 -31.84
N GLY A 149 30.42 -35.06 -32.92
CA GLY A 149 31.55 -34.69 -33.74
C GLY A 149 31.34 -33.37 -34.45
N PHE A 150 30.12 -33.10 -34.88
CA PHE A 150 29.75 -31.81 -35.46
C PHE A 150 29.98 -30.69 -34.46
N ALA A 151 29.59 -30.91 -33.21
CA ALA A 151 29.85 -29.94 -32.16
C ALA A 151 31.35 -29.74 -31.95
N GLY A 152 32.12 -30.83 -31.97
CA GLY A 152 33.56 -30.72 -31.78
C GLY A 152 34.26 -29.99 -32.90
N ILE A 153 33.77 -30.15 -34.13
CA ILE A 153 34.29 -29.38 -35.24
C ILE A 153 33.99 -27.90 -35.05
N ILE A 154 32.78 -27.58 -34.59
CA ILE A 154 32.41 -26.17 -34.50
C ILE A 154 33.11 -25.47 -33.35
N HIS A 155 33.23 -26.13 -32.20
CA HIS A 155 33.96 -25.50 -31.10
C HIS A 155 35.46 -25.48 -31.38
N GLY A 156 35.97 -26.46 -32.14
CA GLY A 156 37.31 -26.35 -32.68
C GLY A 156 37.47 -25.14 -33.58
N GLU A 157 36.43 -24.80 -34.33
CA GLU A 157 36.42 -23.56 -35.10
C GLU A 157 36.17 -22.35 -34.20
N PHE A 158 35.70 -22.56 -32.98
CA PHE A 158 35.42 -21.43 -32.09
C PHE A 158 36.68 -20.95 -31.38
N LEU A 159 37.27 -21.80 -30.53
CA LEU A 159 38.37 -21.23 -29.76
C LEU A 159 39.68 -21.27 -30.55
N ASN A 160 39.95 -22.36 -31.24
CA ASN A 160 41.13 -22.41 -32.08
C ASN A 160 40.89 -21.67 -33.39
N GLY A 161 39.80 -22.00 -34.07
CA GLY A 161 39.53 -21.44 -35.38
C GLY A 161 40.46 -21.89 -36.46
N LYS A 162 41.31 -22.89 -36.21
CA LYS A 162 42.39 -23.20 -37.13
C LYS A 162 41.89 -24.05 -38.30
N MET A 163 41.57 -25.31 -38.02
CA MET A 163 41.33 -26.27 -39.06
C MET A 163 40.22 -27.18 -38.55
N PRO A 164 39.15 -27.37 -39.32
CA PRO A 164 38.30 -28.54 -39.05
C PRO A 164 39.02 -29.84 -39.35
N PHE A 165 39.95 -29.84 -40.32
CA PHE A 165 40.66 -31.06 -40.70
C PHE A 165 41.86 -31.31 -39.80
N GLU A 166 42.87 -30.44 -39.84
CA GLU A 166 44.20 -30.78 -39.36
C GLU A 166 44.37 -30.61 -37.86
N GLN A 167 43.29 -30.66 -37.10
CA GLN A 167 43.42 -30.90 -35.66
C GLN A 167 43.69 -32.38 -35.38
N ILE A 168 43.58 -33.23 -36.39
CA ILE A 168 43.74 -34.67 -36.21
C ILE A 168 45.19 -35.14 -36.28
N THR A 169 46.07 -34.40 -36.96
CA THR A 169 47.37 -34.98 -37.30
C THR A 169 48.40 -34.88 -36.17
N ASN A 170 48.91 -33.67 -35.89
CA ASN A 170 49.78 -33.48 -34.73
C ASN A 170 49.66 -32.08 -34.13
N PHE A 171 48.48 -31.47 -34.21
CA PHE A 171 48.30 -30.09 -33.80
C PHE A 171 47.49 -30.04 -32.52
N GLN A 172 48.09 -29.49 -31.46
CA GLN A 172 47.51 -29.47 -30.12
C GLN A 172 47.68 -28.08 -29.52
N PRO A 173 46.75 -27.66 -28.65
CA PRO A 173 46.90 -26.36 -27.98
C PRO A 173 47.98 -26.37 -26.90
N PRO B 19 24.30 -52.27 25.54
CA PRO B 19 23.45 -51.93 24.41
C PRO B 19 23.83 -52.70 23.16
N SER B 20 23.00 -52.57 22.12
CA SER B 20 23.35 -53.14 20.83
C SER B 20 24.51 -52.38 20.18
N MET B 21 24.67 -51.11 20.51
CA MET B 21 25.90 -50.42 20.19
C MET B 21 27.04 -51.00 21.03
N PRO B 22 28.23 -51.07 20.48
CA PRO B 22 29.43 -51.40 21.29
C PRO B 22 30.01 -50.16 21.97
N PHE B 23 29.19 -49.46 22.72
CA PHE B 23 29.50 -48.12 23.21
C PHE B 23 28.83 -47.95 24.58
N LEU B 24 28.62 -46.69 24.97
CA LEU B 24 28.07 -46.36 26.27
C LEU B 24 26.66 -46.90 26.44
N LYS B 25 25.66 -46.27 25.78
CA LYS B 25 24.31 -46.81 25.63
C LYS B 25 23.48 -46.01 24.63
N ARG B 26 23.03 -46.66 23.54
CA ARG B 26 21.90 -46.28 22.69
C ARG B 26 21.58 -47.48 21.81
N PRO B 27 20.89 -48.49 22.32
CA PRO B 27 20.86 -49.78 21.62
C PRO B 27 20.01 -49.82 20.36
N SER B 28 20.68 -49.75 19.20
CA SER B 28 20.08 -49.83 17.86
C SER B 28 18.95 -48.81 17.70
N LYS B 29 19.36 -47.53 17.67
CA LYS B 29 18.41 -46.42 17.53
C LYS B 29 17.58 -46.55 16.26
N LEU B 30 18.23 -46.73 15.11
CA LEU B 30 17.54 -47.23 13.93
C LEU B 30 18.33 -48.28 13.16
N ASP B 31 19.65 -48.29 13.25
CA ASP B 31 20.53 -49.02 12.36
C ASP B 31 21.19 -50.20 13.07
N GLY B 32 22.12 -50.86 12.37
CA GLY B 32 22.82 -51.99 12.94
C GLY B 32 23.12 -53.08 11.92
N SER B 33 22.28 -53.19 10.89
CA SER B 33 22.48 -54.17 9.84
C SER B 33 23.29 -53.62 8.67
N LEU B 34 23.57 -52.33 8.68
CA LEU B 34 24.39 -51.69 7.67
C LEU B 34 25.86 -52.10 7.88
N PRO B 35 26.72 -51.95 6.86
CA PRO B 35 28.12 -52.38 7.03
C PRO B 35 28.98 -51.55 7.95
N GLY B 36 28.57 -51.37 9.20
CA GLY B 36 29.50 -51.04 10.25
C GLY B 36 29.83 -52.32 11.00
N GLY B 37 30.94 -52.95 10.63
CA GLY B 37 31.24 -54.28 11.13
C GLY B 37 31.69 -54.29 12.57
N GLU B 38 32.37 -53.24 13.00
CA GLU B 38 32.69 -53.03 14.40
C GLU B 38 31.51 -52.45 15.18
N GLY B 39 30.41 -52.13 14.51
CA GLY B 39 29.21 -51.68 15.19
C GLY B 39 28.48 -50.54 14.52
N CYS B 40 27.47 -50.00 15.19
CA CYS B 40 26.77 -48.80 14.76
C CYS B 40 27.13 -47.65 15.70
N PHE B 41 27.76 -46.60 15.17
CA PHE B 41 28.43 -45.64 16.04
C PHE B 41 27.48 -44.61 16.61
N ASP B 42 26.98 -43.70 15.77
CA ASP B 42 25.88 -42.76 15.88
C ASP B 42 25.57 -42.20 17.27
N PRO B 43 26.45 -41.41 17.89
CA PRO B 43 26.13 -40.90 19.22
C PRO B 43 25.23 -39.67 19.22
N LEU B 44 25.12 -38.96 18.11
CA LEU B 44 24.34 -37.74 18.04
C LEU B 44 23.12 -37.97 17.17
N GLY B 45 22.01 -37.33 17.53
CA GLY B 45 20.72 -37.64 16.94
C GLY B 45 20.53 -37.19 15.50
N PHE B 46 21.22 -37.84 14.57
CA PHE B 46 21.01 -37.59 13.15
C PHE B 46 20.13 -38.66 12.50
N THR B 47 20.45 -39.93 12.70
CA THR B 47 19.59 -41.00 12.21
C THR B 47 18.25 -41.01 12.94
N GLU B 48 18.20 -40.42 14.15
CA GLU B 48 16.93 -40.24 14.86
C GLU B 48 15.94 -39.43 14.02
N VAL B 49 16.33 -38.24 13.57
CA VAL B 49 15.53 -37.56 12.56
C VAL B 49 16.43 -37.12 11.39
N PHE B 50 16.77 -38.07 10.47
CA PHE B 50 17.06 -37.77 9.07
C PHE B 50 16.70 -38.90 8.11
N SER B 51 16.16 -40.02 8.57
CA SER B 51 15.77 -41.22 7.83
C SER B 51 16.94 -41.94 7.12
N LEU B 52 18.20 -41.55 7.37
CA LEU B 52 19.40 -42.37 7.23
C LEU B 52 19.81 -42.75 5.80
N GLU B 53 18.93 -42.59 4.81
CA GLU B 53 19.32 -43.02 3.48
C GLU B 53 20.09 -41.91 2.78
N TRP B 54 19.58 -40.69 2.92
CA TRP B 54 20.29 -39.47 2.57
C TRP B 54 21.67 -39.44 3.20
N LEU B 55 21.73 -39.73 4.50
CA LEU B 55 22.99 -39.69 5.22
C LEU B 55 23.94 -40.79 4.76
N ARG B 56 23.40 -41.95 4.37
CA ARG B 56 24.25 -43.03 3.90
C ARG B 56 24.86 -42.69 2.56
N GLU B 57 24.08 -42.04 1.68
CA GLU B 57 24.64 -41.55 0.43
C GLU B 57 25.68 -40.44 0.68
N ALA B 58 25.47 -39.62 1.73
CA ALA B 58 26.44 -38.57 2.01
C ALA B 58 27.75 -39.15 2.56
N GLU B 59 27.63 -40.12 3.46
CA GLU B 59 28.79 -40.85 3.98
C GLU B 59 29.59 -41.50 2.88
N ILE B 60 28.90 -42.21 1.98
CA ILE B 60 29.64 -42.96 0.98
C ILE B 60 30.22 -42.03 -0.08
N LYS B 61 29.48 -40.99 -0.48
CA LYS B 61 29.99 -40.09 -1.50
C LYS B 61 31.15 -39.24 -0.99
N HIS B 62 31.07 -38.79 0.26
CA HIS B 62 32.19 -38.10 0.88
C HIS B 62 33.39 -39.01 1.05
N CYS B 63 33.17 -40.29 1.34
CA CYS B 63 34.35 -41.12 1.54
C CYS B 63 35.02 -41.49 0.22
N ARG B 64 34.24 -41.63 -0.86
CA ARG B 64 34.85 -41.83 -2.19
C ARG B 64 35.68 -40.62 -2.59
N VAL B 65 35.07 -39.43 -2.50
CA VAL B 65 35.78 -38.24 -2.96
C VAL B 65 36.92 -37.88 -2.01
N ALA B 66 36.87 -38.36 -0.76
CA ALA B 66 38.01 -38.14 0.13
C ALA B 66 39.15 -39.09 -0.19
N MET B 67 38.84 -40.32 -0.60
CA MET B 67 39.91 -41.22 -1.04
C MET B 67 40.60 -40.68 -2.28
N LEU B 68 39.82 -40.13 -3.22
CA LEU B 68 40.43 -39.43 -4.34
C LEU B 68 41.19 -38.18 -3.89
N ALA B 69 40.76 -37.56 -2.80
CA ALA B 69 41.45 -36.37 -2.31
C ALA B 69 42.83 -36.71 -1.76
N VAL B 70 42.90 -37.74 -0.92
CA VAL B 70 44.17 -38.08 -0.28
C VAL B 70 45.13 -38.71 -1.30
N LEU B 71 44.63 -39.50 -2.25
CA LEU B 71 45.52 -39.97 -3.30
C LEU B 71 45.92 -38.84 -4.23
N GLY B 72 45.08 -37.81 -4.35
CA GLY B 72 45.48 -36.63 -5.09
C GLY B 72 46.60 -35.86 -4.43
N VAL B 73 46.55 -35.73 -3.11
CA VAL B 73 47.59 -34.99 -2.39
C VAL B 73 48.91 -35.75 -2.42
N ILE B 74 48.84 -37.07 -2.26
CA ILE B 74 50.06 -37.88 -2.33
C ILE B 74 50.65 -37.87 -3.73
N ALA B 75 49.82 -38.08 -4.75
CA ALA B 75 50.30 -38.12 -6.13
C ALA B 75 50.82 -36.77 -6.60
N GLN B 76 50.22 -35.67 -6.14
CA GLN B 76 50.77 -34.36 -6.43
C GLN B 76 52.07 -34.12 -5.68
N GLU B 77 52.22 -34.67 -4.48
CA GLU B 77 53.50 -34.54 -3.79
C GLU B 77 54.59 -35.43 -4.37
N PHE B 78 54.25 -36.43 -5.18
CA PHE B 78 55.28 -37.23 -5.83
C PHE B 78 55.55 -36.77 -7.26
N GLY B 79 55.52 -35.46 -7.48
CA GLY B 79 56.21 -34.83 -8.58
C GLY B 79 55.69 -35.08 -9.98
N THR B 80 54.52 -34.53 -10.31
CA THR B 80 53.99 -34.62 -11.66
C THR B 80 53.40 -33.28 -12.06
N PHE B 81 53.98 -32.67 -13.09
CA PHE B 81 53.48 -31.45 -13.71
C PHE B 81 53.92 -31.50 -15.17
N ASP B 82 53.00 -31.17 -16.08
CA ASP B 82 53.38 -31.11 -17.49
C ASP B 82 54.23 -29.86 -17.70
N PHE B 83 53.60 -28.70 -17.52
CA PHE B 83 54.33 -27.47 -17.22
C PHE B 83 53.37 -26.59 -16.44
N TYR B 84 53.69 -26.36 -15.16
CA TYR B 84 52.83 -25.65 -14.24
C TYR B 84 53.72 -24.96 -13.22
N ASN B 85 53.15 -24.56 -12.09
CA ASN B 85 53.91 -23.99 -10.98
C ASN B 85 54.33 -25.12 -10.04
N ALA B 86 55.53 -24.96 -9.46
CA ALA B 86 56.00 -25.87 -8.44
C ALA B 86 55.13 -25.74 -7.18
N LYS B 87 55.10 -26.81 -6.39
CA LYS B 87 54.01 -26.95 -5.43
C LYS B 87 54.25 -26.17 -4.13
N SER B 88 55.24 -26.59 -3.32
CA SER B 88 55.61 -26.10 -1.98
C SER B 88 54.53 -26.27 -0.91
N LYS B 89 53.33 -26.69 -1.33
CA LYS B 89 52.07 -26.94 -0.65
C LYS B 89 51.10 -27.33 -1.75
N LEU B 90 49.99 -27.96 -1.37
CA LEU B 90 48.97 -28.30 -2.36
C LEU B 90 47.63 -27.70 -1.99
N GLN B 91 47.63 -26.65 -1.18
CA GLN B 91 46.43 -25.98 -0.70
C GLN B 91 46.73 -24.49 -0.80
N LEU B 92 45.91 -23.66 -0.13
CA LEU B 92 46.13 -22.22 0.00
C LEU B 92 46.15 -21.54 -1.37
N SER B 93 44.96 -21.32 -1.91
CA SER B 93 44.57 -21.11 -3.30
C SER B 93 45.52 -20.39 -4.28
N PRO B 94 46.07 -19.18 -4.04
CA PRO B 94 46.71 -18.47 -5.16
C PRO B 94 48.04 -19.08 -5.64
N ASP B 95 48.53 -20.15 -5.01
CA ASP B 95 49.60 -20.90 -5.64
C ASP B 95 49.09 -22.16 -6.33
N LEU B 96 48.12 -22.86 -5.74
CA LEU B 96 47.69 -24.13 -6.29
C LEU B 96 46.25 -24.09 -6.79
N HIS B 97 45.31 -23.76 -5.90
CA HIS B 97 43.91 -23.87 -6.27
C HIS B 97 43.46 -22.71 -7.16
N ASN B 98 43.88 -21.48 -6.82
CA ASN B 98 43.53 -20.33 -7.64
C ASN B 98 44.62 -20.07 -8.68
N GLN B 99 45.55 -21.00 -8.86
CA GLN B 99 46.31 -21.03 -10.09
C GLN B 99 45.49 -21.58 -11.24
N PHE B 100 44.72 -22.62 -10.99
CA PHE B 100 44.01 -23.33 -12.04
C PHE B 100 42.65 -22.73 -12.35
N VAL B 101 42.06 -22.00 -11.39
CA VAL B 101 40.81 -21.31 -11.68
C VAL B 101 41.05 -20.14 -12.63
N GLN B 102 42.09 -19.33 -12.34
CA GLN B 102 42.46 -18.27 -13.27
C GLN B 102 43.10 -18.82 -14.54
N ASN B 103 43.59 -20.06 -14.51
CA ASN B 103 43.99 -20.76 -15.73
C ASN B 103 42.77 -21.11 -16.59
N GLY B 104 41.58 -21.16 -15.99
CA GLY B 104 40.42 -21.66 -16.69
C GLY B 104 40.59 -23.14 -16.87
N ALA B 105 41.05 -23.79 -15.82
CA ALA B 105 41.45 -25.19 -15.88
C ALA B 105 40.63 -26.10 -15.00
N LEU B 106 40.43 -25.76 -13.71
CA LEU B 106 39.57 -26.59 -12.87
C LEU B 106 38.08 -26.41 -13.15
N GLN B 107 37.69 -25.57 -14.10
CA GLN B 107 36.28 -25.37 -14.40
C GLN B 107 35.66 -26.65 -14.92
N GLN B 108 36.20 -27.20 -16.00
CA GLN B 108 35.63 -28.38 -16.63
C GLN B 108 35.77 -29.62 -15.76
N ILE B 109 36.83 -29.72 -14.97
CA ILE B 109 36.92 -30.86 -14.06
C ILE B 109 35.98 -30.68 -12.88
N LEU B 110 35.43 -29.48 -12.68
CA LEU B 110 34.21 -29.38 -11.88
C LEU B 110 32.98 -29.68 -12.72
N LEU B 111 32.97 -29.22 -13.97
CA LEU B 111 31.77 -29.27 -14.79
C LEU B 111 31.39 -30.70 -15.15
N PHE B 112 32.37 -31.57 -15.41
CA PHE B 112 32.05 -32.98 -15.59
C PHE B 112 31.55 -33.61 -14.30
N VAL B 113 32.01 -33.12 -13.15
CA VAL B 113 31.39 -33.54 -11.90
C VAL B 113 29.96 -33.05 -11.84
N CYS B 114 29.68 -31.86 -12.40
CA CYS B 114 28.31 -31.43 -12.63
C CYS B 114 27.60 -32.38 -13.58
N ALA B 115 28.33 -32.91 -14.57
CA ALA B 115 27.75 -33.93 -15.44
C ALA B 115 27.57 -35.25 -14.69
N TRP B 116 28.34 -35.46 -13.63
CA TRP B 116 28.14 -36.67 -12.84
C TRP B 116 27.07 -36.47 -11.80
N GLU B 117 27.00 -35.28 -11.21
CA GLU B 117 26.17 -35.16 -10.03
C GLU B 117 24.76 -34.71 -10.36
N PHE B 118 24.62 -33.63 -11.14
CA PHE B 118 23.31 -33.11 -11.49
C PHE B 118 22.59 -34.04 -12.45
N ILE B 119 23.33 -34.78 -13.27
CA ILE B 119 22.73 -35.52 -14.37
C ILE B 119 22.55 -36.99 -14.00
N VAL B 120 23.61 -37.65 -13.55
CA VAL B 120 23.50 -39.07 -13.23
C VAL B 120 23.75 -39.35 -11.76
N GLY B 121 23.77 -38.32 -10.91
CA GLY B 121 23.88 -38.53 -9.49
C GLY B 121 22.70 -38.01 -8.72
N LEU B 122 22.09 -36.92 -9.22
CA LEU B 122 20.88 -36.39 -8.58
C LEU B 122 19.66 -37.30 -8.75
N PRO B 123 19.34 -37.88 -9.91
CA PRO B 123 18.24 -38.85 -9.92
C PRO B 123 18.57 -40.12 -9.19
N ALA B 124 19.84 -40.52 -9.17
CA ALA B 124 20.25 -41.69 -8.40
C ALA B 124 20.04 -41.45 -6.90
N LEU B 125 20.32 -40.23 -6.44
CA LEU B 125 19.96 -39.84 -5.08
C LEU B 125 18.45 -39.88 -4.87
N ILE B 126 17.67 -39.56 -5.91
CA ILE B 126 16.22 -39.76 -5.83
C ILE B 126 15.90 -41.24 -5.68
N GLU B 127 16.67 -42.09 -6.36
CA GLU B 127 16.57 -43.53 -6.13
C GLU B 127 17.06 -43.88 -4.73
N SER B 128 17.96 -43.07 -4.18
CA SER B 128 18.36 -43.14 -2.78
C SER B 128 17.47 -42.32 -1.87
N VAL B 129 16.22 -42.08 -2.24
CA VAL B 129 15.21 -41.57 -1.32
C VAL B 129 14.00 -42.49 -1.24
N ASN B 130 13.53 -42.97 -2.40
CA ASN B 130 12.38 -43.85 -2.44
C ASN B 130 12.70 -45.24 -1.89
N GLY B 131 13.97 -45.60 -1.79
CA GLY B 131 14.36 -46.81 -1.09
C GLY B 131 14.50 -48.03 -1.97
N ASN B 132 15.13 -47.86 -3.12
CA ASN B 132 15.39 -48.97 -4.03
C ASN B 132 16.79 -48.87 -4.59
N ARG B 133 17.74 -48.48 -3.77
CA ARG B 133 19.07 -48.16 -4.27
C ARG B 133 20.19 -48.93 -3.60
N GLU B 134 20.13 -49.14 -2.26
CA GLU B 134 21.25 -49.54 -1.40
C GLU B 134 22.37 -48.54 -1.67
N PRO B 135 22.29 -47.34 -1.08
CA PRO B 135 22.95 -46.16 -1.66
C PRO B 135 24.48 -46.12 -1.65
N GLY B 136 25.10 -47.16 -2.17
CA GLY B 136 26.38 -47.04 -2.84
C GLY B 136 26.02 -47.23 -4.30
N TYR B 137 26.62 -48.23 -4.94
CA TYR B 137 26.06 -48.97 -6.09
C TYR B 137 25.69 -48.06 -7.26
N PHE B 138 26.73 -47.54 -7.89
CA PHE B 138 26.58 -47.12 -9.28
C PHE B 138 27.01 -48.24 -10.21
N GLY B 139 26.55 -49.47 -9.95
CA GLY B 139 27.09 -50.66 -10.60
C GLY B 139 28.59 -50.83 -10.38
N PHE B 140 29.34 -50.69 -11.47
CA PHE B 140 30.77 -50.34 -11.49
C PHE B 140 31.63 -51.36 -10.77
N ASP B 141 31.70 -52.55 -11.36
CA ASP B 141 32.76 -53.51 -11.07
C ASP B 141 33.45 -53.90 -12.36
N PRO B 142 34.47 -53.15 -12.78
CA PRO B 142 35.30 -53.59 -13.92
C PRO B 142 36.46 -54.47 -13.49
N LEU B 143 36.15 -55.53 -12.74
CA LEU B 143 37.17 -56.45 -12.25
C LEU B 143 36.69 -57.88 -12.37
N LYS B 144 37.51 -58.71 -13.00
CA LYS B 144 37.31 -60.14 -13.06
C LYS B 144 38.00 -60.79 -11.86
N LEU B 145 37.42 -61.89 -11.38
CA LEU B 145 37.93 -62.73 -10.30
C LEU B 145 38.11 -61.92 -9.00
N GLY B 146 36.97 -61.53 -8.44
CA GLY B 146 36.97 -60.79 -7.19
C GLY B 146 35.87 -59.76 -7.04
N GLY B 147 35.11 -59.53 -8.11
CA GLY B 147 33.99 -58.62 -8.02
C GLY B 147 32.69 -59.32 -7.71
N THR B 148 32.63 -59.96 -6.54
CA THR B 148 31.42 -60.68 -6.13
C THR B 148 30.32 -59.69 -5.80
N VAL B 149 29.22 -59.75 -6.57
CA VAL B 149 28.09 -58.86 -6.35
C VAL B 149 27.21 -59.31 -5.20
N GLY B 150 27.50 -60.46 -4.61
CA GLY B 150 26.56 -61.11 -3.71
C GLY B 150 26.61 -60.65 -2.28
N SER B 151 26.91 -61.57 -1.36
CA SER B 151 26.71 -61.35 0.06
C SER B 151 28.02 -61.20 0.84
N ALA B 152 28.97 -62.11 0.63
CA ALA B 152 30.14 -62.11 1.50
C ALA B 152 31.13 -61.02 1.11
N GLN B 153 31.71 -61.13 -0.08
CA GLN B 153 32.78 -60.23 -0.50
C GLN B 153 32.26 -58.84 -0.80
N TRP B 154 31.00 -58.74 -1.20
CA TRP B 154 30.40 -57.44 -1.50
C TRP B 154 30.21 -56.62 -0.22
N LYS B 155 29.74 -57.25 0.84
CA LYS B 155 29.52 -56.50 2.07
C LYS B 155 30.82 -56.32 2.85
N ARG B 156 31.68 -57.35 2.89
CA ARG B 156 32.95 -57.19 3.60
C ARG B 156 33.91 -56.30 2.84
N MET B 157 33.68 -56.08 1.55
CA MET B 157 34.45 -55.12 0.79
C MET B 157 33.82 -53.75 0.82
N GLN B 158 32.50 -53.67 0.99
CA GLN B 158 31.86 -52.38 1.15
C GLN B 158 32.22 -51.75 2.49
N ALA B 159 32.35 -52.58 3.52
CA ALA B 159 32.86 -52.08 4.78
C ALA B 159 34.33 -51.66 4.67
N GLY B 160 35.09 -52.31 3.78
CA GLY B 160 36.48 -51.93 3.61
C GLY B 160 36.64 -50.61 2.87
N GLU B 161 35.81 -50.40 1.85
CA GLU B 161 35.70 -49.09 1.21
C GLU B 161 35.27 -48.04 2.22
N LEU B 162 34.40 -48.43 3.15
CA LEU B 162 33.89 -47.49 4.12
C LEU B 162 34.97 -47.09 5.12
N ARG B 163 35.76 -48.06 5.58
CA ARG B 163 36.81 -47.78 6.56
C ARG B 163 37.96 -47.00 5.95
N ASN B 164 38.44 -47.44 4.78
CA ASN B 164 39.50 -46.69 4.11
C ASN B 164 39.02 -45.32 3.65
N GLY B 165 37.72 -45.18 3.40
CA GLY B 165 37.19 -43.88 3.07
C GLY B 165 37.10 -42.94 4.25
N ARG B 166 36.71 -43.47 5.41
CA ARG B 166 36.66 -42.65 6.62
C ARG B 166 38.05 -42.22 7.05
N LEU B 167 39.00 -43.16 7.02
CA LEU B 167 40.40 -42.84 7.25
C LEU B 167 40.93 -41.87 6.20
N ALA B 168 40.37 -41.88 4.99
CA ALA B 168 40.70 -40.83 4.05
C ALA B 168 40.10 -39.49 4.45
N MET B 169 38.96 -39.50 5.13
CA MET B 169 38.35 -38.23 5.54
C MET B 169 39.18 -37.55 6.63
N ILE B 170 39.50 -38.28 7.70
CA ILE B 170 40.32 -37.68 8.76
C ILE B 170 41.75 -37.48 8.25
N ALA B 171 42.24 -38.40 7.44
CA ALA B 171 43.60 -38.29 6.90
C ALA B 171 43.73 -37.10 5.97
N PHE B 172 42.67 -36.73 5.28
CA PHE B 172 42.70 -35.53 4.46
C PHE B 172 42.54 -34.29 5.32
N GLY B 173 41.88 -34.41 6.47
CA GLY B 173 41.91 -33.33 7.45
C GLY B 173 43.31 -33.05 7.94
N GLY B 174 44.06 -34.10 8.26
CA GLY B 174 45.43 -33.92 8.68
C GLY B 174 46.35 -33.51 7.56
N PHE B 175 46.03 -33.90 6.33
CA PHE B 175 46.84 -33.47 5.21
C PHE B 175 46.52 -32.05 4.80
N PHE B 176 45.39 -31.51 5.24
CA PHE B 176 45.17 -30.08 5.04
C PHE B 176 45.82 -29.27 6.15
N HIS B 177 45.46 -29.54 7.41
CA HIS B 177 45.77 -28.61 8.48
C HIS B 177 47.21 -28.66 8.96
N GLN B 178 48.12 -29.32 8.25
CA GLN B 178 49.53 -29.17 8.55
C GLN B 178 50.04 -28.00 7.71
N GLN B 179 49.70 -26.80 8.19
CA GLN B 179 50.02 -25.52 7.59
C GLN B 179 50.65 -24.53 8.54
N LEU B 180 50.22 -24.49 9.81
CA LEU B 180 50.62 -23.39 10.69
C LEU B 180 52.07 -23.54 11.13
N LEU B 181 52.39 -24.62 11.85
CA LEU B 181 53.77 -24.92 12.18
C LEU B 181 54.41 -25.87 11.18
N THR B 182 53.84 -25.99 9.98
CA THR B 182 54.47 -26.72 8.91
C THR B 182 54.87 -25.83 7.76
N LYS B 183 53.89 -25.14 7.15
CA LYS B 183 54.05 -24.32 5.93
C LYS B 183 54.72 -25.07 4.77
N GLN B 184 54.65 -26.39 4.77
CA GLN B 184 55.45 -27.21 3.88
C GLN B 184 54.63 -28.42 3.44
N GLY B 185 55.28 -29.32 2.74
CA GLY B 185 54.64 -30.55 2.32
C GLY B 185 54.54 -31.55 3.46
N ILE B 186 53.96 -32.68 3.12
CA ILE B 186 53.79 -33.77 4.08
C ILE B 186 55.01 -34.67 4.08
N ILE B 187 55.60 -34.87 2.91
CA ILE B 187 56.86 -35.60 2.82
C ILE B 187 57.97 -34.81 3.50
N GLU B 188 57.98 -33.49 3.32
CA GLU B 188 58.94 -32.67 4.05
C GLU B 188 58.52 -32.45 5.50
N GLN B 189 57.26 -32.74 5.84
CA GLN B 189 56.93 -32.92 7.25
C GLN B 189 57.55 -34.19 7.79
N LEU B 190 57.66 -35.23 6.96
CA LEU B 190 58.36 -36.44 7.38
C LEU B 190 59.88 -36.24 7.39
N ALA B 191 60.39 -35.26 6.65
CA ALA B 191 61.80 -34.93 6.66
C ALA B 191 62.21 -34.04 7.82
N HIS B 192 61.28 -33.75 8.74
CA HIS B 192 61.56 -32.97 9.94
C HIS B 192 60.76 -33.61 11.08
N PHE B 193 61.46 -34.33 11.96
CA PHE B 193 60.88 -35.29 12.92
C PHE B 193 59.99 -36.30 12.20
N VAL C 13 16.02 -40.62 59.18
CA VAL C 13 17.28 -40.38 59.88
C VAL C 13 18.40 -41.33 59.41
N PRO C 14 18.92 -41.10 58.19
CA PRO C 14 19.76 -42.08 57.50
C PRO C 14 21.23 -42.11 57.95
N PHE C 15 21.46 -42.22 59.26
CA PHE C 15 22.68 -42.76 59.86
C PHE C 15 23.93 -41.88 59.70
N ALA C 16 23.93 -40.94 58.75
CA ALA C 16 24.84 -39.80 58.77
C ALA C 16 24.31 -38.59 59.53
N PRO C 17 23.13 -37.97 59.17
CA PRO C 17 22.91 -36.59 59.58
C PRO C 17 22.32 -36.40 60.96
N VAL C 18 21.92 -35.16 61.22
CA VAL C 18 21.07 -34.72 62.33
C VAL C 18 19.73 -35.47 62.32
N PRO C 19 18.93 -35.45 63.41
CA PRO C 19 17.61 -36.09 63.35
C PRO C 19 16.62 -35.44 62.40
N GLU C 20 16.79 -35.73 61.11
CA GLU C 20 15.90 -35.29 60.05
C GLU C 20 15.82 -36.42 59.03
N ALA C 21 14.61 -36.79 58.64
CA ALA C 21 14.43 -37.95 57.77
C ALA C 21 14.67 -37.59 56.31
N VAL C 22 15.14 -38.57 55.55
CA VAL C 22 15.47 -38.41 54.13
C VAL C 22 14.70 -39.44 53.32
N ARG C 23 14.00 -38.97 52.28
CA ARG C 23 13.12 -39.84 51.51
C ARG C 23 13.90 -40.76 50.57
N GLU C 24 14.96 -40.24 49.95
CA GLU C 24 15.62 -40.91 48.85
C GLU C 24 16.37 -42.17 49.31
N SER C 25 16.01 -43.31 48.71
CA SER C 25 16.84 -44.50 48.79
C SER C 25 16.84 -45.27 47.48
N GLY C 26 16.41 -44.66 46.38
CA GLY C 26 16.11 -45.38 45.16
C GLY C 26 17.27 -45.67 44.23
N LEU C 27 18.10 -46.65 44.61
CA LEU C 27 19.08 -47.32 43.73
C LEU C 27 20.10 -46.32 43.17
N ALA C 28 20.94 -45.83 44.07
CA ALA C 28 21.97 -44.89 43.69
C ALA C 28 23.38 -45.37 43.98
N GLY C 29 23.58 -46.29 44.90
CA GLY C 29 24.89 -46.59 45.43
C GLY C 29 25.28 -45.57 46.49
N SER C 30 26.32 -45.94 47.26
CA SER C 30 26.82 -45.19 48.42
C SER C 30 25.69 -44.93 49.42
N GLU C 31 25.19 -46.01 50.00
CA GLU C 31 23.98 -45.97 50.82
C GLU C 31 24.33 -45.35 52.18
N ALA C 32 24.32 -44.02 52.19
CA ALA C 32 24.30 -43.26 53.44
C ALA C 32 23.17 -42.25 53.37
N GLU C 33 22.94 -41.70 52.17
CA GLU C 33 21.86 -40.78 51.85
C GLU C 33 21.92 -39.50 52.71
N PHE C 34 23.09 -38.89 52.67
CA PHE C 34 23.38 -37.64 53.36
C PHE C 34 22.73 -36.50 52.58
N ASP C 35 21.48 -36.19 52.92
CA ASP C 35 20.71 -35.12 52.29
C ASP C 35 20.30 -34.09 53.35
N PRO C 36 21.17 -33.14 53.69
CA PRO C 36 20.69 -32.02 54.50
C PRO C 36 19.82 -31.06 53.72
N LEU C 37 20.19 -30.75 52.48
CA LEU C 37 19.52 -29.70 51.72
C LEU C 37 18.45 -30.20 50.78
N MET C 38 18.31 -31.52 50.61
CA MET C 38 17.27 -32.15 49.79
C MET C 38 17.32 -31.68 48.33
N ILE C 39 18.53 -31.65 47.77
CA ILE C 39 18.65 -31.32 46.35
C ILE C 39 18.23 -32.51 45.50
N THR C 40 18.14 -33.70 46.10
CA THR C 40 17.41 -34.81 45.51
C THR C 40 15.96 -34.42 45.20
N SER C 41 15.32 -33.68 46.10
CA SER C 41 13.91 -33.32 45.94
C SER C 41 13.66 -32.30 44.82
N TYR C 42 14.69 -31.84 44.12
CA TYR C 42 14.48 -30.99 42.95
C TYR C 42 15.36 -31.35 41.76
N LEU C 43 16.14 -32.43 41.83
CA LEU C 43 16.97 -32.84 40.71
C LEU C 43 17.03 -34.37 40.69
N PRO C 44 17.09 -34.98 39.51
CA PRO C 44 17.18 -36.44 39.44
C PRO C 44 18.56 -36.93 39.84
N ILE C 45 18.59 -38.01 40.62
CA ILE C 45 19.84 -38.49 41.21
C ILE C 45 20.73 -39.25 40.23
N SER C 46 20.24 -39.58 39.04
CA SER C 46 21.14 -40.12 38.03
C SER C 46 22.05 -39.02 37.50
N TRP C 47 21.48 -37.84 37.27
CA TRP C 47 22.23 -36.65 36.90
C TRP C 47 23.25 -36.29 37.97
N MET C 48 22.76 -36.14 39.20
CA MET C 48 23.60 -35.72 40.32
C MET C 48 24.65 -36.76 40.64
N ARG C 49 24.31 -38.04 40.45
CA ARG C 49 25.28 -39.10 40.67
C ARG C 49 26.31 -39.14 39.56
N GLU C 50 25.94 -38.69 38.37
CA GLU C 50 26.94 -38.57 37.33
C GLU C 50 27.81 -37.34 37.56
N SER C 51 27.34 -36.37 38.34
CA SER C 51 28.22 -35.29 38.78
C SER C 51 29.11 -35.71 39.95
N GLU C 52 28.58 -36.55 40.82
CA GLU C 52 29.37 -37.22 41.86
C GLU C 52 30.55 -37.96 41.25
N VAL C 53 30.25 -38.89 40.36
CA VAL C 53 31.28 -39.71 39.74
C VAL C 53 32.16 -38.88 38.82
N LYS C 54 31.55 -37.98 38.06
CA LYS C 54 32.29 -37.28 37.00
C LYS C 54 33.20 -36.20 37.56
N HIS C 55 32.79 -35.50 38.63
CA HIS C 55 33.76 -34.69 39.35
C HIS C 55 34.76 -35.54 40.09
N GLY C 56 34.34 -36.73 40.55
CA GLY C 56 35.27 -37.63 41.22
C GLY C 56 36.42 -38.04 40.33
N ARG C 57 36.16 -38.24 39.04
CA ARG C 57 37.18 -38.58 38.06
C ARG C 57 38.27 -37.53 37.98
N ILE C 58 37.87 -36.27 37.83
CA ILE C 58 38.81 -35.17 37.70
C ILE C 58 39.53 -34.94 39.02
N ALA C 59 38.87 -35.25 40.14
CA ALA C 59 39.55 -35.21 41.43
C ALA C 59 40.66 -36.24 41.51
N MET C 60 40.40 -37.46 41.03
CA MET C 60 41.40 -38.52 40.99
C MET C 60 42.59 -38.12 40.14
N LEU C 61 42.29 -37.97 38.84
CA LEU C 61 43.33 -37.88 37.83
C LEU C 61 44.00 -36.52 37.85
N ALA C 62 43.31 -35.51 38.38
CA ALA C 62 43.97 -34.22 38.62
C ALA C 62 44.76 -34.23 39.92
N PHE C 63 44.33 -35.03 40.91
CA PHE C 63 45.12 -35.17 42.14
C PHE C 63 46.49 -35.77 41.85
N VAL C 64 46.51 -36.90 41.15
CA VAL C 64 47.83 -37.41 40.76
C VAL C 64 48.43 -36.63 39.62
N GLY C 65 47.63 -35.80 38.92
CA GLY C 65 48.21 -34.82 38.03
C GLY C 65 49.04 -33.79 38.76
N THR C 66 48.64 -33.45 39.99
CA THR C 66 49.48 -32.63 40.84
C THR C 66 50.60 -33.43 41.48
N LEU C 67 50.36 -34.71 41.77
CA LEU C 67 51.42 -35.52 42.34
C LEU C 67 52.48 -35.86 41.31
N ALA C 68 52.13 -35.83 40.02
CA ALA C 68 53.09 -35.94 38.94
C ALA C 68 53.42 -34.59 38.32
N GLN C 69 52.96 -33.49 38.93
CA GLN C 69 53.28 -32.16 38.42
C GLN C 69 54.75 -31.83 38.66
N GLN C 70 55.32 -32.35 39.75
CA GLN C 70 56.73 -32.20 40.07
C GLN C 70 57.25 -33.60 40.39
N ALA C 71 57.61 -34.34 39.36
CA ALA C 71 57.97 -35.75 39.51
C ALA C 71 58.96 -36.11 38.41
N TYR C 72 59.08 -37.40 38.12
CA TYR C 72 60.02 -37.91 37.11
C TYR C 72 59.46 -37.67 35.71
N GLN C 73 60.08 -38.35 34.73
CA GLN C 73 60.20 -37.99 33.32
C GLN C 73 58.97 -37.33 32.69
N PHE C 74 59.20 -36.18 32.07
CA PHE C 74 58.18 -35.27 31.56
C PHE C 74 57.93 -35.50 30.08
N PRO C 75 57.01 -34.78 29.44
CA PRO C 75 57.08 -34.62 27.99
C PRO C 75 58.21 -33.70 27.51
N TRP C 76 58.91 -33.03 28.43
CA TRP C 76 60.16 -32.29 28.20
C TRP C 76 59.98 -31.15 27.20
N TYR C 77 59.21 -30.16 27.63
CA TYR C 77 59.24 -28.85 26.99
C TYR C 77 59.22 -27.72 28.02
N LYS C 78 59.60 -27.98 29.26
CA LYS C 78 59.28 -27.09 30.36
C LYS C 78 60.38 -27.16 31.41
N GLY C 79 60.12 -26.55 32.56
CA GLY C 79 61.05 -26.46 33.65
C GLY C 79 60.90 -25.11 34.33
N ALA C 80 60.44 -24.13 33.56
CA ALA C 80 60.06 -22.85 34.13
C ALA C 80 58.64 -22.81 34.71
N PRO C 81 57.51 -23.25 33.98
CA PRO C 81 56.17 -23.10 34.55
C PRO C 81 55.75 -24.27 35.43
N THR C 82 56.58 -24.63 36.40
CA THR C 82 56.32 -25.79 37.23
C THR C 82 55.27 -25.54 38.30
N THR C 83 54.77 -24.32 38.43
CA THR C 83 53.73 -24.01 39.41
C THR C 83 52.37 -24.43 38.87
N LEU C 84 51.31 -24.00 39.55
CA LEU C 84 49.96 -24.45 39.23
C LEU C 84 49.22 -23.43 38.37
N VAL C 85 49.07 -22.21 38.88
CA VAL C 85 48.47 -21.12 38.11
C VAL C 85 49.39 -20.74 36.95
N GLY C 86 50.70 -20.84 37.16
CA GLY C 86 51.66 -20.58 36.09
C GLY C 86 51.61 -21.62 34.99
N ALA C 87 51.23 -22.86 35.34
CA ALA C 87 50.89 -23.82 34.31
C ALA C 87 49.63 -23.38 33.56
N HIS C 88 48.63 -22.90 34.29
CA HIS C 88 47.42 -22.41 33.66
C HIS C 88 47.62 -21.05 33.00
N ASP C 89 48.71 -20.36 33.28
CA ASP C 89 49.02 -19.12 32.57
C ASP C 89 49.80 -19.35 31.28
N HIS C 90 50.62 -20.40 31.22
CA HIS C 90 51.54 -20.59 30.12
C HIS C 90 50.99 -21.51 29.04
N PHE C 91 50.12 -22.44 29.40
CA PHE C 91 49.80 -23.56 28.54
C PHE C 91 48.50 -23.37 27.76
N VAL C 92 47.62 -22.49 28.21
CA VAL C 92 46.30 -22.33 27.61
C VAL C 92 46.42 -21.82 26.18
N THR C 93 47.36 -20.92 25.93
CA THR C 93 47.49 -20.32 24.60
C THR C 93 47.97 -21.32 23.57
N THR C 94 48.87 -22.22 23.95
CA THR C 94 49.43 -23.17 23.01
C THR C 94 49.15 -24.62 23.38
N ALA C 95 49.50 -25.05 24.59
CA ALA C 95 49.69 -26.46 24.89
C ALA C 95 48.51 -27.11 25.61
N LEU C 96 47.49 -26.35 25.96
CA LEU C 96 46.42 -26.88 26.79
C LEU C 96 45.03 -26.62 26.23
N ALA C 97 44.90 -25.84 25.15
CA ALA C 97 43.61 -25.63 24.50
C ALA C 97 43.09 -26.90 23.86
N GLN C 98 43.96 -27.83 23.50
CA GLN C 98 43.54 -29.15 23.07
C GLN C 98 43.40 -30.13 24.21
N ILE C 99 43.88 -29.81 25.41
CA ILE C 99 43.40 -30.58 26.55
C ILE C 99 41.94 -30.26 26.78
N LEU C 100 41.54 -29.01 26.49
CA LEU C 100 40.13 -28.67 26.44
C LEU C 100 39.43 -29.31 25.25
N LEU C 101 40.06 -29.31 24.09
CA LEU C 101 39.35 -29.70 22.88
C LEU C 101 39.17 -31.20 22.80
N PHE C 102 40.15 -31.97 23.24
CA PHE C 102 40.02 -33.42 23.18
C PHE C 102 39.21 -34.01 24.33
N THR C 103 38.67 -33.18 25.21
CA THR C 103 37.61 -33.62 26.09
C THR C 103 36.29 -32.95 25.81
N SER C 104 36.28 -31.87 25.03
CA SER C 104 35.03 -31.40 24.46
C SER C 104 34.56 -32.35 23.37
N ALA C 105 35.51 -32.92 22.63
CA ALA C 105 35.17 -33.89 21.59
C ALA C 105 34.63 -35.17 22.19
N PHE C 106 35.24 -35.64 23.30
CA PHE C 106 34.66 -36.78 24.01
C PHE C 106 33.38 -36.38 24.73
N GLU C 107 33.26 -35.11 25.08
CA GLU C 107 32.18 -34.70 25.96
C GLU C 107 30.87 -34.52 25.21
N ILE C 108 30.91 -33.90 24.03
CA ILE C 108 29.68 -33.59 23.32
C ILE C 108 29.08 -34.80 22.63
N VAL C 109 29.81 -35.90 22.50
CA VAL C 109 29.28 -37.13 21.95
C VAL C 109 29.29 -38.27 22.95
N ALA C 110 29.89 -38.09 24.12
CA ALA C 110 29.87 -39.10 25.16
C ALA C 110 29.06 -38.64 26.37
N GLY C 111 29.41 -37.50 26.95
CA GLY C 111 28.72 -37.04 28.15
C GLY C 111 27.33 -36.49 27.87
N VAL C 112 27.14 -35.88 26.71
CA VAL C 112 25.83 -35.36 26.31
C VAL C 112 24.81 -36.50 26.13
N PRO C 113 25.09 -37.60 25.41
CA PRO C 113 24.09 -38.68 25.42
C PRO C 113 24.05 -39.45 26.71
N ALA C 114 25.11 -39.42 27.52
CA ALA C 114 25.07 -40.09 28.81
C ALA C 114 24.17 -39.34 29.78
N ALA C 115 24.47 -38.06 30.02
CA ALA C 115 23.71 -37.28 30.98
C ALA C 115 22.31 -36.99 30.46
N ILE C 116 22.16 -36.69 29.17
CA ILE C 116 20.83 -36.47 28.63
C ILE C 116 20.07 -37.79 28.51
N GLN C 117 20.79 -38.90 28.39
CA GLN C 117 20.10 -40.20 28.39
C GLN C 117 19.59 -40.56 29.77
N THR C 118 20.33 -40.21 30.82
CA THR C 118 19.88 -40.55 32.17
C THR C 118 18.82 -39.58 32.69
N VAL C 119 18.94 -38.29 32.38
CA VAL C 119 17.89 -37.37 32.77
C VAL C 119 16.66 -37.54 31.86
N ARG C 120 16.84 -38.12 30.67
CA ARG C 120 15.72 -38.48 29.83
C ARG C 120 14.94 -39.64 30.45
N GLY C 121 15.64 -40.53 31.14
CA GLY C 121 14.96 -41.54 31.94
C GLY C 121 15.38 -42.96 31.65
N SER C 122 16.52 -43.14 31.00
CA SER C 122 16.96 -44.48 30.64
C SER C 122 17.47 -45.22 31.88
N GLY C 123 17.56 -46.53 31.75
CA GLY C 123 18.06 -47.35 32.84
C GLY C 123 19.53 -47.66 32.71
N ARG C 124 20.37 -46.90 33.40
CA ARG C 124 21.80 -47.12 33.39
C ARG C 124 22.40 -46.48 34.63
N LEU C 125 23.31 -47.21 35.29
CA LEU C 125 24.15 -46.61 36.31
C LEU C 125 24.96 -45.47 35.71
N PRO C 126 24.92 -44.28 36.29
CA PRO C 126 25.80 -43.20 35.81
C PRO C 126 27.26 -43.42 36.14
N GLY C 127 27.87 -44.39 35.46
CA GLY C 127 29.29 -44.62 35.48
C GLY C 127 29.75 -44.78 34.03
N TYR C 128 28.75 -44.81 33.14
CA TYR C 128 28.87 -44.84 31.68
C TYR C 128 29.83 -45.95 31.22
N TYR C 129 29.29 -47.18 31.37
CA TYR C 129 29.95 -48.49 31.31
C TYR C 129 31.01 -48.56 30.23
N GLY C 130 32.26 -48.76 30.63
CA GLY C 130 33.35 -48.51 29.72
C GLY C 130 34.49 -49.48 29.78
N PHE C 131 35.70 -48.97 29.51
CA PHE C 131 36.87 -49.81 29.37
C PHE C 131 37.23 -50.42 30.71
N ASP C 132 37.53 -51.72 30.69
CA ASP C 132 37.77 -52.37 31.96
C ASP C 132 38.70 -53.57 31.77
N PRO C 133 40.00 -53.37 31.57
CA PRO C 133 40.92 -54.53 31.50
C PRO C 133 41.25 -55.12 32.86
N LEU C 134 40.84 -54.46 33.94
CA LEU C 134 40.98 -55.00 35.29
C LEU C 134 39.60 -55.01 35.92
N GLY C 135 39.53 -55.22 37.23
CA GLY C 135 38.25 -55.26 37.92
C GLY C 135 37.56 -56.60 37.75
N LEU C 136 37.05 -57.16 38.85
CA LEU C 136 36.41 -58.48 38.80
C LEU C 136 35.14 -58.43 37.96
N TRP C 137 34.11 -57.75 38.48
CA TRP C 137 32.99 -57.14 37.72
C TRP C 137 32.28 -58.10 36.75
N GLY C 138 32.33 -59.39 37.02
CA GLY C 138 31.59 -60.37 36.26
C GLY C 138 30.63 -61.11 37.16
N LYS C 139 30.98 -61.13 38.44
CA LYS C 139 30.13 -61.72 39.48
C LYS C 139 29.31 -60.59 40.10
N ASP C 140 28.01 -60.57 39.80
CA ASP C 140 27.13 -59.52 40.27
C ASP C 140 26.89 -59.65 41.76
N GLU C 141 27.68 -58.91 42.55
CA GLU C 141 27.64 -59.03 44.00
C GLU C 141 27.87 -57.65 44.60
N ALA C 142 28.09 -57.62 45.91
CA ALA C 142 28.37 -56.39 46.64
C ALA C 142 29.83 -55.94 46.50
N SER C 143 30.65 -56.67 45.76
CA SER C 143 31.98 -56.18 45.43
C SER C 143 31.93 -55.12 44.34
N ARG C 144 30.96 -55.23 43.43
CA ARG C 144 30.81 -54.24 42.37
C ARG C 144 30.29 -52.93 42.94
N LYS C 145 29.20 -53.00 43.72
CA LYS C 145 28.73 -51.82 44.46
C LYS C 145 29.71 -51.39 45.53
N ARG C 146 30.55 -52.30 46.02
CA ARG C 146 31.59 -51.91 46.96
C ARG C 146 32.66 -51.07 46.27
N MET C 147 32.98 -51.38 45.02
CA MET C 147 33.92 -50.57 44.28
C MET C 147 33.27 -49.28 43.79
N GLU C 148 31.94 -49.28 43.62
CA GLU C 148 31.21 -48.03 43.43
C GLU C 148 31.36 -47.12 44.65
N LEU C 149 31.11 -47.66 45.84
CA LEU C 149 31.08 -46.87 47.06
C LEU C 149 32.47 -46.41 47.46
N ALA C 150 33.46 -47.29 47.32
CA ALA C 150 34.85 -46.90 47.54
C ALA C 150 35.34 -45.95 46.47
N GLU C 151 34.80 -46.07 45.26
CA GLU C 151 35.16 -45.16 44.18
C GLU C 151 34.67 -43.75 44.46
N VAL C 152 33.42 -43.61 44.88
CA VAL C 152 32.93 -42.27 45.12
C VAL C 152 33.49 -41.69 46.42
N LYS C 153 33.82 -42.53 47.41
CA LYS C 153 34.49 -42.04 48.60
C LYS C 153 35.90 -41.57 48.29
N ASN C 154 36.61 -42.28 47.41
CA ASN C 154 37.91 -41.80 46.95
C ASN C 154 37.76 -40.56 46.08
N GLY C 155 36.61 -40.40 45.42
CA GLY C 155 36.39 -39.21 44.61
C GLY C 155 36.21 -37.97 45.44
N ARG C 156 35.28 -38.02 46.40
CA ARG C 156 35.06 -36.87 47.27
C ARG C 156 36.25 -36.61 48.19
N LEU C 157 36.97 -37.67 48.57
CA LEU C 157 38.17 -37.49 49.39
C LEU C 157 39.29 -36.85 48.59
N ALA C 158 39.45 -37.27 47.33
CA ALA C 158 40.40 -36.61 46.43
C ALA C 158 39.98 -35.17 46.12
N MET C 159 38.68 -34.89 46.22
CA MET C 159 38.15 -33.59 45.87
C MET C 159 38.43 -32.58 46.98
N ILE C 160 38.14 -32.99 48.22
CA ILE C 160 38.57 -32.26 49.41
C ILE C 160 40.09 -32.10 49.42
N ALA C 161 40.80 -33.12 48.95
CA ALA C 161 42.22 -32.98 48.69
C ALA C 161 42.53 -31.97 47.60
N MET C 162 41.60 -31.68 46.68
CA MET C 162 41.91 -30.66 45.69
C MET C 162 41.73 -29.25 46.25
N LEU C 163 40.84 -29.05 47.24
CA LEU C 163 40.94 -27.74 47.89
C LEU C 163 42.09 -27.68 48.88
N ALA C 164 42.51 -28.85 49.40
CA ALA C 164 43.74 -28.90 50.17
C ALA C 164 44.91 -28.41 49.33
N LEU C 165 45.21 -29.12 48.24
CA LEU C 165 46.30 -28.74 47.34
C LEU C 165 46.06 -27.43 46.60
N TRP C 166 44.85 -26.90 46.59
CA TRP C 166 44.72 -25.52 46.15
C TRP C 166 45.12 -24.55 47.25
N HIS C 167 44.70 -24.80 48.49
CA HIS C 167 45.04 -23.96 49.61
C HIS C 167 46.32 -24.39 50.32
N GLN C 168 47.11 -25.26 49.71
CA GLN C 168 48.48 -25.47 50.13
C GLN C 168 49.47 -24.69 49.29
N GLU C 169 49.00 -23.76 48.46
CA GLU C 169 49.91 -22.88 47.75
C GLU C 169 49.50 -21.42 47.85
N VAL C 170 48.21 -21.16 48.06
CA VAL C 170 47.74 -19.78 48.02
C VAL C 170 48.09 -19.05 49.29
N LEU C 171 47.74 -19.64 50.43
CA LEU C 171 48.11 -19.11 51.73
C LEU C 171 49.37 -19.79 52.27
N SER C 172 50.17 -20.39 51.39
CA SER C 172 51.40 -21.04 51.76
C SER C 172 52.61 -20.57 50.97
N GLY C 173 52.42 -19.81 49.91
CA GLY C 173 53.51 -19.22 49.17
C GLY C 173 53.73 -19.74 47.76
N GLY C 174 52.83 -20.55 47.22
CA GLY C 174 52.98 -21.02 45.85
C GLY C 174 54.10 -22.01 45.65
N MET C 175 54.53 -22.69 46.71
CA MET C 175 55.64 -23.63 46.63
C MET C 175 55.12 -25.00 46.22
N GLY C 176 56.00 -25.99 46.22
CA GLY C 176 55.60 -27.36 45.93
C GLY C 176 54.77 -27.96 47.05
N VAL C 177 54.05 -29.01 46.70
CA VAL C 177 53.17 -29.69 47.63
C VAL C 177 53.93 -30.70 48.49
N ILE C 178 54.75 -31.54 47.85
CA ILE C 178 55.49 -32.56 48.59
C ILE C 178 56.63 -31.94 49.39
N GLU C 179 57.15 -30.79 48.95
CA GLU C 179 58.24 -30.15 49.67
C GLU C 179 57.75 -29.14 50.70
N GLN C 180 56.44 -29.04 50.89
CA GLN C 180 55.91 -28.07 51.84
C GLN C 180 56.22 -28.48 53.28
N LEU C 181 56.29 -29.78 53.55
CA LEU C 181 56.74 -30.26 54.85
C LEU C 181 58.24 -30.09 55.04
N VAL C 182 58.98 -29.77 53.97
CA VAL C 182 60.40 -29.43 53.96
C VAL C 182 61.26 -30.58 54.49
N GLN D 8 1.79 -27.54 37.07
CA GLN D 8 3.22 -27.85 37.07
C GLN D 8 3.81 -27.64 35.69
N VAL D 9 5.12 -27.86 35.58
CA VAL D 9 5.86 -27.57 34.35
C VAL D 9 6.44 -28.87 33.83
N LYS D 10 5.91 -29.33 32.70
CA LYS D 10 6.46 -30.50 32.02
C LYS D 10 6.20 -30.36 30.54
N VAL D 11 7.07 -30.96 29.75
CA VAL D 11 7.11 -30.76 28.30
C VAL D 11 6.67 -32.07 27.64
N VAL D 12 5.43 -32.11 27.18
CA VAL D 12 4.90 -33.27 26.49
C VAL D 12 4.91 -32.96 25.00
N VAL D 13 5.61 -33.78 24.22
CA VAL D 13 5.87 -33.51 22.82
C VAL D 13 5.38 -34.69 21.99
N ASP D 14 4.47 -34.42 21.06
CA ASP D 14 4.10 -35.42 20.07
C ASP D 14 5.24 -35.66 19.10
N ARG D 15 5.45 -36.92 18.74
CA ARG D 15 6.48 -37.30 17.78
C ARG D 15 5.84 -37.98 16.58
N ASP D 16 6.39 -37.69 15.40
CA ASP D 16 5.82 -38.04 14.10
C ASP D 16 4.37 -37.56 14.00
N VAL D 17 4.23 -36.24 14.05
CA VAL D 17 2.91 -35.63 13.97
C VAL D 17 2.36 -35.71 12.55
N VAL D 18 3.10 -35.12 11.61
CA VAL D 18 2.65 -34.97 10.24
C VAL D 18 3.70 -35.59 9.34
N PRO D 19 3.33 -36.46 8.40
CA PRO D 19 4.31 -36.95 7.43
C PRO D 19 4.77 -35.86 6.49
N THR D 20 5.98 -36.03 5.97
CA THR D 20 6.70 -34.97 5.29
C THR D 20 6.87 -35.25 3.80
N SER D 21 5.84 -35.74 3.16
CA SER D 21 5.89 -35.89 1.71
C SER D 21 5.45 -34.60 1.03
N PHE D 22 5.71 -34.52 -0.26
CA PHE D 22 5.25 -33.40 -1.07
C PHE D 22 3.85 -33.63 -1.63
N GLU D 23 3.08 -34.50 -1.00
CA GLU D 23 1.76 -34.85 -1.52
C GLU D 23 0.79 -33.69 -1.39
N LYS D 24 0.76 -33.05 -0.22
CA LYS D 24 -0.21 -32.00 0.00
C LYS D 24 0.22 -30.68 -0.63
N TRP D 25 1.46 -30.58 -1.12
CA TRP D 25 1.81 -29.42 -1.94
C TRP D 25 1.10 -29.48 -3.28
N ALA D 26 0.76 -30.68 -3.73
CA ALA D 26 -0.05 -30.84 -4.94
C ALA D 26 -1.53 -30.57 -4.70
N LYS D 27 -1.94 -30.36 -3.45
CA LYS D 27 -3.32 -29.99 -3.13
C LYS D 27 -3.29 -28.58 -2.56
N PRO D 28 -3.38 -27.55 -3.39
CA PRO D 28 -3.47 -26.19 -2.86
C PRO D 28 -4.80 -25.97 -2.18
N GLY D 29 -4.76 -25.34 -1.01
CA GLY D 29 -5.95 -25.27 -0.21
C GLY D 29 -6.31 -26.60 0.42
N HIS D 30 -5.31 -27.43 0.72
CA HIS D 30 -5.52 -28.63 1.51
C HIS D 30 -6.00 -28.29 2.92
N PHE D 31 -5.59 -27.14 3.42
CA PHE D 31 -5.70 -26.81 4.83
C PHE D 31 -7.11 -26.41 5.22
N SER D 32 -7.87 -25.85 4.29
CA SER D 32 -9.20 -25.32 4.59
C SER D 32 -10.24 -26.18 3.90
N ARG D 33 -11.09 -26.83 4.70
CA ARG D 33 -12.22 -27.58 4.16
C ARG D 33 -13.28 -26.66 3.55
N SER D 34 -13.26 -25.37 3.88
CA SER D 34 -14.03 -24.37 3.18
C SER D 34 -13.44 -24.01 1.83
N LEU D 35 -12.23 -24.48 1.54
CA LEU D 35 -11.51 -24.03 0.36
C LEU D 35 -10.85 -25.18 -0.39
N ALA D 36 -11.02 -26.42 0.06
CA ALA D 36 -10.53 -27.58 -0.66
C ALA D 36 -11.49 -28.05 -1.75
N LYS D 37 -12.52 -27.27 -2.05
CA LYS D 37 -13.41 -27.61 -3.17
C LYS D 37 -12.70 -27.41 -4.50
N GLY D 38 -11.74 -26.50 -4.56
CA GLY D 38 -11.05 -26.18 -5.78
C GLY D 38 -11.66 -24.96 -6.43
N PRO D 39 -10.90 -24.30 -7.29
CA PRO D 39 -11.39 -23.04 -7.87
C PRO D 39 -12.42 -23.22 -8.96
N LYS D 40 -13.67 -22.97 -8.61
CA LYS D 40 -14.65 -22.75 -9.66
C LYS D 40 -14.64 -21.31 -10.13
N THR D 41 -14.06 -20.41 -9.34
CA THR D 41 -13.91 -18.99 -9.64
C THR D 41 -12.48 -18.58 -9.34
N THR D 42 -12.11 -17.37 -9.76
CA THR D 42 -10.79 -16.86 -9.43
C THR D 42 -10.69 -16.31 -8.01
N THR D 43 -11.80 -16.18 -7.29
CA THR D 43 -11.72 -15.72 -5.91
C THR D 43 -11.10 -16.77 -5.00
N TRP D 44 -11.07 -18.03 -5.45
CA TRP D 44 -10.35 -19.07 -4.74
C TRP D 44 -8.85 -18.81 -4.73
N ILE D 45 -8.33 -18.15 -5.77
CA ILE D 45 -6.91 -17.86 -5.84
C ILE D 45 -6.51 -16.90 -4.73
N TRP D 46 -7.31 -15.87 -4.51
CA TRP D 46 -6.94 -14.90 -3.49
C TRP D 46 -7.36 -15.37 -2.11
N ASN D 47 -8.42 -16.17 -2.03
CA ASN D 47 -8.78 -16.72 -0.74
C ASN D 47 -7.82 -17.80 -0.30
N LEU D 48 -7.09 -18.40 -1.24
CA LEU D 48 -6.00 -19.31 -0.91
C LEU D 48 -4.92 -18.58 -0.12
N HIS D 49 -4.66 -17.33 -0.44
CA HIS D 49 -3.62 -16.58 0.23
C HIS D 49 -4.15 -15.82 1.44
N ALA D 50 -5.43 -15.47 1.44
CA ALA D 50 -6.03 -14.85 2.60
C ALA D 50 -6.32 -15.83 3.71
N ASP D 51 -6.27 -17.13 3.43
CA ASP D 51 -6.45 -18.15 4.45
C ASP D 51 -5.18 -18.94 4.67
N ALA D 52 -4.07 -18.50 4.10
CA ALA D 52 -2.79 -19.15 4.33
C ALA D 52 -2.30 -19.01 5.75
N HIS D 53 -2.76 -18.00 6.47
CA HIS D 53 -2.32 -17.84 7.86
C HIS D 53 -3.46 -17.49 8.80
N ASP D 54 -4.71 -17.78 8.42
CA ASP D 54 -5.82 -17.71 9.38
C ASP D 54 -5.76 -18.98 10.22
N PHE D 55 -4.86 -19.00 11.20
CA PHE D 55 -4.65 -20.26 11.92
C PHE D 55 -5.80 -20.57 12.85
N ASP D 56 -6.49 -19.56 13.36
CA ASP D 56 -7.72 -19.79 14.09
C ASP D 56 -8.93 -19.89 13.18
N SER D 57 -8.73 -20.17 11.90
CA SER D 57 -9.81 -20.53 10.99
C SER D 57 -9.61 -21.89 10.33
N HIS D 58 -8.44 -22.51 10.48
CA HIS D 58 -8.27 -23.87 9.99
C HIS D 58 -9.06 -24.84 10.83
N THR D 59 -8.75 -24.92 12.12
CA THR D 59 -9.42 -25.80 13.05
C THR D 59 -9.45 -25.10 14.40
N SER D 60 -10.55 -25.24 15.13
CA SER D 60 -10.67 -24.64 16.45
C SER D 60 -9.74 -25.26 17.49
N SER D 61 -9.16 -26.43 17.20
CA SER D 61 -8.27 -27.12 18.12
C SER D 61 -6.99 -26.30 18.30
N LEU D 62 -6.83 -25.71 19.49
CA LEU D 62 -5.72 -24.80 19.76
C LEU D 62 -4.38 -25.53 19.83
N GLU D 63 -4.39 -26.85 20.03
CA GLU D 63 -3.14 -27.61 19.98
C GLU D 63 -2.54 -27.58 18.59
N GLU D 64 -3.36 -27.89 17.58
CA GLU D 64 -2.88 -27.98 16.21
C GLU D 64 -2.51 -26.59 15.68
N VAL D 65 -3.32 -25.59 16.04
CA VAL D 65 -3.00 -24.19 15.74
C VAL D 65 -1.66 -23.82 16.35
N SER D 66 -1.48 -24.15 17.63
CA SER D 66 -0.31 -23.67 18.36
C SER D 66 0.96 -24.34 17.87
N ARG D 67 0.86 -25.60 17.43
CA ARG D 67 1.97 -26.22 16.73
C ARG D 67 2.28 -25.50 15.43
N LYS D 68 1.23 -25.11 14.68
CA LYS D 68 1.44 -24.46 13.38
C LYS D 68 2.17 -23.12 13.53
N ILE D 69 1.70 -22.28 14.45
CA ILE D 69 2.33 -20.98 14.64
C ILE D 69 3.74 -21.12 15.20
N PHE D 70 3.92 -21.96 16.24
CA PHE D 70 5.24 -22.08 16.85
C PHE D 70 6.26 -22.66 15.90
N SER D 71 5.82 -23.50 14.97
CA SER D 71 6.75 -23.91 13.93
C SER D 71 6.95 -22.81 12.89
N ALA D 72 5.97 -21.92 12.73
CA ALA D 72 6.10 -20.89 11.69
C ALA D 72 7.08 -19.79 12.09
N HIS D 73 7.19 -19.53 13.39
CA HIS D 73 8.17 -18.57 13.89
C HIS D 73 9.58 -18.92 13.47
N PHE D 74 9.92 -20.21 13.46
CA PHE D 74 11.24 -20.63 13.03
C PHE D 74 11.44 -20.37 11.55
N GLY D 75 10.36 -20.38 10.77
CA GLY D 75 10.48 -19.96 9.39
C GLY D 75 10.77 -18.48 9.29
N GLN D 76 10.15 -17.67 10.17
CA GLN D 76 10.43 -16.24 10.18
C GLN D 76 11.86 -15.94 10.60
N LEU D 77 12.34 -16.62 11.64
CA LEU D 77 13.73 -16.44 12.06
C LEU D 77 14.70 -17.00 11.03
N ALA D 78 14.26 -17.98 10.25
CA ALA D 78 15.09 -18.47 9.16
C ALA D 78 15.24 -17.42 8.08
N ILE D 79 14.15 -16.70 7.77
CA ILE D 79 14.25 -15.62 6.80
C ILE D 79 15.06 -14.46 7.36
N ILE D 80 15.03 -14.24 8.68
CA ILE D 80 15.82 -13.17 9.25
C ILE D 80 17.31 -13.53 9.27
N PHE D 81 17.64 -14.80 9.53
CA PHE D 81 19.06 -15.17 9.44
C PHE D 81 19.56 -15.24 8.02
N ILE D 82 18.69 -15.54 7.05
CA ILE D 82 19.10 -15.37 5.65
C ILE D 82 19.30 -13.90 5.34
N TRP D 83 18.50 -13.03 5.95
CA TRP D 83 18.61 -11.60 5.71
C TRP D 83 19.91 -11.04 6.30
N LEU D 84 20.21 -11.36 7.56
CA LEU D 84 21.43 -10.86 8.18
C LEU D 84 22.68 -11.53 7.62
N SER D 85 22.58 -12.79 7.21
CA SER D 85 23.69 -13.40 6.50
C SER D 85 23.89 -12.74 5.15
N GLY D 86 22.81 -12.26 4.54
CA GLY D 86 22.93 -11.47 3.34
C GLY D 86 23.62 -10.14 3.59
N MET D 87 23.31 -9.49 4.71
CA MET D 87 23.94 -8.21 4.99
C MET D 87 25.40 -8.38 5.37
N TYR D 88 25.74 -9.49 5.98
CA TYR D 88 27.13 -9.71 6.29
C TYR D 88 27.91 -10.15 5.07
N PHE D 89 27.26 -10.80 4.09
CA PHE D 89 28.02 -11.14 2.90
C PHE D 89 28.14 -9.96 1.97
N HIS D 90 27.09 -9.17 1.81
CA HIS D 90 27.21 -7.94 1.04
C HIS D 90 28.13 -6.95 1.71
N GLY D 91 28.27 -7.04 3.03
CA GLY D 91 29.37 -6.36 3.67
C GLY D 91 30.71 -6.97 3.35
N ALA D 92 30.76 -8.28 3.14
CA ALA D 92 32.06 -8.91 2.93
C ALA D 92 32.56 -8.72 1.51
N ARG D 93 31.85 -9.27 0.54
CA ARG D 93 32.37 -9.31 -0.82
C ARG D 93 32.19 -7.96 -1.52
N PHE D 94 31.09 -7.29 -1.27
CA PHE D 94 30.67 -6.20 -2.14
C PHE D 94 30.89 -4.81 -1.55
N SER D 95 31.10 -4.69 -0.25
CA SER D 95 31.12 -3.37 0.36
C SER D 95 32.52 -2.78 0.36
N ASN D 96 32.58 -1.46 0.57
CA ASN D 96 33.84 -0.77 0.81
C ASN D 96 34.09 -0.57 2.28
N TYR D 97 33.65 -1.51 3.13
CA TYR D 97 33.71 -1.33 4.58
C TYR D 97 35.14 -1.31 5.10
N VAL D 98 36.03 -2.07 4.48
CA VAL D 98 37.43 -2.04 4.92
C VAL D 98 38.05 -0.69 4.63
N ALA D 99 37.75 -0.12 3.46
CA ALA D 99 38.21 1.23 3.16
C ALA D 99 37.44 2.28 3.92
N TRP D 100 36.16 2.01 4.24
CA TRP D 100 35.36 2.94 5.03
C TRP D 100 35.90 3.07 6.44
N LEU D 101 36.54 2.01 6.95
CA LEU D 101 37.06 2.03 8.31
C LEU D 101 38.25 2.96 8.45
N SER D 102 38.88 3.35 7.35
CA SER D 102 40.03 4.26 7.39
C SER D 102 39.58 5.69 7.65
N ASN D 103 38.79 6.26 6.74
CA ASN D 103 38.23 7.60 6.91
C ASN D 103 36.72 7.57 6.70
N PRO D 104 35.94 7.51 7.77
CA PRO D 104 34.49 7.35 7.61
C PRO D 104 33.79 8.64 7.21
N THR D 105 34.34 9.79 7.59
CA THR D 105 33.68 11.05 7.27
C THR D 105 33.86 11.46 5.81
N GLY D 106 34.79 10.85 5.09
CA GLY D 106 34.96 11.17 3.69
C GLY D 106 34.30 10.15 2.78
N ILE D 107 34.42 8.88 3.13
CA ILE D 107 33.90 7.79 2.31
C ILE D 107 32.44 7.55 2.67
N LYS D 108 31.57 7.65 1.68
CA LYS D 108 30.17 7.33 1.85
C LYS D 108 29.99 5.81 1.81
N PRO D 109 29.14 5.26 2.69
CA PRO D 109 29.04 3.81 2.81
C PRO D 109 28.29 3.18 1.65
N SER D 110 28.88 2.18 1.02
CA SER D 110 28.19 1.48 -0.05
C SER D 110 28.48 -0.01 0.04
N ALA D 111 27.44 -0.82 -0.12
CA ALA D 111 27.61 -2.26 -0.22
C ALA D 111 27.22 -2.76 -1.59
N GLN D 112 26.00 -2.46 -2.01
CA GLN D 112 25.42 -3.08 -3.19
C GLN D 112 26.04 -2.51 -4.45
N VAL D 113 26.60 -3.36 -5.28
CA VAL D 113 27.35 -2.97 -6.46
C VAL D 113 26.55 -3.44 -7.66
N VAL D 114 25.88 -2.50 -8.34
CA VAL D 114 24.87 -2.83 -9.35
C VAL D 114 25.51 -3.47 -10.57
N TRP D 115 24.92 -4.58 -11.02
CA TRP D 115 25.38 -5.29 -12.21
C TRP D 115 25.30 -4.41 -13.46
N PRO D 116 26.29 -4.50 -14.34
CA PRO D 116 26.33 -3.62 -15.51
C PRO D 116 25.47 -4.06 -16.68
N ILE D 117 24.21 -3.66 -16.67
CA ILE D 117 23.33 -3.87 -17.81
C ILE D 117 23.10 -2.45 -18.32
N VAL D 118 22.21 -2.29 -19.28
CA VAL D 118 21.95 -1.06 -20.01
C VAL D 118 21.67 0.11 -19.08
N GLY D 119 22.58 1.07 -19.10
CA GLY D 119 22.45 2.23 -18.26
C GLY D 119 22.73 2.09 -16.79
N GLN D 120 22.15 1.08 -16.13
CA GLN D 120 22.07 1.01 -14.67
C GLN D 120 23.41 0.86 -13.98
N GLN D 121 24.49 0.62 -14.73
CA GLN D 121 25.83 0.72 -14.18
C GLN D 121 26.16 2.14 -13.72
N ILE D 122 25.41 3.15 -14.19
CA ILE D 122 25.59 4.51 -13.69
C ILE D 122 25.06 4.68 -12.27
N LEU D 123 24.27 3.71 -11.77
CA LEU D 123 23.86 3.76 -10.38
C LEU D 123 25.00 3.44 -9.43
N ASN D 124 26.07 2.84 -9.93
CA ASN D 124 27.23 2.52 -9.11
C ASN D 124 27.95 3.81 -8.71
N ALA D 125 27.59 4.35 -7.56
CA ALA D 125 28.10 5.66 -7.15
C ALA D 125 29.55 5.54 -6.69
N ASP D 126 30.42 6.37 -7.26
CA ASP D 126 31.81 6.46 -6.85
C ASP D 126 31.87 7.18 -5.51
N VAL D 127 31.68 6.40 -4.44
CA VAL D 127 31.54 6.94 -3.10
C VAL D 127 32.89 6.95 -2.40
N GLY D 128 33.95 6.65 -3.14
CA GLY D 128 35.25 6.54 -2.53
C GLY D 128 35.52 5.12 -2.09
N GLY D 129 36.69 4.95 -1.48
CA GLY D 129 37.17 3.62 -1.20
C GLY D 129 37.76 2.90 -2.39
N GLY D 130 37.94 3.60 -3.51
CA GLY D 130 38.43 3.00 -4.74
C GLY D 130 37.44 2.13 -5.48
N MET D 131 36.29 1.83 -4.88
CA MET D 131 35.32 0.91 -5.46
C MET D 131 33.94 1.50 -5.25
N GLN D 132 33.12 1.39 -6.28
CA GLN D 132 31.85 2.10 -6.39
C GLN D 132 30.70 1.13 -6.16
N GLY D 133 29.49 1.63 -6.32
CA GLY D 133 28.30 0.88 -5.96
C GLY D 133 27.30 1.81 -5.32
N ILE D 134 26.05 1.37 -5.15
CA ILE D 134 25.01 2.27 -4.65
C ILE D 134 25.15 2.43 -3.15
N GLN D 135 24.90 3.64 -2.68
CA GLN D 135 25.24 4.04 -1.32
C GLN D 135 24.28 3.47 -0.30
N ILE D 136 24.82 2.87 0.77
CA ILE D 136 24.04 2.42 1.92
C ILE D 136 23.41 3.61 2.62
N THR D 137 22.15 3.46 3.03
CA THR D 137 21.57 4.31 4.07
C THR D 137 21.15 3.53 5.30
N SER D 138 21.25 2.21 5.29
CA SER D 138 20.79 1.41 6.41
C SER D 138 21.72 1.50 7.62
N GLY D 139 22.91 2.04 7.46
CA GLY D 139 23.80 2.20 8.59
C GLY D 139 24.40 0.92 9.12
N LEU D 140 24.76 -0.01 8.25
CA LEU D 140 25.37 -1.24 8.72
C LEU D 140 26.81 -1.03 9.15
N PHE D 141 27.51 -0.11 8.51
CA PHE D 141 28.93 0.07 8.80
C PHE D 141 29.13 0.68 10.18
N GLN D 142 28.16 1.44 10.65
CA GLN D 142 28.26 2.03 11.97
C GLN D 142 28.03 0.98 13.05
N LEU D 143 27.16 0.02 12.79
CA LEU D 143 26.97 -1.07 13.73
C LEU D 143 28.14 -2.06 13.65
N TRP D 144 28.87 -2.07 12.55
CA TRP D 144 30.01 -2.97 12.49
C TRP D 144 31.25 -2.33 13.10
N ARG D 145 31.38 -1.02 12.98
CA ARG D 145 32.43 -0.32 13.71
C ARG D 145 32.15 -0.33 15.20
N ALA D 146 30.87 -0.26 15.59
CA ALA D 146 30.53 -0.39 17.00
C ALA D 146 30.77 -1.81 17.48
N SER D 147 30.39 -2.79 16.68
CA SER D 147 30.60 -4.17 17.06
C SER D 147 32.05 -4.60 16.91
N GLY D 148 32.88 -3.81 16.23
CA GLY D 148 34.29 -4.08 16.17
C GLY D 148 34.74 -4.99 15.06
N ILE D 149 33.94 -5.13 14.01
CA ILE D 149 34.35 -5.96 12.87
C ILE D 149 35.45 -5.22 12.11
N VAL D 150 36.63 -5.83 12.03
CA VAL D 150 37.81 -5.14 11.52
C VAL D 150 37.92 -5.30 10.01
N ASN D 151 38.08 -6.53 9.56
CA ASN D 151 38.32 -6.78 8.15
C ASN D 151 37.18 -7.60 7.55
N GLU D 152 37.36 -8.04 6.31
CA GLU D 152 36.32 -8.79 5.61
C GLU D 152 36.07 -10.16 6.20
N LEU D 153 37.04 -10.70 6.96
CA LEU D 153 36.98 -12.09 7.39
C LEU D 153 35.84 -12.31 8.37
N GLN D 154 35.62 -11.39 9.30
CA GLN D 154 34.51 -11.55 10.22
C GLN D 154 33.16 -11.37 9.53
N LEU D 155 33.12 -10.61 8.43
CA LEU D 155 31.87 -10.47 7.69
C LEU D 155 31.54 -11.74 6.92
N TYR D 156 32.56 -12.36 6.30
CA TYR D 156 32.34 -13.65 5.66
C TYR D 156 31.94 -14.73 6.66
N VAL D 157 32.70 -14.83 7.75
CA VAL D 157 32.47 -15.90 8.72
C VAL D 157 31.14 -15.69 9.44
N THR D 158 30.81 -14.44 9.77
CA THR D 158 29.54 -14.17 10.42
C THR D 158 28.38 -14.33 9.46
N ALA D 159 28.61 -14.12 8.16
CA ALA D 159 27.61 -14.45 7.16
C ALA D 159 27.36 -15.95 7.11
N LEU D 160 28.44 -16.74 7.10
CA LEU D 160 28.29 -18.20 7.01
C LEU D 160 27.69 -18.77 8.29
N GLY D 161 27.94 -18.12 9.43
CA GLY D 161 27.20 -18.46 10.64
C GLY D 161 25.76 -18.02 10.58
N GLY D 162 25.47 -16.98 9.80
CA GLY D 162 24.09 -16.60 9.58
C GLY D 162 23.34 -17.64 8.78
N LEU D 163 23.98 -18.21 7.76
CA LEU D 163 23.39 -19.34 7.06
C LEU D 163 23.31 -20.58 7.93
N GLY D 164 24.28 -20.75 8.84
CA GLY D 164 24.22 -21.87 9.75
C GLY D 164 23.02 -21.81 10.69
N MET D 165 22.78 -20.62 11.25
CA MET D 165 21.60 -20.44 12.09
C MET D 165 20.32 -20.48 11.27
N ALA D 166 20.38 -20.07 9.99
CA ALA D 166 19.22 -20.21 9.11
C ALA D 166 18.89 -21.68 8.88
N GLY D 167 19.92 -22.52 8.74
CA GLY D 167 19.69 -23.95 8.66
C GLY D 167 19.17 -24.53 9.95
N LEU D 168 19.63 -24.00 11.09
CA LEU D 168 19.07 -24.47 12.36
C LEU D 168 17.65 -24.00 12.58
N MET D 169 17.22 -22.92 11.94
CA MET D 169 15.83 -22.51 12.09
C MET D 169 14.90 -23.20 11.09
N ILE D 170 15.37 -23.50 9.88
CA ILE D 170 14.58 -24.33 8.99
C ILE D 170 14.43 -25.73 9.57
N PHE D 171 15.55 -26.32 9.99
CA PHE D 171 15.52 -27.64 10.60
C PHE D 171 14.79 -27.63 11.94
N ALA D 172 14.80 -26.50 12.62
CA ALA D 172 14.07 -26.41 13.88
C ALA D 172 12.57 -26.33 13.66
N GLY D 173 12.14 -25.59 12.64
CA GLY D 173 10.72 -25.48 12.39
C GLY D 173 10.13 -26.75 11.80
N TRP D 174 10.87 -27.38 10.89
CA TRP D 174 10.49 -28.70 10.41
C TRP D 174 10.46 -29.70 11.55
N PHE D 175 11.43 -29.60 12.46
CA PHE D 175 11.51 -30.50 13.58
C PHE D 175 10.39 -30.27 14.58
N HIS D 176 9.87 -29.04 14.65
CA HIS D 176 8.83 -28.70 15.61
C HIS D 176 7.46 -28.56 15.00
N TYR D 177 7.28 -28.90 13.74
CA TYR D 177 5.94 -29.22 13.29
C TYR D 177 5.77 -30.69 13.00
N HIS D 178 6.81 -31.35 12.50
CA HIS D 178 6.62 -32.68 11.96
C HIS D 178 7.02 -33.78 12.93
N LYS D 179 8.28 -33.82 13.36
CA LYS D 179 8.75 -35.02 14.02
C LYS D 179 9.06 -34.84 15.49
N ALA D 180 8.90 -33.62 16.04
CA ALA D 180 8.75 -33.44 17.49
C ALA D 180 7.99 -32.14 17.73
N ALA D 181 6.67 -32.25 17.88
CA ALA D 181 5.90 -31.03 18.09
C ALA D 181 5.14 -31.11 19.41
N PRO D 182 5.07 -30.02 20.16
CA PRO D 182 4.58 -30.09 21.55
C PRO D 182 3.07 -30.05 21.65
N LYS D 183 2.60 -30.21 22.88
CA LYS D 183 1.20 -30.10 23.27
C LYS D 183 0.87 -28.68 23.69
N LEU D 184 -0.43 -28.43 23.90
CA LEU D 184 -0.87 -27.11 24.35
C LEU D 184 -0.47 -26.84 25.79
N GLU D 185 -0.36 -27.88 26.60
CA GLU D 185 0.06 -27.71 28.00
C GLU D 185 1.47 -27.17 28.11
N TRP D 186 2.30 -27.39 27.09
CA TRP D 186 3.57 -26.69 27.01
C TRP D 186 3.36 -25.20 26.78
N PHE D 187 2.34 -24.83 26.00
CA PHE D 187 2.18 -23.44 25.59
C PHE D 187 1.49 -22.61 26.64
N GLN D 188 0.53 -23.19 27.37
CA GLN D 188 -0.17 -22.43 28.41
C GLN D 188 0.61 -22.42 29.72
N ASN D 189 1.88 -22.74 29.64
CA ASN D 189 2.82 -22.70 30.74
C ASN D 189 3.59 -21.40 30.64
N VAL D 190 2.88 -20.30 30.89
CA VAL D 190 3.30 -18.99 30.43
C VAL D 190 4.19 -18.26 31.44
N GLU D 191 4.07 -18.60 32.73
CA GLU D 191 5.01 -18.07 33.72
C GLU D 191 6.43 -18.55 33.43
N SER D 192 6.57 -19.76 32.89
CA SER D 192 7.88 -20.20 32.43
C SER D 192 8.30 -19.48 31.16
N MET D 193 7.34 -19.05 30.34
CA MET D 193 7.68 -18.40 29.08
C MET D 193 8.21 -17.00 29.32
N LEU D 194 7.53 -16.25 30.19
CA LEU D 194 8.06 -14.98 30.66
C LEU D 194 9.33 -15.20 31.46
N ASN D 195 9.38 -16.27 32.23
CA ASN D 195 10.52 -16.56 33.09
C ASN D 195 11.78 -16.81 32.28
N HIS D 196 11.64 -17.35 31.07
CA HIS D 196 12.81 -17.53 30.21
C HIS D 196 13.00 -16.41 29.20
N HIS D 197 11.98 -15.62 28.90
CA HIS D 197 12.24 -14.54 27.96
C HIS D 197 12.78 -13.29 28.64
N LEU D 198 12.28 -12.96 29.84
CA LEU D 198 12.86 -11.86 30.59
C LEU D 198 14.29 -12.17 30.98
N ALA D 199 14.51 -13.35 31.53
CA ALA D 199 15.83 -13.71 32.03
C ALA D 199 16.69 -14.31 30.93
N GLY D 200 16.23 -15.38 30.30
CA GLY D 200 17.09 -16.14 29.41
C GLY D 200 17.36 -15.44 28.09
N LEU D 201 16.31 -14.90 27.47
CA LEU D 201 16.51 -14.23 26.20
C LEU D 201 17.15 -12.87 26.39
N LEU D 202 16.44 -11.98 27.07
CA LEU D 202 16.90 -10.60 27.16
C LEU D 202 18.00 -10.44 28.19
N GLY D 203 17.95 -11.20 29.28
CA GLY D 203 18.96 -11.13 30.32
C GLY D 203 20.31 -11.58 29.84
N LEU D 204 20.41 -12.83 29.37
CA LEU D 204 21.68 -13.31 28.84
C LEU D 204 22.02 -12.65 27.52
N GLY D 205 21.05 -12.09 26.81
CA GLY D 205 21.35 -11.33 25.61
C GLY D 205 22.11 -10.05 25.93
N SER D 206 21.59 -9.27 26.88
CA SER D 206 22.28 -8.04 27.24
C SER D 206 23.57 -8.32 28.01
N LEU D 207 23.61 -9.40 28.77
CA LEU D 207 24.82 -9.73 29.52
C LEU D 207 25.92 -10.19 28.58
N SER D 208 25.60 -11.11 27.70
CA SER D 208 26.57 -11.58 26.72
C SER D 208 26.96 -10.47 25.76
N TRP D 209 26.04 -9.55 25.46
CA TRP D 209 26.43 -8.43 24.63
C TRP D 209 27.35 -7.48 25.38
N ALA D 210 27.18 -7.35 26.70
CA ALA D 210 28.17 -6.63 27.49
C ALA D 210 29.52 -7.34 27.45
N GLY D 211 29.50 -8.67 27.35
CA GLY D 211 30.74 -9.39 27.13
C GLY D 211 31.40 -9.04 25.81
N HIS D 212 30.61 -8.94 24.75
CA HIS D 212 31.18 -8.57 23.45
C HIS D 212 31.70 -7.15 23.45
N GLN D 213 31.03 -6.24 24.14
CA GLN D 213 31.50 -4.86 24.07
C GLN D 213 32.73 -4.65 24.93
N ILE D 214 32.81 -5.33 26.07
CA ILE D 214 33.96 -5.15 26.92
C ILE D 214 35.18 -5.88 26.36
N HIS D 215 34.99 -7.03 25.75
CA HIS D 215 36.12 -7.81 25.26
C HIS D 215 36.33 -7.68 23.77
N VAL D 216 35.53 -6.89 23.08
CA VAL D 216 35.77 -6.60 21.68
C VAL D 216 35.76 -5.10 21.46
N SER D 217 34.67 -4.43 21.83
CA SER D 217 34.46 -3.09 21.28
C SER D 217 35.26 -2.04 22.02
N LEU D 218 35.33 -2.13 23.34
CA LEU D 218 36.12 -1.18 24.12
C LEU D 218 37.60 -1.14 23.75
N PRO D 219 38.32 -2.26 23.54
CA PRO D 219 39.66 -2.10 22.98
C PRO D 219 39.66 -1.64 21.54
N ILE D 220 38.76 -2.17 20.70
CA ILE D 220 38.78 -1.82 19.28
C ILE D 220 38.33 -0.39 19.07
N ASN D 221 37.20 0.00 19.63
CA ASN D 221 36.81 1.40 19.53
C ASN D 221 37.47 2.29 20.55
N LYS D 222 38.47 1.79 21.29
CA LYS D 222 39.44 2.72 21.82
C LYS D 222 40.56 2.98 20.81
N LEU D 223 40.96 1.93 20.07
CA LEU D 223 42.04 2.10 19.09
C LEU D 223 41.59 2.91 17.89
N LEU D 224 40.38 2.64 17.38
CA LEU D 224 39.85 3.43 16.28
C LEU D 224 39.50 4.85 16.72
N ASP D 225 39.18 5.04 18.00
CA ASP D 225 39.06 6.39 18.53
C ASP D 225 40.42 7.08 18.58
N ALA D 226 41.48 6.31 18.80
CA ALA D 226 42.84 6.84 18.69
C ALA D 226 43.31 6.93 17.25
N GLY D 227 42.52 6.46 16.29
CA GLY D 227 42.86 6.65 14.89
C GLY D 227 43.82 5.63 14.31
N VAL D 228 43.81 4.41 14.83
CA VAL D 228 44.70 3.37 14.32
C VAL D 228 44.13 2.81 13.02
N ALA D 229 45.01 2.65 12.03
CA ALA D 229 44.62 2.05 10.76
C ALA D 229 44.16 0.61 10.95
N PRO D 230 43.29 0.09 10.08
CA PRO D 230 42.80 -1.29 10.27
C PRO D 230 43.76 -2.38 9.81
N SER D 231 45.02 -2.24 10.11
CA SER D 231 46.03 -3.27 9.96
C SER D 231 46.84 -3.44 11.23
N SER D 232 47.12 -2.35 11.94
CA SER D 232 47.79 -2.40 13.23
C SER D 232 46.86 -2.83 14.35
N ILE D 233 45.56 -2.83 14.09
CA ILE D 233 44.59 -3.29 15.11
C ILE D 233 44.72 -4.80 15.27
N PRO D 234 44.95 -5.30 16.47
CA PRO D 234 44.93 -6.74 16.68
C PRO D 234 43.52 -7.27 16.65
N LEU D 235 43.42 -8.58 16.50
CA LEU D 235 42.13 -9.24 16.48
C LEU D 235 41.52 -9.23 17.89
N PRO D 236 40.18 -9.37 17.99
CA PRO D 236 39.58 -9.51 19.33
C PRO D 236 39.97 -10.79 20.02
N HIS D 237 40.32 -11.80 19.21
CA HIS D 237 41.15 -12.93 19.60
C HIS D 237 42.26 -12.55 20.57
N GLU D 238 43.12 -11.61 20.17
CA GLU D 238 44.37 -11.40 20.89
C GLU D 238 44.22 -10.58 22.16
N PHE D 239 43.02 -10.11 22.49
CA PHE D 239 42.84 -9.40 23.75
C PHE D 239 42.53 -10.30 24.91
N ILE D 240 42.30 -11.59 24.68
CA ILE D 240 41.89 -12.49 25.74
C ILE D 240 42.96 -13.54 26.03
N LEU D 241 43.91 -13.77 25.11
CA LEU D 241 45.09 -14.57 25.44
C LEU D 241 45.90 -13.93 26.55
N ASN D 242 45.94 -12.61 26.58
CA ASN D 242 46.61 -11.89 27.65
C ASN D 242 45.81 -10.64 27.99
N ARG D 243 45.79 -10.32 29.28
CA ARG D 243 45.19 -9.06 29.73
C ARG D 243 46.08 -7.87 29.46
N ASN D 244 47.29 -8.08 28.94
CA ASN D 244 48.28 -7.02 28.87
C ASN D 244 47.97 -6.03 27.75
N LEU D 245 47.34 -6.48 26.67
CA LEU D 245 46.93 -5.57 25.61
C LEU D 245 45.71 -4.74 25.99
N MET D 246 45.01 -5.12 27.05
CA MET D 246 43.87 -4.35 27.52
C MET D 246 44.20 -3.51 28.75
N ALA D 247 45.17 -3.93 29.55
CA ALA D 247 45.58 -3.13 30.70
C ALA D 247 46.29 -1.85 30.25
N GLU D 248 46.92 -1.89 29.07
CA GLU D 248 47.39 -0.65 28.46
C GLU D 248 46.22 0.25 28.10
N LEU D 249 45.17 -0.33 27.54
CA LEU D 249 44.01 0.46 27.13
C LEU D 249 43.13 0.81 28.31
N TYR D 250 42.81 -0.16 29.14
CA TYR D 250 41.98 0.05 30.34
C TYR D 250 42.68 -0.61 31.52
N PRO D 251 43.31 0.16 32.41
CA PRO D 251 44.14 -0.43 33.46
C PRO D 251 43.38 -1.05 34.62
N SER D 252 42.08 -1.27 34.50
CA SER D 252 41.37 -2.05 35.50
C SER D 252 41.33 -3.54 35.17
N PHE D 253 41.66 -3.92 33.93
CA PHE D 253 41.78 -5.33 33.60
C PHE D 253 42.95 -6.01 34.29
N GLN D 254 43.92 -5.24 34.78
CA GLN D 254 45.06 -5.84 35.46
C GLN D 254 44.64 -6.46 36.79
N GLN D 255 43.60 -5.93 37.42
CA GLN D 255 43.14 -6.46 38.69
C GLN D 255 42.28 -7.70 38.53
N GLY D 256 41.87 -8.05 37.31
CA GLY D 256 41.07 -9.25 37.13
C GLY D 256 39.65 -9.07 37.63
N LEU D 257 39.01 -10.19 37.93
CA LEU D 257 37.67 -10.18 38.51
C LEU D 257 37.69 -10.02 40.03
N VAL D 258 38.87 -9.85 40.62
CA VAL D 258 38.97 -9.73 42.08
C VAL D 258 38.25 -8.51 42.64
N PRO D 259 38.33 -7.30 42.07
CA PRO D 259 37.47 -6.23 42.60
C PRO D 259 36.00 -6.42 42.34
N PHE D 260 35.61 -7.27 41.40
CA PHE D 260 34.20 -7.58 41.22
C PHE D 260 33.68 -8.43 42.38
N PHE D 261 34.38 -9.50 42.72
CA PHE D 261 33.89 -10.41 43.74
C PHE D 261 34.04 -9.84 45.15
N THR D 262 34.91 -8.85 45.33
CA THR D 262 34.97 -8.13 46.60
C THR D 262 34.06 -6.91 46.61
N LEU D 263 33.30 -6.71 45.52
CA LEU D 263 32.38 -5.58 45.33
C LEU D 263 33.08 -4.24 45.41
N ASN D 264 34.36 -4.18 45.06
CA ASN D 264 35.04 -2.89 44.91
C ASN D 264 34.87 -2.43 43.47
N TRP D 265 33.63 -2.07 43.15
CA TRP D 265 33.27 -1.73 41.78
C TRP D 265 33.67 -0.31 41.41
N LYS D 266 34.19 0.46 42.36
CA LYS D 266 34.90 1.71 42.05
C LYS D 266 36.09 1.45 41.13
N GLN D 267 36.72 0.27 41.25
CA GLN D 267 37.87 -0.09 40.43
C GLN D 267 37.53 -0.21 38.95
N TYR D 268 36.28 -0.50 38.60
CA TYR D 268 35.89 -0.69 37.22
C TYR D 268 35.45 0.59 36.54
N SER D 269 35.96 1.74 36.99
CA SER D 269 35.66 3.00 36.32
C SER D 269 36.34 3.10 34.96
N ASP D 270 37.38 2.31 34.71
CA ASP D 270 38.00 2.28 33.40
C ASP D 270 37.07 1.63 32.38
N ILE D 271 36.58 0.44 32.70
CA ILE D 271 35.75 -0.30 31.76
C ILE D 271 34.37 0.32 31.66
N LEU D 272 33.74 0.58 32.80
CA LEU D 272 32.35 1.00 32.87
C LEU D 272 32.27 2.36 33.50
N THR D 273 31.40 3.22 32.99
CA THR D 273 31.16 4.50 33.63
C THR D 273 29.75 4.96 33.29
N PHE D 274 29.41 6.14 33.82
CA PHE D 274 28.13 6.79 33.56
C PHE D 274 28.52 8.20 33.14
N LYS D 275 28.80 8.40 31.86
CA LYS D 275 29.14 9.73 31.36
C LYS D 275 28.05 10.35 30.52
N GLY D 276 27.43 9.56 29.64
CA GLY D 276 26.42 10.11 28.77
C GLY D 276 27.02 11.02 27.72
N GLY D 277 26.16 11.85 27.15
CA GLY D 277 26.63 12.76 26.12
C GLY D 277 26.93 12.02 24.84
N LEU D 278 28.03 12.40 24.21
CA LEU D 278 28.54 11.73 23.02
C LEU D 278 30.05 11.74 23.05
N SER D 279 30.64 10.83 22.30
CA SER D 279 32.06 10.91 22.05
C SER D 279 32.31 12.08 21.12
N PRO D 280 33.17 13.04 21.48
CA PRO D 280 33.43 14.15 20.57
C PRO D 280 34.28 13.77 19.37
N VAL D 281 34.91 12.61 19.39
CA VAL D 281 35.77 12.19 18.30
C VAL D 281 35.03 11.37 17.26
N THR D 282 34.21 10.41 17.70
CA THR D 282 33.51 9.54 16.77
C THR D 282 32.06 9.94 16.55
N GLY D 283 31.51 10.85 17.35
CA GLY D 283 30.13 11.21 17.17
C GLY D 283 29.13 10.18 17.65
N GLY D 284 29.58 9.18 18.40
CA GLY D 284 28.71 8.16 18.94
C GLY D 284 28.70 8.19 20.46
N LEU D 285 27.94 7.26 21.03
CA LEU D 285 27.94 7.13 22.47
C LEU D 285 29.24 6.51 22.96
N TRP D 286 29.56 6.79 24.21
CA TRP D 286 30.69 6.16 24.86
C TRP D 286 30.37 4.69 25.09
N LEU D 287 31.21 3.80 24.55
CA LEU D 287 30.93 2.38 24.72
C LEU D 287 31.25 1.89 26.13
N THR D 288 31.94 2.69 26.93
CA THR D 288 31.95 2.46 28.36
C THR D 288 30.55 2.62 28.94
N ASP D 289 29.84 3.67 28.53
CA ASP D 289 28.46 3.88 28.96
C ASP D 289 27.53 2.81 28.39
N VAL D 290 27.79 2.35 27.17
CA VAL D 290 26.90 1.39 26.54
C VAL D 290 27.13 -0.01 27.09
N ALA D 291 28.38 -0.35 27.38
CA ALA D 291 28.65 -1.66 27.98
C ALA D 291 28.17 -1.71 29.42
N HIS D 292 28.40 -0.62 30.17
CA HIS D 292 27.84 -0.48 31.51
C HIS D 292 26.33 -0.56 31.47
N HIS D 293 25.75 0.01 30.43
CA HIS D 293 24.32 -0.02 30.22
C HIS D 293 23.80 -1.44 30.02
N HIS D 294 24.45 -2.21 29.16
CA HIS D 294 24.02 -3.59 28.98
C HIS D 294 24.26 -4.45 30.20
N LEU D 295 25.23 -4.09 31.05
CA LEU D 295 25.26 -4.73 32.37
C LEU D 295 24.08 -4.36 33.22
N ALA D 296 23.58 -3.12 33.08
CA ALA D 296 22.43 -2.76 33.90
C ALA D 296 21.17 -3.47 33.44
N ILE D 297 21.03 -3.69 32.13
CA ILE D 297 19.96 -4.52 31.63
C ILE D 297 20.18 -5.96 32.00
N ALA D 298 21.45 -6.36 32.13
CA ALA D 298 21.78 -7.74 32.47
C ALA D 298 21.29 -8.09 33.85
N VAL D 299 21.82 -7.41 34.86
CA VAL D 299 21.44 -7.70 36.25
C VAL D 299 19.99 -7.34 36.49
N LEU D 300 19.52 -6.26 35.85
CA LEU D 300 18.14 -5.84 36.06
C LEU D 300 17.13 -6.82 35.44
N PHE D 301 17.43 -7.36 34.27
CA PHE D 301 16.50 -8.34 33.71
C PHE D 301 16.64 -9.71 34.34
N LEU D 302 17.84 -10.09 34.78
CA LEU D 302 17.95 -11.37 35.48
C LEU D 302 17.29 -11.30 36.84
N VAL D 303 17.22 -10.12 37.44
CA VAL D 303 16.29 -9.93 38.54
C VAL D 303 14.87 -10.09 38.06
N ALA D 304 14.54 -9.50 36.91
CA ALA D 304 13.16 -9.45 36.43
C ALA D 304 12.59 -10.81 36.08
N GLY D 305 13.43 -11.74 35.64
CA GLY D 305 12.93 -13.01 35.17
C GLY D 305 12.37 -13.87 36.29
N HIS D 306 12.91 -13.71 37.49
CA HIS D 306 12.57 -14.61 38.59
C HIS D 306 11.47 -13.99 39.45
N MET D 307 10.30 -13.87 38.85
CA MET D 307 9.11 -13.51 39.59
C MET D 307 7.91 -14.31 39.12
N TYR D 308 8.15 -15.52 38.61
CA TYR D 308 7.07 -16.33 38.07
C TYR D 308 7.25 -17.76 38.56
N ARG D 309 6.37 -18.19 39.46
CA ARG D 309 6.45 -19.53 40.04
C ARG D 309 6.17 -20.58 38.98
N THR D 310 7.10 -21.50 38.77
CA THR D 310 6.94 -22.55 37.77
C THR D 310 6.86 -23.94 38.36
N ASN D 311 7.92 -24.41 39.00
CA ASN D 311 7.91 -25.69 39.71
C ASN D 311 8.22 -25.50 41.18
N TRP D 312 9.35 -24.87 41.45
CA TRP D 312 9.70 -24.42 42.78
C TRP D 312 8.69 -23.41 43.23
N GLY D 313 8.08 -23.64 44.38
CA GLY D 313 6.99 -22.79 44.84
C GLY D 313 7.42 -21.41 45.30
N ILE D 314 8.07 -20.67 44.40
CA ILE D 314 8.67 -19.38 44.67
C ILE D 314 8.45 -18.53 43.42
N GLY D 315 7.69 -17.44 43.57
CA GLY D 315 7.32 -16.60 42.47
C GLY D 315 5.82 -16.41 42.41
N HIS D 316 5.42 -15.60 41.43
CA HIS D 316 4.00 -15.32 41.27
C HIS D 316 3.38 -16.29 40.28
N SER D 317 2.06 -16.24 40.20
CA SER D 317 1.32 -16.64 39.02
C SER D 317 0.53 -15.43 38.57
N ILE D 318 0.19 -15.38 37.29
CA ILE D 318 -0.48 -14.21 36.76
C ILE D 318 -1.92 -14.16 37.26
N LYS D 319 -2.50 -15.33 37.56
CA LYS D 319 -3.87 -15.40 38.05
C LYS D 319 -4.01 -14.71 39.40
N GLN D 320 -3.14 -15.03 40.35
CA GLN D 320 -3.22 -14.42 41.68
C GLN D 320 -2.76 -12.98 41.69
N ILE D 321 -2.14 -12.49 40.61
CA ILE D 321 -1.90 -11.06 40.49
C ILE D 321 -3.15 -10.35 39.99
N LEU D 322 -3.71 -10.85 38.89
CA LEU D 322 -4.85 -10.19 38.26
C LEU D 322 -6.10 -10.26 39.12
N GLU D 323 -6.22 -11.28 39.97
CA GLU D 323 -7.37 -11.32 40.87
C GLU D 323 -7.23 -10.29 41.98
N ALA D 324 -6.00 -9.95 42.38
CA ALA D 324 -5.79 -9.11 43.55
C ALA D 324 -6.13 -7.65 43.31
N HIS D 325 -6.31 -7.23 42.07
CA HIS D 325 -6.64 -5.84 41.76
C HIS D 325 -8.14 -5.70 41.53
N LYS D 326 -8.89 -6.09 42.55
CA LYS D 326 -10.35 -6.10 42.52
C LYS D 326 -10.93 -4.72 42.85
N GLY D 327 -10.61 -3.76 41.99
CA GLY D 327 -10.96 -2.37 42.21
C GLY D 327 -12.45 -2.08 42.22
N PRO D 328 -12.86 -1.06 42.97
CA PRO D 328 -14.30 -0.82 43.12
C PRO D 328 -14.97 -0.29 41.87
N LEU D 329 -14.29 0.54 41.09
CA LEU D 329 -14.93 1.09 39.90
C LEU D 329 -14.91 0.14 38.71
N THR D 330 -14.25 -1.01 38.83
CA THR D 330 -14.32 -2.06 37.82
C THR D 330 -15.15 -3.24 38.28
N GLY D 331 -15.32 -3.41 39.58
CA GLY D 331 -16.16 -4.47 40.12
C GLY D 331 -15.46 -5.80 40.27
N GLU D 332 -15.27 -6.52 39.17
CA GLU D 332 -14.70 -7.85 39.27
C GLU D 332 -13.17 -7.82 39.35
N GLY D 333 -12.54 -6.76 38.86
CA GLY D 333 -11.11 -6.74 38.78
C GLY D 333 -10.67 -7.39 37.48
N HIS D 334 -9.39 -7.77 37.41
CA HIS D 334 -8.85 -8.28 36.16
C HIS D 334 -9.09 -9.75 35.95
N LYS D 335 -10.14 -10.31 36.57
CA LYS D 335 -10.50 -11.72 36.47
C LYS D 335 -10.79 -12.13 35.04
N GLY D 336 -10.02 -13.06 34.50
CA GLY D 336 -10.28 -13.58 33.18
C GLY D 336 -9.15 -13.36 32.19
N LEU D 337 -8.29 -12.37 32.45
CA LEU D 337 -7.27 -12.00 31.48
C LEU D 337 -6.18 -13.05 31.36
N TYR D 338 -5.91 -13.81 32.41
CA TYR D 338 -4.99 -14.93 32.25
C TYR D 338 -5.63 -16.05 31.44
N GLU D 339 -6.94 -16.15 31.43
CA GLU D 339 -7.60 -17.10 30.56
C GLU D 339 -7.85 -16.55 29.16
N ILE D 340 -7.86 -15.23 29.00
CA ILE D 340 -7.94 -14.65 27.67
C ILE D 340 -6.62 -14.78 26.95
N LEU D 341 -5.54 -14.41 27.62
CA LEU D 341 -4.23 -14.30 27.00
C LEU D 341 -3.49 -15.61 26.88
N THR D 342 -4.02 -16.69 27.44
CA THR D 342 -3.41 -18.00 27.28
C THR D 342 -4.27 -18.94 26.47
N THR D 343 -5.43 -18.48 26.00
CA THR D 343 -6.26 -19.27 25.10
C THR D 343 -6.47 -18.61 23.76
N SER D 344 -6.33 -17.30 23.67
CA SER D 344 -6.50 -16.56 22.42
C SER D 344 -5.15 -16.00 22.00
N TRP D 345 -4.67 -16.43 20.85
CA TRP D 345 -3.39 -15.91 20.35
C TRP D 345 -3.51 -14.49 19.86
N HIS D 346 -4.65 -14.13 19.24
CA HIS D 346 -4.78 -12.83 18.60
C HIS D 346 -4.72 -11.68 19.60
N ALA D 347 -5.14 -11.93 20.83
CA ALA D 347 -5.02 -10.91 21.87
C ALA D 347 -3.56 -10.70 22.26
N ASN D 348 -2.80 -11.79 22.36
CA ASN D 348 -1.36 -11.69 22.56
C ASN D 348 -0.68 -10.98 21.42
N LEU D 349 -1.17 -11.17 20.20
CA LEU D 349 -0.57 -10.47 19.08
C LEU D 349 -0.92 -9.00 19.09
N ALA D 350 -2.08 -8.65 19.65
CA ALA D 350 -2.45 -7.25 19.81
C ALA D 350 -1.54 -6.57 20.81
N ILE D 351 -1.30 -7.21 21.96
CA ILE D 351 -0.44 -6.58 22.96
C ILE D 351 0.99 -6.50 22.46
N ASN D 352 1.49 -7.58 21.86
CA ASN D 352 2.90 -7.60 21.51
C ASN D 352 3.17 -6.74 20.28
N LEU D 353 2.19 -6.57 19.40
CA LEU D 353 2.38 -5.63 18.30
C LEU D 353 2.24 -4.19 18.74
N ALA D 354 1.41 -3.91 19.74
CA ALA D 354 1.36 -2.55 20.29
C ALA D 354 2.68 -2.20 20.94
N MET D 355 3.17 -3.06 21.82
CA MET D 355 4.38 -2.73 22.55
C MET D 355 5.61 -2.86 21.68
N LEU D 356 5.59 -3.76 20.68
CA LEU D 356 6.68 -3.85 19.72
C LEU D 356 6.74 -2.61 18.84
N GLY D 357 5.60 -2.16 18.33
CA GLY D 357 5.58 -0.99 17.49
C GLY D 357 5.96 0.26 18.25
N SER D 358 5.41 0.45 19.44
CA SER D 358 5.78 1.61 20.24
C SER D 358 7.23 1.54 20.69
N LEU D 359 7.77 0.33 20.89
CA LEU D 359 9.21 0.20 21.09
C LEU D 359 9.99 0.63 19.87
N SER D 360 9.49 0.35 18.67
CA SER D 360 10.23 0.77 17.48
C SER D 360 10.20 2.29 17.30
N ILE D 361 9.09 2.92 17.68
CA ILE D 361 9.04 4.38 17.68
C ILE D 361 10.02 4.95 18.70
N ILE D 362 10.03 4.36 19.90
CA ILE D 362 10.99 4.70 20.95
C ILE D 362 12.43 4.55 20.46
N VAL D 363 12.67 3.53 19.64
CA VAL D 363 13.97 3.32 19.01
C VAL D 363 14.33 4.47 18.09
N ALA D 364 13.36 4.94 17.30
CA ALA D 364 13.63 6.07 16.40
C ALA D 364 13.98 7.34 17.19
N HIS D 365 13.14 7.66 18.18
CA HIS D 365 13.39 8.87 18.98
C HIS D 365 14.65 8.77 19.83
N HIS D 366 15.09 7.58 20.15
CA HIS D 366 16.31 7.51 20.92
C HIS D 366 17.54 7.44 20.04
N MET D 367 17.36 7.14 18.76
CA MET D 367 18.50 7.13 17.86
C MET D 367 18.79 8.45 17.21
N TYR D 368 17.81 9.33 17.06
CA TYR D 368 18.24 10.57 16.43
C TYR D 368 18.99 11.48 17.39
N ALA D 369 18.63 11.45 18.67
CA ALA D 369 19.15 12.42 19.61
C ALA D 369 20.30 11.91 20.43
N MET D 370 20.41 10.60 20.60
CA MET D 370 21.56 9.98 21.23
C MET D 370 22.13 8.99 20.22
N PRO D 371 22.84 9.45 19.20
CA PRO D 371 23.29 8.55 18.13
C PRO D 371 24.33 7.58 18.65
N PRO D 372 23.97 6.30 18.76
CA PRO D 372 24.72 5.38 19.61
C PRO D 372 25.86 4.69 18.90
N TYR D 373 25.99 4.85 17.62
CA TYR D 373 27.00 4.20 16.84
C TYR D 373 28.05 5.21 16.43
N PRO D 374 29.32 4.80 16.32
CA PRO D 374 30.36 5.74 15.92
C PRO D 374 30.21 6.12 14.46
N TYR D 375 30.34 7.43 14.21
CA TYR D 375 30.19 8.05 12.89
C TYR D 375 28.82 7.78 12.30
N LEU D 376 27.80 7.78 13.15
CA LEU D 376 26.43 7.62 12.68
C LEU D 376 25.77 8.97 12.42
N ALA D 377 25.95 9.91 13.34
CA ALA D 377 25.44 11.26 13.13
C ALA D 377 26.28 12.07 12.16
N THR D 378 27.44 11.57 11.75
CA THR D 378 28.21 12.23 10.70
C THR D 378 27.55 12.07 9.34
N ASP D 379 27.30 10.83 8.91
CA ASP D 379 26.57 10.62 7.65
C ASP D 379 25.08 10.72 7.95
N TYR D 380 24.52 11.86 7.56
CA TYR D 380 23.11 12.12 7.81
C TYR D 380 22.09 11.18 7.15
N PRO D 381 22.33 10.50 6.00
CA PRO D 381 21.28 9.57 5.53
C PRO D 381 21.06 8.37 6.43
N THR D 382 22.12 7.83 7.04
CA THR D 382 21.92 6.76 7.99
C THR D 382 21.29 7.25 9.28
N GLN D 383 21.41 8.54 9.57
CA GLN D 383 20.73 9.09 10.73
C GLN D 383 19.26 9.33 10.45
N LEU D 384 18.95 9.71 9.21
CA LEU D 384 17.58 9.92 8.82
C LEU D 384 16.83 8.60 8.72
N SER D 385 17.32 7.70 7.88
CA SER D 385 16.51 6.56 7.50
C SER D 385 16.40 5.50 8.57
N LEU D 386 17.23 5.55 9.61
CA LEU D 386 17.01 4.71 10.77
C LEU D 386 16.08 5.34 11.80
N PHE D 387 15.84 6.65 11.70
CA PHE D 387 14.68 7.21 12.36
C PHE D 387 13.43 6.80 11.61
N THR D 388 13.46 6.95 10.28
CA THR D 388 12.26 6.88 9.48
C THR D 388 11.74 5.47 9.37
N HIS D 389 12.64 4.53 9.08
CA HIS D 389 12.26 3.13 8.93
C HIS D 389 11.66 2.56 10.21
N HIS D 390 12.33 2.76 11.34
CA HIS D 390 11.79 2.27 12.60
C HIS D 390 10.56 3.03 13.01
N MET D 391 10.39 4.26 12.53
CA MET D 391 9.13 4.95 12.74
C MET D 391 8.02 4.30 11.93
N TRP D 392 8.32 3.79 10.74
CA TRP D 392 7.26 3.26 9.89
C TRP D 392 6.82 1.87 10.30
N ILE D 393 7.77 0.96 10.57
CA ILE D 393 7.34 -0.31 11.15
C ILE D 393 6.75 -0.09 12.53
N GLY D 394 7.30 0.88 13.27
CA GLY D 394 6.73 1.28 14.54
C GLY D 394 5.33 1.85 14.42
N GLY D 395 4.95 2.31 13.24
CA GLY D 395 3.59 2.65 13.00
C GLY D 395 2.77 1.42 12.73
N PHE D 396 3.14 0.66 11.68
CA PHE D 396 2.32 -0.44 11.17
C PHE D 396 1.98 -1.46 12.24
N CYS D 397 2.92 -1.73 13.15
CA CYS D 397 2.63 -2.68 14.22
C CYS D 397 1.56 -2.19 15.17
N ILE D 398 1.30 -0.88 15.25
CA ILE D 398 0.22 -0.45 16.10
C ILE D 398 -1.12 -0.70 15.42
N VAL D 399 -1.17 -0.61 14.09
CA VAL D 399 -2.38 -1.01 13.39
C VAL D 399 -2.56 -2.51 13.48
N GLY D 400 -1.47 -3.27 13.53
CA GLY D 400 -1.61 -4.69 13.83
C GLY D 400 -2.15 -4.96 15.21
N ALA D 401 -1.87 -4.07 16.16
CA ALA D 401 -2.56 -4.16 17.45
C ALA D 401 -4.04 -3.86 17.31
N GLY D 402 -4.38 -2.82 16.53
CA GLY D 402 -5.76 -2.48 16.33
C GLY D 402 -6.54 -3.49 15.52
N ALA D 403 -5.85 -4.33 14.77
CA ALA D 403 -6.50 -5.40 14.02
C ALA D 403 -6.66 -6.62 14.89
N HIS D 404 -5.56 -7.10 15.48
CA HIS D 404 -5.64 -8.36 16.21
C HIS D 404 -6.34 -8.24 17.55
N ALA D 405 -6.49 -7.03 18.07
CA ALA D 405 -7.43 -6.85 19.17
C ALA D 405 -8.84 -7.12 18.69
N ALA D 406 -9.17 -6.65 17.49
CA ALA D 406 -10.50 -6.88 16.95
C ALA D 406 -10.69 -8.32 16.54
N ILE D 407 -9.62 -8.99 16.11
CA ILE D 407 -9.72 -10.40 15.75
C ILE D 407 -9.91 -11.23 16.99
N TYR D 408 -9.36 -10.78 18.12
CA TYR D 408 -9.77 -11.36 19.39
C TYR D 408 -11.26 -11.13 19.65
N MET D 409 -11.70 -9.87 19.50
CA MET D 409 -13.06 -9.53 19.90
C MET D 409 -14.13 -10.16 19.03
N VAL D 410 -13.81 -10.50 17.79
CA VAL D 410 -14.79 -11.14 16.92
C VAL D 410 -14.80 -12.65 17.11
N ARG D 411 -13.63 -13.27 17.02
CA ARG D 411 -13.56 -14.73 17.13
C ARG D 411 -13.57 -15.20 18.58
N ASP D 412 -12.54 -14.82 19.33
CA ASP D 412 -12.20 -15.53 20.56
C ASP D 412 -12.81 -14.91 21.81
N TYR D 413 -13.83 -14.08 21.64
CA TYR D 413 -14.52 -13.51 22.79
C TYR D 413 -15.53 -14.52 23.33
N SER D 414 -15.56 -14.67 24.64
CA SER D 414 -16.55 -15.54 25.28
C SER D 414 -17.04 -14.88 26.57
N PRO D 415 -18.32 -14.51 26.64
CA PRO D 415 -18.79 -13.73 27.79
C PRO D 415 -18.87 -14.52 29.09
N THR D 416 -18.73 -15.84 29.06
CA THR D 416 -18.76 -16.62 30.29
C THR D 416 -17.50 -16.42 31.11
N VAL D 417 -16.33 -16.49 30.45
CA VAL D 417 -15.07 -16.22 31.14
C VAL D 417 -14.89 -14.72 31.35
N ASN D 418 -15.65 -13.91 30.64
CA ASN D 418 -15.38 -12.48 30.50
C ASN D 418 -16.70 -11.77 30.80
N PHE D 419 -16.98 -11.54 32.09
CA PHE D 419 -18.34 -11.27 32.55
C PHE D 419 -18.56 -9.87 33.09
N ASN D 420 -17.82 -9.47 34.12
CA ASN D 420 -18.03 -8.15 34.70
C ASN D 420 -16.68 -7.52 34.99
N ASN D 421 -15.64 -8.00 34.32
CA ASN D 421 -14.27 -7.63 34.64
C ASN D 421 -13.90 -6.28 34.08
N VAL D 422 -12.59 -6.02 34.05
CA VAL D 422 -12.09 -4.76 33.56
C VAL D 422 -12.31 -4.61 32.06
N LEU D 423 -12.42 -5.73 31.33
CA LEU D 423 -12.53 -5.67 29.88
C LEU D 423 -13.87 -5.14 29.40
N ASP D 424 -14.93 -5.90 29.65
CA ASP D 424 -16.19 -5.60 28.98
C ASP D 424 -16.93 -4.44 29.65
N ARG D 425 -16.49 -4.03 30.83
CA ARG D 425 -17.03 -2.84 31.43
C ARG D 425 -16.65 -1.60 30.64
N MET D 426 -15.58 -1.65 29.85
CA MET D 426 -15.36 -0.64 28.81
C MET D 426 -16.48 -0.68 27.79
N ILE D 427 -16.79 -1.88 27.29
CA ILE D 427 -17.75 -2.05 26.21
C ILE D 427 -19.17 -1.69 26.65
N ARG D 428 -19.43 -1.68 27.95
CA ARG D 428 -20.68 -1.13 28.46
C ARG D 428 -20.78 0.36 28.19
N HIS D 429 -19.66 1.08 28.16
CA HIS D 429 -19.69 2.53 27.93
C HIS D 429 -18.78 2.91 26.78
N ARG D 430 -18.70 2.05 25.77
CA ARG D 430 -17.92 2.32 24.58
C ARG D 430 -18.45 3.50 23.79
N ASP D 431 -19.71 3.87 23.97
CA ASP D 431 -20.19 5.15 23.48
C ASP D 431 -19.46 6.30 24.15
N ALA D 432 -19.21 6.17 25.45
CA ALA D 432 -18.47 7.19 26.17
C ALA D 432 -16.97 7.10 25.95
N ILE D 433 -16.46 6.00 25.42
CA ILE D 433 -15.07 5.97 24.99
C ILE D 433 -14.92 6.71 23.66
N ILE D 434 -15.65 6.22 22.66
CA ILE D 434 -15.48 6.68 21.28
C ILE D 434 -16.01 8.10 21.11
N SER D 435 -16.99 8.50 21.92
CA SER D 435 -17.51 9.86 21.82
C SER D 435 -16.50 10.89 22.30
N HIS D 436 -15.72 10.54 23.31
CA HIS D 436 -14.73 11.50 23.79
C HIS D 436 -13.46 11.45 22.96
N LEU D 437 -13.16 10.31 22.34
CA LEU D 437 -12.16 10.34 21.29
C LEU D 437 -12.60 11.19 20.12
N ASN D 438 -13.89 11.18 19.81
CA ASN D 438 -14.44 12.02 18.76
C ASN D 438 -14.26 13.49 19.11
N TRP D 439 -14.52 13.85 20.37
CA TRP D 439 -14.35 15.23 20.79
C TRP D 439 -12.89 15.65 20.78
N VAL D 440 -11.99 14.78 21.25
CA VAL D 440 -10.57 15.12 21.28
C VAL D 440 -10.02 15.23 19.86
N CYS D 441 -10.53 14.41 18.94
CA CYS D 441 -10.10 14.52 17.56
C CYS D 441 -10.57 15.82 16.92
N ILE D 442 -11.79 16.27 17.23
CA ILE D 442 -12.22 17.53 16.63
C ILE D 442 -11.48 18.71 17.26
N PHE D 443 -11.32 18.66 18.58
CA PHE D 443 -10.65 19.74 19.30
C PHE D 443 -9.18 19.88 18.89
N LEU D 444 -8.50 18.76 18.71
CA LEU D 444 -7.12 18.82 18.26
C LEU D 444 -7.01 19.12 16.79
N GLY D 445 -8.00 18.76 15.99
CA GLY D 445 -7.95 19.10 14.58
C GLY D 445 -8.10 20.60 14.37
N MET D 446 -9.04 21.21 15.09
CA MET D 446 -9.14 22.66 15.09
C MET D 446 -7.86 23.30 15.62
N HIS D 447 -7.35 22.79 16.74
CA HIS D 447 -6.23 23.44 17.39
C HIS D 447 -4.88 22.84 17.00
N SER D 448 -4.82 22.20 15.84
CA SER D 448 -3.54 21.72 15.33
C SER D 448 -3.43 22.06 13.87
N PHE D 449 -4.57 22.16 13.20
CA PHE D 449 -4.56 22.49 11.80
C PHE D 449 -5.28 23.80 11.49
N GLY D 450 -6.24 24.19 12.33
CA GLY D 450 -6.81 25.53 12.20
C GLY D 450 -5.81 26.62 12.48
N LEU D 451 -4.78 26.32 13.27
CA LEU D 451 -3.69 27.27 13.44
C LEU D 451 -2.90 27.42 12.16
N TYR D 452 -2.80 26.35 11.37
CA TYR D 452 -2.09 26.44 10.10
C TYR D 452 -2.90 27.13 9.03
N ILE D 453 -4.22 26.95 9.04
CA ILE D 453 -5.02 27.75 8.13
C ILE D 453 -5.01 29.20 8.59
N HIS D 454 -4.88 29.43 9.90
CA HIS D 454 -4.79 30.79 10.42
C HIS D 454 -3.53 31.48 9.93
N ASN D 455 -2.37 30.88 10.19
CA ASN D 455 -1.11 31.48 9.75
C ASN D 455 -1.02 31.53 8.24
N ASP D 456 -1.67 30.58 7.58
CA ASP D 456 -1.77 30.56 6.14
C ASP D 456 -2.52 31.78 5.63
N THR D 457 -3.66 32.10 6.24
CA THR D 457 -4.43 33.25 5.81
C THR D 457 -3.73 34.56 6.19
N MET D 458 -3.26 34.66 7.43
CA MET D 458 -2.66 35.90 7.92
C MET D 458 -1.37 36.22 7.17
N ARG D 459 -0.60 35.20 6.81
CA ARG D 459 0.51 35.46 5.92
C ARG D 459 0.03 35.77 4.51
N ALA D 460 -1.06 35.13 4.08
CA ALA D 460 -1.58 35.44 2.76
C ALA D 460 -2.34 36.76 2.72
N LEU D 461 -2.96 37.17 3.83
CA LEU D 461 -3.63 38.46 3.90
C LEU D 461 -2.68 39.59 4.22
N GLY D 462 -1.38 39.34 4.26
CA GLY D 462 -0.42 40.39 4.52
C GLY D 462 -0.19 40.67 5.98
N ARG D 463 -1.23 40.55 6.80
CA ARG D 463 -1.15 40.82 8.23
C ARG D 463 -0.39 39.68 8.92
N ALA D 464 0.93 39.72 8.77
CA ALA D 464 1.80 38.80 9.48
C ALA D 464 1.94 39.13 10.95
N GLN D 465 1.37 40.25 11.40
CA GLN D 465 1.25 40.61 12.80
C GLN D 465 0.24 39.74 13.54
N ASP D 466 -0.58 38.98 12.81
CA ASP D 466 -1.63 38.15 13.38
C ASP D 466 -1.37 36.66 13.22
N MET D 467 -0.13 36.27 12.97
CA MET D 467 0.19 34.87 12.76
C MET D 467 0.47 34.21 14.10
N PHE D 468 1.06 33.01 14.08
CA PHE D 468 1.52 32.37 15.30
C PHE D 468 3.03 32.15 15.29
N SER D 469 3.79 33.16 14.89
CA SER D 469 5.23 33.07 14.89
C SER D 469 5.79 33.57 16.22
N ASP D 470 7.11 33.64 16.31
CA ASP D 470 7.75 34.23 17.48
C ASP D 470 7.56 35.74 17.51
N THR D 471 7.55 36.38 16.34
CA THR D 471 7.28 37.81 16.28
C THR D 471 5.80 38.10 16.53
N ALA D 472 4.93 37.28 15.96
CA ALA D 472 3.48 37.39 16.11
C ALA D 472 3.00 36.77 17.41
N ILE D 473 1.72 36.41 17.48
CA ILE D 473 1.11 35.83 18.67
C ILE D 473 1.78 34.51 18.96
N GLN D 474 2.64 34.47 19.96
CA GLN D 474 3.51 33.31 20.06
C GLN D 474 2.81 32.17 20.79
N LEU D 475 3.26 30.96 20.49
CA LEU D 475 2.79 29.75 21.14
C LEU D 475 4.00 28.92 21.56
N GLN D 476 4.93 29.57 22.26
CA GLN D 476 6.10 28.93 22.85
C GLN D 476 5.69 27.74 23.69
N PRO D 477 6.15 26.53 23.35
CA PRO D 477 5.85 25.36 24.16
C PRO D 477 6.50 25.45 25.53
N VAL D 478 5.66 25.60 26.54
CA VAL D 478 6.16 25.89 27.87
C VAL D 478 6.71 24.63 28.52
N PHE D 479 5.95 23.54 28.45
CA PHE D 479 6.28 22.34 29.20
C PHE D 479 7.52 21.64 28.64
N ALA D 480 7.62 21.56 27.31
CA ALA D 480 8.75 20.88 26.69
C ALA D 480 10.04 21.66 26.90
N GLN D 481 9.97 22.98 26.84
CA GLN D 481 11.15 23.78 27.13
C GLN D 481 11.53 23.70 28.59
N TRP D 482 10.55 23.58 29.49
CA TRP D 482 10.89 23.48 30.90
C TRP D 482 11.57 22.15 31.21
N ILE D 483 11.01 21.04 30.73
CA ILE D 483 11.62 19.76 31.08
C ILE D 483 12.90 19.55 30.30
N GLN D 484 13.04 20.16 29.13
CA GLN D 484 14.32 20.16 28.46
C GLN D 484 15.35 20.96 29.26
N GLN D 485 14.89 22.03 29.91
CA GLN D 485 15.78 22.76 30.80
C GLN D 485 16.13 21.94 32.05
N ILE D 486 15.24 21.05 32.48
CA ILE D 486 15.61 20.13 33.55
C ILE D 486 16.69 19.17 33.08
N HIS D 487 16.54 18.66 31.86
CA HIS D 487 17.55 17.78 31.28
C HIS D 487 18.88 18.47 31.04
N THR D 488 18.89 19.80 30.91
CA THR D 488 20.17 20.51 30.96
C THR D 488 20.79 20.41 32.35
N LEU D 489 19.97 20.53 33.38
CA LEU D 489 20.43 20.58 34.76
C LEU D 489 20.51 19.21 35.40
N ALA D 490 20.50 18.14 34.60
CA ALA D 490 20.66 16.80 35.15
C ALA D 490 22.07 16.50 35.66
N PRO D 491 23.15 16.56 34.84
CA PRO D 491 24.38 15.85 35.23
C PRO D 491 25.17 16.48 36.36
N GLY D 492 24.77 17.63 36.86
CA GLY D 492 25.41 18.14 38.06
C GLY D 492 24.51 17.94 39.26
N ASN D 493 23.20 18.17 39.06
CA ASN D 493 22.27 18.14 40.17
C ASN D 493 21.79 16.72 40.48
N THR D 494 21.05 16.11 39.56
CA THR D 494 20.31 14.90 39.86
C THR D 494 21.01 13.64 39.38
N ALA D 495 21.49 13.64 38.14
CA ALA D 495 22.42 12.60 37.70
C ALA D 495 23.78 12.97 38.26
N VAL D 496 24.00 12.57 39.52
CA VAL D 496 25.13 13.07 40.29
C VAL D 496 26.44 12.56 39.74
N ASN D 497 26.49 11.29 39.39
CA ASN D 497 27.73 10.70 38.89
C ASN D 497 27.87 10.82 37.39
N ALA D 498 26.99 11.57 36.72
CA ALA D 498 27.15 11.81 35.30
C ALA D 498 28.19 12.91 35.07
N LEU D 499 28.52 13.12 33.80
CA LEU D 499 29.31 14.27 33.40
C LEU D 499 28.55 15.16 32.43
N ALA D 500 28.05 14.61 31.34
CA ALA D 500 27.24 15.35 30.39
C ALA D 500 25.79 14.91 30.51
N THR D 501 24.93 15.54 29.72
CA THR D 501 23.50 15.33 29.83
C THR D 501 23.09 14.00 29.22
N ALA D 502 21.78 13.76 29.13
CA ALA D 502 21.29 12.56 28.47
C ALA D 502 21.51 12.62 26.98
N SER D 503 21.50 13.82 26.42
CA SER D 503 21.80 14.02 25.00
C SER D 503 22.30 15.43 24.81
N TYR D 504 22.80 15.69 23.61
CA TYR D 504 22.99 17.06 23.17
C TYR D 504 21.85 17.55 22.31
N ALA D 505 20.68 16.91 22.41
CA ALA D 505 19.43 17.53 22.02
C ALA D 505 18.82 18.32 23.15
N PHE D 506 19.44 18.25 24.32
CA PHE D 506 18.94 18.87 25.54
C PHE D 506 19.80 20.04 25.98
N GLY D 507 21.08 19.81 26.19
CA GLY D 507 21.88 20.68 27.01
C GLY D 507 22.91 21.53 26.30
N ALA D 508 24.15 21.09 26.34
CA ALA D 508 25.30 21.94 26.06
C ALA D 508 25.42 22.23 24.57
N ASP D 509 26.50 22.91 24.22
CA ASP D 509 26.75 23.30 22.84
C ASP D 509 27.05 22.05 22.00
N THR D 510 26.99 22.23 20.68
CA THR D 510 26.91 21.12 19.75
C THR D 510 28.20 20.31 19.71
N VAL D 511 28.06 19.09 19.20
CA VAL D 511 29.17 18.18 18.99
C VAL D 511 29.37 18.07 17.49
N THR D 512 30.59 18.37 17.03
CA THR D 512 30.92 18.30 15.62
C THR D 512 32.01 17.28 15.42
N VAL D 513 31.90 16.49 14.36
CA VAL D 513 32.90 15.50 13.98
C VAL D 513 33.17 15.68 12.49
N GLY D 514 34.39 16.08 12.15
CA GLY D 514 34.77 16.24 10.76
C GLY D 514 34.06 17.38 10.07
N SER D 515 33.84 18.50 10.78
CA SER D 515 33.06 19.66 10.33
C SER D 515 31.64 19.28 9.95
N LYS D 516 31.09 18.26 10.60
CA LYS D 516 29.70 17.86 10.42
C LYS D 516 29.04 17.85 11.78
N ILE D 517 27.88 18.50 11.86
CA ILE D 517 27.20 18.70 13.13
C ILE D 517 26.57 17.38 13.53
N ALA D 518 27.13 16.73 14.55
CA ALA D 518 26.57 15.45 14.99
C ALA D 518 25.26 15.66 15.73
N MET D 519 25.25 16.53 16.73
CA MET D 519 24.02 16.83 17.44
C MET D 519 24.08 18.25 17.98
N MET D 520 23.07 19.02 17.71
CA MET D 520 22.89 20.39 18.17
C MET D 520 21.69 20.43 19.10
N PRO D 521 21.74 21.24 20.17
CA PRO D 521 20.56 21.38 21.04
C PRO D 521 19.38 21.96 20.29
N ILE D 522 18.29 21.20 20.28
CA ILE D 522 17.14 21.51 19.46
C ILE D 522 16.30 22.57 20.16
N LYS D 523 15.99 23.64 19.45
CA LYS D 523 15.17 24.71 20.01
C LYS D 523 13.73 24.55 19.55
N LEU D 524 12.80 24.76 20.47
CA LEU D 524 11.39 24.44 20.26
C LEU D 524 10.60 25.72 20.48
N GLY D 525 10.27 26.43 19.41
CA GLY D 525 9.46 27.62 19.60
C GLY D 525 8.36 27.79 18.58
N THR D 526 7.10 27.74 19.06
CA THR D 526 5.85 28.21 18.46
C THR D 526 5.49 27.64 17.08
N ALA D 527 6.36 26.83 16.50
CA ALA D 527 6.06 26.08 15.30
C ALA D 527 6.20 24.60 15.56
N ASP D 528 7.27 24.22 16.25
CA ASP D 528 7.44 22.90 16.82
C ASP D 528 6.27 22.50 17.74
N PHE D 529 5.73 23.48 18.47
CA PHE D 529 4.51 23.35 19.25
C PHE D 529 3.35 22.80 18.43
N MET D 530 3.04 23.49 17.33
CA MET D 530 1.88 23.14 16.53
C MET D 530 2.08 21.82 15.81
N VAL D 531 3.33 21.46 15.50
CA VAL D 531 3.52 20.17 14.87
C VAL D 531 3.37 19.06 15.92
N HIS D 532 3.71 19.32 17.18
CA HIS D 532 3.37 18.33 18.20
C HIS D 532 1.88 18.18 18.39
N HIS D 533 1.12 19.22 18.13
CA HIS D 533 -0.31 19.02 18.16
C HIS D 533 -0.86 18.36 16.91
N ILE D 534 -0.17 18.48 15.77
CA ILE D 534 -0.44 17.56 14.65
C ILE D 534 -0.30 16.13 15.12
N HIS D 535 0.83 15.83 15.79
CA HIS D 535 1.13 14.45 16.12
C HIS D 535 0.15 13.92 17.15
N ALA D 536 -0.19 14.71 18.17
CA ALA D 536 -1.21 14.27 19.12
C ALA D 536 -2.57 14.13 18.46
N PHE D 537 -2.86 14.98 17.48
CA PHE D 537 -4.10 14.87 16.74
C PHE D 537 -4.19 13.58 15.93
N THR D 538 -3.27 13.38 15.00
CA THR D 538 -3.32 12.20 14.14
C THR D 538 -2.99 10.92 14.87
N ILE D 539 -2.39 11.00 16.07
CA ILE D 539 -2.36 9.83 16.93
C ILE D 539 -3.74 9.56 17.51
N HIS D 540 -4.45 10.61 17.93
CA HIS D 540 -5.79 10.39 18.45
C HIS D 540 -6.79 9.95 17.40
N VAL D 541 -6.55 10.23 16.13
CA VAL D 541 -7.50 9.73 15.15
C VAL D 541 -7.29 8.25 14.90
N THR D 542 -6.03 7.79 14.82
CA THR D 542 -5.79 6.36 14.71
C THR D 542 -6.25 5.63 15.96
N THR D 543 -6.15 6.27 17.12
CA THR D 543 -6.71 5.65 18.31
C THR D 543 -8.23 5.62 18.26
N LEU D 544 -8.84 6.59 17.58
CA LEU D 544 -10.28 6.56 17.39
C LEU D 544 -10.71 5.44 16.47
N ILE D 545 -9.99 5.24 15.36
CA ILE D 545 -10.43 4.23 14.42
C ILE D 545 -10.06 2.84 14.94
N LEU D 546 -9.00 2.73 15.71
CA LEU D 546 -8.57 1.44 16.21
C LEU D 546 -9.09 1.11 17.59
N LEU D 547 -9.83 2.03 18.23
CA LEU D 547 -10.70 1.65 19.33
C LEU D 547 -12.13 1.51 18.89
N LYS D 548 -12.54 2.23 17.86
CA LYS D 548 -13.83 1.98 17.25
C LYS D 548 -13.82 0.64 16.54
N GLY D 549 -12.66 0.21 16.06
CA GLY D 549 -12.57 -1.08 15.45
C GLY D 549 -12.59 -2.24 16.42
N VAL D 550 -12.43 -1.99 17.71
CA VAL D 550 -12.37 -3.04 18.71
C VAL D 550 -13.60 -3.03 19.61
N LEU D 551 -14.04 -1.86 20.04
CA LEU D 551 -15.22 -1.79 20.89
C LEU D 551 -16.48 -2.03 20.10
N TYR D 552 -16.50 -1.64 18.82
CA TYR D 552 -17.57 -2.00 17.91
C TYR D 552 -17.22 -3.19 17.03
N ALA D 553 -16.32 -4.05 17.50
CA ALA D 553 -15.94 -5.21 16.70
C ALA D 553 -17.01 -6.29 16.77
N ARG D 554 -17.43 -6.65 17.97
CA ARG D 554 -18.24 -7.86 18.06
C ARG D 554 -19.71 -7.58 17.83
N ASN D 555 -20.28 -6.59 18.53
CA ASN D 555 -21.71 -6.30 18.39
C ASN D 555 -21.87 -4.78 18.54
N SER D 556 -22.05 -4.09 17.42
CA SER D 556 -22.32 -2.67 17.47
C SER D 556 -23.79 -2.41 17.78
N ARG D 557 -24.17 -1.13 17.77
CA ARG D 557 -25.59 -0.77 17.79
C ARG D 557 -26.13 -0.53 16.40
N LEU D 558 -25.27 -0.28 15.42
CA LEU D 558 -25.71 -0.31 14.02
C LEU D 558 -26.02 -1.73 13.58
N ILE D 559 -25.01 -2.58 13.61
CA ILE D 559 -25.15 -3.98 13.25
C ILE D 559 -24.91 -4.80 14.52
N PRO D 560 -25.95 -5.41 15.09
CA PRO D 560 -25.82 -6.12 16.36
C PRO D 560 -25.43 -7.58 16.22
N ASP D 561 -25.04 -8.03 15.04
CA ASP D 561 -24.42 -9.35 14.89
C ASP D 561 -23.26 -9.23 13.90
N LYS D 562 -22.10 -8.86 14.42
CA LYS D 562 -20.90 -8.86 13.59
C LYS D 562 -20.07 -10.11 13.77
N ALA D 563 -20.10 -10.69 14.97
CA ALA D 563 -19.43 -11.97 15.18
C ALA D 563 -20.12 -13.08 14.40
N ASN D 564 -21.42 -12.94 14.15
CA ASN D 564 -22.11 -13.86 13.26
C ASN D 564 -21.75 -13.61 11.80
N LEU D 565 -21.25 -12.42 11.47
CA LEU D 565 -20.78 -12.15 10.12
C LEU D 565 -19.30 -12.38 9.94
N GLY D 566 -18.50 -12.10 10.97
CA GLY D 566 -17.08 -12.40 10.90
C GLY D 566 -16.19 -11.21 11.13
N PHE D 567 -14.95 -11.29 10.67
CA PHE D 567 -14.00 -10.19 10.74
C PHE D 567 -13.78 -9.51 9.40
N ARG D 568 -13.50 -10.27 8.35
CA ARG D 568 -13.29 -9.69 7.02
C ARG D 568 -14.55 -9.67 6.19
N PHE D 569 -15.71 -9.52 6.81
CA PHE D 569 -16.87 -9.33 5.96
C PHE D 569 -16.88 -7.90 5.42
N PRO D 570 -17.41 -7.67 4.23
CA PRO D 570 -17.31 -6.32 3.65
C PRO D 570 -18.24 -5.32 4.29
N CYS D 571 -19.43 -5.76 4.71
CA CYS D 571 -20.58 -4.88 4.85
C CYS D 571 -21.75 -5.63 5.43
N ASP D 572 -22.91 -4.99 5.49
CA ASP D 572 -24.16 -5.73 5.61
C ASP D 572 -25.01 -5.59 4.36
N GLY D 573 -25.20 -4.38 3.87
CA GLY D 573 -25.99 -4.15 2.69
C GLY D 573 -26.36 -2.70 2.56
N PRO D 574 -27.20 -2.36 1.58
CA PRO D 574 -27.73 -1.00 1.48
C PRO D 574 -28.73 -0.67 2.56
N GLY D 575 -29.17 -1.64 3.34
CA GLY D 575 -30.05 -1.36 4.45
C GLY D 575 -29.33 -0.57 5.54
N ARG D 576 -30.15 0.00 6.42
CA ARG D 576 -29.76 1.12 7.28
C ARG D 576 -29.25 2.29 6.46
N GLY D 577 -29.77 2.43 5.24
CA GLY D 577 -29.29 3.45 4.34
C GLY D 577 -27.91 3.24 3.78
N GLY D 578 -27.40 2.02 3.82
CA GLY D 578 -26.04 1.76 3.38
C GLY D 578 -25.14 1.41 4.55
N THR D 579 -24.61 0.21 4.57
CA THR D 579 -23.69 -0.20 5.62
C THR D 579 -22.42 -0.75 5.01
N CYS D 580 -21.87 -0.02 4.04
CA CYS D 580 -20.55 -0.30 3.54
C CYS D 580 -19.55 -0.16 4.66
N GLN D 581 -18.53 -1.01 4.64
CA GLN D 581 -17.23 -0.75 5.28
C GLN D 581 -17.40 -0.54 6.79
N VAL D 582 -17.84 -1.60 7.44
CA VAL D 582 -18.42 -1.44 8.77
C VAL D 582 -17.81 -2.48 9.68
N SER D 583 -17.11 -3.44 9.09
CA SER D 583 -16.52 -4.51 9.86
C SER D 583 -15.35 -4.01 10.68
N ALA D 584 -14.91 -4.84 11.61
CA ALA D 584 -13.73 -4.53 12.40
C ALA D 584 -12.46 -4.57 11.58
N TRP D 585 -12.49 -5.19 10.41
CA TRP D 585 -11.38 -5.10 9.48
C TRP D 585 -11.35 -3.75 8.78
N ASP D 586 -12.53 -3.20 8.50
CA ASP D 586 -12.61 -1.97 7.73
C ASP D 586 -12.12 -0.76 8.51
N HIS D 587 -12.20 -0.81 9.83
CA HIS D 587 -11.57 0.23 10.62
C HIS D 587 -10.05 0.14 10.52
N VAL D 588 -9.53 -1.05 10.34
CA VAL D 588 -8.08 -1.21 10.17
C VAL D 588 -7.66 -0.74 8.79
N PHE D 589 -8.52 -0.99 7.79
CA PHE D 589 -8.42 -0.35 6.49
C PHE D 589 -8.32 1.15 6.59
N LEU D 590 -9.07 1.77 7.50
CA LEU D 590 -8.98 3.22 7.64
C LEU D 590 -7.74 3.65 8.42
N GLY D 591 -7.42 2.92 9.49
CA GLY D 591 -6.25 3.23 10.28
C GLY D 591 -4.94 3.03 9.56
N LEU D 592 -4.93 2.35 8.43
CA LEU D 592 -3.70 2.32 7.63
C LEU D 592 -3.50 3.61 6.84
N PHE D 593 -4.59 4.22 6.35
CA PHE D 593 -4.44 5.53 5.74
C PHE D 593 -4.06 6.57 6.76
N TRP D 594 -4.67 6.50 7.94
CA TRP D 594 -4.25 7.42 8.98
C TRP D 594 -2.89 7.11 9.55
N MET D 595 -2.44 5.86 9.40
CA MET D 595 -1.05 5.58 9.67
C MET D 595 -0.15 6.31 8.70
N TYR D 596 -0.54 6.33 7.42
CA TYR D 596 0.24 7.02 6.41
C TYR D 596 0.26 8.51 6.67
N ASN D 597 -0.87 9.08 7.08
CA ASN D 597 -0.94 10.49 7.43
C ASN D 597 -0.04 10.80 8.61
N ALA D 598 -0.25 10.08 9.72
CA ALA D 598 0.39 10.40 10.99
C ALA D 598 1.90 10.25 10.90
N LEU D 599 2.37 9.18 10.29
CA LEU D 599 3.81 9.06 10.17
C LEU D 599 4.37 9.92 9.06
N SER D 600 3.58 10.24 8.03
CA SER D 600 4.09 11.13 7.00
C SER D 600 4.35 12.52 7.55
N ILE D 601 3.58 12.96 8.54
CA ILE D 601 3.88 14.27 9.13
C ILE D 601 4.79 14.14 10.35
N VAL D 602 4.96 12.93 10.91
CA VAL D 602 6.06 12.76 11.86
C VAL D 602 7.40 12.91 11.16
N ILE D 603 7.60 12.20 10.04
CA ILE D 603 8.90 12.33 9.38
C ILE D 603 8.98 13.65 8.64
N PHE D 604 7.86 14.24 8.23
CA PHE D 604 7.97 15.59 7.71
C PHE D 604 8.17 16.64 8.79
N HIS D 605 8.05 16.26 10.06
CA HIS D 605 8.56 17.13 11.11
C HIS D 605 10.02 16.89 11.36
N PHE D 606 10.42 15.63 11.29
CA PHE D 606 11.78 15.21 11.60
C PHE D 606 12.77 15.74 10.58
N SER D 607 12.61 15.32 9.34
CA SER D 607 13.51 15.62 8.25
C SER D 607 13.49 17.07 7.82
N TRP D 608 12.70 17.93 8.45
CA TRP D 608 12.77 19.33 8.13
C TRP D 608 13.06 20.20 9.33
N LYS D 609 12.75 19.76 10.54
CA LYS D 609 13.29 20.49 11.67
C LYS D 609 14.77 20.21 11.83
N MET D 610 15.20 18.98 11.56
CA MET D 610 16.62 18.67 11.65
C MET D 610 17.37 18.88 10.36
N GLN D 611 16.76 19.52 9.37
CA GLN D 611 17.54 20.14 8.30
C GLN D 611 17.57 21.64 8.46
N SER D 612 17.06 22.15 9.57
CA SER D 612 16.99 23.57 9.81
C SER D 612 17.60 23.91 11.15
N ASP D 613 17.49 22.98 12.10
CA ASP D 613 17.93 23.26 13.45
C ASP D 613 19.07 22.39 13.93
N VAL D 614 19.41 21.31 13.25
CA VAL D 614 20.50 20.47 13.74
C VAL D 614 21.59 20.32 12.70
N TRP D 615 21.27 19.69 11.58
CA TRP D 615 22.29 19.18 10.67
C TRP D 615 22.93 20.30 9.88
N GLY D 616 23.91 19.95 9.07
CA GLY D 616 24.70 20.90 8.33
C GLY D 616 26.16 20.80 8.71
N THR D 617 26.91 21.82 8.34
CA THR D 617 28.34 21.87 8.57
C THR D 617 28.69 23.00 9.53
N VAL D 618 29.93 22.96 10.00
CA VAL D 618 30.50 24.07 10.74
C VAL D 618 31.75 24.55 10.02
N THR D 619 31.98 25.85 10.10
CA THR D 619 33.04 26.55 9.41
C THR D 619 34.06 27.07 10.42
N SER D 620 34.95 27.93 9.95
CA SER D 620 36.00 28.52 10.78
C SER D 620 35.41 29.30 11.96
N ASN D 621 36.20 29.37 13.04
CA ASN D 621 35.83 29.99 14.32
C ASN D 621 34.57 29.38 14.93
N GLY D 622 34.30 28.11 14.65
CA GLY D 622 33.14 27.44 15.18
C GLY D 622 31.81 27.98 14.69
N ALA D 623 31.79 28.66 13.54
CA ALA D 623 30.58 29.27 13.04
C ALA D 623 29.64 28.21 12.47
N ILE D 624 28.38 28.60 12.30
CA ILE D 624 27.28 27.67 12.15
C ILE D 624 26.76 27.74 10.72
N SER D 625 26.20 26.62 10.24
CA SER D 625 25.57 26.56 8.92
C SER D 625 24.64 25.36 8.91
N HIS D 626 23.34 25.61 8.83
CA HIS D 626 22.40 24.51 8.67
C HIS D 626 22.14 24.26 7.20
N ILE D 627 21.37 23.22 6.92
CA ILE D 627 21.15 22.84 5.53
C ILE D 627 20.13 23.76 4.87
N THR D 628 18.96 23.91 5.49
CA THR D 628 18.05 24.95 5.01
C THR D 628 18.41 26.31 5.60
N GLY D 629 19.21 26.34 6.67
CA GLY D 629 19.61 27.58 7.28
C GLY D 629 18.58 28.20 8.19
N GLY D 630 18.22 27.51 9.27
CA GLY D 630 17.30 28.04 10.25
C GLY D 630 15.89 28.29 9.76
N ASN D 631 15.51 27.65 8.67
CA ASN D 631 14.28 28.00 7.96
C ASN D 631 13.14 27.08 8.37
N PHE D 632 12.87 27.05 9.67
CA PHE D 632 11.76 26.25 10.19
C PHE D 632 10.69 27.12 10.84
N ALA D 633 11.03 27.88 11.88
CA ALA D 633 10.03 28.57 12.67
C ALA D 633 9.37 29.71 11.94
N GLN D 634 10.05 30.30 10.95
CA GLN D 634 9.40 31.27 10.09
C GLN D 634 8.64 30.62 8.94
N SER D 635 8.70 29.30 8.82
CA SER D 635 8.15 28.63 7.66
C SER D 635 7.31 27.41 7.97
N ALA D 636 7.48 26.77 9.13
CA ALA D 636 6.62 25.67 9.51
C ALA D 636 5.27 26.12 10.00
N ILE D 637 5.13 27.41 10.32
CA ILE D 637 3.91 27.94 10.86
C ILE D 637 2.80 27.98 9.82
N THR D 638 3.15 28.07 8.55
CA THR D 638 2.17 28.03 7.48
C THR D 638 2.19 26.68 6.81
N ILE D 639 1.48 26.58 5.70
CA ILE D 639 1.51 25.43 4.83
C ILE D 639 2.21 25.73 3.51
N ASN D 640 2.04 26.95 3.00
CA ASN D 640 2.82 27.39 1.86
C ASN D 640 4.30 27.45 2.19
N GLY D 641 4.63 27.78 3.43
CA GLY D 641 6.00 27.63 3.87
C GLY D 641 6.39 26.17 4.00
N TRP D 642 5.44 25.32 4.34
CA TRP D 642 5.70 23.90 4.51
C TRP D 642 5.84 23.21 3.16
N LEU D 643 4.90 23.48 2.26
CA LEU D 643 4.85 22.85 0.95
C LEU D 643 5.88 23.46 0.02
N ARG D 644 5.94 24.79 -0.03
CA ARG D 644 6.98 25.50 -0.75
C ARG D 644 8.35 25.17 -0.20
N ASP D 645 8.58 25.61 1.02
CA ASP D 645 9.92 25.64 1.57
C ASP D 645 10.39 24.26 2.00
N PHE D 646 9.48 23.30 2.08
CA PHE D 646 9.90 21.92 2.27
C PHE D 646 9.64 21.06 1.04
N LEU D 647 8.39 20.87 0.63
CA LEU D 647 8.18 19.91 -0.44
C LEU D 647 8.50 20.45 -1.82
N TRP D 648 8.56 21.77 -1.99
CA TRP D 648 9.03 22.25 -3.29
C TRP D 648 10.54 22.35 -3.32
N ALA D 649 11.15 22.71 -2.20
CA ALA D 649 12.58 23.00 -2.18
C ALA D 649 13.42 21.76 -1.94
N GLN D 650 13.00 20.88 -1.02
CA GLN D 650 13.77 19.66 -0.78
C GLN D 650 13.56 18.62 -1.88
N ALA D 651 12.57 18.81 -2.75
CA ALA D 651 12.40 17.87 -3.85
C ALA D 651 13.47 18.08 -4.91
N SER D 652 14.05 19.29 -4.97
CA SER D 652 14.90 19.72 -6.08
C SER D 652 16.15 18.86 -6.26
N GLN D 653 16.56 18.14 -5.24
CA GLN D 653 17.68 17.23 -5.36
C GLN D 653 17.23 15.81 -5.69
N VAL D 654 15.94 15.55 -5.63
CA VAL D 654 15.39 14.30 -6.15
C VAL D 654 15.04 14.45 -7.62
N ILE D 655 14.66 15.66 -8.01
CA ILE D 655 14.10 15.89 -9.34
C ILE D 655 15.18 16.13 -10.37
N GLN D 656 16.25 16.83 -9.98
CA GLN D 656 17.38 17.03 -10.86
C GLN D 656 18.36 15.87 -10.84
N SER D 657 17.95 14.71 -10.34
CA SER D 657 18.86 13.61 -10.07
C SER D 657 19.16 12.76 -11.28
N TYR D 658 18.67 13.11 -12.47
CA TYR D 658 18.94 12.29 -13.63
C TYR D 658 20.37 12.44 -14.11
N GLY D 659 20.80 11.46 -14.90
CA GLY D 659 22.16 11.42 -15.39
C GLY D 659 23.19 11.11 -14.33
N SER D 660 22.78 10.71 -13.14
CA SER D 660 23.66 10.53 -12.02
C SER D 660 23.22 9.29 -11.25
N SER D 661 23.95 9.01 -10.17
CA SER D 661 23.69 7.83 -9.37
C SER D 661 22.45 7.96 -8.50
N LEU D 662 21.90 9.16 -8.36
CA LEU D 662 20.67 9.38 -7.63
C LEU D 662 19.44 9.23 -8.50
N SER D 663 19.60 8.78 -9.73
CA SER D 663 18.48 8.71 -10.64
C SER D 663 17.57 7.52 -10.39
N ALA D 664 18.05 6.51 -9.67
CA ALA D 664 17.17 5.41 -9.31
C ALA D 664 16.14 5.85 -8.28
N TYR D 665 16.47 6.86 -7.49
CA TYR D 665 15.44 7.48 -6.67
C TYR D 665 14.55 8.37 -7.51
N GLY D 666 15.08 8.92 -8.60
CA GLY D 666 14.26 9.60 -9.58
C GLY D 666 13.36 8.68 -10.38
N LEU D 667 13.58 7.38 -10.31
CA LEU D 667 12.66 6.40 -10.85
C LEU D 667 11.72 5.86 -9.80
N MET D 668 12.21 5.57 -8.59
CA MET D 668 11.38 5.15 -7.48
C MET D 668 10.62 6.30 -6.84
N PHE D 669 10.70 7.48 -7.40
CA PHE D 669 9.91 8.63 -7.00
C PHE D 669 8.67 8.71 -7.88
N LEU D 670 8.88 8.66 -9.19
CA LEU D 670 7.76 8.74 -10.12
C LEU D 670 6.95 7.45 -10.12
N GLY D 671 7.63 6.30 -10.04
CA GLY D 671 6.91 5.05 -9.99
C GLY D 671 6.13 4.89 -8.70
N ALA D 672 6.58 5.52 -7.63
CA ALA D 672 5.82 5.48 -6.40
C ALA D 672 4.67 6.47 -6.41
N HIS D 673 4.80 7.58 -7.15
CA HIS D 673 3.62 8.37 -7.45
C HIS D 673 2.63 7.58 -8.29
N PHE D 674 3.14 6.70 -9.16
CA PHE D 674 2.25 5.85 -9.95
C PHE D 674 1.50 4.86 -9.10
N VAL D 675 2.20 4.20 -8.16
CA VAL D 675 1.53 3.19 -7.35
C VAL D 675 0.55 3.86 -6.40
N TRP D 676 0.93 5.02 -5.84
CA TRP D 676 0.01 5.80 -5.01
C TRP D 676 -1.23 6.17 -5.79
N ALA D 677 -1.04 6.66 -7.01
CA ALA D 677 -2.20 7.05 -7.80
C ALA D 677 -2.97 5.84 -8.31
N PHE D 678 -2.31 4.69 -8.36
CA PHE D 678 -2.92 3.48 -8.85
C PHE D 678 -3.78 2.81 -7.80
N SER D 679 -3.56 3.14 -6.52
CA SER D 679 -4.41 2.62 -5.47
C SER D 679 -5.83 3.16 -5.58
N LEU D 680 -5.97 4.38 -6.10
CA LEU D 680 -7.25 5.07 -6.06
C LEU D 680 -8.28 4.38 -6.93
N MET D 681 -7.81 3.70 -7.98
CA MET D 681 -8.69 2.88 -8.80
C MET D 681 -9.33 1.77 -7.98
N PHE D 682 -8.56 1.18 -7.07
CA PHE D 682 -9.14 0.14 -6.23
C PHE D 682 -9.99 0.71 -5.12
N LEU D 683 -9.62 1.86 -4.59
CA LEU D 683 -10.35 2.41 -3.45
C LEU D 683 -11.71 2.95 -3.85
N PHE D 684 -11.80 3.59 -5.02
CA PHE D 684 -13.00 4.34 -5.31
C PHE D 684 -14.08 3.48 -5.93
N SER D 685 -13.68 2.65 -6.89
CA SER D 685 -14.63 1.81 -7.60
C SER D 685 -14.94 0.57 -6.77
N GLY D 686 -15.72 -0.32 -7.36
CA GLY D 686 -16.00 -1.57 -6.68
C GLY D 686 -16.36 -2.65 -7.68
N ARG D 687 -16.46 -3.87 -7.16
CA ARG D 687 -16.56 -5.02 -8.04
C ARG D 687 -17.91 -5.11 -8.76
N GLY D 688 -18.90 -4.31 -8.38
CA GLY D 688 -20.12 -4.26 -9.17
C GLY D 688 -19.92 -3.58 -10.51
N TYR D 689 -18.87 -2.80 -10.65
CA TYR D 689 -18.45 -2.36 -11.97
C TYR D 689 -17.61 -3.42 -12.65
N TRP D 690 -16.51 -3.81 -12.00
CA TRP D 690 -15.48 -4.60 -12.63
C TRP D 690 -15.93 -6.01 -12.95
N GLN D 691 -17.00 -6.48 -12.32
CA GLN D 691 -17.38 -7.87 -12.53
C GLN D 691 -18.04 -8.06 -13.90
N GLU D 692 -18.85 -7.11 -14.34
CA GLU D 692 -19.39 -7.23 -15.68
C GLU D 692 -18.67 -6.38 -16.71
N LEU D 693 -17.74 -5.53 -16.29
CA LEU D 693 -16.69 -5.15 -17.23
C LEU D 693 -15.91 -6.39 -17.64
N ILE D 694 -15.45 -7.15 -16.65
CA ILE D 694 -14.72 -8.39 -16.90
C ILE D 694 -15.57 -9.38 -17.65
N GLU D 695 -16.86 -9.50 -17.31
CA GLU D 695 -17.69 -10.47 -18.02
C GLU D 695 -17.99 -10.00 -19.44
N SER D 696 -18.02 -8.69 -19.67
CA SER D 696 -18.04 -8.20 -21.04
C SER D 696 -16.74 -8.51 -21.78
N ILE D 697 -15.64 -8.73 -21.07
CA ILE D 697 -14.45 -9.25 -21.75
C ILE D 697 -14.54 -10.78 -21.92
N VAL D 698 -15.23 -11.47 -21.01
CA VAL D 698 -15.42 -12.91 -21.08
C VAL D 698 -16.26 -13.27 -22.29
N TRP D 699 -17.12 -12.35 -22.74
CA TRP D 699 -17.72 -12.52 -24.07
C TRP D 699 -16.66 -12.59 -25.15
N ALA D 700 -15.65 -11.71 -25.07
CA ALA D 700 -14.61 -11.73 -26.07
C ALA D 700 -13.65 -12.90 -25.94
N HIS D 701 -13.71 -13.64 -24.84
CA HIS D 701 -12.99 -14.90 -24.83
C HIS D 701 -13.84 -16.07 -25.26
N ASN D 702 -15.13 -16.05 -24.91
CA ASN D 702 -16.06 -17.07 -25.35
C ASN D 702 -16.27 -17.05 -26.86
N LYS D 703 -16.02 -15.90 -27.50
CA LYS D 703 -16.15 -15.85 -28.95
C LYS D 703 -14.98 -16.56 -29.62
N LEU D 704 -13.78 -16.45 -29.03
CA LEU D 704 -12.61 -17.07 -29.61
C LEU D 704 -12.20 -18.35 -28.90
N LYS D 705 -13.10 -18.92 -28.09
CA LYS D 705 -12.89 -20.16 -27.33
C LYS D 705 -11.73 -20.07 -26.35
N VAL D 706 -11.47 -18.89 -25.80
CA VAL D 706 -10.35 -18.72 -24.89
C VAL D 706 -10.95 -18.54 -23.50
N ALA D 707 -12.07 -19.21 -23.26
CA ALA D 707 -12.72 -19.15 -21.96
C ALA D 707 -11.83 -19.79 -20.91
N PRO D 708 -11.39 -19.06 -19.89
CA PRO D 708 -10.56 -19.68 -18.86
C PRO D 708 -11.40 -20.56 -17.95
N ALA D 709 -10.86 -21.73 -17.63
CA ALA D 709 -11.66 -22.73 -16.93
C ALA D 709 -11.89 -22.34 -15.47
N ILE D 710 -10.87 -21.80 -14.82
CA ILE D 710 -11.12 -21.05 -13.60
C ILE D 710 -11.85 -19.79 -13.99
N ALA D 711 -13.05 -19.59 -13.46
CA ALA D 711 -13.90 -18.52 -13.93
C ALA D 711 -13.37 -17.18 -13.46
N PRO D 712 -13.22 -16.22 -14.35
CA PRO D 712 -12.58 -14.96 -14.00
C PRO D 712 -13.51 -13.99 -13.29
N ARG D 713 -13.60 -14.10 -11.98
CA ARG D 713 -14.32 -13.07 -11.27
C ARG D 713 -13.44 -11.83 -11.12
N ALA D 714 -14.07 -10.75 -10.69
CA ALA D 714 -13.29 -9.62 -10.19
C ALA D 714 -12.81 -9.94 -8.77
N LEU D 715 -12.12 -9.00 -8.16
CA LEU D 715 -11.77 -9.16 -6.76
C LEU D 715 -13.02 -9.05 -5.90
N SER D 716 -12.92 -9.58 -4.69
CA SER D 716 -13.99 -9.34 -3.71
C SER D 716 -13.88 -7.91 -3.19
N ILE D 717 -14.78 -7.55 -2.29
CA ILE D 717 -14.79 -6.18 -1.81
C ILE D 717 -13.63 -5.93 -0.87
N THR D 718 -13.44 -6.81 0.10
CA THR D 718 -12.38 -6.62 1.09
C THR D 718 -11.01 -6.78 0.46
N GLN D 719 -10.87 -7.62 -0.55
CA GLN D 719 -9.61 -7.61 -1.27
C GLN D 719 -9.50 -6.36 -2.11
N GLY D 720 -10.59 -5.96 -2.74
CA GLY D 720 -10.64 -4.75 -3.54
C GLY D 720 -10.60 -3.46 -2.77
N ARG D 721 -10.37 -3.50 -1.47
CA ARG D 721 -9.97 -2.35 -0.70
C ARG D 721 -8.68 -2.57 0.06
N ALA D 722 -8.39 -3.81 0.45
CA ALA D 722 -7.08 -4.16 1.01
C ALA D 722 -5.96 -3.90 0.02
N VAL D 723 -6.23 -4.08 -1.27
CA VAL D 723 -5.18 -3.82 -2.24
C VAL D 723 -5.03 -2.33 -2.47
N GLY D 724 -6.09 -1.56 -2.25
CA GLY D 724 -5.97 -0.12 -2.30
C GLY D 724 -5.17 0.43 -1.15
N VAL D 725 -5.28 -0.19 0.02
CA VAL D 725 -4.37 0.13 1.11
C VAL D 725 -2.95 -0.25 0.73
N ALA D 726 -2.75 -1.47 0.26
CA ALA D 726 -1.39 -1.93 0.05
C ALA D 726 -0.71 -1.32 -1.16
N HIS D 727 -1.43 -0.57 -2.00
CA HIS D 727 -0.77 0.27 -2.98
C HIS D 727 -0.64 1.70 -2.54
N TYR D 728 -1.62 2.17 -1.76
CA TYR D 728 -1.57 3.52 -1.24
C TYR D 728 -0.38 3.68 -0.32
N LEU D 729 -0.07 2.63 0.43
CA LEU D 729 1.07 2.65 1.33
C LEU D 729 2.37 2.34 0.62
N LEU D 730 2.37 1.45 -0.38
CA LEU D 730 3.63 1.16 -1.05
C LEU D 730 4.06 2.35 -1.89
N GLY D 731 3.13 2.91 -2.64
CA GLY D 731 3.47 4.10 -3.41
C GLY D 731 3.67 5.31 -2.53
N GLY D 732 2.82 5.47 -1.51
CA GLY D 732 2.94 6.62 -0.64
C GLY D 732 4.20 6.60 0.21
N ILE D 733 4.60 5.42 0.67
CA ILE D 733 5.81 5.30 1.47
C ILE D 733 7.05 5.36 0.60
N ALA D 734 7.00 4.77 -0.59
CA ALA D 734 8.17 4.82 -1.45
C ALA D 734 8.40 6.18 -2.09
N THR D 735 7.37 7.05 -2.15
CA THR D 735 7.61 8.44 -2.52
C THR D 735 8.51 9.14 -1.51
N THR D 736 8.15 9.06 -0.22
CA THR D 736 8.95 9.72 0.79
C THR D 736 10.28 9.02 0.98
N TRP D 737 10.33 7.73 0.68
CA TRP D 737 11.59 7.01 0.68
C TRP D 737 12.56 7.58 -0.34
N ALA D 738 12.12 7.67 -1.60
CA ALA D 738 12.99 8.15 -2.66
C ALA D 738 13.29 9.63 -2.50
N PHE D 739 12.31 10.39 -2.03
CA PHE D 739 12.49 11.80 -1.74
C PHE D 739 13.50 12.03 -0.63
N PHE D 740 13.45 11.20 0.40
CA PHE D 740 14.32 11.42 1.54
C PHE D 740 15.75 11.00 1.25
N LEU D 741 15.92 9.80 0.72
CA LEU D 741 17.28 9.35 0.46
C LEU D 741 17.91 10.13 -0.69
N ALA D 742 17.12 10.52 -1.69
CA ALA D 742 17.67 11.39 -2.71
C ALA D 742 17.88 12.81 -2.22
N ARG D 743 17.23 13.21 -1.13
CA ARG D 743 17.53 14.53 -0.59
C ARG D 743 18.85 14.52 0.18
N ILE D 744 19.00 13.59 1.12
CA ILE D 744 20.13 13.68 2.03
C ILE D 744 21.39 13.03 1.47
N ILE D 745 21.28 12.07 0.55
CA ILE D 745 22.48 11.59 -0.12
C ILE D 745 23.08 12.68 -0.99
N ALA D 746 22.24 13.53 -1.59
CA ALA D 746 22.71 14.59 -2.48
C ALA D 746 23.49 15.67 -1.75
N VAL D 747 23.36 15.78 -0.42
CA VAL D 747 24.15 16.74 0.34
C VAL D 747 24.99 16.04 1.39
N GLY D 748 24.35 15.35 2.32
CA GLY D 748 25.07 14.74 3.43
C GLY D 748 25.80 13.47 3.07
N ALA E 2 -44.68 17.23 -0.41
CA ALA E 2 -45.86 18.08 -0.54
C ALA E 2 -46.07 18.94 0.69
N THR E 3 -46.19 18.30 1.84
CA THR E 3 -46.35 19.00 3.10
C THR E 3 -45.02 19.16 3.86
N LYS E 4 -44.06 18.28 3.59
CA LYS E 4 -42.77 18.33 4.27
C LYS E 4 -41.76 19.23 3.57
N PHE E 5 -40.47 18.87 3.65
CA PHE E 5 -39.45 19.66 3.00
C PHE E 5 -39.56 19.52 1.50
N PRO E 6 -39.46 18.29 1.00
CA PRO E 6 -39.58 18.05 -0.44
C PRO E 6 -41.03 18.28 -0.84
N LYS E 7 -41.36 19.52 -1.19
CA LYS E 7 -42.72 19.86 -1.55
C LYS E 7 -43.07 19.23 -2.88
N PHE E 8 -42.41 18.13 -3.25
CA PHE E 8 -42.79 17.56 -4.52
C PHE E 8 -42.98 16.05 -4.48
N SER E 9 -42.31 15.37 -3.56
CA SER E 9 -42.43 13.92 -3.46
C SER E 9 -42.60 13.52 -2.01
N GLN E 10 -43.70 12.84 -1.70
CA GLN E 10 -44.01 12.45 -0.34
C GLN E 10 -43.25 11.22 0.13
N ALA E 11 -42.52 10.56 -0.78
CA ALA E 11 -41.72 9.40 -0.37
C ALA E 11 -40.49 9.82 0.43
N LEU E 12 -40.11 11.09 0.38
CA LEU E 12 -38.99 11.60 1.15
C LEU E 12 -39.43 12.42 2.35
N ALA E 13 -40.62 13.02 2.30
CA ALA E 13 -41.12 13.78 3.44
C ALA E 13 -41.46 12.88 4.62
N SER E 14 -41.71 11.60 4.38
CA SER E 14 -42.00 10.66 5.45
C SER E 14 -40.76 10.31 6.26
N ASP E 15 -39.56 10.59 5.73
CA ASP E 15 -38.32 10.16 6.35
C ASP E 15 -37.88 11.19 7.39
N PRO E 16 -37.90 10.87 8.68
CA PRO E 16 -37.54 11.87 9.69
C PRO E 16 -36.05 12.13 9.82
N THR E 17 -35.21 11.49 9.01
CA THR E 17 -33.78 11.66 9.09
C THR E 17 -33.37 12.93 8.34
N THR E 18 -32.08 13.10 8.12
CA THR E 18 -31.59 14.14 7.24
C THR E 18 -31.45 13.67 5.81
N ARG E 19 -31.96 12.49 5.49
CA ARG E 19 -32.03 12.09 4.09
C ARG E 19 -32.99 12.98 3.31
N ARG E 20 -34.08 13.42 3.94
CA ARG E 20 -35.07 14.27 3.28
C ARG E 20 -34.47 15.58 2.79
N ILE E 21 -33.42 16.06 3.45
CA ILE E 21 -32.76 17.27 3.01
C ILE E 21 -31.91 17.01 1.78
N TRP E 22 -31.03 16.01 1.84
CA TRP E 22 -30.07 15.82 0.76
C TRP E 22 -30.74 15.25 -0.49
N TYR E 23 -31.64 14.29 -0.32
CA TYR E 23 -32.40 13.82 -1.47
C TYR E 23 -33.49 14.79 -1.86
N GLY E 24 -33.95 15.64 -0.93
CA GLY E 24 -34.86 16.69 -1.30
C GLY E 24 -34.21 17.76 -2.15
N ILE E 25 -32.90 17.93 -1.99
CA ILE E 25 -32.15 18.86 -2.83
C ILE E 25 -31.79 18.19 -4.15
N ALA E 26 -31.29 16.97 -4.11
CA ALA E 26 -30.73 16.33 -5.29
C ALA E 26 -31.77 15.74 -6.23
N THR E 27 -33.04 15.67 -5.82
CA THR E 27 -34.10 15.23 -6.71
C THR E 27 -35.07 16.36 -7.02
N ALA E 28 -34.64 17.60 -6.80
CA ALA E 28 -35.52 18.74 -7.01
C ALA E 28 -35.76 18.98 -8.50
N HIS E 29 -34.81 18.60 -9.33
CA HIS E 29 -34.91 18.86 -10.75
C HIS E 29 -35.22 17.61 -11.55
N ASP E 30 -35.24 16.44 -10.92
CA ASP E 30 -35.64 15.22 -11.61
C ASP E 30 -37.14 15.24 -11.82
N PHE E 31 -37.59 15.90 -12.89
CA PHE E 31 -39.03 16.10 -13.06
C PHE E 31 -39.73 14.85 -13.56
N GLU E 32 -38.99 13.90 -14.12
CA GLU E 32 -39.61 12.68 -14.61
C GLU E 32 -40.05 11.75 -13.49
N SER E 33 -39.47 11.89 -12.30
CA SER E 33 -39.82 11.05 -11.17
C SER E 33 -40.21 11.95 -10.00
N HIS E 34 -41.46 12.40 -10.00
CA HIS E 34 -42.04 13.10 -8.87
C HIS E 34 -43.32 12.38 -8.46
N ASP E 35 -44.11 13.01 -7.58
CA ASP E 35 -45.32 12.34 -7.10
C ASP E 35 -46.40 12.32 -8.17
N GLY E 36 -46.85 13.49 -8.60
CA GLY E 36 -47.96 13.54 -9.52
C GLY E 36 -47.74 14.46 -10.70
N MET E 37 -46.48 14.62 -11.10
CA MET E 37 -46.15 15.50 -12.22
C MET E 37 -46.25 14.70 -13.50
N THR E 38 -47.32 14.97 -14.24
CA THR E 38 -47.68 14.20 -15.43
C THR E 38 -46.85 14.66 -16.63
N GLU E 39 -47.28 14.27 -17.83
CA GLU E 39 -46.49 14.54 -19.02
C GLU E 39 -46.54 16.01 -19.41
N GLU E 40 -47.75 16.59 -19.47
CA GLU E 40 -47.87 18.01 -19.80
C GLU E 40 -47.27 18.87 -18.70
N ASN E 41 -47.43 18.46 -17.45
CA ASN E 41 -46.91 19.20 -16.32
C ASN E 41 -45.40 19.16 -16.23
N LEU E 42 -44.75 18.23 -16.93
CA LEU E 42 -43.29 18.27 -17.00
C LEU E 42 -42.82 19.34 -17.98
N TYR E 43 -43.27 19.23 -19.23
CA TYR E 43 -42.85 20.16 -20.29
C TYR E 43 -43.24 21.59 -19.96
N GLN E 44 -44.38 21.78 -19.32
CA GLN E 44 -44.76 23.11 -18.88
C GLN E 44 -43.94 23.61 -17.70
N LYS E 45 -43.21 22.73 -17.02
CA LYS E 45 -42.25 23.20 -16.03
C LYS E 45 -40.88 23.48 -16.62
N ILE E 46 -40.41 22.61 -17.52
CA ILE E 46 -39.07 22.84 -18.07
C ILE E 46 -39.08 24.00 -19.04
N PHE E 47 -40.22 24.29 -19.65
CA PHE E 47 -40.28 25.43 -20.54
C PHE E 47 -40.22 26.74 -19.77
N ALA E 48 -40.64 26.74 -18.51
CA ALA E 48 -40.48 27.93 -17.68
C ALA E 48 -39.09 28.00 -17.09
N SER E 49 -38.54 26.85 -16.67
CA SER E 49 -37.23 26.88 -16.05
C SER E 49 -36.11 27.14 -17.04
N HIS E 50 -36.33 26.85 -18.33
CA HIS E 50 -35.39 27.33 -19.35
C HIS E 50 -35.36 28.85 -19.39
N PHE E 51 -36.52 29.50 -19.24
CA PHE E 51 -36.55 30.96 -19.17
C PHE E 51 -35.83 31.47 -17.92
N GLY E 52 -36.02 30.78 -16.79
CA GLY E 52 -35.27 31.16 -15.59
C GLY E 52 -33.78 31.00 -15.78
N HIS E 53 -33.37 29.96 -16.49
CA HIS E 53 -31.96 29.70 -16.73
C HIS E 53 -31.34 30.75 -17.64
N LEU E 54 -32.02 31.07 -18.75
CA LEU E 54 -31.50 32.10 -19.65
C LEU E 54 -31.49 33.45 -18.98
N ALA E 55 -32.44 33.69 -18.07
CA ALA E 55 -32.38 34.87 -17.24
C ALA E 55 -31.15 34.87 -16.35
N ILE E 56 -30.69 33.69 -15.91
CA ILE E 56 -29.46 33.66 -15.13
C ILE E 56 -28.24 33.91 -16.01
N ILE E 57 -28.26 33.44 -17.27
CA ILE E 57 -27.17 33.74 -18.20
C ILE E 57 -27.07 35.24 -18.44
N PHE E 58 -28.20 35.90 -18.72
CA PHE E 58 -28.09 37.32 -19.01
C PHE E 58 -27.92 38.18 -17.78
N LEU E 59 -28.32 37.71 -16.59
CA LEU E 59 -27.89 38.38 -15.38
C LEU E 59 -26.39 38.25 -15.16
N TRP E 60 -25.82 37.12 -15.57
CA TRP E 60 -24.37 36.94 -15.48
C TRP E 60 -23.62 37.86 -16.43
N THR E 61 -24.04 37.91 -17.69
CA THR E 61 -23.37 38.79 -18.66
C THR E 61 -23.59 40.25 -18.35
N SER E 62 -24.77 40.61 -17.83
CA SER E 62 -24.96 41.96 -17.35
C SER E 62 -24.13 42.23 -16.10
N GLY E 63 -23.77 41.17 -15.37
CA GLY E 63 -22.83 41.34 -14.28
C GLY E 63 -21.45 41.70 -14.77
N ASN E 64 -20.98 41.01 -15.82
CA ASN E 64 -19.67 41.33 -16.37
C ASN E 64 -19.66 42.71 -17.02
N LEU E 65 -20.73 43.04 -17.74
CA LEU E 65 -20.89 44.38 -18.27
C LEU E 65 -20.94 45.43 -17.18
N PHE E 66 -21.49 45.08 -16.03
CA PHE E 66 -21.61 46.08 -14.98
C PHE E 66 -20.30 46.29 -14.26
N HIS E 67 -19.55 45.23 -13.99
CA HIS E 67 -18.30 45.41 -13.27
C HIS E 67 -17.21 45.99 -14.17
N VAL E 68 -17.18 45.57 -15.43
CA VAL E 68 -16.26 46.21 -16.35
C VAL E 68 -16.69 47.65 -16.61
N ALA E 69 -18.00 47.90 -16.63
CA ALA E 69 -18.51 49.26 -16.81
C ALA E 69 -18.22 50.14 -15.62
N TRP E 70 -18.08 49.57 -14.44
CA TRP E 70 -18.14 50.35 -13.22
C TRP E 70 -16.88 50.26 -12.37
N GLN E 71 -16.16 49.14 -12.43
CA GLN E 71 -14.97 48.97 -11.63
C GLN E 71 -13.73 48.62 -12.42
N GLY E 72 -13.88 48.18 -13.67
CA GLY E 72 -12.74 47.87 -14.49
C GLY E 72 -12.07 49.11 -15.04
N ASN E 73 -10.98 48.88 -15.77
CA ASN E 73 -10.24 49.96 -16.39
C ASN E 73 -10.33 49.83 -17.90
N PHE E 74 -11.55 49.62 -18.40
CA PHE E 74 -11.74 49.12 -19.75
C PHE E 74 -11.28 50.10 -20.82
N GLU E 75 -11.71 51.35 -20.75
CA GLU E 75 -11.26 52.30 -21.76
C GLU E 75 -9.84 52.77 -21.53
N GLN E 76 -9.38 52.73 -20.28
CA GLN E 76 -7.95 52.88 -20.02
C GLN E 76 -7.17 51.73 -20.61
N TRP E 77 -7.76 50.53 -20.64
CA TRP E 77 -7.15 49.41 -21.32
C TRP E 77 -7.21 49.57 -22.84
N VAL E 78 -8.27 50.21 -23.35
CA VAL E 78 -8.41 50.47 -24.78
C VAL E 78 -7.33 51.43 -25.23
N ALA E 79 -6.94 52.38 -24.37
CA ALA E 79 -5.86 53.29 -24.69
C ALA E 79 -4.53 52.56 -24.86
N ASN E 80 -4.27 51.52 -24.06
CA ASN E 80 -3.01 50.78 -24.11
C ASN E 80 -3.28 49.30 -23.94
N PRO E 81 -3.56 48.59 -25.03
CA PRO E 81 -3.98 47.18 -24.91
C PRO E 81 -2.86 46.23 -24.56
N LEU E 82 -1.64 46.49 -25.02
CA LEU E 82 -0.53 45.60 -24.69
C LEU E 82 -0.01 45.85 -23.29
N LYS E 83 0.06 47.12 -22.89
CA LYS E 83 0.73 47.46 -21.63
C LYS E 83 -0.16 47.14 -20.44
N THR E 84 -1.33 47.76 -20.38
CA THR E 84 -2.14 47.74 -19.17
C THR E 84 -2.77 46.38 -18.96
N LYS E 85 -2.65 45.86 -17.76
CA LYS E 85 -3.31 44.61 -17.43
C LYS E 85 -4.79 44.85 -17.17
N PRO E 86 -5.67 44.09 -17.79
CA PRO E 86 -7.11 44.40 -17.72
C PRO E 86 -7.69 44.03 -16.36
N LEU E 87 -8.44 44.96 -15.78
CA LEU E 87 -8.99 44.75 -14.44
C LEU E 87 -10.35 44.08 -14.48
N ALA E 88 -10.54 43.17 -13.54
CA ALA E 88 -11.85 42.61 -13.20
C ALA E 88 -12.52 43.53 -12.18
N HIS E 89 -13.53 43.04 -11.48
CA HIS E 89 -14.22 43.82 -10.47
C HIS E 89 -13.28 44.17 -9.31
N ALA E 90 -13.69 45.17 -8.54
CA ALA E 90 -12.88 45.64 -7.42
C ALA E 90 -13.02 44.70 -6.22
N ILE E 91 -12.26 45.02 -5.19
CA ILE E 91 -12.21 44.21 -3.97
C ILE E 91 -12.82 45.03 -2.85
N TRP E 92 -13.61 44.39 -2.00
CA TRP E 92 -13.86 44.95 -0.68
C TRP E 92 -13.61 43.83 0.32
N ASP E 93 -12.36 43.61 0.64
CA ASP E 93 -12.07 42.76 1.79
C ASP E 93 -11.89 43.61 3.03
N PRO E 94 -12.65 43.33 4.08
CA PRO E 94 -12.29 43.81 5.42
C PRO E 94 -11.24 42.95 6.10
N HIS E 95 -10.69 41.96 5.40
CA HIS E 95 -9.65 41.10 5.93
C HIS E 95 -8.26 41.51 5.48
N PHE E 96 -8.14 42.28 4.41
CA PHE E 96 -6.87 42.84 4.00
C PHE E 96 -6.43 43.88 5.02
N GLY E 97 -5.40 43.59 5.80
CA GLY E 97 -5.01 44.55 6.81
C GLY E 97 -4.34 45.80 6.26
N GLN E 98 -3.06 45.70 5.89
CA GLN E 98 -2.45 46.78 5.12
C GLN E 98 -1.58 46.24 3.99
N ALA E 99 -0.84 45.17 4.28
CA ALA E 99 0.20 44.72 3.36
C ALA E 99 -0.36 44.09 2.10
N ALA E 100 -1.57 43.55 2.17
CA ALA E 100 -2.20 43.05 0.95
C ALA E 100 -2.78 44.19 0.12
N LEU E 101 -3.17 45.29 0.76
CA LEU E 101 -3.75 46.42 0.04
C LEU E 101 -2.76 47.09 -0.90
N LYS E 102 -1.46 46.97 -0.65
CA LYS E 102 -0.47 47.46 -1.58
C LYS E 102 -0.06 46.44 -2.63
N ALA E 103 -0.67 45.25 -2.62
CA ALA E 103 -0.36 44.22 -3.59
C ALA E 103 -1.41 44.13 -4.68
N PHE E 104 -2.25 45.15 -4.81
CA PHE E 104 -3.29 45.14 -5.82
C PHE E 104 -3.51 46.46 -6.54
N THR E 105 -2.77 47.52 -6.21
CA THR E 105 -3.11 48.86 -6.65
C THR E 105 -2.79 49.02 -8.13
N ARG E 106 -3.83 48.96 -8.96
CA ARG E 106 -3.72 49.17 -10.40
C ARG E 106 -4.70 50.30 -10.70
N GLY E 107 -4.22 51.52 -10.59
CA GLY E 107 -5.11 52.66 -10.50
C GLY E 107 -5.56 52.84 -9.06
N ASP E 108 -6.62 53.63 -8.89
CA ASP E 108 -7.16 53.86 -7.55
C ASP E 108 -7.82 52.63 -6.99
N THR E 109 -8.43 51.81 -7.84
CA THR E 109 -9.03 50.57 -7.35
C THR E 109 -7.95 49.53 -7.13
N VAL E 110 -8.30 48.49 -6.38
CA VAL E 110 -7.41 47.41 -6.04
C VAL E 110 -7.90 46.14 -6.73
N ALA E 111 -8.53 46.32 -7.89
CA ALA E 111 -9.29 45.27 -8.55
C ALA E 111 -8.41 44.10 -9.00
N ASN E 112 -9.05 42.97 -9.21
CA ASN E 112 -8.38 41.80 -9.74
C ASN E 112 -8.06 42.00 -11.22
N ILE E 113 -6.95 41.44 -11.66
CA ILE E 113 -6.64 41.43 -13.08
C ILE E 113 -7.60 40.46 -13.74
N SER E 114 -8.32 40.91 -14.75
CA SER E 114 -9.35 40.08 -15.38
C SER E 114 -8.72 39.06 -16.30
N TYR E 115 -8.70 37.80 -15.88
CA TYR E 115 -8.17 36.73 -16.71
C TYR E 115 -9.31 35.98 -17.40
N SER E 116 -10.05 36.69 -18.24
CA SER E 116 -11.17 36.03 -18.92
C SER E 116 -11.34 36.47 -20.37
N GLY E 117 -10.46 37.30 -20.90
CA GLY E 117 -10.50 37.67 -22.32
C GLY E 117 -11.70 38.49 -22.72
N VAL E 118 -12.39 39.09 -21.76
CA VAL E 118 -13.65 39.75 -22.07
C VAL E 118 -13.41 41.13 -22.67
N TYR E 119 -12.32 41.80 -22.28
CA TYR E 119 -12.03 43.09 -22.89
C TYR E 119 -11.61 42.94 -24.35
N HIS E 120 -11.03 41.79 -24.70
CA HIS E 120 -10.63 41.57 -26.08
C HIS E 120 -11.84 41.36 -26.96
N TRP E 121 -12.83 40.62 -26.46
CA TRP E 121 -14.05 40.39 -27.21
C TRP E 121 -14.90 41.65 -27.28
N TRP E 122 -14.96 42.40 -26.20
CA TRP E 122 -15.68 43.66 -26.23
C TRP E 122 -14.91 44.74 -26.98
N TYR E 123 -13.63 44.53 -27.22
CA TYR E 123 -12.83 45.47 -28.00
C TYR E 123 -12.84 45.13 -29.48
N THR E 124 -13.10 43.88 -29.84
CA THR E 124 -13.34 43.54 -31.24
C THR E 124 -14.77 43.81 -31.64
N ILE E 125 -15.70 43.67 -30.70
CA ILE E 125 -17.06 44.18 -30.88
C ILE E 125 -17.02 45.67 -31.20
N GLY E 126 -16.17 46.42 -30.52
CA GLY E 126 -15.99 47.80 -30.87
C GLY E 126 -16.46 48.72 -29.77
N ILE E 127 -16.75 48.14 -28.62
CA ILE E 127 -16.99 48.95 -27.42
C ILE E 127 -15.68 49.62 -27.06
N ARG E 128 -15.63 50.94 -27.17
CA ARG E 128 -14.45 51.69 -26.80
C ARG E 128 -14.72 52.60 -25.62
N ASN E 129 -15.76 52.28 -24.86
CA ASN E 129 -16.25 53.18 -23.82
C ASN E 129 -16.64 52.36 -22.60
N ASN E 130 -16.85 53.06 -21.50
CA ASN E 130 -17.59 52.49 -20.38
C ASN E 130 -19.07 52.79 -20.47
N VAL E 131 -19.45 53.83 -21.22
CA VAL E 131 -20.84 54.23 -21.35
C VAL E 131 -21.64 53.18 -22.10
N GLU E 132 -21.07 52.66 -23.19
CA GLU E 132 -21.72 51.61 -23.96
C GLU E 132 -21.85 50.33 -23.17
N LEU E 133 -20.95 50.12 -22.21
CA LEU E 133 -21.08 48.98 -21.32
C LEU E 133 -22.20 49.18 -20.31
N TYR E 134 -22.45 50.42 -19.87
CA TYR E 134 -23.61 50.66 -19.02
C TYR E 134 -24.91 50.47 -19.79
N THR E 135 -24.97 50.98 -21.03
CA THR E 135 -26.17 50.79 -21.84
C THR E 135 -26.38 49.33 -22.20
N GLY E 136 -25.29 48.57 -22.30
CA GLY E 136 -25.40 47.14 -22.51
C GLY E 136 -25.84 46.39 -21.27
N ALA E 137 -25.34 46.82 -20.11
CA ALA E 137 -25.70 46.16 -18.86
C ALA E 137 -27.15 46.39 -18.52
N LEU E 138 -27.63 47.63 -18.73
CA LEU E 138 -29.07 47.89 -18.63
C LEU E 138 -29.81 47.11 -19.70
N GLY E 139 -29.24 47.04 -20.91
CA GLY E 139 -29.83 46.28 -22.00
C GLY E 139 -29.86 44.78 -21.81
N LEU E 140 -29.21 44.25 -20.76
CA LEU E 140 -29.38 42.85 -20.41
C LEU E 140 -30.05 42.62 -19.07
N LEU E 141 -30.11 43.63 -18.20
CA LEU E 141 -31.09 43.58 -17.13
C LEU E 141 -32.50 43.59 -17.69
N VAL E 142 -32.71 44.35 -18.77
CA VAL E 142 -33.99 44.35 -19.47
C VAL E 142 -34.29 42.98 -20.04
N LEU E 143 -33.29 42.33 -20.67
CA LEU E 143 -33.54 41.04 -21.31
C LEU E 143 -33.72 39.93 -20.28
N SER E 144 -32.96 39.99 -19.18
CA SER E 144 -33.14 39.03 -18.10
C SER E 144 -34.50 39.19 -17.44
N ALA E 145 -34.97 40.44 -17.29
CA ALA E 145 -36.31 40.66 -16.80
C ALA E 145 -37.37 40.20 -17.79
N VAL E 146 -37.07 40.26 -19.09
CA VAL E 146 -37.98 39.76 -20.10
C VAL E 146 -38.11 38.24 -20.00
N PHE E 147 -36.99 37.53 -19.85
CA PHE E 147 -37.06 36.08 -19.75
C PHE E 147 -37.65 35.62 -18.43
N LEU E 148 -37.39 36.33 -17.33
CA LEU E 148 -38.11 36.01 -16.10
C LEU E 148 -39.60 36.29 -16.22
N LEU E 149 -39.97 37.32 -16.97
CA LEU E 149 -41.39 37.62 -17.13
C LEU E 149 -42.06 36.59 -18.01
N ALA E 150 -41.31 35.99 -18.94
CA ALA E 150 -41.85 34.88 -19.71
C ALA E 150 -41.94 33.64 -18.84
N GLY E 151 -40.99 33.46 -17.93
CA GLY E 151 -41.03 32.32 -17.03
C GLY E 151 -42.17 32.39 -16.04
N TRP E 152 -42.56 33.60 -15.65
CA TRP E 152 -43.82 33.76 -14.94
C TRP E 152 -45.00 33.63 -15.89
N LEU E 153 -44.80 33.99 -17.16
CA LEU E 153 -45.91 34.10 -18.09
C LEU E 153 -46.35 32.72 -18.56
N HIS E 154 -45.41 31.84 -18.87
CA HIS E 154 -45.73 30.50 -19.33
C HIS E 154 -45.87 29.51 -18.19
N ILE E 155 -46.10 29.98 -16.97
CA ILE E 155 -46.57 29.14 -15.89
C ILE E 155 -47.90 29.63 -15.34
N GLN E 156 -48.35 30.82 -15.75
CA GLN E 156 -49.75 31.19 -15.57
C GLN E 156 -50.62 30.27 -16.42
N PRO E 157 -51.78 29.83 -15.91
CA PRO E 157 -52.43 28.64 -16.49
C PRO E 157 -53.07 28.87 -17.84
N LYS E 158 -53.43 30.10 -18.18
CA LYS E 158 -53.97 30.37 -19.52
C LYS E 158 -52.92 30.29 -20.61
N PHE E 159 -51.63 30.32 -20.25
CA PHE E 159 -50.56 30.40 -21.22
C PHE E 159 -49.61 29.22 -21.18
N LYS E 160 -49.86 28.24 -20.33
CA LYS E 160 -49.08 27.01 -20.31
C LYS E 160 -49.43 26.19 -21.55
N PRO E 161 -48.50 25.97 -22.47
CA PRO E 161 -48.86 25.46 -23.78
C PRO E 161 -49.13 23.95 -23.77
N SER E 162 -49.67 23.48 -24.89
CA SER E 162 -50.01 22.08 -25.04
C SER E 162 -48.75 21.24 -25.23
N LEU E 163 -48.88 19.94 -24.95
CA LEU E 163 -47.75 19.05 -25.15
C LEU E 163 -47.50 18.78 -26.62
N SER E 164 -48.55 18.87 -27.45
CA SER E 164 -48.37 18.75 -28.90
C SER E 164 -47.56 19.91 -29.44
N TRP E 165 -47.62 21.07 -28.79
CA TRP E 165 -46.74 22.18 -29.14
C TRP E 165 -45.29 21.86 -28.82
N PHE E 166 -45.04 21.09 -27.77
CA PHE E 166 -43.68 20.62 -27.52
C PHE E 166 -43.31 19.46 -28.42
N LYS E 167 -44.30 18.69 -28.86
CA LYS E 167 -44.10 17.66 -29.87
C LYS E 167 -44.21 18.22 -31.28
N ASN E 168 -44.07 19.53 -31.44
CA ASN E 168 -43.93 20.16 -32.75
C ASN E 168 -42.46 20.30 -33.11
N ASN E 169 -41.67 19.33 -32.67
CA ASN E 169 -40.33 18.91 -33.07
C ASN E 169 -40.11 19.08 -34.57
N GLU E 170 -41.13 18.71 -35.34
CA GLU E 170 -41.21 18.99 -36.78
C GLU E 170 -40.87 20.44 -37.15
N SER E 171 -41.18 21.42 -36.28
CA SER E 171 -40.98 22.82 -36.64
C SER E 171 -39.99 23.59 -35.76
N ARG E 172 -39.57 23.04 -34.61
CA ARG E 172 -38.52 23.70 -33.84
C ARG E 172 -37.23 23.80 -34.61
N LEU E 173 -36.92 22.80 -35.44
CA LEU E 173 -35.70 22.88 -36.22
C LEU E 173 -35.83 23.93 -37.31
N ASN E 174 -37.00 24.04 -37.93
CA ASN E 174 -37.23 25.06 -38.95
C ASN E 174 -37.17 26.46 -38.37
N HIS E 175 -37.54 26.63 -37.11
CA HIS E 175 -37.45 27.96 -36.51
C HIS E 175 -36.09 28.24 -35.91
N HIS E 176 -35.43 27.23 -35.37
CA HIS E 176 -34.13 27.45 -34.75
C HIS E 176 -33.06 27.69 -35.80
N LEU E 177 -32.99 26.82 -36.81
CA LEU E 177 -31.92 26.94 -37.80
C LEU E 177 -32.06 28.18 -38.66
N ALA E 178 -33.30 28.59 -38.95
CA ALA E 178 -33.49 29.81 -39.70
C ALA E 178 -33.36 31.03 -38.79
N GLY E 179 -34.18 31.08 -37.74
CA GLY E 179 -34.24 32.24 -36.87
C GLY E 179 -33.08 32.34 -35.91
N LEU E 180 -32.98 31.37 -34.99
CA LEU E 180 -32.02 31.42 -33.90
C LEU E 180 -30.59 31.35 -34.40
N PHE E 181 -30.34 30.71 -35.52
CA PHE E 181 -29.00 30.68 -36.08
C PHE E 181 -28.85 31.62 -37.26
N GLY E 182 -29.75 31.55 -38.22
CA GLY E 182 -29.60 32.35 -39.43
C GLY E 182 -29.88 33.82 -39.21
N VAL E 183 -30.94 34.13 -38.45
CA VAL E 183 -31.30 35.52 -38.27
C VAL E 183 -30.38 36.18 -37.25
N SER E 184 -30.03 35.46 -36.19
CA SER E 184 -29.10 36.03 -35.22
C SER E 184 -27.68 36.13 -35.77
N SER E 185 -27.29 35.21 -36.65
CA SER E 185 -25.97 35.34 -37.26
C SER E 185 -25.95 36.43 -38.32
N LEU E 186 -27.03 36.54 -39.10
CA LEU E 186 -27.10 37.60 -40.10
C LEU E 186 -27.17 38.97 -39.45
N ALA E 187 -27.92 39.07 -38.35
CA ALA E 187 -27.89 40.27 -37.54
C ALA E 187 -26.53 40.47 -36.90
N TRP E 188 -25.79 39.38 -36.67
CA TRP E 188 -24.45 39.57 -36.13
C TRP E 188 -23.50 40.15 -37.17
N THR E 189 -23.72 39.85 -38.44
CA THR E 189 -23.06 40.67 -39.45
C THR E 189 -23.62 42.07 -39.47
N GLY E 190 -24.89 42.23 -39.08
CA GLY E 190 -25.39 43.57 -38.89
C GLY E 190 -24.76 44.32 -37.73
N HIS E 191 -24.06 43.64 -36.84
CA HIS E 191 -23.22 44.33 -35.88
C HIS E 191 -21.77 44.45 -36.33
N LEU E 192 -21.24 43.45 -37.03
CA LEU E 192 -19.85 43.51 -37.45
C LEU E 192 -19.65 44.56 -38.52
N VAL E 193 -20.51 44.56 -39.52
CA VAL E 193 -20.41 45.48 -40.65
C VAL E 193 -20.66 46.91 -40.20
N HIS E 194 -21.61 47.11 -39.30
CA HIS E 194 -21.98 48.47 -38.91
C HIS E 194 -21.25 48.98 -37.70
N VAL E 195 -20.62 48.11 -36.91
CA VAL E 195 -19.91 48.57 -35.72
C VAL E 195 -18.47 48.08 -35.77
N ALA E 196 -18.27 46.78 -35.91
CA ALA E 196 -16.92 46.26 -35.78
C ALA E 196 -16.05 46.56 -36.99
N ILE E 197 -16.62 46.80 -38.15
CA ILE E 197 -15.82 47.31 -39.26
C ILE E 197 -15.49 48.79 -39.06
N PRO E 198 -16.43 49.72 -38.81
CA PRO E 198 -15.98 51.12 -38.71
C PRO E 198 -15.27 51.46 -37.40
N ALA E 199 -15.67 50.87 -36.27
CA ALA E 199 -14.99 51.22 -35.03
C ALA E 199 -13.62 50.60 -34.91
N SER E 200 -13.28 49.64 -35.77
CA SER E 200 -11.90 49.20 -35.89
C SER E 200 -11.15 50.03 -36.93
N ARG E 201 -11.87 50.65 -37.86
CA ARG E 201 -11.29 51.60 -38.78
C ARG E 201 -11.49 53.03 -38.31
N GLY E 202 -11.50 53.25 -36.99
CA GLY E 202 -11.53 54.56 -36.40
C GLY E 202 -12.91 55.17 -36.22
N GLN E 203 -13.86 54.84 -37.09
CA GLN E 203 -15.15 55.53 -37.14
C GLN E 203 -16.03 55.08 -35.98
N HIS E 204 -16.11 55.89 -34.94
CA HIS E 204 -17.01 55.62 -33.83
C HIS E 204 -18.45 55.84 -34.27
N VAL E 205 -19.15 54.75 -34.52
CA VAL E 205 -20.52 54.80 -35.01
C VAL E 205 -21.41 54.23 -33.92
N GLY E 206 -22.02 55.10 -33.13
CA GLY E 206 -22.92 54.70 -32.07
C GLY E 206 -24.32 54.46 -32.58
N TRP E 207 -25.27 54.47 -31.65
CA TRP E 207 -26.68 54.40 -32.01
C TRP E 207 -27.20 55.67 -32.64
N ASP E 208 -26.45 56.77 -32.58
CA ASP E 208 -26.96 58.04 -33.07
C ASP E 208 -26.82 58.18 -34.58
N ASN E 209 -25.73 57.66 -35.16
CA ASN E 209 -25.39 57.99 -36.53
C ASN E 209 -25.28 56.77 -37.44
N PHE E 210 -25.80 55.62 -37.03
CA PHE E 210 -25.69 54.45 -37.89
C PHE E 210 -26.73 54.44 -39.00
N ILE E 211 -27.81 55.20 -38.84
CA ILE E 211 -28.87 55.27 -39.85
C ILE E 211 -28.57 56.37 -40.84
N MET E 212 -27.37 56.92 -40.80
CA MET E 212 -26.94 57.93 -41.75
C MET E 212 -25.66 57.57 -42.48
N THR E 213 -24.74 56.86 -41.83
CA THR E 213 -23.42 56.59 -42.40
C THR E 213 -23.30 55.14 -42.80
N PRO E 214 -23.34 54.81 -44.09
CA PRO E 214 -23.24 53.41 -44.50
C PRO E 214 -21.82 52.90 -44.38
N PRO E 215 -21.63 51.59 -44.16
CA PRO E 215 -20.29 51.05 -44.02
C PRO E 215 -19.50 51.04 -45.32
N HIS E 216 -20.16 51.03 -46.43
CA HIS E 216 -19.52 51.28 -47.70
C HIS E 216 -19.91 52.67 -48.19
N PRO E 217 -19.03 53.41 -48.86
CA PRO E 217 -19.40 54.75 -49.32
C PRO E 217 -20.51 54.77 -50.36
N ALA E 218 -20.69 53.70 -51.11
CA ALA E 218 -21.86 53.50 -51.95
C ALA E 218 -22.47 52.14 -51.61
N GLY E 219 -23.79 52.11 -51.46
CA GLY E 219 -24.42 50.89 -50.99
C GLY E 219 -25.92 50.76 -51.20
N LEU E 220 -26.30 49.58 -51.70
CA LEU E 220 -27.66 49.03 -51.68
C LEU E 220 -28.72 49.71 -52.54
N GLN E 221 -28.48 50.89 -53.12
CA GLN E 221 -29.38 51.18 -54.22
C GLN E 221 -28.83 50.67 -55.57
N PRO E 222 -27.50 50.83 -55.94
CA PRO E 222 -27.06 50.07 -57.12
C PRO E 222 -26.38 48.76 -56.75
N PHE E 223 -26.95 47.97 -55.82
CA PHE E 223 -26.24 46.79 -55.38
C PHE E 223 -27.14 45.58 -55.16
N PHE E 224 -28.24 45.49 -55.89
CA PHE E 224 -28.90 44.23 -56.12
C PHE E 224 -28.52 43.66 -57.47
N THR E 225 -27.41 44.12 -58.04
CA THR E 225 -26.97 43.77 -59.37
C THR E 225 -25.92 42.66 -59.39
N GLY E 226 -25.47 42.20 -58.23
CA GLY E 226 -24.45 41.17 -58.21
C GLY E 226 -23.05 41.66 -58.47
N ASN E 227 -22.81 42.98 -58.39
CA ASN E 227 -21.47 43.53 -58.47
C ASN E 227 -20.86 43.53 -57.06
N TRP E 228 -20.59 42.32 -56.57
CA TRP E 228 -20.22 42.12 -55.19
C TRP E 228 -18.74 42.24 -54.94
N SER E 229 -17.91 42.40 -55.97
CA SER E 229 -16.50 42.69 -55.73
C SER E 229 -16.29 44.10 -55.22
N VAL E 230 -17.30 44.95 -55.28
CA VAL E 230 -17.20 46.30 -54.73
C VAL E 230 -17.14 46.25 -53.21
N TYR E 231 -17.89 45.32 -52.60
CA TYR E 231 -17.88 45.19 -51.15
C TYR E 231 -16.59 44.56 -50.62
N ALA E 232 -15.85 43.87 -51.47
CA ALA E 232 -14.58 43.29 -51.08
C ALA E 232 -13.47 43.87 -51.94
N GLN E 233 -13.45 45.19 -52.10
CA GLN E 233 -12.58 45.83 -53.08
C GLN E 233 -11.27 46.34 -52.49
N SER E 234 -11.33 47.00 -51.33
CA SER E 234 -10.16 47.66 -50.75
C SER E 234 -9.82 47.01 -49.41
N PRO E 235 -9.03 45.93 -49.41
CA PRO E 235 -8.71 45.26 -48.16
C PRO E 235 -7.66 46.03 -47.35
N ASP E 236 -7.79 45.91 -46.04
CA ASP E 236 -6.79 46.40 -45.11
C ASP E 236 -5.57 45.47 -45.22
N SER E 237 -4.50 45.94 -45.88
CA SER E 237 -3.47 45.01 -46.31
C SER E 237 -2.45 44.68 -45.22
N MET E 238 -1.59 45.64 -44.87
CA MET E 238 -0.49 45.32 -43.98
C MET E 238 -0.27 46.33 -42.87
N GLN E 239 -0.35 47.60 -43.21
CA GLN E 239 0.21 48.66 -42.38
C GLN E 239 -0.87 49.29 -41.49
N HIS E 240 -1.50 48.44 -40.69
CA HIS E 240 -2.61 48.89 -39.87
C HIS E 240 -2.43 48.48 -38.42
N VAL E 241 -2.68 49.41 -37.52
CA VAL E 241 -2.83 49.13 -36.10
C VAL E 241 -4.31 49.17 -35.79
N PHE E 242 -4.77 48.18 -35.00
CA PHE E 242 -6.19 47.92 -34.83
C PHE E 242 -6.86 49.05 -34.06
N GLY E 243 -8.07 49.40 -34.48
CA GLY E 243 -8.83 50.41 -33.78
C GLY E 243 -8.74 51.75 -34.47
N THR E 244 -7.57 52.05 -34.99
CA THR E 244 -7.33 53.36 -35.60
C THR E 244 -7.96 53.42 -36.99
N SER E 245 -8.06 54.63 -37.52
CA SER E 245 -8.50 54.84 -38.88
C SER E 245 -7.35 54.83 -39.88
N GLN E 246 -6.11 54.83 -39.39
CA GLN E 246 -4.97 54.97 -40.27
C GLN E 246 -4.53 53.62 -40.82
N GLY E 247 -4.00 53.65 -42.05
CA GLY E 247 -3.48 52.46 -42.69
C GLY E 247 -4.51 51.42 -43.04
N ALA E 248 -5.77 51.80 -43.15
CA ALA E 248 -6.86 50.84 -43.35
C ALA E 248 -7.66 51.18 -44.60
N GLY E 249 -8.17 50.15 -45.26
CA GLY E 249 -9.07 50.32 -46.39
C GLY E 249 -10.49 50.54 -45.93
N THR E 250 -11.45 50.18 -46.78
CA THR E 250 -12.84 50.34 -46.41
C THR E 250 -13.74 49.19 -46.87
N ALA E 251 -13.18 48.08 -47.34
CA ALA E 251 -14.01 46.99 -47.84
C ALA E 251 -14.68 46.26 -46.69
N ILE E 252 -15.80 45.62 -47.01
CA ILE E 252 -16.67 45.05 -45.99
C ILE E 252 -16.41 43.55 -45.84
N LEU E 253 -16.55 42.81 -46.94
CA LEU E 253 -16.58 41.36 -46.90
C LEU E 253 -15.37 40.74 -47.60
N THR E 254 -14.18 41.30 -47.40
CA THR E 254 -13.00 40.70 -47.98
C THR E 254 -12.64 39.45 -47.20
N PHE E 255 -12.34 38.37 -47.92
CA PHE E 255 -11.84 37.14 -47.30
C PHE E 255 -10.35 37.05 -47.55
N LEU E 256 -9.59 37.68 -46.67
CA LEU E 256 -8.13 37.65 -46.76
C LEU E 256 -7.59 36.29 -46.35
N GLY E 257 -7.94 35.84 -45.15
CA GLY E 257 -7.35 34.64 -44.60
C GLY E 257 -6.05 34.94 -43.89
N GLY E 258 -5.78 34.21 -42.81
CA GLY E 258 -4.59 34.50 -42.03
C GLY E 258 -4.90 35.41 -40.87
N PHE E 259 -3.92 36.15 -40.40
CA PHE E 259 -4.07 36.99 -39.21
C PHE E 259 -3.88 38.45 -39.60
N HIS E 260 -4.04 39.32 -38.60
CA HIS E 260 -3.37 40.60 -38.65
C HIS E 260 -1.86 40.39 -38.54
N PRO E 261 -1.08 41.26 -39.15
CA PRO E 261 0.37 41.18 -38.94
C PRO E 261 0.77 41.72 -37.58
N GLN E 262 -0.03 42.63 -37.04
CA GLN E 262 0.33 43.36 -35.83
C GLN E 262 -0.38 42.85 -34.59
N THR E 263 -1.69 42.59 -34.67
CA THR E 263 -2.42 42.20 -33.48
C THR E 263 -2.64 40.70 -33.37
N GLN E 264 -2.24 39.93 -34.39
CA GLN E 264 -2.34 38.47 -34.41
C GLN E 264 -3.77 38.00 -34.19
N SER E 265 -4.71 38.64 -34.85
CA SER E 265 -6.11 38.30 -34.75
C SER E 265 -6.69 38.13 -36.15
N LEU E 266 -7.85 37.51 -36.21
CA LEU E 266 -8.53 37.34 -37.49
C LEU E 266 -9.10 38.67 -37.95
N TRP E 267 -9.19 38.84 -39.26
CA TRP E 267 -9.73 40.06 -39.83
C TRP E 267 -11.23 40.11 -39.62
N LEU E 268 -11.74 41.30 -39.27
CA LEU E 268 -13.17 41.41 -39.07
C LEU E 268 -13.94 41.42 -40.37
N THR E 269 -13.27 41.71 -41.49
CA THR E 269 -13.89 41.50 -42.79
C THR E 269 -14.08 40.02 -43.06
N ASP E 270 -13.12 39.20 -42.62
CA ASP E 270 -13.24 37.75 -42.74
C ASP E 270 -14.40 37.24 -41.90
N MET E 271 -14.61 37.83 -40.72
CA MET E 271 -15.71 37.39 -39.87
C MET E 271 -17.05 37.88 -40.37
N ALA E 272 -17.09 39.08 -40.95
CA ALA E 272 -18.35 39.58 -41.50
C ALA E 272 -18.78 38.74 -42.69
N HIS E 273 -17.84 38.44 -43.59
CA HIS E 273 -18.13 37.51 -44.68
C HIS E 273 -18.45 36.13 -44.15
N HIS E 274 -17.82 35.77 -43.04
CA HIS E 274 -17.98 34.45 -42.44
C HIS E 274 -19.39 34.23 -41.92
N HIS E 275 -19.81 35.04 -40.94
CA HIS E 275 -21.15 34.89 -40.38
C HIS E 275 -22.23 35.26 -41.40
N LEU E 276 -21.87 36.00 -42.44
CA LEU E 276 -22.82 36.24 -43.51
C LEU E 276 -23.04 34.97 -44.31
N ALA E 277 -21.97 34.23 -44.60
CA ALA E 277 -22.12 32.98 -45.34
C ALA E 277 -22.83 31.93 -44.50
N ILE E 278 -22.39 31.78 -43.24
CA ILE E 278 -23.03 30.85 -42.29
C ILE E 278 -24.47 31.24 -42.05
N ALA E 279 -24.76 32.54 -42.12
CA ALA E 279 -26.13 33.02 -42.00
C ALA E 279 -26.99 32.54 -43.16
N VAL E 280 -26.48 32.68 -44.37
CA VAL E 280 -27.25 32.26 -45.54
C VAL E 280 -27.44 30.75 -45.57
N ILE E 281 -26.40 30.00 -45.22
CA ILE E 281 -26.48 28.55 -45.25
C ILE E 281 -27.41 28.03 -44.15
N PHE E 282 -27.42 28.70 -42.99
CA PHE E 282 -28.36 28.28 -41.95
C PHE E 282 -29.79 28.68 -42.27
N ILE E 283 -30.00 29.81 -42.96
CA ILE E 283 -31.35 30.15 -43.40
C ILE E 283 -31.84 29.14 -44.42
N VAL E 284 -30.96 28.69 -45.31
CA VAL E 284 -31.28 27.61 -46.23
C VAL E 284 -31.59 26.32 -45.46
N ALA E 285 -30.89 26.10 -44.36
CA ALA E 285 -31.19 24.93 -43.52
C ALA E 285 -32.50 25.07 -42.77
N GLY E 286 -32.98 26.30 -42.55
CA GLY E 286 -34.24 26.47 -41.85
C GLY E 286 -35.43 26.07 -42.69
N HIS E 287 -35.30 26.11 -44.01
CA HIS E 287 -36.37 25.71 -44.90
C HIS E 287 -36.35 24.21 -45.14
N MET E 288 -36.39 23.42 -44.07
CA MET E 288 -36.10 22.00 -44.22
C MET E 288 -37.32 21.11 -44.08
N TYR E 289 -38.10 21.28 -43.02
CA TYR E 289 -39.12 20.32 -42.68
C TYR E 289 -40.49 20.94 -42.93
N ARG E 290 -41.51 20.08 -42.99
CA ARG E 290 -42.86 20.59 -43.23
C ARG E 290 -43.40 21.23 -41.96
N THR E 291 -44.47 21.99 -42.14
CA THR E 291 -45.23 22.66 -41.09
C THR E 291 -46.68 22.66 -41.54
N ASN E 292 -47.47 23.60 -40.99
CA ASN E 292 -48.84 23.81 -41.45
C ASN E 292 -48.93 24.18 -42.92
N PHE E 293 -47.85 24.70 -43.51
CA PHE E 293 -47.84 24.95 -44.95
C PHE E 293 -47.61 23.65 -45.71
N GLY E 294 -46.56 22.93 -45.38
CA GLY E 294 -46.39 21.58 -45.92
C GLY E 294 -45.47 21.46 -47.13
N ILE E 295 -44.37 22.20 -47.13
CA ILE E 295 -43.35 22.12 -48.17
C ILE E 295 -42.04 21.84 -47.46
N GLY E 296 -41.63 20.57 -47.43
CA GLY E 296 -40.42 20.20 -46.74
C GLY E 296 -40.30 18.71 -46.52
N HIS E 297 -39.97 18.30 -45.30
CA HIS E 297 -39.70 16.90 -44.97
C HIS E 297 -40.44 16.49 -43.71
N ASN E 298 -41.27 15.46 -43.83
CA ASN E 298 -41.79 14.80 -42.64
C ASN E 298 -40.70 13.97 -42.00
N LEU E 299 -40.52 14.13 -40.70
CA LEU E 299 -39.44 13.44 -40.01
C LEU E 299 -39.68 11.94 -39.87
N LYS E 300 -40.94 11.50 -39.93
CA LYS E 300 -41.16 10.07 -39.92
C LYS E 300 -40.75 9.43 -41.24
N THR E 301 -40.92 10.16 -42.34
CA THR E 301 -40.42 9.69 -43.62
C THR E 301 -38.91 9.80 -43.74
N ILE E 302 -38.28 10.65 -42.93
CA ILE E 302 -36.85 10.90 -43.13
C ILE E 302 -35.99 9.86 -42.43
N LEU E 303 -36.54 9.13 -41.45
CA LEU E 303 -35.77 8.14 -40.72
C LEU E 303 -36.09 6.73 -41.16
N GLU E 304 -37.37 6.43 -41.39
CA GLU E 304 -37.78 5.09 -41.75
C GLU E 304 -37.29 4.70 -43.14
N ALA E 305 -37.18 5.69 -44.04
CA ALA E 305 -36.70 5.41 -45.39
C ALA E 305 -35.22 5.06 -45.43
N HIS E 306 -34.47 5.39 -44.37
CA HIS E 306 -33.04 5.04 -44.31
C HIS E 306 -32.87 3.67 -43.68
N ARG E 307 -33.27 2.66 -44.45
CA ARG E 307 -33.07 1.26 -44.09
C ARG E 307 -32.29 0.60 -45.20
N PRO E 308 -31.15 -0.02 -44.94
CA PRO E 308 -30.36 -0.61 -46.00
C PRO E 308 -30.98 -1.90 -46.52
N PRO E 309 -30.96 -2.10 -47.83
CA PRO E 309 -31.36 -3.40 -48.38
C PRO E 309 -30.32 -4.48 -48.15
N SER E 310 -29.13 -4.11 -47.68
CA SER E 310 -28.14 -5.09 -47.26
C SER E 310 -28.64 -5.90 -46.07
N GLY E 311 -29.52 -5.33 -45.25
CA GLY E 311 -30.12 -6.03 -44.14
C GLY E 311 -29.24 -6.15 -42.93
N ARG E 312 -28.02 -5.63 -42.98
CA ARG E 312 -27.12 -5.74 -41.84
C ARG E 312 -27.52 -4.81 -40.71
N LEU E 313 -28.03 -3.63 -41.04
CA LEU E 313 -28.35 -2.62 -40.03
C LEU E 313 -29.83 -2.70 -39.69
N GLY E 314 -30.18 -3.74 -38.93
CA GLY E 314 -31.45 -4.02 -38.30
C GLY E 314 -32.63 -3.93 -39.26
N LYS E 315 -33.80 -3.66 -38.70
CA LYS E 315 -34.94 -3.25 -39.53
C LYS E 315 -35.00 -1.74 -39.67
N GLY E 316 -33.87 -1.13 -40.02
CA GLY E 316 -33.71 0.30 -40.15
C GLY E 316 -34.01 1.05 -38.86
N HIS E 317 -34.24 2.35 -39.03
CA HIS E 317 -34.50 3.28 -37.95
C HIS E 317 -35.95 3.29 -37.50
N ILE E 318 -36.70 2.22 -37.72
CA ILE E 318 -38.11 2.18 -37.40
C ILE E 318 -38.28 2.21 -35.89
N GLY E 319 -38.67 3.36 -35.37
CA GLY E 319 -38.83 3.51 -33.94
C GLY E 319 -38.07 4.69 -33.38
N ILE E 320 -37.08 5.17 -34.13
CA ILE E 320 -36.17 6.19 -33.63
C ILE E 320 -36.88 7.53 -33.53
N TYR E 321 -37.80 7.82 -34.46
CA TYR E 321 -38.56 9.06 -34.38
C TYR E 321 -39.51 9.04 -33.19
N GLN E 322 -40.04 7.87 -32.84
CA GLN E 322 -40.82 7.77 -31.61
C GLN E 322 -39.94 8.00 -30.39
N THR E 323 -38.79 7.33 -30.34
CA THR E 323 -37.91 7.46 -29.19
C THR E 323 -36.87 8.55 -29.38
N LEU E 324 -37.30 9.69 -29.85
CA LEU E 324 -36.69 10.98 -29.61
C LEU E 324 -37.73 12.00 -29.19
N THR E 325 -38.91 11.94 -29.79
CA THR E 325 -39.99 12.84 -29.41
C THR E 325 -40.53 12.46 -28.05
N ASN E 326 -41.01 11.23 -27.92
CA ASN E 326 -41.64 10.78 -26.69
C ASN E 326 -40.63 10.55 -25.57
N SER E 327 -39.36 10.48 -25.91
CA SER E 327 -38.28 10.42 -24.94
C SER E 327 -37.67 11.82 -24.78
N LEU E 328 -36.87 11.98 -23.74
CA LEU E 328 -36.19 13.26 -23.60
C LEU E 328 -34.70 13.12 -23.43
N HIS E 329 -34.24 12.11 -22.69
CA HIS E 329 -32.83 11.97 -22.43
C HIS E 329 -32.05 11.51 -23.65
N PHE E 330 -32.74 11.00 -24.67
CA PHE E 330 -32.09 10.81 -25.96
C PHE E 330 -31.85 12.15 -26.63
N GLN E 331 -32.84 13.05 -26.54
CA GLN E 331 -32.72 14.38 -27.12
C GLN E 331 -31.73 15.22 -26.34
N LEU E 332 -31.76 15.11 -25.00
CA LEU E 332 -30.77 15.78 -24.17
C LEU E 332 -29.39 15.18 -24.36
N GLY E 333 -29.32 13.88 -24.62
CA GLY E 333 -28.04 13.25 -24.86
C GLY E 333 -27.40 13.72 -26.15
N LEU E 334 -28.19 13.87 -27.20
CA LEU E 334 -27.67 14.45 -28.42
C LEU E 334 -27.35 15.92 -28.25
N ALA E 335 -28.09 16.60 -27.38
CA ALA E 335 -27.86 18.02 -27.15
C ALA E 335 -26.53 18.26 -26.45
N LEU E 336 -26.28 17.54 -25.36
CA LEU E 336 -25.00 17.67 -24.67
C LEU E 336 -23.86 17.08 -25.48
N ALA E 337 -24.16 16.11 -26.35
CA ALA E 337 -23.14 15.56 -27.21
C ALA E 337 -22.65 16.60 -28.21
N SER E 338 -23.59 17.21 -28.93
CA SER E 338 -23.24 18.20 -29.93
C SER E 338 -22.66 19.46 -29.29
N LEU E 339 -23.24 19.92 -28.18
CA LEU E 339 -22.66 21.06 -27.47
C LEU E 339 -21.27 20.75 -26.94
N SER E 340 -21.02 19.50 -26.56
CA SER E 340 -19.73 19.15 -26.03
C SER E 340 -18.67 19.13 -27.11
N VAL E 341 -19.02 18.61 -28.29
CA VAL E 341 -18.10 18.65 -29.42
C VAL E 341 -17.90 20.09 -29.88
N VAL E 342 -18.94 20.93 -29.76
CA VAL E 342 -18.80 22.34 -30.10
C VAL E 342 -17.86 23.04 -29.13
N THR E 343 -17.97 22.77 -27.82
CA THR E 343 -17.06 23.39 -26.85
C THR E 343 -15.62 22.95 -27.04
N SER E 344 -15.39 21.65 -27.23
CA SER E 344 -14.04 21.19 -27.49
C SER E 344 -13.50 21.77 -28.78
N LEU E 345 -14.38 21.99 -29.76
CA LEU E 345 -13.97 22.62 -31.01
C LEU E 345 -13.62 24.09 -30.81
N VAL E 346 -14.40 24.76 -29.96
CA VAL E 346 -14.18 26.16 -29.66
C VAL E 346 -12.87 26.35 -28.93
N ALA E 347 -12.56 25.48 -27.97
CA ALA E 347 -11.26 25.53 -27.34
C ALA E 347 -10.16 25.19 -28.32
N GLN E 348 -10.41 24.25 -29.22
CA GLN E 348 -9.45 23.97 -30.28
C GLN E 348 -9.45 25.01 -31.40
N HIS E 349 -10.12 26.15 -31.24
CA HIS E 349 -9.92 27.26 -32.17
C HIS E 349 -9.73 28.62 -31.54
N MET E 350 -9.96 28.77 -30.23
CA MET E 350 -9.67 30.05 -29.59
C MET E 350 -8.19 30.28 -29.46
N TYR E 351 -7.40 29.22 -29.28
CA TYR E 351 -5.96 29.40 -29.32
C TYR E 351 -5.44 29.29 -30.75
N ALA E 352 -6.08 28.46 -31.56
CA ALA E 352 -5.52 28.10 -32.85
C ALA E 352 -5.64 29.26 -33.83
N MET E 353 -6.84 29.78 -33.98
CA MET E 353 -7.10 30.98 -34.76
C MET E 353 -7.66 31.99 -33.79
N PRO E 354 -6.81 32.70 -33.04
CA PRO E 354 -7.29 33.61 -32.01
C PRO E 354 -8.04 34.77 -32.62
N PRO E 355 -9.35 34.85 -32.33
CA PRO E 355 -10.20 35.76 -33.08
C PRO E 355 -10.07 37.20 -32.65
N TYR E 356 -9.51 37.46 -31.49
CA TYR E 356 -9.68 38.73 -30.80
C TYR E 356 -8.38 39.51 -30.80
N ALA E 357 -8.51 40.82 -30.90
CA ALA E 357 -7.36 41.70 -31.00
C ALA E 357 -6.58 41.67 -29.70
N TYR E 358 -5.26 41.57 -29.85
CA TYR E 358 -4.28 41.54 -28.77
C TYR E 358 -4.46 40.34 -27.83
N MET E 359 -5.19 39.32 -28.27
CA MET E 359 -4.95 37.99 -27.72
C MET E 359 -3.83 37.34 -28.51
N ALA E 360 -3.31 36.25 -27.93
CA ALA E 360 -1.95 35.71 -28.14
C ALA E 360 -0.87 36.72 -27.78
N PHE E 361 -1.22 37.76 -27.03
CA PHE E 361 -0.37 38.78 -26.47
C PHE E 361 -0.52 38.90 -24.97
N ASP E 362 -1.73 38.70 -24.45
CA ASP E 362 -1.92 38.38 -23.05
C ASP E 362 -1.92 36.86 -22.92
N TYR E 363 -0.89 36.33 -22.31
CA TYR E 363 -0.67 34.89 -22.40
C TYR E 363 -1.41 34.12 -21.34
N VAL E 364 -2.27 34.76 -20.56
CA VAL E 364 -3.00 34.09 -19.49
C VAL E 364 -4.45 33.87 -19.87
N THR E 365 -5.09 34.88 -20.47
CA THR E 365 -6.48 34.74 -20.87
C THR E 365 -6.63 33.73 -22.00
N GLN E 366 -5.65 33.65 -22.88
CA GLN E 366 -5.65 32.59 -23.88
C GLN E 366 -5.44 31.23 -23.24
N SER E 367 -4.75 31.20 -22.10
CA SER E 367 -4.61 29.96 -21.37
C SER E 367 -5.72 29.72 -20.36
N ALA E 368 -6.58 30.70 -20.15
CA ALA E 368 -7.73 30.47 -19.31
C ALA E 368 -8.94 30.04 -20.12
N LEU E 369 -9.10 30.61 -21.32
CA LEU E 369 -10.23 30.25 -22.17
C LEU E 369 -10.13 28.82 -22.65
N TYR E 370 -8.93 28.37 -23.01
CA TYR E 370 -8.75 27.02 -23.50
C TYR E 370 -9.13 25.99 -22.46
N THR E 371 -8.49 26.06 -21.30
CA THR E 371 -8.73 25.11 -20.23
C THR E 371 -10.17 25.21 -19.72
N HIS E 372 -10.74 26.41 -19.74
CA HIS E 372 -12.15 26.64 -19.45
C HIS E 372 -13.06 25.81 -20.36
N HIS E 373 -12.99 26.05 -21.67
CA HIS E 373 -13.88 25.32 -22.56
C HIS E 373 -13.52 23.85 -22.68
N GLN E 374 -12.33 23.45 -22.28
CA GLN E 374 -12.01 22.03 -22.30
C GLN E 374 -12.63 21.30 -21.12
N TYR E 375 -12.55 21.85 -19.91
CA TYR E 375 -13.20 21.19 -18.78
C TYR E 375 -14.72 21.24 -18.90
N ILE E 376 -15.24 22.35 -19.45
CA ILE E 376 -16.66 22.37 -19.77
C ILE E 376 -16.98 21.38 -20.87
N ALA E 377 -16.05 21.16 -21.80
CA ALA E 377 -16.28 20.21 -22.89
C ALA E 377 -16.37 18.78 -22.37
N GLY E 378 -15.44 18.40 -21.51
CA GLY E 378 -15.47 17.05 -20.96
C GLY E 378 -16.65 16.82 -20.06
N LEU E 379 -17.01 17.82 -19.24
CA LEU E 379 -18.25 17.76 -18.47
C LEU E 379 -19.45 17.51 -19.36
N LEU E 380 -19.52 18.19 -20.49
CA LEU E 380 -20.72 18.03 -21.29
C LEU E 380 -20.74 16.72 -22.08
N ILE E 381 -19.58 16.14 -22.42
CA ILE E 381 -19.63 14.78 -22.99
C ILE E 381 -20.15 13.81 -21.95
N VAL E 382 -19.58 13.87 -20.73
CA VAL E 382 -19.96 12.96 -19.64
C VAL E 382 -21.44 13.10 -19.30
N GLY E 383 -21.98 14.30 -19.45
CA GLY E 383 -23.42 14.46 -19.32
C GLY E 383 -24.19 13.83 -20.46
N ALA E 384 -23.66 13.91 -21.67
CA ALA E 384 -24.36 13.30 -22.80
C ALA E 384 -24.43 11.79 -22.65
N PHE E 385 -23.37 11.17 -22.15
CA PHE E 385 -23.43 9.75 -21.89
C PHE E 385 -24.25 9.41 -20.66
N ALA E 386 -24.24 10.27 -19.65
CA ALA E 386 -25.02 10.00 -18.45
C ALA E 386 -26.51 10.04 -18.74
N HIS E 387 -26.95 11.01 -19.55
CA HIS E 387 -28.32 10.93 -20.05
C HIS E 387 -28.49 9.90 -21.13
N GLY E 388 -27.40 9.37 -21.67
CA GLY E 388 -27.51 8.13 -22.41
C GLY E 388 -28.00 7.01 -21.53
N ALA E 389 -27.39 6.85 -20.36
CA ALA E 389 -27.79 5.77 -19.46
C ALA E 389 -29.16 6.04 -18.84
N ILE E 390 -29.49 7.30 -18.59
CA ILE E 390 -30.84 7.64 -18.13
C ILE E 390 -31.85 7.36 -19.22
N PHE E 391 -31.45 7.54 -20.48
CA PHE E 391 -32.31 7.16 -21.59
C PHE E 391 -32.53 5.67 -21.65
N PHE E 392 -31.48 4.87 -21.46
CA PHE E 392 -31.68 3.44 -21.53
C PHE E 392 -32.37 2.86 -20.31
N ILE E 393 -32.35 3.56 -19.17
CA ILE E 393 -33.06 3.02 -18.03
C ILE E 393 -34.48 3.57 -17.99
N ARG E 394 -34.62 4.87 -17.76
CA ARG E 394 -35.93 5.42 -17.46
C ARG E 394 -36.65 5.94 -18.69
N ASP E 395 -36.19 5.60 -19.87
CA ASP E 395 -36.82 6.16 -21.06
C ASP E 395 -36.87 5.21 -22.24
N TYR E 396 -36.42 3.96 -22.12
CA TYR E 396 -36.22 3.08 -23.26
C TYR E 396 -37.29 2.00 -23.31
N ASP E 397 -37.88 1.83 -24.49
CA ASP E 397 -38.97 0.87 -24.71
C ASP E 397 -38.56 -0.06 -25.84
N PRO E 398 -38.14 -1.29 -25.54
CA PRO E 398 -37.69 -2.19 -26.60
C PRO E 398 -38.83 -2.95 -27.27
N GLU E 399 -39.95 -2.28 -27.53
CA GLU E 399 -41.06 -2.91 -28.21
C GLU E 399 -41.52 -2.00 -29.33
N GLN E 400 -41.41 -0.70 -29.11
CA GLN E 400 -41.42 0.23 -30.22
C GLN E 400 -40.07 0.21 -30.92
N ASN E 401 -39.02 -0.14 -30.19
CA ASN E 401 -37.71 -0.45 -30.76
C ASN E 401 -37.53 -1.95 -30.94
N GLN E 402 -38.49 -2.59 -31.62
CA GLN E 402 -38.34 -4.00 -31.94
C GLN E 402 -37.28 -4.15 -33.02
N ASP E 403 -36.20 -4.89 -32.68
CA ASP E 403 -34.92 -5.09 -33.36
C ASP E 403 -34.45 -3.85 -34.12
N ASN E 404 -34.53 -2.71 -33.45
CA ASN E 404 -34.26 -1.40 -34.02
C ASN E 404 -32.75 -1.20 -34.01
N VAL E 405 -32.30 0.02 -34.29
CA VAL E 405 -30.87 0.29 -34.28
C VAL E 405 -30.35 0.36 -32.85
N LEU E 406 -31.16 0.90 -31.93
CA LEU E 406 -30.81 0.91 -30.51
C LEU E 406 -30.85 -0.49 -29.93
N ALA E 407 -31.85 -1.29 -30.29
CA ALA E 407 -31.90 -2.68 -29.85
C ALA E 407 -30.74 -3.47 -30.45
N ARG E 408 -30.32 -3.12 -31.66
CA ARG E 408 -29.11 -3.69 -32.22
C ARG E 408 -27.89 -3.26 -31.43
N MET E 409 -27.92 -2.05 -30.87
CA MET E 409 -26.81 -1.55 -30.08
C MET E 409 -26.69 -2.28 -28.75
N LEU E 410 -27.81 -2.49 -28.08
CA LEU E 410 -27.81 -3.29 -26.87
C LEU E 410 -27.51 -4.75 -27.15
N ALA E 411 -27.76 -5.22 -28.37
CA ALA E 411 -27.48 -6.60 -28.72
C ALA E 411 -25.98 -6.87 -28.73
N HIS E 412 -25.22 -6.14 -29.54
CA HIS E 412 -23.81 -6.41 -29.73
C HIS E 412 -22.92 -5.60 -28.78
N LYS E 413 -23.46 -5.13 -27.66
CA LYS E 413 -22.72 -4.26 -26.75
C LYS E 413 -21.50 -4.93 -26.13
N GLU E 414 -21.47 -6.27 -26.11
CA GLU E 414 -20.33 -6.98 -25.58
C GLU E 414 -19.10 -6.78 -26.46
N ALA E 415 -19.30 -6.68 -27.77
CA ALA E 415 -18.19 -6.42 -28.67
C ALA E 415 -17.69 -4.99 -28.53
N VAL E 416 -18.61 -4.06 -28.30
CA VAL E 416 -18.25 -2.66 -28.15
C VAL E 416 -17.45 -2.45 -26.87
N ILE E 417 -17.86 -3.10 -25.78
CA ILE E 417 -17.11 -2.93 -24.54
C ILE E 417 -15.82 -3.73 -24.57
N SER E 418 -15.80 -4.85 -25.27
CA SER E 418 -14.57 -5.60 -25.44
C SER E 418 -13.56 -4.84 -26.26
N HIS E 419 -14.02 -4.03 -27.21
CA HIS E 419 -13.05 -3.35 -28.05
C HIS E 419 -12.66 -1.98 -27.53
N LEU E 420 -13.53 -1.29 -26.80
CA LEU E 420 -13.05 -0.13 -26.05
C LEU E 420 -12.07 -0.56 -24.97
N SER E 421 -12.33 -1.70 -24.33
CA SER E 421 -11.35 -2.23 -23.39
C SER E 421 -10.09 -2.68 -24.12
N TRP E 422 -10.20 -3.10 -25.38
CA TRP E 422 -8.99 -3.48 -26.10
C TRP E 422 -8.15 -2.28 -26.47
N VAL E 423 -8.75 -1.25 -27.08
CA VAL E 423 -7.94 -0.12 -27.54
C VAL E 423 -7.44 0.68 -26.35
N SER E 424 -8.22 0.72 -25.28
CA SER E 424 -7.72 1.33 -24.05
C SER E 424 -6.53 0.53 -23.51
N LEU E 425 -6.65 -0.79 -23.45
CA LEU E 425 -5.51 -1.62 -23.06
C LEU E 425 -4.35 -1.56 -24.05
N PHE E 426 -4.57 -1.13 -25.28
CA PHE E 426 -3.44 -1.01 -26.17
C PHE E 426 -2.71 0.29 -25.94
N LEU E 427 -3.45 1.36 -25.71
CA LEU E 427 -2.80 2.64 -25.53
C LEU E 427 -2.13 2.74 -24.17
N GLY E 428 -2.74 2.16 -23.14
CA GLY E 428 -2.17 2.30 -21.82
C GLY E 428 -0.94 1.47 -21.57
N PHE E 429 -0.67 0.49 -22.42
CA PHE E 429 0.64 -0.14 -22.43
C PHE E 429 1.56 0.46 -23.47
N HIS E 430 1.13 1.52 -24.14
CA HIS E 430 1.97 2.09 -25.17
C HIS E 430 1.98 3.61 -25.13
N THR E 431 1.49 4.21 -24.05
CA THR E 431 2.02 5.47 -23.59
C THR E 431 2.86 5.25 -22.35
N LEU E 432 2.31 4.51 -21.39
CA LEU E 432 3.05 4.18 -20.18
C LEU E 432 4.21 3.25 -20.47
N GLY E 433 4.07 2.40 -21.50
CA GLY E 433 5.22 1.66 -21.95
C GLY E 433 6.30 2.57 -22.49
N LEU E 434 5.91 3.52 -23.33
CA LEU E 434 6.91 4.39 -23.94
C LEU E 434 7.36 5.49 -23.00
N TYR E 435 6.50 5.97 -22.10
CA TYR E 435 6.98 6.95 -21.13
C TYR E 435 7.83 6.34 -20.04
N VAL E 436 7.53 5.12 -19.60
CA VAL E 436 8.42 4.54 -18.61
C VAL E 436 9.70 4.07 -19.29
N HIS E 437 9.64 3.74 -20.57
CA HIS E 437 10.86 3.49 -21.32
C HIS E 437 11.73 4.73 -21.43
N ASN E 438 11.13 5.86 -21.84
CA ASN E 438 11.91 7.08 -21.97
C ASN E 438 12.36 7.61 -20.62
N ASP E 439 11.61 7.33 -19.57
CA ASP E 439 11.96 7.85 -18.26
C ASP E 439 13.08 7.03 -17.62
N VAL E 440 13.02 5.71 -17.78
CA VAL E 440 14.11 4.84 -17.37
C VAL E 440 15.38 5.15 -18.15
N VAL E 441 15.24 5.27 -19.46
CA VAL E 441 16.40 5.43 -20.33
C VAL E 441 17.05 6.80 -20.13
N VAL E 442 16.24 7.86 -20.06
CA VAL E 442 16.76 9.19 -19.75
C VAL E 442 17.35 9.23 -18.36
N ALA E 443 16.76 8.49 -17.42
CA ALA E 443 17.28 8.43 -16.07
C ALA E 443 18.67 7.83 -16.03
N PHE E 444 18.99 6.92 -16.93
CA PHE E 444 20.33 6.34 -16.91
C PHE E 444 21.29 7.09 -17.82
N GLY E 445 21.30 8.42 -17.68
CA GLY E 445 22.25 9.29 -18.36
C GLY E 445 22.22 9.22 -19.87
N ASN E 446 21.06 8.98 -20.46
CA ASN E 446 20.99 8.68 -21.89
C ASN E 446 19.65 9.13 -22.44
N PRO E 447 19.58 10.35 -22.97
CA PRO E 447 18.38 10.74 -23.73
C PRO E 447 18.33 10.12 -25.11
N GLU E 448 19.43 9.56 -25.61
CA GLU E 448 19.47 9.09 -26.99
C GLU E 448 18.79 7.73 -27.16
N LYS E 449 18.95 6.83 -26.19
CA LYS E 449 18.36 5.49 -26.32
C LYS E 449 16.84 5.49 -26.16
N GLN E 450 16.21 6.65 -25.91
CA GLN E 450 14.77 6.85 -25.95
C GLN E 450 14.12 6.29 -27.20
N ILE E 451 12.89 5.82 -27.05
CA ILE E 451 12.00 5.65 -28.18
C ILE E 451 11.34 7.00 -28.42
N LEU E 452 11.70 7.63 -29.52
CA LEU E 452 10.97 8.78 -30.02
C LEU E 452 10.43 8.38 -31.37
N ILE E 453 9.11 8.47 -31.54
CA ILE E 453 8.50 8.26 -32.83
C ILE E 453 7.99 9.61 -33.31
N GLU E 454 8.41 10.01 -34.49
CA GLU E 454 7.85 11.20 -35.11
C GLU E 454 6.38 10.97 -35.38
N PRO E 455 5.53 11.86 -34.96
CA PRO E 455 4.14 11.78 -35.38
C PRO E 455 4.00 12.27 -36.80
N ILE E 456 4.21 11.34 -37.74
CA ILE E 456 4.27 11.65 -39.16
C ILE E 456 2.91 12.06 -39.69
N PHE E 457 1.83 11.59 -39.07
CA PHE E 457 0.53 11.79 -39.70
C PHE E 457 0.05 13.22 -39.48
N ALA E 458 0.28 13.77 -38.29
CA ALA E 458 -0.05 15.16 -38.06
C ALA E 458 0.90 16.09 -38.81
N GLN E 459 2.16 15.69 -38.96
CA GLN E 459 3.07 16.48 -39.79
C GLN E 459 2.66 16.45 -41.24
N TRP E 460 2.10 15.33 -41.70
CA TRP E 460 1.63 15.23 -43.06
C TRP E 460 0.36 16.04 -43.25
N ILE E 461 -0.48 16.13 -42.23
CA ILE E 461 -1.69 16.95 -42.34
C ILE E 461 -1.34 18.43 -42.30
N GLN E 462 -0.31 18.80 -41.53
CA GLN E 462 0.20 20.15 -41.62
C GLN E 462 0.87 20.41 -42.96
N ALA E 463 1.35 19.37 -43.62
CA ALA E 463 1.79 19.56 -45.00
C ALA E 463 0.61 19.67 -45.95
N THR E 464 -0.55 19.10 -45.61
CA THR E 464 -1.72 19.33 -46.43
C THR E 464 -2.36 20.68 -46.17
N SER E 465 -1.96 21.37 -45.11
CA SER E 465 -2.39 22.73 -44.86
C SER E 465 -1.26 23.73 -45.04
N GLY E 466 -0.10 23.27 -45.49
CA GLY E 466 0.92 24.16 -45.98
C GLY E 466 2.06 24.50 -45.05
N LYS E 467 2.24 23.76 -43.96
CA LYS E 467 3.37 24.04 -43.07
C LYS E 467 4.63 23.47 -43.71
N MET E 468 5.41 24.34 -44.33
CA MET E 468 6.55 23.94 -45.16
C MET E 468 7.81 23.65 -44.36
N LEU E 469 7.72 23.53 -43.04
CA LEU E 469 8.89 23.30 -42.19
C LEU E 469 9.18 21.82 -42.00
N TYR E 470 8.62 20.95 -42.84
CA TYR E 470 8.75 19.51 -42.70
C TYR E 470 9.39 18.85 -43.90
N GLY E 471 9.15 19.35 -45.10
CA GLY E 471 9.73 18.72 -46.27
C GLY E 471 8.92 17.55 -46.77
N PHE E 472 7.61 17.73 -46.89
CA PHE E 472 6.77 16.75 -47.58
C PHE E 472 6.34 17.22 -48.96
N GLN E 473 6.02 18.51 -49.09
CA GLN E 473 5.66 19.16 -50.35
C GLN E 473 4.46 18.48 -51.00
N VAL E 474 3.33 18.52 -50.29
CA VAL E 474 2.08 17.96 -50.73
C VAL E 474 1.09 19.13 -50.72
N LEU E 475 -0.20 18.85 -50.97
CA LEU E 475 -1.24 19.70 -51.56
C LEU E 475 -1.18 21.20 -51.28
N LEU E 476 -0.96 21.61 -50.04
CA LEU E 476 -0.78 23.03 -49.78
C LEU E 476 0.66 23.40 -49.46
N SER E 477 1.47 22.48 -48.96
CA SER E 477 2.89 22.76 -48.85
C SER E 477 3.58 22.76 -50.21
N SER E 478 2.98 22.10 -51.21
CA SER E 478 3.46 22.18 -52.58
C SER E 478 2.70 23.27 -53.31
N SER E 479 3.42 24.27 -53.81
CA SER E 479 2.79 25.41 -54.46
C SER E 479 2.32 25.11 -55.88
N THR E 480 2.64 23.94 -56.43
CA THR E 480 2.30 23.59 -57.80
C THR E 480 1.19 22.56 -57.88
N SER E 481 0.45 22.36 -56.79
CA SER E 481 -0.57 21.34 -56.74
C SER E 481 -1.89 21.86 -57.32
N ASN E 482 -2.96 21.10 -57.13
CA ASN E 482 -4.26 21.52 -57.61
C ASN E 482 -4.85 22.59 -56.70
N ALA E 483 -4.89 22.32 -55.39
CA ALA E 483 -5.55 23.21 -54.46
C ALA E 483 -4.73 24.47 -54.21
N SER E 484 -3.41 24.38 -54.33
CA SER E 484 -2.57 25.56 -54.12
C SER E 484 -2.78 26.60 -55.20
N VAL E 485 -3.08 26.18 -56.42
CA VAL E 485 -3.41 27.11 -57.47
C VAL E 485 -4.90 27.46 -57.42
N ALA E 486 -5.72 26.55 -56.89
CA ALA E 486 -7.17 26.69 -56.95
C ALA E 486 -7.71 27.82 -56.08
N ALA E 487 -6.93 28.33 -55.13
CA ALA E 487 -7.31 29.51 -54.37
C ALA E 487 -6.12 30.44 -54.23
N GLN E 488 -5.33 30.55 -55.31
CA GLN E 488 -4.08 31.31 -55.30
C GLN E 488 -4.33 32.79 -55.07
N GLN E 489 -5.44 33.32 -55.54
CA GLN E 489 -5.77 34.71 -55.32
C GLN E 489 -6.70 34.91 -54.12
N LEU E 490 -7.43 33.88 -53.72
CA LEU E 490 -8.58 34.10 -52.86
C LEU E 490 -8.17 34.21 -51.38
N TRP E 491 -7.66 33.13 -50.79
CA TRP E 491 -7.28 33.21 -49.38
C TRP E 491 -6.01 32.46 -49.03
N LEU E 492 -5.33 31.83 -49.98
CA LEU E 492 -4.11 31.10 -49.65
C LEU E 492 -2.95 31.99 -49.22
N PRO E 493 -2.47 32.98 -50.03
CA PRO E 493 -1.19 33.62 -49.68
C PRO E 493 -1.27 34.51 -48.46
N GLY E 494 -2.47 34.96 -48.08
CA GLY E 494 -2.63 35.60 -46.80
C GLY E 494 -2.62 34.64 -45.63
N TRP E 495 -2.78 33.34 -45.89
CA TRP E 495 -2.92 32.37 -44.82
C TRP E 495 -1.66 31.56 -44.58
N LEU E 496 -0.85 31.31 -45.62
CA LEU E 496 0.40 30.58 -45.40
C LEU E 496 1.43 31.42 -44.67
N GLU E 497 1.27 32.74 -44.62
CA GLU E 497 2.01 33.54 -43.65
C GLU E 497 1.63 33.15 -42.24
N ALA E 498 0.35 32.89 -41.99
CA ALA E 498 -0.07 32.48 -40.66
C ALA E 498 0.32 31.04 -40.37
N VAL E 499 0.44 30.20 -41.40
CA VAL E 499 0.81 28.81 -41.18
C VAL E 499 2.30 28.68 -40.93
N ASN E 500 3.11 29.19 -41.86
CA ASN E 500 4.55 28.99 -41.79
C ASN E 500 5.24 29.87 -40.76
N ASN E 501 4.53 30.80 -40.12
CA ASN E 501 5.10 31.48 -38.98
C ASN E 501 5.16 30.53 -37.79
N GLU E 502 6.10 30.79 -36.88
CA GLU E 502 6.30 29.94 -35.72
C GLU E 502 5.83 30.56 -34.42
N SER E 503 5.79 31.89 -34.31
CA SER E 503 5.35 32.51 -33.07
C SER E 503 3.87 32.34 -32.86
N ASN E 504 3.09 32.36 -33.94
CA ASN E 504 1.65 32.23 -33.83
C ASN E 504 1.26 30.79 -33.47
N SER E 505 0.05 30.65 -32.94
CA SER E 505 -0.41 29.39 -32.38
C SER E 505 -1.30 28.63 -33.35
N LEU E 506 -1.00 28.70 -34.64
CA LEU E 506 -1.77 28.03 -35.68
C LEU E 506 -0.87 26.98 -36.32
N PHE E 507 -1.27 25.71 -36.21
CA PHE E 507 -0.52 24.55 -36.69
C PHE E 507 0.89 24.52 -36.10
N LEU E 508 0.93 24.24 -34.80
CA LEU E 508 2.15 24.30 -34.00
C LEU E 508 3.23 23.36 -34.53
N THR E 509 4.47 23.75 -34.28
CA THR E 509 5.60 22.88 -34.55
C THR E 509 5.54 21.67 -33.63
N ILE E 510 6.07 20.56 -34.11
CA ILE E 510 5.71 19.24 -33.59
C ILE E 510 6.95 18.38 -33.41
N GLY E 511 7.10 17.82 -32.22
CA GLY E 511 8.07 16.78 -31.97
C GLY E 511 7.35 15.51 -31.56
N PRO E 512 8.07 14.56 -30.96
CA PRO E 512 7.41 13.32 -30.53
C PRO E 512 6.55 13.45 -29.28
N GLY E 513 6.58 14.59 -28.60
CA GLY E 513 5.62 14.82 -27.54
C GLY E 513 4.19 14.86 -28.04
N ASP E 514 4.00 15.37 -29.26
CA ASP E 514 2.74 15.20 -30.00
C ASP E 514 2.34 13.73 -30.07
N PHE E 515 3.27 12.86 -30.46
CA PHE E 515 2.98 11.45 -30.64
C PHE E 515 2.56 10.80 -29.34
N LEU E 516 3.42 10.90 -28.32
CA LEU E 516 3.21 10.21 -27.06
C LEU E 516 2.02 10.77 -26.31
N VAL E 517 1.88 12.09 -26.30
CA VAL E 517 0.75 12.67 -25.59
C VAL E 517 -0.56 12.36 -26.31
N HIS E 518 -0.57 12.44 -27.64
CA HIS E 518 -1.82 12.18 -28.37
C HIS E 518 -2.25 10.73 -28.27
N HIS E 519 -1.31 9.82 -28.07
CA HIS E 519 -1.72 8.49 -27.65
C HIS E 519 -2.25 8.49 -26.23
N ALA E 520 -1.72 9.35 -25.34
CA ALA E 520 -2.31 9.40 -24.00
C ALA E 520 -3.69 10.02 -24.00
N ILE E 521 -3.97 10.91 -24.95
CA ILE E 521 -5.28 11.53 -25.01
C ILE E 521 -6.29 10.56 -25.57
N ALA E 522 -5.91 9.84 -26.64
CA ALA E 522 -6.79 8.79 -27.16
C ALA E 522 -7.00 7.68 -26.14
N LEU E 523 -6.00 7.44 -25.29
CA LEU E 523 -6.19 6.58 -24.13
C LEU E 523 -7.25 7.13 -23.21
N GLY E 524 -7.20 8.44 -22.93
CA GLY E 524 -8.18 9.03 -22.04
C GLY E 524 -9.59 8.98 -22.59
N LEU E 525 -9.73 9.18 -23.90
CA LEU E 525 -11.04 9.15 -24.52
C LEU E 525 -11.61 7.75 -24.54
N HIS E 526 -10.79 6.76 -24.93
CA HIS E 526 -11.35 5.42 -25.07
C HIS E 526 -11.59 4.76 -23.72
N THR E 527 -10.81 5.12 -22.71
CA THR E 527 -11.16 4.71 -21.36
C THR E 527 -12.44 5.35 -20.89
N THR E 528 -12.60 6.67 -21.12
CA THR E 528 -13.77 7.34 -20.57
C THR E 528 -15.04 6.88 -21.28
N THR E 529 -14.96 6.62 -22.58
CA THR E 529 -16.07 6.00 -23.26
C THR E 529 -16.19 4.52 -22.97
N LEU E 530 -15.14 3.88 -22.48
CA LEU E 530 -15.32 2.51 -21.99
C LEU E 530 -16.18 2.52 -20.75
N ILE E 531 -15.95 3.48 -19.85
CA ILE E 531 -16.78 3.59 -18.65
C ILE E 531 -18.20 3.97 -19.03
N LEU E 532 -18.33 4.95 -19.92
CA LEU E 532 -19.64 5.51 -20.21
C LEU E 532 -20.48 4.60 -21.08
N VAL E 533 -19.88 3.99 -22.09
CA VAL E 533 -20.62 3.06 -22.92
C VAL E 533 -20.85 1.76 -22.16
N LYS E 534 -19.98 1.45 -21.20
CA LYS E 534 -20.23 0.32 -20.30
C LYS E 534 -21.47 0.58 -19.46
N GLY E 535 -21.42 1.61 -18.62
CA GLY E 535 -22.55 1.92 -17.77
C GLY E 535 -23.66 2.68 -18.46
N ALA E 536 -23.65 2.69 -19.79
CA ALA E 536 -24.75 3.19 -20.59
C ALA E 536 -25.36 2.12 -21.48
N LEU E 537 -24.68 0.99 -21.66
CA LEU E 537 -25.28 -0.16 -22.33
C LEU E 537 -25.48 -1.34 -21.42
N ASP E 538 -24.63 -1.50 -20.40
CA ASP E 538 -24.97 -2.32 -19.24
C ASP E 538 -25.76 -1.52 -18.22
N ALA E 539 -26.20 -0.31 -18.57
CA ALA E 539 -27.13 0.46 -17.76
C ALA E 539 -28.44 -0.28 -17.60
N ARG E 540 -28.89 -0.95 -18.65
CA ARG E 540 -30.17 -1.61 -18.58
C ARG E 540 -30.04 -2.97 -17.91
N GLY E 541 -29.12 -3.79 -18.37
CA GLY E 541 -28.98 -5.12 -17.81
C GLY E 541 -27.61 -5.75 -17.98
N SER E 542 -27.07 -6.25 -16.88
CA SER E 542 -25.79 -6.95 -16.85
C SER E 542 -26.02 -8.39 -16.40
N LYS E 543 -25.01 -9.24 -16.57
CA LYS E 543 -25.14 -10.61 -16.09
C LYS E 543 -24.81 -10.78 -14.63
N LEU E 544 -24.31 -9.74 -13.96
CA LEU E 544 -24.28 -9.76 -12.50
C LEU E 544 -25.70 -9.65 -11.97
N MET E 545 -26.36 -8.55 -12.28
CA MET E 545 -27.78 -8.35 -11.99
C MET E 545 -28.47 -7.80 -13.22
N PRO E 546 -29.38 -8.55 -13.83
CA PRO E 546 -30.18 -7.99 -14.93
C PRO E 546 -31.45 -7.28 -14.48
N ASP E 547 -31.56 -6.96 -13.20
CA ASP E 547 -32.70 -6.20 -12.69
C ASP E 547 -32.42 -4.71 -12.67
N LYS E 548 -31.38 -4.25 -13.37
CA LYS E 548 -30.88 -2.90 -13.21
C LYS E 548 -31.83 -1.87 -13.79
N LYS E 549 -32.68 -2.28 -14.73
CA LYS E 549 -33.75 -1.41 -15.21
C LYS E 549 -34.78 -1.13 -14.13
N ASP E 550 -34.90 -1.98 -13.12
CA ASP E 550 -35.97 -1.82 -12.14
C ASP E 550 -35.62 -0.83 -11.05
N PHE E 551 -34.35 -0.75 -10.67
CA PHE E 551 -33.94 0.07 -9.54
C PHE E 551 -33.68 1.52 -9.92
N GLY E 552 -34.05 1.93 -11.12
CA GLY E 552 -33.81 3.29 -11.54
C GLY E 552 -32.36 3.48 -11.95
N TYR E 553 -31.95 4.75 -11.98
CA TYR E 553 -30.63 5.07 -12.49
C TYR E 553 -29.55 4.86 -11.44
N SER E 554 -29.61 5.63 -10.35
CA SER E 554 -28.49 5.77 -9.44
C SER E 554 -28.75 5.10 -8.09
N PHE E 555 -29.32 3.90 -8.13
CA PHE E 555 -29.46 3.09 -6.93
C PHE E 555 -28.07 2.73 -6.39
N PRO E 556 -27.93 2.53 -5.07
CA PRO E 556 -26.60 2.36 -4.49
C PRO E 556 -25.85 1.10 -4.91
N CYS E 557 -26.50 -0.05 -4.80
CA CYS E 557 -25.82 -1.33 -4.97
C CYS E 557 -26.84 -2.44 -5.05
N ASP E 558 -26.35 -3.67 -4.94
CA ASP E 558 -27.19 -4.86 -4.78
C ASP E 558 -26.81 -5.63 -3.52
N GLY E 559 -26.09 -5.00 -2.60
CA GLY E 559 -25.66 -5.67 -1.40
C GLY E 559 -24.50 -6.62 -1.67
N PRO E 560 -24.04 -7.32 -0.62
CA PRO E 560 -22.90 -8.22 -0.78
C PRO E 560 -23.21 -9.51 -1.49
N GLY E 561 -24.46 -9.73 -1.90
CA GLY E 561 -24.81 -10.98 -2.55
C GLY E 561 -24.10 -11.14 -3.87
N ARG E 562 -23.83 -12.41 -4.19
CA ARG E 562 -23.31 -12.82 -5.48
C ARG E 562 -21.92 -12.23 -5.72
N GLY E 563 -21.08 -12.28 -4.69
CA GLY E 563 -19.71 -11.85 -4.73
C GLY E 563 -19.46 -10.51 -4.10
N GLY E 564 -20.46 -9.64 -4.07
CA GLY E 564 -20.28 -8.26 -3.66
C GLY E 564 -20.65 -7.36 -4.81
N THR E 565 -21.27 -6.21 -4.56
CA THR E 565 -21.83 -5.44 -5.66
C THR E 565 -21.62 -3.94 -5.43
N CYS E 566 -20.40 -3.54 -5.07
CA CYS E 566 -20.08 -2.12 -4.95
C CYS E 566 -20.16 -1.48 -6.33
N ASP E 567 -21.09 -0.52 -6.48
CA ASP E 567 -21.21 0.36 -7.65
C ASP E 567 -21.46 -0.41 -8.94
N ILE E 568 -22.63 -1.05 -8.98
CA ILE E 568 -23.06 -1.72 -10.21
C ILE E 568 -23.92 -0.80 -11.08
N SER E 569 -24.47 0.27 -10.49
CA SER E 569 -25.49 1.10 -11.13
C SER E 569 -24.95 1.80 -12.36
N ALA E 570 -25.85 2.38 -13.14
CA ALA E 570 -25.41 3.18 -14.26
C ALA E 570 -24.86 4.53 -13.83
N TRP E 571 -24.93 4.84 -12.54
CA TRP E 571 -24.29 6.02 -12.00
C TRP E 571 -22.80 5.80 -11.78
N ASP E 572 -22.28 4.57 -11.93
CA ASP E 572 -20.83 4.42 -11.90
C ASP E 572 -20.18 4.87 -13.20
N ALA E 573 -20.95 4.95 -14.29
CA ALA E 573 -20.40 5.46 -15.53
C ALA E 573 -20.06 6.93 -15.39
N PHE E 574 -21.02 7.71 -14.88
CA PHE E 574 -20.74 9.08 -14.47
C PHE E 574 -19.68 9.13 -13.38
N TYR E 575 -19.79 8.25 -12.39
CA TYR E 575 -18.97 8.36 -11.19
C TYR E 575 -17.50 8.14 -11.49
N LEU E 576 -17.19 7.10 -12.23
CA LEU E 576 -15.83 6.78 -12.60
C LEU E 576 -15.35 7.60 -13.78
N ALA E 577 -16.25 7.87 -14.72
CA ALA E 577 -15.88 8.67 -15.88
C ALA E 577 -15.76 10.15 -15.56
N MET E 578 -16.14 10.56 -14.37
CA MET E 578 -15.76 11.89 -13.93
C MET E 578 -14.29 11.92 -13.55
N PHE E 579 -13.80 10.88 -12.90
CA PHE E 579 -12.38 10.82 -12.58
C PHE E 579 -11.54 10.68 -13.84
N TRP E 580 -12.00 9.86 -14.78
CA TRP E 580 -11.31 9.81 -16.05
C TRP E 580 -11.53 11.03 -16.91
N MET E 581 -12.63 11.74 -16.73
CA MET E 581 -12.80 12.99 -17.46
C MET E 581 -11.81 14.02 -16.96
N LEU E 582 -11.70 14.17 -15.64
CA LEU E 582 -10.74 15.13 -15.09
C LEU E 582 -9.32 14.70 -15.37
N ASN E 583 -9.05 13.40 -15.42
CA ASN E 583 -7.76 12.94 -15.84
C ASN E 583 -7.48 13.34 -17.28
N THR E 584 -8.44 13.12 -18.18
CA THR E 584 -8.17 13.29 -19.60
C THR E 584 -8.05 14.76 -19.95
N ILE E 585 -8.99 15.58 -19.47
CA ILE E 585 -8.90 17.02 -19.71
C ILE E 585 -7.72 17.59 -18.94
N GLY E 586 -7.36 16.96 -17.83
CA GLY E 586 -6.08 17.16 -17.18
C GLY E 586 -4.93 17.01 -18.14
N TRP E 587 -4.80 15.87 -18.81
CA TRP E 587 -3.66 15.64 -19.71
C TRP E 587 -3.71 16.55 -20.93
N VAL E 588 -4.91 16.87 -21.42
CA VAL E 588 -5.04 17.79 -22.54
C VAL E 588 -4.52 19.16 -22.18
N THR E 589 -5.00 19.71 -21.08
CA THR E 589 -4.64 21.08 -20.76
C THR E 589 -3.26 21.19 -20.13
N PHE E 590 -2.79 20.15 -19.44
CA PHE E 590 -1.37 20.10 -19.08
C PHE E 590 -0.50 20.12 -20.33
N TYR E 591 -0.89 19.35 -21.34
CA TYR E 591 -0.09 19.27 -22.56
C TYR E 591 -0.11 20.57 -23.34
N TRP E 592 -1.28 21.16 -23.49
CA TRP E 592 -1.40 22.44 -24.17
C TRP E 592 -0.63 23.52 -23.42
N HIS E 593 -0.72 23.49 -22.10
CA HIS E 593 -0.14 24.55 -21.31
C HIS E 593 1.38 24.44 -21.29
N TRP E 594 1.90 23.22 -21.27
CA TRP E 594 3.34 23.05 -21.37
C TRP E 594 3.84 23.18 -22.80
N LYS E 595 2.95 23.15 -23.78
CA LYS E 595 3.38 23.51 -25.13
C LYS E 595 3.52 25.01 -25.26
N HIS E 596 2.51 25.76 -24.83
CA HIS E 596 2.57 27.19 -25.03
C HIS E 596 3.43 27.92 -24.02
N LEU E 597 3.72 27.30 -22.87
CA LEU E 597 4.79 27.86 -22.06
C LEU E 597 6.15 27.66 -22.69
N SER E 598 6.29 26.73 -23.62
CA SER E 598 7.54 26.61 -24.35
C SER E 598 7.57 27.51 -25.57
N LEU E 599 6.42 27.83 -26.17
CA LEU E 599 6.43 28.79 -27.28
C LEU E 599 6.64 30.21 -26.80
N TRP E 600 5.87 30.61 -25.78
CA TRP E 600 5.85 32.00 -25.35
C TRP E 600 7.13 32.39 -24.66
N GLN E 601 7.75 31.47 -23.93
CA GLN E 601 9.08 31.71 -23.41
C GLN E 601 10.11 31.66 -24.54
N GLY E 602 9.87 30.83 -25.56
CA GLY E 602 10.70 30.75 -26.74
C GLY E 602 11.41 29.43 -26.91
N ASN E 603 11.74 28.78 -25.80
CA ASN E 603 12.50 27.52 -25.84
C ASN E 603 11.54 26.37 -26.12
N VAL E 604 11.29 26.15 -27.41
CA VAL E 604 10.53 24.98 -27.81
C VAL E 604 11.42 23.75 -27.73
N ALA E 605 12.74 23.95 -27.83
CA ALA E 605 13.69 22.86 -27.60
C ALA E 605 13.66 22.40 -26.15
N GLN E 606 13.23 23.27 -25.23
CA GLN E 606 13.03 22.84 -23.86
C GLN E 606 11.87 21.85 -23.76
N PHE E 607 10.83 22.04 -24.57
CA PHE E 607 9.75 21.07 -24.63
C PHE E 607 10.22 19.78 -25.29
N ASN E 608 10.65 19.87 -26.56
CA ASN E 608 10.79 18.69 -27.41
C ASN E 608 11.87 17.74 -26.91
N GLU E 609 12.83 18.24 -26.16
CA GLU E 609 13.85 17.39 -25.56
C GLU E 609 13.45 16.87 -24.20
N SER E 610 12.50 17.52 -23.52
CA SER E 610 12.17 17.19 -22.14
C SER E 610 10.67 17.13 -21.95
N SER E 611 9.97 16.46 -22.84
CA SER E 611 8.56 16.20 -22.63
C SER E 611 8.17 14.77 -22.96
N THR E 612 9.10 13.95 -23.40
CA THR E 612 8.80 12.58 -23.74
C THR E 612 9.05 11.63 -22.60
N TYR E 613 9.47 12.15 -21.44
CA TYR E 613 9.62 11.35 -20.24
C TYR E 613 8.99 12.12 -19.09
N LEU E 614 8.55 11.37 -18.08
CA LEU E 614 7.61 11.90 -17.10
C LEU E 614 8.25 12.89 -16.14
N MET E 615 9.54 12.73 -15.86
CA MET E 615 10.24 13.76 -15.11
C MET E 615 10.49 15.01 -15.96
N GLY E 616 10.31 14.92 -17.28
CA GLY E 616 10.27 16.14 -18.06
C GLY E 616 9.04 16.96 -17.73
N TRP E 617 7.93 16.30 -17.49
CA TRP E 617 6.70 16.99 -17.10
C TRP E 617 6.81 17.49 -15.67
N LEU E 618 7.06 16.58 -14.74
CA LEU E 618 7.07 16.93 -13.32
C LEU E 618 8.26 17.82 -12.96
N ARG E 619 9.37 17.67 -13.65
CA ARG E 619 10.51 18.55 -13.45
C ARG E 619 10.34 19.86 -14.18
N ASP E 620 10.25 19.79 -15.50
CA ASP E 620 10.43 20.94 -16.34
C ASP E 620 9.15 21.77 -16.43
N TYR E 621 8.02 21.23 -16.00
CA TYR E 621 6.76 21.96 -16.06
C TYR E 621 6.18 22.23 -14.70
N LEU E 622 5.90 21.19 -13.90
CA LEU E 622 5.20 21.40 -12.64
C LEU E 622 6.11 21.95 -11.57
N TRP E 623 7.34 21.45 -11.48
CA TRP E 623 8.24 21.97 -10.45
C TRP E 623 8.75 23.35 -10.80
N LEU E 624 9.09 23.58 -12.07
CA LEU E 624 9.62 24.88 -12.45
C LEU E 624 8.53 25.93 -12.55
N ASN E 625 7.38 25.59 -13.09
CA ASN E 625 6.37 26.60 -13.36
C ASN E 625 5.44 26.85 -12.19
N SER E 626 5.57 26.11 -11.10
CA SER E 626 4.91 26.51 -9.87
C SER E 626 5.77 27.38 -8.98
N SER E 627 6.97 27.73 -9.45
CA SER E 627 7.83 28.64 -8.68
C SER E 627 7.23 30.04 -8.46
N PRO E 628 6.60 30.72 -9.43
CA PRO E 628 5.93 31.98 -9.06
C PRO E 628 4.60 31.77 -8.37
N LEU E 629 3.99 30.60 -8.56
CA LEU E 629 2.81 30.26 -7.79
C LEU E 629 3.14 30.11 -6.32
N ILE E 630 4.05 29.19 -6.00
CA ILE E 630 4.23 28.78 -4.62
C ILE E 630 5.01 29.82 -3.81
N ASN E 631 5.66 30.76 -4.48
CA ASN E 631 6.20 31.95 -3.84
C ASN E 631 5.15 33.05 -3.71
N GLY E 632 3.87 32.70 -3.75
CA GLY E 632 2.79 33.67 -3.75
C GLY E 632 2.70 34.51 -2.50
N TYR E 633 3.18 33.99 -1.38
CA TYR E 633 3.39 34.78 -0.18
C TYR E 633 4.45 34.10 0.64
N ASN E 634 5.36 34.89 1.16
CA ASN E 634 6.52 34.44 1.90
C ASN E 634 6.39 34.86 3.35
N PRO E 635 7.25 34.36 4.24
CA PRO E 635 7.44 35.05 5.52
C PRO E 635 8.07 36.42 5.38
N TYR E 636 8.63 36.74 4.20
CA TYR E 636 9.10 38.08 3.88
C TYR E 636 7.99 39.01 3.45
N GLY E 637 6.92 38.47 2.87
CA GLY E 637 5.83 39.31 2.40
C GLY E 637 4.95 38.57 1.41
N MET E 638 4.34 39.32 0.51
CA MET E 638 3.41 38.75 -0.46
C MET E 638 3.41 39.62 -1.71
N ASN E 639 2.62 39.20 -2.68
CA ASN E 639 2.40 39.98 -3.89
C ASN E 639 1.00 39.66 -4.40
N SER E 640 0.75 39.96 -5.67
CA SER E 640 -0.59 39.81 -6.23
C SER E 640 -1.01 38.36 -6.41
N LEU E 641 -0.07 37.42 -6.47
CA LEU E 641 -0.41 36.02 -6.67
C LEU E 641 -0.66 35.26 -5.39
N ALA E 642 -0.78 35.96 -4.26
CA ALA E 642 -1.13 35.27 -3.02
C ALA E 642 -2.55 34.74 -3.04
N VAL E 643 -3.42 35.31 -3.87
CA VAL E 643 -4.77 34.77 -3.98
C VAL E 643 -4.73 33.44 -4.70
N TRP E 644 -3.87 33.33 -5.70
CA TRP E 644 -3.81 32.11 -6.47
C TRP E 644 -3.02 31.03 -5.74
N SER E 645 -2.06 31.39 -4.91
CA SER E 645 -1.42 30.38 -4.09
C SER E 645 -2.26 29.96 -2.90
N TRP E 646 -3.04 30.89 -2.34
CA TRP E 646 -3.97 30.51 -1.28
C TRP E 646 -5.08 29.63 -1.83
N MET E 647 -5.57 29.96 -3.02
CA MET E 647 -6.51 29.10 -3.73
C MET E 647 -5.87 27.77 -4.10
N PHE E 648 -4.57 27.77 -4.35
CA PHE E 648 -3.86 26.55 -4.67
C PHE E 648 -3.87 25.57 -3.51
N LEU E 649 -3.45 26.04 -2.32
CA LEU E 649 -3.43 25.16 -1.16
C LEU E 649 -4.85 24.80 -0.73
N PHE E 650 -5.76 25.78 -0.81
CA PHE E 650 -7.19 25.57 -0.60
C PHE E 650 -7.70 24.42 -1.44
N ALA E 651 -7.38 24.42 -2.71
CA ALA E 651 -7.94 23.42 -3.59
C ALA E 651 -7.23 22.08 -3.45
N HIS E 652 -6.02 22.05 -2.93
CA HIS E 652 -5.51 20.77 -2.46
C HIS E 652 -6.30 20.25 -1.28
N LEU E 653 -6.77 21.14 -0.40
CA LEU E 653 -7.60 20.69 0.72
C LEU E 653 -8.96 20.21 0.25
N VAL E 654 -9.53 20.83 -0.79
CA VAL E 654 -10.79 20.34 -1.34
C VAL E 654 -10.59 18.98 -1.97
N TRP E 655 -9.55 18.87 -2.79
CA TRP E 655 -9.24 17.64 -3.50
C TRP E 655 -8.89 16.50 -2.56
N ALA E 656 -8.44 16.80 -1.36
CA ALA E 656 -8.20 15.73 -0.41
C ALA E 656 -9.37 15.49 0.54
N THR E 657 -10.27 16.45 0.74
CA THR E 657 -11.51 16.13 1.43
C THR E 657 -12.44 15.32 0.55
N GLY E 658 -12.19 15.27 -0.75
CA GLY E 658 -12.89 14.31 -1.59
C GLY E 658 -12.60 12.88 -1.20
N PHE E 659 -11.37 12.60 -0.82
CA PHE E 659 -10.99 11.23 -0.56
C PHE E 659 -11.56 10.71 0.74
N MET E 660 -11.99 11.59 1.63
CA MET E 660 -12.67 11.12 2.84
C MET E 660 -14.00 10.50 2.50
N PHE E 661 -14.65 10.95 1.43
CA PHE E 661 -15.93 10.37 1.05
C PHE E 661 -15.77 9.24 0.06
N LEU E 662 -14.80 9.36 -0.86
CA LEU E 662 -14.66 8.32 -1.87
C LEU E 662 -14.12 7.03 -1.29
N ILE E 663 -13.08 7.14 -0.46
CA ILE E 663 -12.43 5.96 0.11
C ILE E 663 -13.26 5.40 1.25
N SER E 664 -13.45 6.20 2.29
CA SER E 664 -14.03 5.75 3.55
C SER E 664 -15.54 5.89 3.48
N TRP E 665 -16.22 4.79 3.19
CA TRP E 665 -17.65 4.79 2.92
C TRP E 665 -18.48 4.84 4.19
N ARG E 666 -19.76 4.51 4.07
CA ARG E 666 -20.77 5.06 4.98
C ARG E 666 -20.70 4.46 6.37
N GLY E 667 -20.90 3.15 6.48
CA GLY E 667 -21.23 2.47 7.72
C GLY E 667 -20.27 2.67 8.87
N TYR E 668 -19.03 3.05 8.58
CA TYR E 668 -18.18 3.69 9.57
C TYR E 668 -18.90 4.88 10.21
N TRP E 669 -19.26 5.85 9.38
CA TRP E 669 -19.97 7.00 9.92
C TRP E 669 -21.39 6.68 10.33
N GLN E 670 -22.03 5.66 9.77
CA GLN E 670 -23.36 5.37 10.27
C GLN E 670 -23.30 4.76 11.67
N GLU E 671 -22.21 4.07 12.01
CA GLU E 671 -22.06 3.66 13.41
C GLU E 671 -21.20 4.63 14.21
N LEU E 672 -20.85 5.79 13.66
CA LEU E 672 -20.19 6.83 14.46
C LEU E 672 -21.09 8.02 14.79
N ILE E 673 -22.01 8.36 13.89
CA ILE E 673 -23.03 9.36 14.18
C ILE E 673 -23.95 8.87 15.30
N GLU E 674 -24.09 7.56 15.45
CA GLU E 674 -24.78 7.01 16.61
C GLU E 674 -24.02 7.31 17.91
N THR E 675 -22.70 7.32 17.85
CA THR E 675 -21.92 7.67 19.04
C THR E 675 -22.05 9.15 19.36
N LEU E 676 -22.06 9.99 18.32
CA LEU E 676 -22.26 11.42 18.56
C LEU E 676 -23.67 11.70 19.06
N ALA E 677 -24.65 10.94 18.58
CA ALA E 677 -26.02 11.14 19.02
C ALA E 677 -26.22 10.64 20.43
N TRP E 678 -25.49 9.60 20.84
CA TRP E 678 -25.47 9.25 22.26
C TRP E 678 -24.81 10.34 23.07
N ALA E 679 -23.74 10.92 22.53
CA ALA E 679 -22.99 11.93 23.27
C ALA E 679 -23.78 13.22 23.43
N HIS E 680 -24.73 13.47 22.54
CA HIS E 680 -25.58 14.64 22.70
C HIS E 680 -26.85 14.31 23.47
N GLU E 681 -27.35 13.08 23.34
CA GLU E 681 -28.53 12.70 24.10
C GLU E 681 -28.22 12.57 25.58
N ARG E 682 -26.97 12.22 25.92
CA ARG E 682 -26.60 11.94 27.30
C ARG E 682 -26.03 13.15 28.03
N THR E 683 -25.49 14.13 27.31
CA THR E 683 -24.88 15.28 27.96
C THR E 683 -25.93 16.19 28.61
N PRO E 684 -25.58 16.84 29.71
CA PRO E 684 -26.48 17.83 30.29
C PRO E 684 -26.19 19.22 29.73
N LEU E 685 -27.19 20.10 29.91
CA LEU E 685 -27.32 21.46 29.40
C LEU E 685 -27.50 21.55 27.88
N ALA E 686 -27.42 20.43 27.16
CA ALA E 686 -27.59 20.49 25.73
C ALA E 686 -28.55 19.43 25.20
N ASN E 687 -28.90 18.42 26.00
CA ASN E 687 -29.92 17.48 25.59
C ASN E 687 -31.31 18.11 25.49
N LEU E 688 -31.50 19.28 26.09
CA LEU E 688 -32.64 20.13 25.76
C LEU E 688 -32.67 20.45 24.28
N ILE E 689 -31.53 20.90 23.75
CA ILE E 689 -31.47 21.24 22.34
C ILE E 689 -31.32 19.95 21.58
N ARG E 690 -32.46 19.37 21.21
CA ARG E 690 -32.49 18.12 20.49
C ARG E 690 -32.86 18.38 19.04
N TRP E 691 -32.34 17.54 18.15
CA TRP E 691 -32.56 17.69 16.73
C TRP E 691 -34.01 17.40 16.36
N LYS E 692 -34.41 17.92 15.21
CA LYS E 692 -35.68 17.52 14.62
C LYS E 692 -35.46 16.50 13.51
N ASP E 693 -34.67 16.85 12.50
CA ASP E 693 -34.22 15.87 11.53
C ASP E 693 -33.13 15.03 12.15
N LYS E 694 -33.27 13.72 12.04
CA LYS E 694 -32.36 12.87 12.79
C LYS E 694 -31.01 12.77 12.11
N PRO E 695 -29.94 12.85 12.87
CA PRO E 695 -28.59 12.80 12.29
C PRO E 695 -28.22 11.45 11.72
N VAL E 696 -28.06 11.39 10.42
CA VAL E 696 -27.81 10.14 9.71
C VAL E 696 -26.70 10.40 8.71
N ALA E 697 -25.72 9.50 8.69
CA ALA E 697 -24.61 9.58 7.75
C ALA E 697 -25.12 9.48 6.31
N LEU E 698 -24.36 10.08 5.41
CA LEU E 698 -24.83 10.25 4.03
C LEU E 698 -24.83 8.91 3.32
N SER E 699 -25.94 8.60 2.65
CA SER E 699 -26.05 7.37 1.90
C SER E 699 -25.07 7.36 0.74
N ILE E 700 -24.72 6.16 0.29
CA ILE E 700 -23.58 6.02 -0.61
C ILE E 700 -23.88 6.39 -2.05
N VAL E 701 -25.13 6.72 -2.37
CA VAL E 701 -25.35 7.45 -3.60
C VAL E 701 -24.83 8.87 -3.44
N GLN E 702 -25.04 9.44 -2.26
CA GLN E 702 -24.58 10.78 -1.97
C GLN E 702 -23.10 10.83 -1.64
N ALA E 703 -22.57 9.78 -1.00
CA ALA E 703 -21.19 9.81 -0.50
C ALA E 703 -20.19 9.87 -1.65
N ARG E 704 -20.36 8.99 -2.63
CA ARG E 704 -19.51 9.02 -3.80
C ARG E 704 -19.76 10.27 -4.65
N LEU E 705 -20.95 10.87 -4.53
CA LEU E 705 -21.20 12.12 -5.22
C LEU E 705 -20.42 13.26 -4.60
N VAL E 706 -20.49 13.40 -3.27
CA VAL E 706 -19.85 14.54 -2.64
C VAL E 706 -18.34 14.37 -2.63
N GLY E 707 -17.86 13.13 -2.63
CA GLY E 707 -16.45 12.91 -2.86
C GLY E 707 -16.05 13.25 -4.28
N LEU E 708 -16.95 12.97 -5.23
CA LEU E 708 -16.72 13.37 -6.61
C LEU E 708 -16.70 14.88 -6.75
N VAL E 709 -17.57 15.58 -6.02
CA VAL E 709 -17.69 17.03 -6.16
C VAL E 709 -16.48 17.72 -5.55
N HIS E 710 -15.99 17.24 -4.42
CA HIS E 710 -14.77 17.82 -3.88
C HIS E 710 -13.57 17.43 -4.72
N PHE E 711 -13.64 16.30 -5.40
CA PHE E 711 -12.56 15.93 -6.30
C PHE E 711 -12.52 16.88 -7.50
N THR E 712 -13.68 17.23 -8.06
CA THR E 712 -13.70 18.14 -9.20
C THR E 712 -13.37 19.56 -8.78
N VAL E 713 -13.96 20.03 -7.68
CA VAL E 713 -13.73 21.41 -7.23
C VAL E 713 -12.28 21.60 -6.83
N GLY E 714 -11.71 20.61 -6.16
CA GLY E 714 -10.30 20.69 -5.81
C GLY E 714 -9.40 20.58 -7.01
N TYR E 715 -9.76 19.70 -7.95
CA TYR E 715 -8.97 19.50 -9.16
C TYR E 715 -8.95 20.75 -10.02
N ILE E 716 -10.13 21.27 -10.31
CA ILE E 716 -10.31 22.36 -11.26
C ILE E 716 -9.87 23.68 -10.64
N LEU E 717 -10.15 23.89 -9.36
CA LEU E 717 -9.60 25.08 -8.71
C LEU E 717 -8.09 25.00 -8.54
N THR E 718 -7.53 23.78 -8.40
CA THR E 718 -6.07 23.70 -8.34
C THR E 718 -5.47 24.05 -9.69
N TYR E 719 -6.09 23.59 -10.78
CA TYR E 719 -5.47 23.83 -12.07
C TYR E 719 -5.77 25.21 -12.62
N ALA E 720 -6.90 25.79 -12.25
CA ALA E 720 -7.13 27.18 -12.57
C ALA E 720 -6.27 28.08 -11.69
N ALA E 721 -5.86 27.60 -10.52
CA ALA E 721 -4.85 28.35 -9.77
C ALA E 721 -3.51 28.26 -10.46
N PHE E 722 -3.17 27.10 -11.02
CA PHE E 722 -1.81 26.94 -11.53
C PHE E 722 -1.62 27.55 -12.91
N VAL E 723 -2.64 27.50 -13.78
CA VAL E 723 -2.53 28.11 -15.09
C VAL E 723 -2.31 29.61 -14.97
N ILE E 724 -3.12 30.24 -14.13
CA ILE E 724 -3.13 31.68 -14.02
C ILE E 724 -1.95 32.17 -13.19
N ALA E 725 -1.60 31.47 -12.11
CA ALA E 725 -0.43 31.88 -11.35
C ALA E 725 0.86 31.63 -12.10
N SER E 726 0.91 30.54 -12.87
CA SER E 726 2.11 30.21 -13.63
C SER E 726 2.34 31.21 -14.75
N THR E 727 1.36 31.33 -15.67
CA THR E 727 1.55 32.24 -16.79
C THR E 727 1.50 33.69 -16.36
N ALA E 728 0.84 34.00 -15.26
CA ALA E 728 0.91 35.35 -14.72
C ALA E 728 2.23 35.60 -13.99
N GLY E 729 2.96 34.55 -13.66
CA GLY E 729 4.22 34.72 -12.98
C GLY E 729 5.41 34.78 -13.93
N LYS E 730 5.35 34.01 -15.02
CA LYS E 730 6.40 34.07 -16.03
C LYS E 730 6.28 35.29 -16.92
N PHE E 731 5.19 36.04 -16.83
CA PHE E 731 4.98 37.22 -17.65
C PHE E 731 4.38 38.30 -16.76
N SER E 732 3.88 39.37 -17.38
CA SER E 732 3.22 40.50 -16.73
C SER E 732 4.06 41.17 -15.63
N ALA F 2 -42.20 1.68 2.47
CA ALA F 2 -41.34 0.66 3.04
C ALA F 2 -40.49 0.03 1.95
N HIS F 3 -39.42 -0.64 2.37
CA HIS F 3 -38.60 -1.39 1.43
C HIS F 3 -39.39 -2.60 0.98
N THR F 4 -39.91 -2.53 -0.24
CA THR F 4 -40.85 -3.54 -0.72
C THR F 4 -40.10 -4.82 -1.07
N VAL F 5 -40.36 -5.87 -0.31
CA VAL F 5 -39.81 -7.19 -0.61
C VAL F 5 -40.83 -7.94 -1.46
N LYS F 6 -40.40 -8.46 -2.59
CA LYS F 6 -41.24 -9.29 -3.42
C LYS F 6 -40.55 -10.64 -3.63
N ILE F 7 -41.35 -11.71 -3.60
CA ILE F 7 -40.86 -13.07 -3.60
C ILE F 7 -41.50 -13.80 -4.77
N TYR F 8 -40.71 -14.13 -5.77
CA TYR F 8 -41.27 -14.50 -7.06
C TYR F 8 -41.56 -16.00 -7.07
N ASP F 9 -41.95 -16.55 -8.21
CA ASP F 9 -42.31 -17.96 -8.28
C ASP F 9 -41.12 -18.87 -8.58
N ASN F 10 -39.91 -18.38 -8.39
CA ASN F 10 -38.74 -19.25 -8.39
C ASN F 10 -38.46 -19.82 -7.02
N CYS F 11 -39.18 -19.36 -6.00
CA CYS F 11 -38.90 -19.66 -4.60
C CYS F 11 -39.20 -21.12 -4.32
N ILE F 12 -38.15 -21.94 -4.29
CA ILE F 12 -38.32 -23.38 -4.15
C ILE F 12 -38.31 -23.79 -2.69
N GLY F 13 -38.35 -22.81 -1.79
CA GLY F 13 -38.59 -23.08 -0.39
C GLY F 13 -37.47 -23.78 0.34
N CYS F 14 -36.23 -23.39 0.08
CA CYS F 14 -35.13 -24.00 0.81
C CYS F 14 -34.88 -23.34 2.16
N THR F 15 -35.57 -22.23 2.44
CA THR F 15 -35.62 -21.53 3.73
C THR F 15 -34.26 -21.04 4.22
N GLN F 16 -33.28 -20.82 3.33
CA GLN F 16 -32.15 -20.03 3.78
C GLN F 16 -32.47 -18.55 3.83
N CYS F 17 -33.59 -18.13 3.24
CA CYS F 17 -33.97 -16.74 3.28
C CYS F 17 -34.47 -16.34 4.66
N VAL F 18 -35.44 -17.09 5.20
CA VAL F 18 -35.98 -16.77 6.51
C VAL F 18 -34.94 -16.97 7.58
N ARG F 19 -34.14 -18.03 7.48
CA ARG F 19 -33.01 -18.21 8.38
C ARG F 19 -31.93 -17.18 8.16
N ALA F 20 -31.89 -16.56 6.98
CA ALA F 20 -30.89 -15.53 6.70
C ALA F 20 -31.37 -14.14 7.04
N CYS F 21 -32.67 -13.92 7.14
CA CYS F 21 -33.20 -12.62 7.52
C CYS F 21 -33.14 -12.45 9.03
N PRO F 22 -32.35 -11.50 9.55
CA PRO F 22 -32.40 -11.26 10.99
C PRO F 22 -33.45 -10.25 11.38
N LEU F 23 -34.61 -10.29 10.73
CA LEU F 23 -35.70 -9.38 11.08
C LEU F 23 -37.07 -10.01 11.07
N ASP F 24 -37.22 -11.24 10.58
CA ASP F 24 -38.49 -11.98 10.53
C ASP F 24 -39.55 -11.23 9.73
N VAL F 25 -39.11 -10.46 8.74
CA VAL F 25 -40.04 -9.99 7.73
C VAL F 25 -40.48 -11.17 6.86
N LEU F 26 -39.61 -12.16 6.69
CA LEU F 26 -39.89 -13.31 5.86
C LEU F 26 -40.40 -14.48 6.70
N GLU F 27 -41.48 -15.10 6.23
CA GLU F 27 -41.96 -16.38 6.74
C GLU F 27 -42.20 -17.30 5.57
N MET F 28 -42.39 -18.57 5.87
CA MET F 28 -42.68 -19.57 4.86
C MET F 28 -44.17 -19.85 4.83
N VAL F 29 -44.71 -19.96 3.63
CA VAL F 29 -46.13 -20.20 3.40
C VAL F 29 -46.25 -21.52 2.64
N PRO F 30 -47.10 -22.44 3.09
CA PRO F 30 -47.33 -23.67 2.30
C PRO F 30 -48.01 -23.35 0.97
N TRP F 31 -47.29 -23.61 -0.11
CA TRP F 31 -47.74 -23.26 -1.45
C TRP F 31 -47.52 -24.47 -2.35
N ASP F 32 -48.60 -25.08 -2.82
CA ASP F 32 -48.53 -26.32 -3.58
C ASP F 32 -48.16 -26.03 -5.03
N GLY F 33 -46.92 -25.59 -5.22
CA GLY F 33 -46.41 -25.35 -6.56
C GLY F 33 -44.95 -25.72 -6.69
N CYS F 34 -44.35 -26.23 -5.62
CA CYS F 34 -42.95 -26.63 -5.60
C CYS F 34 -42.84 -28.02 -5.01
N LYS F 35 -41.61 -28.53 -4.95
CA LYS F 35 -41.40 -29.88 -4.44
C LYS F 35 -41.49 -29.91 -2.93
N ALA F 36 -40.97 -28.89 -2.26
CA ALA F 36 -41.13 -28.80 -0.82
C ALA F 36 -42.51 -28.31 -0.40
N GLY F 37 -43.33 -27.86 -1.35
CA GLY F 37 -44.64 -27.33 -1.02
C GLY F 37 -44.62 -25.97 -0.37
N GLN F 38 -43.48 -25.29 -0.39
CA GLN F 38 -43.27 -24.08 0.36
C GLN F 38 -42.98 -22.94 -0.60
N MET F 39 -43.36 -21.73 -0.20
CA MET F 39 -42.93 -20.53 -0.89
C MET F 39 -42.94 -19.40 0.12
N ALA F 40 -41.85 -18.64 0.17
CA ALA F 40 -41.68 -17.64 1.21
C ALA F 40 -42.62 -16.46 1.01
N SER F 41 -42.91 -15.78 2.12
CA SER F 41 -43.76 -14.60 2.10
C SER F 41 -43.11 -13.51 2.92
N ALA F 42 -43.39 -12.26 2.57
CA ALA F 42 -42.90 -11.10 3.31
C ALA F 42 -44.07 -10.24 3.76
N PRO F 43 -44.78 -10.64 4.83
CA PRO F 43 -45.89 -9.80 5.31
C PRO F 43 -45.45 -8.55 6.05
N ARG F 44 -44.44 -8.66 6.89
CA ARG F 44 -44.08 -7.57 7.79
C ARG F 44 -42.90 -6.75 7.24
N THR F 45 -43.12 -6.13 6.09
CA THR F 45 -42.10 -5.28 5.51
C THR F 45 -42.02 -3.90 6.14
N GLU F 46 -42.82 -3.62 7.16
CA GLU F 46 -42.66 -2.37 7.90
C GLU F 46 -41.40 -2.36 8.74
N ASP F 47 -40.89 -3.54 9.10
CA ASP F 47 -39.65 -3.67 9.82
C ASP F 47 -38.47 -3.98 8.92
N CYS F 48 -38.71 -4.08 7.61
CA CYS F 48 -37.68 -4.46 6.64
C CYS F 48 -36.61 -3.39 6.54
N VAL F 49 -35.40 -3.73 6.98
CA VAL F 49 -34.25 -2.86 6.83
C VAL F 49 -33.88 -2.68 5.37
N GLY F 50 -33.88 -3.76 4.60
CA GLY F 50 -33.36 -3.69 3.26
C GLY F 50 -31.89 -4.03 3.15
N CYS F 51 -31.33 -4.73 4.13
CA CYS F 51 -29.92 -5.05 4.16
C CYS F 51 -29.52 -6.12 3.16
N LYS F 52 -30.49 -6.72 2.46
CA LYS F 52 -30.27 -7.72 1.41
C LYS F 52 -29.47 -8.91 1.89
N ARG F 53 -29.56 -9.24 3.19
CA ARG F 53 -28.94 -10.45 3.69
C ARG F 53 -29.73 -11.67 3.24
N CYS F 54 -31.00 -11.48 2.87
CA CYS F 54 -31.76 -12.55 2.25
C CYS F 54 -31.22 -12.90 0.87
N GLU F 55 -30.95 -11.89 0.05
CA GLU F 55 -30.59 -12.14 -1.34
C GLU F 55 -29.21 -12.77 -1.49
N THR F 56 -28.35 -12.66 -0.48
CA THR F 56 -27.11 -13.42 -0.49
C THR F 56 -27.42 -14.91 -0.41
N ALA F 57 -28.27 -15.28 0.54
CA ALA F 57 -28.59 -16.68 0.77
C ALA F 57 -29.91 -17.05 0.08
N CYS F 58 -29.95 -16.84 -1.23
CA CYS F 58 -31.12 -17.20 -2.04
C CYS F 58 -30.63 -18.06 -3.20
N PRO F 59 -30.51 -19.35 -3.00
CA PRO F 59 -29.93 -20.25 -4.01
C PRO F 59 -30.89 -20.68 -5.12
N THR F 60 -31.61 -19.73 -5.67
CA THR F 60 -32.43 -20.01 -6.84
C THR F 60 -31.60 -19.73 -8.09
N ASP F 61 -32.26 -19.66 -9.25
CA ASP F 61 -31.55 -19.36 -10.48
C ASP F 61 -31.02 -17.94 -10.47
N PHE F 62 -31.92 -16.97 -10.41
CA PHE F 62 -31.52 -15.61 -10.11
C PHE F 62 -32.62 -14.97 -9.26
N LEU F 63 -32.46 -15.09 -7.94
CA LEU F 63 -33.07 -14.20 -6.95
C LEU F 63 -34.60 -14.20 -7.05
N SER F 64 -35.18 -15.32 -6.63
CA SER F 64 -36.61 -15.41 -6.37
C SER F 64 -37.10 -14.27 -5.49
N ILE F 65 -36.33 -13.91 -4.47
CA ILE F 65 -36.68 -12.85 -3.55
C ILE F 65 -35.86 -11.63 -3.89
N ARG F 66 -36.48 -10.62 -4.51
CA ARG F 66 -35.76 -9.43 -4.92
C ARG F 66 -36.23 -8.25 -4.10
N VAL F 67 -35.31 -7.63 -3.37
CA VAL F 67 -35.62 -6.56 -2.44
C VAL F 67 -35.50 -5.23 -3.17
N TYR F 68 -36.59 -4.48 -3.22
CA TYR F 68 -36.59 -3.16 -3.83
C TYR F 68 -36.57 -2.11 -2.73
N LEU F 69 -35.64 -1.17 -2.82
CA LEU F 69 -35.43 -0.20 -1.76
C LEU F 69 -36.46 0.91 -1.87
N GLY F 70 -37.46 0.89 -0.99
CA GLY F 70 -38.58 1.81 -1.07
C GLY F 70 -38.55 2.91 -0.03
N GLY F 71 -39.52 2.90 0.88
CA GLY F 71 -39.63 3.95 1.88
C GLY F 71 -38.56 3.85 2.96
N GLU F 72 -38.42 4.95 3.71
CA GLU F 72 -37.40 5.07 4.75
C GLU F 72 -38.04 5.65 5.99
N THR F 73 -38.57 4.79 6.85
CA THR F 73 -39.16 5.21 8.10
C THR F 73 -38.09 5.20 9.19
N THR F 74 -38.52 5.30 10.46
CA THR F 74 -37.59 5.14 11.56
C THR F 74 -37.07 3.71 11.64
N ARG F 75 -37.99 2.74 11.58
CA ARG F 75 -37.61 1.34 11.73
C ARG F 75 -36.88 0.83 10.50
N SER F 76 -37.27 1.31 9.32
CA SER F 76 -36.64 0.84 8.10
C SER F 76 -35.27 1.48 7.87
N MET F 77 -34.95 2.56 8.58
CA MET F 77 -33.61 3.10 8.56
C MET F 77 -32.72 2.52 9.65
N GLY F 78 -33.29 1.82 10.63
CA GLY F 78 -32.48 1.13 11.63
C GLY F 78 -31.70 2.03 12.56
N LEU F 79 -32.13 3.26 12.76
CA LEU F 79 -31.48 4.14 13.71
C LEU F 79 -31.83 3.73 15.14
N ALA F 80 -30.83 3.79 16.01
CA ALA F 80 -31.03 3.31 17.38
C ALA F 80 -31.89 4.26 18.19
N TYR F 81 -31.49 5.53 18.25
CA TYR F 81 -32.22 6.56 18.98
C TYR F 81 -33.58 6.86 18.36
N CYS G 21 -36.11 8.78 21.89
CA CYS G 21 -36.00 8.14 23.19
C CYS G 21 -37.29 7.40 23.53
N ALA G 22 -37.42 6.98 24.79
CA ALA G 22 -38.54 6.13 25.20
C ALA G 22 -39.87 6.88 25.20
N GLU G 23 -39.85 8.21 25.23
CA GLU G 23 -41.07 8.99 25.19
C GLU G 23 -41.54 9.26 23.75
N THR G 24 -40.72 8.94 22.74
CA THR G 24 -41.17 9.11 21.37
C THR G 24 -40.79 7.97 20.42
N GLU G 25 -39.88 7.07 20.78
CA GLU G 25 -39.48 5.98 19.90
C GLU G 25 -39.96 4.65 20.46
N GLU G 26 -40.16 3.68 19.58
CA GLU G 26 -40.70 2.38 19.94
C GLU G 26 -39.62 1.59 20.67
N LYS G 27 -39.69 1.56 22.00
CA LYS G 27 -38.83 0.69 22.78
C LYS G 27 -39.22 -0.76 22.52
N TYR G 28 -38.24 -1.65 22.49
CA TYR G 28 -38.48 -3.06 22.24
C TYR G 28 -38.07 -3.83 23.48
N ALA G 29 -39.07 -4.33 24.21
CA ALA G 29 -38.85 -5.06 25.46
C ALA G 29 -38.99 -6.55 25.17
N MET G 30 -37.88 -7.28 25.27
CA MET G 30 -37.87 -8.70 24.94
C MET G 30 -38.09 -9.54 26.19
N THR G 31 -39.16 -10.33 26.18
CA THR G 31 -39.54 -11.15 27.32
C THR G 31 -39.29 -12.61 26.99
N TRP G 32 -38.62 -13.31 27.90
CA TRP G 32 -38.30 -14.71 27.70
C TRP G 32 -37.97 -15.34 29.05
N SER G 33 -37.92 -16.67 29.05
CA SER G 33 -37.61 -17.43 30.24
C SER G 33 -36.48 -18.41 29.92
N SER G 34 -35.93 -19.00 30.97
CA SER G 34 -34.83 -19.94 30.81
C SER G 34 -34.96 -21.00 31.89
N ASP G 35 -33.92 -21.78 32.08
CA ASP G 35 -33.88 -22.80 33.12
C ASP G 35 -32.71 -22.63 34.06
N GLN G 36 -31.54 -22.27 33.55
CA GLN G 36 -30.36 -22.08 34.36
C GLN G 36 -29.79 -20.70 34.11
N GLN G 37 -29.11 -20.16 35.11
CA GLN G 37 -28.51 -18.84 34.96
C GLN G 37 -27.27 -18.94 34.10
N HIS G 38 -27.46 -18.85 32.78
CA HIS G 38 -26.34 -18.77 31.87
C HIS G 38 -25.88 -17.32 31.77
N ILE G 39 -25.00 -17.02 30.82
CA ILE G 39 -24.56 -15.65 30.57
C ILE G 39 -24.53 -15.45 29.06
N PHE G 40 -25.31 -14.50 28.57
CA PHE G 40 -25.31 -14.17 27.17
C PHE G 40 -24.61 -12.82 26.98
N GLU G 41 -24.62 -12.34 25.75
CA GLU G 41 -24.02 -11.06 25.41
C GLU G 41 -25.09 -10.09 24.94
N MET G 42 -25.09 -8.89 25.52
CA MET G 42 -25.99 -7.84 25.09
C MET G 42 -25.68 -7.39 23.67
N PRO G 43 -26.67 -6.85 22.95
CA PRO G 43 -26.36 -6.15 21.71
C PRO G 43 -25.83 -4.75 21.95
N THR G 44 -26.16 -4.14 23.09
CA THR G 44 -25.44 -2.97 23.55
C THR G 44 -23.99 -3.33 23.86
N GLY G 45 -23.76 -4.52 24.38
CA GLY G 45 -22.41 -5.01 24.53
C GLY G 45 -22.15 -5.61 25.89
N GLY G 46 -21.10 -6.41 25.99
CA GLY G 46 -20.70 -7.00 27.26
C GLY G 46 -21.62 -8.12 27.70
N ALA G 47 -21.27 -8.70 28.84
CA ALA G 47 -22.02 -9.81 29.36
C ALA G 47 -23.17 -9.34 30.23
N ALA G 48 -24.26 -10.10 30.20
CA ALA G 48 -25.47 -9.77 30.94
C ALA G 48 -25.74 -10.83 31.99
N VAL G 49 -26.53 -10.45 32.99
CA VAL G 49 -26.67 -11.27 34.19
C VAL G 49 -27.51 -12.52 33.91
N MET G 50 -28.56 -12.38 33.08
CA MET G 50 -29.43 -13.48 32.62
C MET G 50 -30.07 -14.21 33.81
N ASN G 51 -31.04 -13.51 34.41
CA ASN G 51 -31.93 -14.08 35.42
C ASN G 51 -32.52 -15.40 34.93
N SER G 52 -32.44 -16.41 35.79
CA SER G 52 -32.68 -17.79 35.36
C SER G 52 -34.16 -18.08 35.14
N GLY G 53 -35.02 -17.61 36.05
CA GLY G 53 -36.43 -17.93 35.97
C GLY G 53 -37.15 -17.26 34.82
N ASP G 54 -37.29 -15.94 34.87
CA ASP G 54 -37.97 -15.20 33.83
C ASP G 54 -37.39 -13.80 33.80
N ASN G 55 -37.15 -13.28 32.59
CA ASN G 55 -36.54 -11.98 32.48
C ASN G 55 -36.99 -11.26 31.22
N LEU G 56 -37.38 -10.00 31.39
CA LEU G 56 -37.66 -9.09 30.29
C LEU G 56 -36.41 -8.26 30.00
N LEU G 57 -36.39 -7.66 28.81
CA LEU G 57 -35.18 -6.97 28.39
C LEU G 57 -35.53 -5.87 27.40
N TYR G 58 -35.46 -4.62 27.86
CA TYR G 58 -35.68 -3.47 26.98
C TYR G 58 -34.52 -3.32 26.02
N LEU G 59 -34.84 -2.97 24.76
CA LEU G 59 -33.81 -2.72 23.76
C LEU G 59 -34.14 -1.48 22.96
N ALA G 60 -33.43 -1.27 21.85
CA ALA G 60 -33.57 -0.06 21.04
C ALA G 60 -34.16 -0.31 19.66
N ARG G 61 -33.83 -1.42 19.02
CA ARG G 61 -34.31 -1.68 17.67
C ARG G 61 -34.33 -3.18 17.42
N LYS G 62 -35.08 -3.57 16.38
CA LYS G 62 -35.55 -4.95 16.23
C LYS G 62 -34.42 -5.90 15.88
N GLU G 63 -33.45 -5.43 15.11
CA GLU G 63 -32.33 -6.26 14.70
C GLU G 63 -31.47 -6.65 15.90
N GLN G 64 -31.41 -5.79 16.91
CA GLN G 64 -30.76 -6.16 18.17
C GLN G 64 -31.50 -7.30 18.83
N ALA G 65 -32.82 -7.28 18.74
CA ALA G 65 -33.65 -8.24 19.47
C ALA G 65 -33.64 -9.60 18.79
N LEU G 66 -33.80 -9.63 17.47
CA LEU G 66 -33.76 -10.90 16.78
C LEU G 66 -32.33 -11.39 16.58
N ALA G 67 -31.37 -10.47 16.63
CA ALA G 67 -29.98 -10.87 16.72
C ALA G 67 -29.68 -11.50 18.07
N LEU G 68 -30.38 -11.08 19.12
CA LEU G 68 -30.26 -11.76 20.40
C LEU G 68 -30.99 -13.09 20.37
N ALA G 69 -32.08 -13.16 19.58
CA ALA G 69 -32.80 -14.41 19.41
C ALA G 69 -31.94 -15.43 18.69
N THR G 70 -31.14 -14.97 17.71
CA THR G 70 -30.14 -15.84 17.11
C THR G 70 -29.00 -16.12 18.07
N GLN G 71 -28.69 -15.16 18.95
CA GLN G 71 -27.60 -15.32 19.91
C GLN G 71 -27.89 -16.44 20.91
N LEU G 72 -29.15 -16.56 21.32
CA LEU G 72 -29.50 -17.59 22.29
C LEU G 72 -30.06 -18.85 21.66
N ARG G 73 -30.84 -18.73 20.58
CA ARG G 73 -31.54 -19.89 20.03
C ARG G 73 -30.58 -20.83 19.30
N THR G 74 -29.58 -20.27 18.61
CA THR G 74 -28.61 -21.12 17.94
C THR G 74 -27.65 -21.78 18.93
N GLN G 75 -27.49 -21.20 20.11
CA GLN G 75 -26.71 -21.88 21.14
C GLN G 75 -27.54 -22.99 21.80
N PHE G 76 -28.66 -22.63 22.41
CA PHE G 76 -29.43 -23.58 23.21
C PHE G 76 -30.90 -23.20 23.17
N LYS G 77 -31.69 -23.80 24.04
CA LYS G 77 -33.13 -23.66 24.03
C LYS G 77 -33.56 -22.45 24.85
N ILE G 78 -34.20 -21.49 24.19
CA ILE G 78 -34.71 -20.29 24.85
C ILE G 78 -36.14 -20.01 24.42
N GLN G 79 -36.87 -21.05 24.02
CA GLN G 79 -38.19 -20.86 23.45
C GLN G 79 -39.18 -20.40 24.52
N ASP G 80 -40.40 -20.07 24.06
CA ASP G 80 -41.29 -19.09 24.68
C ASP G 80 -40.53 -17.77 24.87
N TYR G 81 -40.20 -17.18 23.73
CA TYR G 81 -39.56 -15.87 23.69
C TYR G 81 -40.25 -15.04 22.62
N LYS G 82 -40.60 -13.80 22.97
CA LYS G 82 -40.85 -12.72 22.01
C LYS G 82 -40.91 -11.36 22.70
N ILE G 83 -40.19 -10.42 22.10
CA ILE G 83 -40.31 -8.98 22.29
C ILE G 83 -41.74 -8.51 22.26
N TYR G 84 -42.15 -7.77 23.26
CA TYR G 84 -43.38 -7.00 23.20
C TYR G 84 -42.99 -5.59 22.77
N ARG G 85 -43.36 -5.23 21.55
CA ARG G 85 -43.00 -3.93 20.98
C ARG G 85 -43.71 -2.82 21.73
N ILE G 86 -42.97 -2.12 22.58
CA ILE G 86 -43.57 -1.04 23.34
C ILE G 86 -43.62 0.17 22.42
N PHE G 87 -44.71 0.32 21.68
CA PHE G 87 -44.87 1.57 20.97
C PHE G 87 -45.25 2.66 21.98
N PRO G 88 -44.83 3.91 21.75
CA PRO G 88 -44.89 4.92 22.83
C PRO G 88 -46.29 5.33 23.27
N SER G 89 -47.35 4.87 22.60
CA SER G 89 -48.69 5.08 23.13
C SER G 89 -48.90 4.29 24.40
N GLY G 90 -48.28 3.12 24.52
CA GLY G 90 -48.31 2.39 25.78
C GLY G 90 -48.43 0.89 25.72
N GLU G 91 -49.01 0.35 24.65
CA GLU G 91 -49.31 -1.07 24.60
C GLU G 91 -48.27 -1.82 23.76
N VAL G 92 -48.53 -3.10 23.53
CA VAL G 92 -47.51 -4.04 23.07
C VAL G 92 -47.91 -4.62 21.72
N GLN G 93 -46.99 -5.39 21.14
CA GLN G 93 -47.24 -6.19 19.93
C GLN G 93 -46.55 -7.54 20.10
N TYR G 94 -46.64 -8.38 19.08
CA TYR G 94 -46.19 -9.77 19.18
C TYR G 94 -45.97 -10.30 17.77
N LEU G 95 -44.72 -10.66 17.43
CA LEU G 95 -44.42 -10.93 16.02
C LEU G 95 -43.74 -12.26 15.77
N HIS G 96 -42.84 -12.69 16.66
CA HIS G 96 -41.91 -13.80 16.43
C HIS G 96 -41.99 -14.79 17.58
N PRO G 97 -42.83 -15.82 17.46
CA PRO G 97 -43.78 -16.06 16.37
C PRO G 97 -45.05 -15.26 16.54
N LYS G 98 -46.02 -15.49 15.66
CA LYS G 98 -47.39 -15.09 15.90
C LYS G 98 -48.30 -16.30 16.11
N ASP G 99 -48.16 -17.32 15.27
CA ASP G 99 -48.90 -18.57 15.41
C ASP G 99 -48.19 -19.55 16.33
N GLY G 100 -47.13 -19.11 17.00
CA GLY G 100 -46.46 -19.93 17.98
C GLY G 100 -45.35 -20.82 17.46
N VAL G 101 -45.14 -20.89 16.15
CA VAL G 101 -44.11 -21.75 15.59
C VAL G 101 -43.11 -20.91 14.83
N LEU G 102 -41.92 -21.45 14.71
CA LEU G 102 -40.73 -20.78 14.21
C LEU G 102 -40.91 -20.46 12.72
N PRO G 103 -40.41 -19.29 12.26
CA PRO G 103 -40.89 -18.76 10.96
C PRO G 103 -40.48 -19.55 9.75
N TYR G 104 -39.26 -20.10 9.71
CA TYR G 104 -38.89 -20.89 8.56
C TYR G 104 -39.56 -22.26 8.56
N GLN G 105 -40.04 -22.71 9.71
CA GLN G 105 -40.96 -23.84 9.72
C GLN G 105 -42.30 -23.39 9.16
N VAL G 106 -43.05 -24.36 8.64
CA VAL G 106 -44.23 -24.09 7.84
C VAL G 106 -45.47 -24.37 8.66
N ASN G 107 -46.29 -23.35 8.85
CA ASN G 107 -47.58 -23.48 9.49
C ASN G 107 -48.68 -23.14 8.49
N LYS G 108 -49.84 -23.77 8.68
CA LYS G 108 -50.97 -23.59 7.78
C LYS G 108 -51.91 -22.49 8.25
N GLY G 109 -51.36 -21.32 8.55
CA GLY G 109 -52.18 -20.16 8.84
C GLY G 109 -51.78 -18.91 8.08
N ARG G 110 -50.54 -18.90 7.57
CA ARG G 110 -49.96 -17.69 7.00
C ARG G 110 -50.42 -17.51 5.56
N GLU G 111 -50.84 -16.29 5.23
CA GLU G 111 -51.28 -15.94 3.89
C GLU G 111 -50.18 -15.18 3.18
N GLN G 112 -49.71 -15.72 2.06
CA GLN G 112 -48.58 -15.13 1.36
C GLN G 112 -48.97 -13.84 0.66
N VAL G 113 -48.21 -12.79 0.94
CA VAL G 113 -48.30 -11.54 0.20
C VAL G 113 -46.89 -11.21 -0.30
N GLY G 114 -46.82 -10.62 -1.49
CA GLY G 114 -45.55 -10.23 -2.03
C GLY G 114 -45.03 -11.16 -3.12
N ARG G 115 -45.88 -11.54 -4.04
CA ARG G 115 -45.47 -12.39 -5.15
C ARG G 115 -45.90 -11.79 -6.47
N VAL G 116 -45.27 -12.26 -7.54
CA VAL G 116 -45.77 -12.11 -8.90
C VAL G 116 -45.81 -13.48 -9.56
N LYS G 117 -46.22 -13.50 -10.83
CA LYS G 117 -46.49 -14.75 -11.53
C LYS G 117 -45.23 -15.43 -12.03
N SER G 118 -44.14 -14.72 -12.25
CA SER G 118 -42.98 -15.33 -12.89
C SER G 118 -41.72 -14.68 -12.34
N THR G 119 -40.62 -14.81 -13.09
CA THR G 119 -39.32 -14.30 -12.68
C THR G 119 -39.26 -12.79 -12.89
N ILE G 120 -38.05 -12.23 -12.83
CA ILE G 120 -37.88 -10.85 -13.22
C ILE G 120 -38.00 -10.72 -14.74
N GLY G 121 -37.77 -11.81 -15.47
CA GLY G 121 -37.72 -11.83 -16.94
C GLY G 121 -38.99 -11.42 -17.64
N LYS G 122 -40.12 -11.43 -16.93
CA LYS G 122 -41.36 -10.92 -17.48
C LYS G 122 -41.80 -9.63 -16.80
N ASN G 123 -40.96 -9.03 -15.97
CA ASN G 123 -41.33 -7.75 -15.39
C ASN G 123 -41.28 -6.65 -16.44
N VAL G 124 -42.11 -5.65 -16.23
CA VAL G 124 -42.37 -4.63 -17.24
C VAL G 124 -41.18 -3.67 -17.32
N ASN G 125 -40.98 -3.14 -18.50
CA ASN G 125 -39.93 -2.15 -18.71
C ASN G 125 -40.35 -0.81 -18.12
N PRO G 126 -39.44 -0.08 -17.50
CA PRO G 126 -39.82 1.16 -16.80
C PRO G 126 -40.17 2.32 -17.70
N ALA G 127 -40.07 2.19 -19.02
CA ALA G 127 -40.68 3.18 -19.90
C ALA G 127 -42.18 2.93 -20.08
N GLN G 128 -42.65 1.72 -19.76
CA GLN G 128 -44.08 1.46 -19.68
C GLN G 128 -44.65 1.89 -18.34
N VAL G 129 -43.78 2.16 -17.36
CA VAL G 129 -44.20 2.58 -16.03
C VAL G 129 -44.00 4.09 -15.84
N LYS G 130 -43.25 4.73 -16.74
CA LYS G 130 -42.95 6.16 -16.66
C LYS G 130 -44.21 7.00 -16.74
N PHE G 131 -44.25 8.05 -15.92
CA PHE G 131 -45.39 8.94 -15.67
C PHE G 131 -46.61 8.21 -15.12
N THR G 132 -46.41 7.06 -14.48
CA THR G 132 -47.46 6.38 -13.74
C THR G 132 -46.90 6.01 -12.37
N SER G 133 -47.78 6.00 -11.38
CA SER G 133 -47.39 5.63 -10.01
C SER G 133 -47.58 4.12 -9.80
N LYS G 134 -46.84 3.35 -10.58
CA LYS G 134 -46.87 1.90 -10.51
C LYS G 134 -45.49 1.39 -10.11
N ALA G 135 -45.33 0.08 -10.17
CA ALA G 135 -44.05 -0.58 -9.92
C ALA G 135 -43.52 -1.14 -11.23
N THR G 136 -42.26 -1.55 -11.20
CA THR G 136 -41.61 -2.17 -12.34
C THR G 136 -41.90 -3.65 -12.46
N TYR G 137 -42.80 -4.18 -11.62
CA TYR G 137 -43.09 -5.60 -11.58
C TYR G 137 -44.57 -5.94 -11.49
N ASP G 138 -45.44 -5.01 -11.09
CA ASP G 138 -46.86 -5.28 -11.03
C ASP G 138 -47.46 -5.22 -12.43
N ARG G 139 -48.16 -6.27 -12.82
CA ARG G 139 -48.68 -6.40 -14.18
C ARG G 139 -49.83 -7.39 -14.27
N ILE H 2 -35.79 -32.87 -21.78
CA ILE H 2 -36.90 -33.74 -21.48
C ILE H 2 -36.53 -34.66 -20.33
N LYS H 3 -35.65 -35.61 -20.59
CA LYS H 3 -35.32 -36.62 -19.61
C LYS H 3 -34.09 -36.22 -18.82
N LYS H 4 -33.79 -37.02 -17.80
CA LYS H 4 -32.61 -36.79 -16.98
C LYS H 4 -31.36 -37.13 -17.78
N GLY H 5 -30.32 -36.33 -17.61
CA GLY H 5 -29.08 -36.50 -18.33
C GLY H 5 -29.02 -35.84 -19.68
N SER H 6 -30.13 -35.28 -20.16
CA SER H 6 -30.15 -34.63 -21.46
C SER H 6 -29.46 -33.27 -21.38
N LEU H 7 -28.81 -32.90 -22.48
CA LEU H 7 -27.99 -31.70 -22.55
C LEU H 7 -28.84 -30.56 -23.12
N VAL H 8 -29.11 -29.54 -22.30
CA VAL H 8 -30.21 -28.62 -22.54
C VAL H 8 -29.69 -27.19 -22.59
N LYS H 9 -29.95 -26.51 -23.70
CA LYS H 9 -29.75 -25.07 -23.82
C LYS H 9 -30.95 -24.32 -23.24
N ILE H 10 -30.68 -23.13 -22.69
CA ILE H 10 -31.69 -22.30 -22.04
C ILE H 10 -32.11 -21.20 -22.99
N LEU H 11 -33.35 -20.71 -22.85
CA LEU H 11 -33.83 -19.53 -23.56
C LEU H 11 -34.54 -18.56 -22.62
N ARG H 12 -33.95 -18.30 -21.46
CA ARG H 12 -34.46 -17.31 -20.53
C ARG H 12 -33.36 -16.29 -20.24
N PRO H 13 -33.59 -14.99 -20.49
CA PRO H 13 -32.48 -14.03 -20.52
C PRO H 13 -31.86 -13.72 -19.18
N GLU H 14 -32.50 -14.06 -18.07
CA GLU H 14 -31.95 -13.82 -16.76
C GLU H 14 -31.35 -15.06 -16.14
N SER H 15 -31.37 -16.17 -16.86
CA SER H 15 -30.50 -17.28 -16.51
C SER H 15 -29.06 -16.84 -16.70
N PHE H 16 -28.21 -17.19 -15.74
CA PHE H 16 -26.79 -16.88 -15.91
C PHE H 16 -26.18 -17.71 -17.03
N TRP H 17 -26.70 -18.91 -17.25
CA TRP H 17 -26.19 -19.81 -18.28
C TRP H 17 -27.01 -19.70 -19.56
N TYR H 18 -27.54 -18.51 -19.83
CA TYR H 18 -28.38 -18.28 -21.00
C TYR H 18 -27.61 -18.54 -22.28
N ASN H 19 -28.20 -19.38 -23.14
CA ASN H 19 -27.58 -19.96 -24.32
C ASN H 19 -26.28 -20.69 -23.97
N GLU H 20 -26.33 -21.49 -22.91
CA GLU H 20 -25.29 -22.45 -22.59
C GLU H 20 -25.94 -23.78 -22.21
N VAL H 21 -25.42 -24.87 -22.75
CA VAL H 21 -26.00 -26.17 -22.51
C VAL H 21 -25.71 -26.63 -21.08
N GLY H 22 -26.54 -27.55 -20.59
CA GLY H 22 -26.42 -28.04 -19.23
C GLY H 22 -27.14 -29.36 -19.07
N THR H 23 -26.77 -30.08 -18.02
CA THR H 23 -27.23 -31.44 -17.79
C THR H 23 -28.41 -31.45 -16.82
N VAL H 24 -29.35 -32.34 -17.07
CA VAL H 24 -30.58 -32.43 -16.28
C VAL H 24 -30.39 -33.46 -15.18
N VAL H 25 -30.71 -33.08 -13.95
CA VAL H 25 -30.52 -33.93 -12.78
C VAL H 25 -31.84 -34.53 -12.31
N ASN H 26 -32.90 -33.73 -12.23
CA ASN H 26 -34.16 -34.21 -11.69
C ASN H 26 -35.31 -33.52 -12.39
N VAL H 27 -36.36 -34.29 -12.67
CA VAL H 27 -37.60 -33.78 -13.26
C VAL H 27 -38.76 -34.32 -12.43
N GLU H 28 -39.59 -33.43 -11.90
CA GLU H 28 -40.79 -33.84 -11.18
C GLU H 28 -42.00 -33.65 -12.07
N THR H 29 -42.93 -34.60 -12.02
CA THR H 29 -44.15 -34.59 -12.82
C THR H 29 -45.38 -34.30 -11.96
N SER H 30 -45.26 -33.37 -11.02
CA SER H 30 -46.34 -33.04 -10.10
C SER H 30 -46.64 -31.54 -10.17
N LYS H 31 -46.77 -31.05 -11.41
CA LYS H 31 -47.15 -29.68 -11.81
C LYS H 31 -46.39 -28.57 -11.07
N VAL H 32 -45.15 -28.85 -10.68
CA VAL H 32 -44.25 -27.81 -10.21
C VAL H 32 -43.93 -26.88 -11.37
N LEU H 33 -43.99 -25.57 -11.13
CA LEU H 33 -43.81 -24.61 -12.21
C LEU H 33 -42.38 -24.60 -12.74
N TYR H 34 -41.41 -24.99 -11.93
CA TYR H 34 -40.01 -25.04 -12.34
C TYR H 34 -39.43 -26.40 -11.96
N PRO H 35 -39.80 -27.47 -12.67
CA PRO H 35 -39.46 -28.82 -12.19
C PRO H 35 -38.10 -29.33 -12.63
N VAL H 36 -37.57 -28.83 -13.74
CA VAL H 36 -36.44 -29.45 -14.41
C VAL H 36 -35.17 -28.87 -13.80
N LEU H 37 -34.55 -29.61 -12.88
CA LEU H 37 -33.35 -29.14 -12.23
C LEU H 37 -32.15 -29.38 -13.14
N VAL H 38 -31.47 -28.30 -13.52
CA VAL H 38 -30.34 -28.36 -14.44
C VAL H 38 -29.12 -27.80 -13.74
N ARG H 39 -28.05 -28.57 -13.69
CA ARG H 39 -26.77 -28.06 -13.25
C ARG H 39 -25.79 -28.00 -14.42
N PHE H 40 -24.68 -27.33 -14.19
CA PHE H 40 -23.81 -26.89 -15.26
C PHE H 40 -22.36 -27.19 -14.93
N ASP H 41 -21.50 -27.00 -15.92
CA ASP H 41 -20.07 -27.03 -15.68
C ASP H 41 -19.62 -25.78 -14.95
N LYS H 42 -19.87 -24.61 -15.53
CA LYS H 42 -19.44 -23.37 -14.93
C LYS H 42 -20.43 -22.92 -13.86
N VAL H 43 -20.12 -21.79 -13.24
CA VAL H 43 -20.63 -21.42 -11.92
C VAL H 43 -21.02 -19.95 -11.95
N ASN H 44 -22.21 -19.62 -11.42
CA ASN H 44 -22.67 -18.24 -11.39
C ASN H 44 -22.00 -17.48 -10.26
N TYR H 45 -22.52 -16.31 -9.94
CA TYR H 45 -21.90 -15.51 -8.90
C TYR H 45 -22.30 -15.96 -7.51
N SER H 46 -23.37 -16.74 -7.37
CA SER H 46 -23.70 -17.31 -6.08
C SER H 46 -22.85 -18.52 -5.73
N GLY H 47 -21.92 -18.91 -6.59
CA GLY H 47 -21.11 -20.07 -6.34
C GLY H 47 -21.79 -21.39 -6.67
N LEU H 48 -22.97 -21.35 -7.29
CA LEU H 48 -23.84 -22.52 -7.34
C LEU H 48 -24.25 -22.82 -8.78
N ASN H 49 -23.84 -23.99 -9.27
CA ASN H 49 -24.23 -24.44 -10.60
C ASN H 49 -25.64 -25.02 -10.64
N SER H 50 -26.19 -25.38 -9.50
CA SER H 50 -27.42 -26.17 -9.44
C SER H 50 -28.63 -25.25 -9.44
N THR H 51 -29.34 -25.20 -10.56
CA THR H 51 -30.57 -24.41 -10.68
C THR H 51 -31.67 -25.27 -11.29
N ASN H 52 -32.83 -24.66 -11.52
CA ASN H 52 -33.97 -25.39 -12.07
C ASN H 52 -34.80 -24.46 -12.94
N PHE H 53 -35.53 -25.07 -13.88
CA PHE H 53 -36.16 -24.34 -14.96
C PHE H 53 -37.53 -24.94 -15.27
N SER H 54 -38.27 -24.26 -16.13
CA SER H 54 -39.53 -24.76 -16.65
C SER H 54 -39.31 -25.53 -17.95
N LEU H 55 -40.41 -25.81 -18.65
CA LEU H 55 -40.38 -26.62 -19.85
C LEU H 55 -40.25 -25.81 -21.13
N ASP H 56 -40.59 -24.53 -21.10
CA ASP H 56 -40.43 -23.70 -22.29
C ASP H 56 -38.97 -23.38 -22.56
N GLU H 57 -38.16 -23.38 -21.50
CA GLU H 57 -36.73 -23.11 -21.53
C GLU H 57 -35.93 -24.40 -21.52
N LEU H 58 -36.45 -25.41 -22.21
CA LEU H 58 -35.91 -26.77 -22.26
C LEU H 58 -35.63 -27.07 -23.73
N VAL H 59 -34.46 -26.68 -24.22
CA VAL H 59 -34.09 -26.89 -25.60
C VAL H 59 -32.86 -27.79 -25.62
N GLU H 60 -33.02 -29.00 -26.15
CA GLU H 60 -31.95 -29.98 -26.15
C GLU H 60 -31.12 -29.88 -27.41
N ILE H 61 -30.03 -30.65 -27.45
CA ILE H 61 -29.20 -30.76 -28.63
C ILE H 61 -29.16 -32.22 -29.07
N LYS H 62 -28.80 -32.43 -30.33
CA LYS H 62 -28.56 -33.77 -30.86
C LYS H 62 -27.24 -33.83 -31.63
N VAL I 30 12.82 19.10 -39.62
CA VAL I 30 13.26 18.20 -40.68
C VAL I 30 14.18 17.14 -40.08
N LEU I 31 13.87 15.88 -40.38
CA LEU I 31 14.66 14.76 -39.88
C LEU I 31 15.92 14.65 -40.71
N THR I 32 17.01 15.18 -40.19
CA THR I 32 18.30 14.95 -40.81
C THR I 32 18.72 13.50 -40.59
N PRO I 33 19.51 12.93 -41.51
CA PRO I 33 20.17 11.65 -41.21
C PRO I 33 21.12 11.83 -40.03
N CYS I 34 21.05 10.89 -39.10
CA CYS I 34 21.51 11.14 -37.74
C CYS I 34 23.03 11.15 -37.62
N GLN I 35 23.73 10.50 -38.55
CA GLN I 35 25.18 10.41 -38.50
C GLN I 35 25.87 11.75 -38.74
N GLN I 36 25.17 12.73 -39.31
CA GLN I 36 25.76 14.03 -39.60
C GLN I 36 25.12 15.17 -38.84
N SER I 37 24.10 14.91 -38.01
CA SER I 37 23.43 15.98 -37.29
C SER I 37 24.33 16.53 -36.20
N GLU I 38 24.24 17.84 -35.97
CA GLU I 38 25.20 18.52 -35.11
C GLU I 38 24.98 18.18 -33.65
N ALA I 39 23.74 18.36 -33.16
CA ALA I 39 23.42 18.14 -31.75
C ALA I 39 23.58 16.69 -31.34
N PHE I 40 23.47 15.76 -32.29
CA PHE I 40 23.83 14.37 -32.05
C PHE I 40 25.28 14.24 -31.60
N HIS I 41 26.21 14.77 -32.40
CA HIS I 41 27.61 14.69 -32.05
C HIS I 41 27.96 15.58 -30.86
N LYS I 42 27.15 16.62 -30.61
CA LYS I 42 27.27 17.36 -29.35
C LYS I 42 26.95 16.45 -28.18
N ARG I 43 25.94 15.59 -28.31
CA ARG I 43 25.67 14.62 -27.26
C ARG I 43 26.74 13.56 -27.19
N GLU I 44 27.43 13.29 -28.30
CA GLU I 44 28.54 12.36 -28.29
C GLU I 44 29.70 12.90 -27.44
N ILE I 45 30.09 14.15 -27.72
CA ILE I 45 31.18 14.78 -26.96
C ILE I 45 30.78 14.97 -25.51
N ASN I 46 29.52 15.32 -25.27
CA ASN I 46 29.07 15.63 -23.91
C ASN I 46 28.94 14.37 -23.06
N GLU I 47 28.50 13.27 -23.63
CA GLU I 47 28.35 12.08 -22.81
C GLU I 47 29.63 11.27 -22.69
N VAL I 48 30.44 11.22 -23.74
CA VAL I 48 31.76 10.60 -23.62
C VAL I 48 32.63 11.40 -22.66
N ARG I 49 32.57 12.72 -22.72
CA ARG I 49 33.37 13.54 -21.83
C ARG I 49 32.81 13.51 -20.40
N THR I 50 31.48 13.56 -20.27
CA THR I 50 30.86 13.58 -18.95
C THR I 50 31.06 12.28 -18.21
N LEU I 51 30.87 11.15 -18.90
CA LEU I 51 31.17 9.86 -18.30
C LEU I 51 32.66 9.65 -18.16
N GLU I 52 33.45 10.32 -19.00
CA GLU I 52 34.90 10.24 -18.94
C GLU I 52 35.46 10.99 -17.75
N ASN I 53 34.69 11.94 -17.20
CA ASN I 53 35.14 12.70 -16.05
C ASN I 53 35.29 11.81 -14.81
N ARG I 54 34.46 10.78 -14.71
CA ARG I 54 34.62 9.82 -13.62
C ARG I 54 35.76 8.85 -13.88
N GLN I 55 36.23 8.74 -15.13
CA GLN I 55 37.25 7.76 -15.44
C GLN I 55 38.64 8.20 -14.99
N ALA I 56 38.85 9.51 -14.82
CA ALA I 56 40.10 10.02 -14.28
C ALA I 56 40.14 9.99 -12.75
N ASN I 57 39.12 9.43 -12.10
CA ASN I 57 39.11 9.28 -10.66
C ASN I 57 39.83 8.02 -10.22
N TYR I 58 40.33 7.22 -11.15
CA TYR I 58 40.93 5.93 -10.82
C TYR I 58 42.25 5.75 -11.55
N GLU I 59 43.02 4.78 -11.08
CA GLU I 59 44.34 4.49 -11.62
C GLU I 59 44.22 3.71 -12.92
N ALA I 60 45.37 3.41 -13.53
CA ALA I 60 45.35 2.78 -14.85
C ALA I 60 44.96 1.32 -14.81
N ASN I 61 44.96 0.68 -13.63
CA ASN I 61 44.61 -0.73 -13.51
C ASN I 61 43.54 -0.97 -12.46
N SER I 62 42.70 0.02 -12.18
CA SER I 62 41.56 -0.20 -11.30
C SER I 62 40.50 -1.01 -12.04
N PRO I 63 39.75 -1.86 -11.32
CA PRO I 63 38.63 -2.57 -11.97
C PRO I 63 37.53 -1.63 -12.43
N SER I 64 37.28 -0.56 -11.68
CA SER I 64 36.34 0.47 -12.10
C SER I 64 36.82 1.18 -13.36
N TYR I 65 38.13 1.41 -13.45
CA TYR I 65 38.71 2.07 -14.62
C TYR I 65 38.54 1.22 -15.88
N LEU I 66 38.70 -0.10 -15.73
CA LEU I 66 38.40 -1.00 -16.83
C LEU I 66 36.91 -1.04 -17.13
N ALA I 67 36.08 -0.88 -16.10
CA ALA I 67 34.64 -0.88 -16.31
C ALA I 67 34.19 0.35 -17.08
N LEU I 68 34.82 1.50 -16.81
CA LEU I 68 34.50 2.69 -17.59
C LEU I 68 35.19 2.71 -18.94
N GLN I 69 36.27 1.94 -19.12
CA GLN I 69 36.75 1.66 -20.47
C GLN I 69 35.69 0.92 -21.27
N SER I 70 35.10 -0.13 -20.67
CA SER I 70 34.04 -0.88 -21.32
C SER I 70 32.80 -0.02 -21.53
N GLN I 71 32.59 0.97 -20.67
CA GLN I 71 31.41 1.82 -20.81
C GLN I 71 31.60 2.86 -21.91
N ILE I 72 32.82 3.42 -22.02
CA ILE I 72 33.14 4.33 -23.12
C ILE I 72 33.05 3.62 -24.47
N ASP I 73 33.52 2.37 -24.52
CA ASP I 73 33.31 1.54 -25.70
C ASP I 73 31.83 1.35 -25.98
N GLN I 74 31.04 1.04 -24.95
CA GLN I 74 29.59 0.94 -25.12
C GLN I 74 28.92 2.29 -25.32
N VAL I 75 29.59 3.43 -25.38
CA VAL I 75 28.97 4.68 -25.82
C VAL I 75 29.33 5.00 -27.27
N HIS I 76 30.59 4.77 -27.66
CA HIS I 76 30.95 4.98 -29.06
C HIS I 76 30.27 3.97 -29.97
N LYS I 77 30.12 2.72 -29.51
CA LYS I 77 29.33 1.76 -30.27
C LYS I 77 27.86 2.15 -30.28
N ARG I 78 27.39 2.73 -29.17
CA ARG I 78 26.01 3.17 -29.06
C ARG I 78 25.69 4.29 -30.04
N PHE I 79 26.67 5.13 -30.35
CA PHE I 79 26.39 6.25 -31.24
C PHE I 79 26.76 5.96 -32.68
N ASP I 80 27.66 5.01 -32.91
CA ASP I 80 27.91 4.57 -34.28
C ASP I 80 26.82 3.65 -34.79
N LYS I 81 26.21 2.86 -33.91
CA LYS I 81 25.14 1.96 -34.33
C LYS I 81 23.80 2.65 -34.47
N TYR I 82 23.71 3.95 -34.21
CA TYR I 82 22.51 4.73 -34.51
C TYR I 82 22.73 5.67 -35.68
N GLY I 83 23.58 5.26 -36.63
CA GLY I 83 23.97 6.15 -37.71
C GLY I 83 22.87 6.37 -38.73
N THR I 84 22.14 5.32 -39.09
CA THR I 84 21.15 5.42 -40.15
C THR I 84 19.77 5.79 -39.64
N LEU I 85 19.67 6.29 -38.41
CA LEU I 85 18.41 6.78 -37.88
C LEU I 85 18.20 8.23 -38.31
N LEU I 86 17.17 8.86 -37.76
CA LEU I 86 16.82 10.24 -38.10
C LEU I 86 16.68 11.01 -36.80
N CYS I 87 17.73 11.71 -36.41
CA CYS I 87 17.66 12.63 -35.30
C CYS I 87 17.50 14.05 -35.84
N GLY I 88 16.44 14.71 -35.42
CA GLY I 88 16.13 16.04 -35.89
C GLY I 88 16.94 17.12 -35.20
N GLN I 89 16.29 18.25 -34.91
CA GLN I 89 16.97 19.35 -34.24
C GLN I 89 17.24 19.06 -32.78
N ASP I 90 16.61 18.04 -32.21
CA ASP I 90 16.82 17.69 -30.82
C ASP I 90 18.11 16.93 -30.60
N GLY I 91 18.69 16.37 -31.65
CA GLY I 91 19.85 15.52 -31.47
C GLY I 91 19.52 14.17 -30.89
N LEU I 92 18.26 13.76 -30.96
CA LEU I 92 17.80 12.51 -30.41
C LEU I 92 17.15 11.69 -31.50
N PRO I 93 17.50 10.41 -31.64
CA PRO I 93 17.07 9.65 -32.82
C PRO I 93 15.59 9.31 -32.83
N HIS I 94 14.87 9.94 -33.75
CA HIS I 94 13.45 9.69 -33.89
C HIS I 94 13.21 8.43 -34.71
N LEU I 95 11.94 8.05 -34.83
CA LEU I 95 11.57 6.88 -35.60
C LEU I 95 10.47 7.23 -36.58
N ILE I 96 10.20 6.31 -37.49
CA ILE I 96 9.17 6.47 -38.50
C ILE I 96 8.39 5.17 -38.63
N THR I 97 7.06 5.27 -38.56
CA THR I 97 6.18 4.11 -38.56
C THR I 97 5.21 4.14 -39.74
N ASP I 98 5.72 4.41 -40.94
CA ASP I 98 4.88 4.39 -42.13
C ASP I 98 5.00 3.11 -42.92
N GLY I 99 6.04 2.32 -42.68
CA GLY I 99 6.34 1.21 -43.56
C GLY I 99 6.95 1.73 -44.85
N ASP I 100 7.86 2.70 -44.73
CA ASP I 100 8.49 3.28 -45.91
C ASP I 100 9.49 2.35 -46.59
N TRP I 101 9.82 1.21 -45.97
CA TRP I 101 10.76 0.18 -46.40
C TRP I 101 12.21 0.67 -46.39
N ARG I 102 12.46 1.93 -46.07
CA ARG I 102 13.75 2.42 -45.63
C ARG I 102 13.80 2.52 -44.12
N HIS I 103 12.63 2.53 -43.48
CA HIS I 103 12.49 2.51 -42.04
C HIS I 103 11.94 1.18 -41.56
N ALA I 104 12.15 0.12 -42.34
CA ALA I 104 11.58 -1.18 -42.01
C ALA I 104 12.28 -1.81 -40.81
N ARG I 105 13.60 -1.63 -40.72
CA ARG I 105 14.32 -2.09 -39.53
C ARG I 105 14.01 -1.23 -38.31
N GLU I 106 13.43 -0.06 -38.51
CA GLU I 106 13.01 0.76 -37.37
C GLU I 106 11.76 0.19 -36.73
N PHE I 107 10.69 0.02 -37.52
CA PHE I 107 9.40 -0.36 -36.95
C PHE I 107 8.86 -1.69 -37.45
N THR I 108 8.76 -1.89 -38.76
CA THR I 108 7.90 -2.95 -39.27
C THR I 108 8.50 -4.34 -39.14
N ILE I 109 9.82 -4.46 -39.13
CA ILE I 109 10.45 -5.77 -38.95
C ILE I 109 10.28 -6.26 -37.50
N PRO I 110 10.50 -5.46 -36.44
CA PRO I 110 10.06 -5.93 -35.12
C PRO I 110 8.55 -5.88 -34.93
N ALA I 111 7.81 -5.23 -35.82
CA ALA I 111 6.35 -5.33 -35.75
C ALA I 111 5.88 -6.71 -36.15
N LEU I 112 6.30 -7.17 -37.34
CA LEU I 112 5.93 -8.51 -37.78
C LEU I 112 6.55 -9.58 -36.89
N LEU I 113 7.77 -9.30 -36.41
CA LEU I 113 8.43 -10.20 -35.46
C LEU I 113 7.61 -10.32 -34.18
N PHE I 114 7.17 -9.18 -33.64
CA PHE I 114 6.38 -9.20 -32.41
C PHE I 114 5.05 -9.90 -32.60
N LEU I 115 4.35 -9.58 -33.70
CA LEU I 115 3.05 -10.20 -33.95
C LEU I 115 3.19 -11.70 -34.12
N TYR I 116 4.32 -12.16 -34.65
CA TYR I 116 4.61 -13.58 -34.63
C TYR I 116 4.79 -14.09 -33.22
N ILE I 117 5.40 -13.31 -32.34
CA ILE I 117 5.68 -13.84 -31.00
C ILE I 117 4.43 -13.90 -30.13
N THR I 118 3.59 -12.87 -30.14
CA THR I 118 2.38 -13.04 -29.33
C THR I 118 1.23 -13.68 -30.08
N GLY I 119 1.38 -13.89 -31.39
CA GLY I 119 0.52 -14.86 -32.03
C GLY I 119 0.89 -16.27 -31.64
N TRP I 120 2.19 -16.52 -31.42
CA TRP I 120 2.64 -17.77 -30.81
C TRP I 120 2.02 -17.93 -29.44
N ILE I 121 2.19 -16.93 -28.57
CA ILE I 121 1.72 -17.01 -27.19
C ILE I 121 0.22 -17.16 -27.13
N GLY I 122 -0.50 -16.37 -27.94
CA GLY I 122 -1.95 -16.43 -27.92
C GLY I 122 -2.48 -17.73 -28.47
N TRP I 123 -1.83 -18.29 -29.48
CA TRP I 123 -2.30 -19.56 -30.01
C TRP I 123 -1.96 -20.72 -29.08
N VAL I 124 -0.86 -20.58 -28.33
CA VAL I 124 -0.54 -21.56 -27.29
C VAL I 124 -1.60 -21.54 -26.20
N GLY I 125 -1.98 -20.35 -25.74
CA GLY I 125 -2.95 -20.25 -24.66
C GLY I 125 -4.35 -20.67 -25.08
N ARG I 126 -4.75 -20.32 -26.30
CA ARG I 126 -6.04 -20.76 -26.81
C ARG I 126 -6.06 -22.26 -27.00
N SER I 127 -4.98 -22.82 -27.56
CA SER I 127 -4.91 -24.25 -27.79
C SER I 127 -4.89 -25.04 -26.48
N TYR I 128 -4.25 -24.49 -25.45
CA TYR I 128 -4.24 -25.19 -24.17
C TYR I 128 -5.57 -25.08 -23.46
N LEU I 129 -6.28 -23.95 -23.61
CA LEU I 129 -7.61 -23.89 -23.02
C LEU I 129 -8.61 -24.77 -23.74
N LYS I 130 -8.48 -24.91 -25.06
CA LYS I 130 -9.35 -25.90 -25.70
C LYS I 130 -8.83 -27.32 -25.52
N TYR I 131 -7.64 -27.51 -24.93
CA TYR I 131 -7.33 -28.81 -24.37
C TYR I 131 -8.08 -29.03 -23.06
N THR I 132 -7.80 -28.21 -22.04
CA THR I 132 -8.33 -28.44 -20.71
C THR I 132 -9.83 -28.23 -20.59
N LYS I 133 -10.46 -27.65 -21.60
CA LYS I 133 -11.91 -27.58 -21.63
C LYS I 133 -12.53 -28.97 -21.71
N GLU I 134 -11.87 -29.89 -22.41
CA GLU I 134 -12.30 -31.28 -22.46
C GLU I 134 -11.23 -32.11 -21.76
N THR I 135 -11.31 -32.16 -20.43
CA THR I 135 -10.54 -33.07 -19.58
C THR I 135 -11.47 -33.55 -18.47
N LYS I 136 -10.88 -34.16 -17.45
CA LYS I 136 -11.67 -34.62 -16.31
C LYS I 136 -12.17 -33.45 -15.47
N ASN I 137 -11.25 -32.70 -14.88
CA ASN I 137 -11.59 -31.58 -14.00
C ASN I 137 -10.85 -30.35 -14.50
N PRO I 138 -11.52 -29.45 -15.22
CA PRO I 138 -10.83 -28.29 -15.79
C PRO I 138 -10.36 -27.28 -14.75
N THR I 139 -10.85 -27.36 -13.52
CA THR I 139 -10.38 -26.45 -12.48
C THR I 139 -8.97 -26.79 -12.04
N GLU I 140 -8.71 -28.06 -11.76
CA GLU I 140 -7.39 -28.51 -11.32
C GLU I 140 -6.38 -28.45 -12.45
N GLN I 141 -6.84 -28.42 -13.70
CA GLN I 141 -5.94 -28.26 -14.83
C GLN I 141 -5.27 -26.89 -14.86
N GLU I 142 -5.85 -25.87 -14.25
CA GLU I 142 -5.30 -24.53 -14.41
C GLU I 142 -4.39 -24.11 -13.27
N ILE I 143 -4.60 -24.64 -12.07
CA ILE I 143 -3.62 -24.48 -11.01
C ILE I 143 -2.39 -25.24 -11.44
N ILE I 144 -2.52 -26.55 -11.56
CA ILE I 144 -1.40 -27.42 -11.88
C ILE I 144 -1.43 -27.64 -13.38
N LEU I 145 -0.52 -26.98 -14.07
CA LEU I 145 -0.41 -27.10 -15.51
C LEU I 145 0.19 -28.45 -15.86
N ASP I 146 -0.47 -29.20 -16.75
CA ASP I 146 0.08 -30.47 -17.20
C ASP I 146 1.18 -30.19 -18.20
N VAL I 147 2.37 -29.94 -17.65
CA VAL I 147 3.65 -29.71 -18.33
C VAL I 147 3.94 -30.70 -19.46
N PRO I 148 3.52 -32.01 -19.41
CA PRO I 148 3.45 -32.79 -20.65
C PRO I 148 2.63 -32.15 -21.76
N MET I 149 1.35 -31.93 -21.51
CA MET I 149 0.49 -31.37 -22.54
C MET I 149 0.72 -29.89 -22.73
N ALA I 150 1.13 -29.19 -21.66
CA ALA I 150 1.50 -27.79 -21.78
C ALA I 150 2.67 -27.63 -22.74
N LEU I 151 3.82 -28.25 -22.44
CA LEU I 151 4.96 -28.19 -23.35
C LEU I 151 4.74 -28.92 -24.67
N LYS I 152 3.67 -29.69 -24.81
CA LYS I 152 3.20 -30.02 -26.15
C LYS I 152 2.71 -28.78 -26.87
N TYR I 153 1.77 -28.05 -26.25
CA TYR I 153 1.18 -26.93 -26.97
C TYR I 153 2.09 -25.72 -27.05
N MET I 154 3.03 -25.57 -26.11
CA MET I 154 4.01 -24.49 -26.12
C MET I 154 4.84 -24.51 -27.40
N LEU I 155 5.26 -25.69 -27.81
CA LEU I 155 6.13 -25.85 -28.95
C LEU I 155 5.35 -26.09 -30.23
N SER I 156 4.18 -26.73 -30.14
CA SER I 156 3.41 -27.00 -31.34
C SER I 156 2.77 -25.76 -31.94
N GLY I 157 2.56 -24.72 -31.13
CA GLY I 157 2.01 -23.48 -31.65
C GLY I 157 3.09 -22.58 -32.21
N PHE I 158 3.74 -23.03 -33.27
CA PHE I 158 4.81 -22.29 -33.91
C PHE I 158 4.37 -21.65 -35.21
N LEU I 159 3.40 -22.25 -35.87
CA LEU I 159 3.00 -21.86 -37.21
C LEU I 159 1.53 -21.48 -37.20
N TRP I 160 1.18 -20.67 -36.22
CA TRP I 160 -0.17 -20.16 -36.00
C TRP I 160 -0.82 -19.38 -37.15
N PRO I 161 -0.10 -18.73 -38.14
CA PRO I 161 -0.87 -18.18 -39.27
C PRO I 161 -1.54 -19.25 -40.12
N LEU I 162 -0.80 -20.26 -40.58
CA LEU I 162 -1.41 -21.25 -41.44
C LEU I 162 -1.90 -22.48 -40.68
N SER I 163 -1.87 -22.45 -39.34
CA SER I 163 -2.60 -23.44 -38.56
C SER I 163 -3.85 -22.85 -37.92
N ALA I 164 -3.74 -21.64 -37.37
CA ALA I 164 -4.92 -20.92 -36.92
C ALA I 164 -5.79 -20.51 -38.08
N TRP I 165 -5.20 -20.25 -39.25
CA TRP I 165 -5.99 -19.90 -40.42
C TRP I 165 -6.72 -21.11 -40.98
N GLN I 166 -6.08 -22.28 -40.96
CA GLN I 166 -6.78 -23.46 -41.44
C GLN I 166 -7.76 -23.99 -40.42
N GLU I 167 -7.58 -23.68 -39.14
CA GLU I 167 -8.65 -23.94 -38.18
C GLU I 167 -9.70 -22.84 -38.19
N TYR I 168 -9.43 -21.72 -38.84
CA TYR I 168 -10.47 -20.73 -39.08
C TYR I 168 -11.33 -21.09 -40.28
N ARG I 169 -10.73 -21.69 -41.31
CA ARG I 169 -11.48 -22.07 -42.49
C ARG I 169 -12.42 -23.24 -42.23
N SER I 170 -12.19 -24.01 -41.18
CA SER I 170 -13.15 -25.04 -40.77
C SER I 170 -14.29 -24.47 -39.94
N GLY I 171 -14.28 -23.16 -39.65
CA GLY I 171 -15.30 -22.55 -38.84
C GLY I 171 -15.19 -22.98 -37.39
N GLN I 172 -13.98 -22.96 -36.84
CA GLN I 172 -13.72 -23.53 -35.53
C GLN I 172 -12.92 -22.61 -34.62
N LEU I 173 -12.24 -21.61 -35.17
CA LEU I 173 -11.62 -20.58 -34.34
C LEU I 173 -12.67 -19.74 -33.63
N LEU I 174 -13.80 -19.50 -34.27
CA LEU I 174 -14.85 -18.68 -33.70
C LEU I 174 -15.80 -19.54 -32.87
N ALA I 175 -16.95 -18.97 -32.53
CA ALA I 175 -18.04 -19.67 -31.88
C ALA I 175 -19.33 -18.95 -32.25
N LYS I 176 -20.44 -19.39 -31.67
CA LYS I 176 -21.72 -18.72 -31.84
C LYS I 176 -22.66 -19.10 -30.71
N GLU I 177 -23.53 -18.16 -30.36
CA GLU I 177 -24.61 -18.33 -29.37
C GLU I 177 -24.04 -18.71 -28.00
N ASP I 178 -23.15 -17.84 -27.52
CA ASP I 178 -22.56 -17.91 -26.19
C ASP I 178 -23.38 -17.05 -25.22
N GLU I 179 -22.82 -16.78 -24.05
CA GLU I 179 -23.55 -16.05 -23.03
C GLU I 179 -23.67 -14.57 -23.37
N ILE I 180 -24.75 -13.96 -22.87
CA ILE I 180 -25.04 -12.56 -23.10
C ILE I 180 -26.02 -12.14 -22.00
N THR I 181 -26.15 -10.84 -21.77
CA THR I 181 -27.10 -10.32 -20.80
C THR I 181 -28.51 -10.31 -21.38
N VAL I 182 -29.42 -9.58 -20.74
CA VAL I 182 -30.72 -9.28 -21.34
C VAL I 182 -30.45 -8.43 -22.58
N SER I 183 -30.73 -9.00 -23.76
CA SER I 183 -30.43 -8.44 -25.07
C SER I 183 -28.96 -8.04 -25.21
N SER J 2 -18.47 57.37 -10.42
CA SER J 2 -18.17 56.10 -9.78
C SER J 2 -18.43 56.16 -8.28
N ALA J 3 -19.54 55.57 -7.84
CA ALA J 3 -19.92 55.57 -6.43
C ALA J 3 -19.02 54.59 -5.70
N SER J 4 -17.98 55.11 -5.06
CA SER J 4 -16.97 54.28 -4.40
C SER J 4 -17.37 53.81 -3.02
N TYR J 5 -18.63 53.98 -2.62
CA TYR J 5 -19.08 53.60 -1.28
C TYR J 5 -20.03 52.42 -1.28
N LEU J 6 -20.65 52.10 -2.41
CA LEU J 6 -21.61 51.02 -2.51
C LEU J 6 -21.14 49.59 -2.19
N PRO J 7 -19.89 49.15 -2.44
CA PRO J 7 -19.51 47.84 -1.93
C PRO J 7 -19.37 47.77 -0.43
N SER J 8 -19.11 48.91 0.24
CA SER J 8 -19.06 48.92 1.70
C SER J 8 -20.42 48.65 2.33
N ILE J 9 -21.50 48.83 1.58
CA ILE J 9 -22.82 48.47 2.01
C ILE J 9 -23.23 47.10 1.46
N LEU J 10 -22.98 46.87 0.18
CA LEU J 10 -23.56 45.72 -0.51
C LEU J 10 -22.77 44.43 -0.30
N VAL J 11 -21.44 44.51 -0.20
CA VAL J 11 -20.65 43.30 0.07
C VAL J 11 -20.96 42.64 1.43
N PRO J 12 -21.07 43.39 2.55
CA PRO J 12 -21.46 42.67 3.78
C PRO J 12 -22.91 42.24 3.81
N THR J 13 -23.83 43.01 3.24
CA THR J 13 -25.24 42.67 3.34
C THR J 13 -25.65 41.52 2.42
N VAL J 14 -24.76 41.08 1.54
CA VAL J 14 -25.03 39.93 0.70
C VAL J 14 -24.11 38.81 1.18
N GLY J 15 -22.95 39.19 1.69
CA GLY J 15 -21.97 38.21 2.10
C GLY J 15 -22.28 37.53 3.41
N LEU J 16 -22.83 38.25 4.39
CA LEU J 16 -23.10 37.63 5.67
C LEU J 16 -24.56 37.69 6.09
N ILE J 17 -25.24 38.82 5.89
CA ILE J 17 -26.58 38.91 6.45
C ILE J 17 -27.61 38.32 5.50
N LEU J 18 -27.27 38.15 4.23
CA LEU J 18 -28.13 37.41 3.32
C LEU J 18 -28.05 35.90 3.61
N PRO J 19 -26.87 35.30 3.95
CA PRO J 19 -26.96 33.95 4.54
C PRO J 19 -27.20 33.95 6.03
N PHE J 20 -28.07 34.86 6.50
CA PHE J 20 -28.76 34.72 7.78
C PHE J 20 -30.26 34.58 7.50
N ALA J 21 -30.82 35.58 6.81
CA ALA J 21 -32.22 35.57 6.47
C ALA J 21 -32.55 34.52 5.41
N SER J 22 -31.58 34.13 4.59
CA SER J 22 -31.82 33.02 3.68
C SER J 22 -31.80 31.70 4.44
N MET J 23 -31.02 31.61 5.52
CA MET J 23 -31.11 30.44 6.39
C MET J 23 -32.45 30.40 7.11
N ALA J 24 -33.00 31.57 7.44
CA ALA J 24 -34.31 31.61 8.07
C ALA J 24 -35.42 31.26 7.08
N ILE J 25 -35.36 31.82 5.88
CA ILE J 25 -36.42 31.58 4.90
C ILE J 25 -36.37 30.15 4.39
N LEU J 26 -35.18 29.64 4.09
CA LEU J 26 -35.08 28.26 3.61
C LEU J 26 -35.27 27.25 4.74
N PHE J 27 -34.64 27.50 5.89
CA PHE J 27 -34.66 26.53 6.96
C PHE J 27 -36.01 26.49 7.67
N ILE J 28 -36.68 27.63 7.83
CA ILE J 28 -38.05 27.55 8.29
C ILE J 28 -38.96 27.08 7.15
N ALA J 29 -38.56 27.33 5.90
CA ALA J 29 -39.30 26.83 4.76
C ALA J 29 -39.17 25.33 4.57
N ILE J 30 -38.31 24.66 5.34
CA ILE J 30 -38.46 23.22 5.56
C ILE J 30 -39.83 22.92 6.15
N GLU J 31 -40.29 23.74 7.09
CA GLU J 31 -41.57 23.54 7.74
C GLU J 31 -42.66 24.50 7.23
N LYS J 32 -42.41 25.17 6.10
CA LYS J 32 -43.42 26.04 5.47
C LYS J 32 -43.51 25.76 3.98
N MET K 1 8.16 -37.65 -5.15
CA MET K 1 7.19 -38.28 -6.04
C MET K 1 6.12 -37.30 -6.51
N ASN K 2 5.55 -36.56 -5.56
CA ASN K 2 4.56 -35.54 -5.85
C ASN K 2 5.15 -34.14 -5.82
N LEU K 3 6.48 -34.03 -5.76
CA LEU K 3 7.13 -32.74 -5.88
C LEU K 3 7.00 -32.19 -7.29
N LYS K 4 7.06 -33.06 -8.29
CA LYS K 4 6.92 -32.63 -9.68
C LYS K 4 5.53 -32.11 -9.97
N LYS K 5 4.53 -32.52 -9.19
CA LYS K 5 3.23 -31.87 -9.28
C LYS K 5 3.27 -30.47 -8.72
N TYR K 6 4.02 -30.25 -7.64
CA TYR K 6 4.19 -28.90 -7.11
C TYR K 6 5.01 -28.04 -8.05
N LEU K 7 5.95 -28.64 -8.77
CA LEU K 7 6.69 -27.94 -9.79
C LEU K 7 5.95 -27.88 -11.11
N SER K 8 4.65 -28.17 -11.11
CA SER K 8 3.77 -27.98 -12.25
C SER K 8 2.63 -27.01 -11.93
N THR K 9 2.65 -26.38 -10.77
CA THR K 9 1.56 -25.49 -10.39
C THR K 9 1.65 -24.17 -11.15
N ALA K 10 0.70 -23.28 -10.87
CA ALA K 10 0.67 -21.99 -11.56
C ALA K 10 1.78 -21.03 -11.14
N PRO K 11 2.03 -20.73 -9.82
CA PRO K 11 3.03 -19.70 -9.54
C PRO K 11 4.46 -20.17 -9.74
N VAL K 12 4.72 -21.46 -9.51
CA VAL K 12 6.08 -21.98 -9.63
C VAL K 12 6.50 -22.04 -11.08
N VAL K 13 5.61 -22.52 -11.96
CA VAL K 13 5.91 -22.51 -13.38
C VAL K 13 5.81 -21.10 -13.95
N ALA K 14 5.06 -20.22 -13.28
CA ALA K 14 5.09 -18.81 -13.64
C ALA K 14 6.45 -18.20 -13.38
N THR K 15 7.11 -18.59 -12.29
CA THR K 15 8.46 -18.11 -12.04
C THR K 15 9.49 -18.84 -12.88
N LEU K 16 9.26 -20.10 -13.18
CA LEU K 16 10.19 -20.83 -14.03
C LEU K 16 9.99 -20.55 -15.51
N TRP K 17 9.00 -19.74 -15.87
CA TRP K 17 8.91 -19.26 -17.22
C TRP K 17 9.22 -17.78 -17.35
N LEU K 18 8.77 -16.96 -16.40
CA LEU K 18 9.12 -15.55 -16.46
C LEU K 18 10.53 -15.30 -15.98
N PHE K 19 11.06 -16.19 -15.15
CA PHE K 19 12.48 -16.20 -14.87
C PHE K 19 13.27 -16.56 -16.11
N LEU K 20 12.75 -17.48 -16.92
CA LEU K 20 13.47 -17.95 -18.09
C LEU K 20 13.45 -16.91 -19.20
N THR K 21 12.27 -16.38 -19.53
CA THR K 21 12.18 -15.34 -20.54
C THR K 21 12.79 -14.03 -20.04
N ALA K 22 12.77 -13.81 -18.73
CA ALA K 22 13.54 -12.71 -18.14
C ALA K 22 15.01 -12.90 -18.41
N GLY K 23 15.52 -14.13 -18.28
CA GLY K 23 16.89 -14.38 -18.64
C GLY K 23 17.15 -14.32 -20.13
N ILE K 24 16.12 -14.56 -20.94
CA ILE K 24 16.25 -14.34 -22.38
C ILE K 24 16.44 -12.87 -22.67
N LEU K 25 15.71 -12.00 -21.96
CA LEU K 25 15.83 -10.57 -22.20
C LEU K 25 17.15 -10.02 -21.67
N ILE K 26 17.57 -10.46 -20.49
CA ILE K 26 18.79 -9.91 -19.93
C ILE K 26 20.02 -10.49 -20.62
N GLU K 27 20.04 -11.80 -20.88
CA GLU K 27 21.16 -12.38 -21.60
C GLU K 27 21.17 -11.97 -23.07
N LEU K 28 20.02 -11.60 -23.63
CA LEU K 28 19.97 -11.01 -24.95
C LEU K 28 20.19 -9.50 -24.93
N ASN K 29 20.33 -8.89 -23.76
CA ASN K 29 20.70 -7.50 -23.66
C ASN K 29 22.03 -7.26 -22.99
N ARG K 30 22.77 -8.32 -22.67
CA ARG K 30 24.18 -8.17 -22.39
C ARG K 30 25.00 -8.41 -23.65
N PHE K 31 24.58 -9.35 -24.47
CA PHE K 31 25.34 -9.70 -25.66
C PHE K 31 25.15 -8.67 -26.76
N PHE K 32 23.94 -8.16 -26.92
CA PHE K 32 23.64 -7.13 -27.93
C PHE K 32 22.96 -5.95 -27.27
N PRO K 33 23.69 -5.14 -26.51
CA PRO K 33 23.07 -3.98 -25.86
C PRO K 33 22.85 -2.86 -26.85
N ASP K 34 21.90 -1.98 -26.50
CA ASP K 34 21.51 -0.81 -27.29
C ASP K 34 21.05 -1.24 -28.70
N SER K 35 19.93 -1.94 -28.70
CA SER K 35 19.43 -2.58 -29.91
C SER K 35 18.11 -1.93 -30.30
N LEU K 36 18.19 -0.86 -31.08
CA LEU K 36 17.00 -0.18 -31.58
C LEU K 36 16.72 -0.48 -33.05
N PHE K 37 17.73 -0.95 -33.79
CA PHE K 37 17.49 -1.49 -35.12
C PHE K 37 16.79 -2.83 -35.04
N TYR K 38 16.20 -3.23 -36.18
CA TYR K 38 15.76 -4.60 -36.47
C TYR K 38 14.78 -5.18 -35.45
N MET L 2 37.38 -7.07 51.04
CA MET L 2 36.99 -8.15 51.95
C MET L 2 38.11 -8.44 52.96
N ILE L 3 37.83 -8.15 54.23
CA ILE L 3 38.78 -8.34 55.32
C ILE L 3 38.19 -9.44 56.19
N THR L 4 38.90 -9.81 57.26
CA THR L 4 38.53 -10.90 58.17
C THR L 4 37.43 -10.50 59.15
N ILE L 5 37.32 -11.26 60.24
CA ILE L 5 36.36 -11.13 61.35
C ILE L 5 36.04 -9.70 61.81
N PRO L 6 36.98 -8.74 61.94
CA PRO L 6 36.57 -7.36 62.26
C PRO L 6 35.74 -6.72 61.17
N TYR L 7 35.15 -5.55 61.48
CA TYR L 7 34.05 -5.02 60.69
C TYR L 7 34.51 -4.59 59.30
N THR L 8 33.86 -5.15 58.29
CA THR L 8 34.24 -5.03 56.89
C THR L 8 33.01 -5.36 56.04
N ILE L 9 33.24 -5.58 54.74
CA ILE L 9 32.15 -5.84 53.80
C ILE L 9 31.52 -7.22 54.01
N PRO L 10 32.25 -8.33 54.24
CA PRO L 10 31.53 -9.56 54.64
C PRO L 10 30.90 -9.51 56.02
N THR L 11 31.26 -8.55 56.87
CA THR L 11 30.59 -8.43 58.15
C THR L 11 29.15 -7.95 57.96
N ILE L 12 28.92 -7.06 56.99
CA ILE L 12 27.59 -6.51 56.79
C ILE L 12 26.84 -7.28 55.71
N MET L 13 27.35 -8.45 55.34
CA MET L 13 26.65 -9.33 54.41
C MET L 13 25.87 -10.43 55.11
N VAL L 14 26.43 -11.01 56.17
CA VAL L 14 25.77 -12.12 56.83
C VAL L 14 24.55 -11.65 57.61
N ILE L 15 24.52 -10.37 58.01
CA ILE L 15 23.31 -9.83 58.61
C ILE L 15 22.22 -9.69 57.56
N SER L 16 22.60 -9.38 56.32
CA SER L 16 21.64 -9.32 55.23
C SER L 16 21.17 -10.70 54.86
N ASN L 17 22.03 -11.69 54.98
CA ASN L 17 21.65 -13.06 54.67
C ASN L 17 20.70 -13.61 55.73
N LEU L 18 20.94 -13.28 57.00
CA LEU L 18 20.06 -13.77 58.04
C LEU L 18 18.73 -13.02 58.11
N VAL L 19 18.70 -11.73 57.77
CA VAL L 19 17.39 -11.10 57.65
C VAL L 19 16.71 -11.53 56.35
N GLY L 20 17.49 -11.95 55.36
CA GLY L 20 16.89 -12.51 54.15
C GLY L 20 16.19 -13.82 54.44
N VAL L 21 16.85 -14.73 55.16
CA VAL L 21 16.20 -15.98 55.51
C VAL L 21 15.13 -15.75 56.57
N ALA L 22 15.22 -14.65 57.33
CA ALA L 22 14.13 -14.27 58.21
C ALA L 22 12.90 -13.85 57.41
N VAL L 23 13.09 -13.27 56.22
CA VAL L 23 11.96 -13.11 55.31
C VAL L 23 11.52 -14.47 54.78
N GLY L 24 12.48 -15.37 54.53
CA GLY L 24 12.17 -16.70 54.02
C GLY L 24 11.41 -17.60 54.97
N ARG L 25 11.40 -17.26 56.28
CA ARG L 25 10.48 -17.93 57.19
C ARG L 25 9.06 -17.46 57.01
N TYR L 26 8.84 -16.32 56.34
CA TYR L 26 7.53 -15.74 56.20
C TYR L 26 6.96 -15.87 54.79
N ALA L 27 7.72 -15.54 53.76
CA ALA L 27 7.21 -15.53 52.39
C ALA L 27 7.10 -16.97 51.91
N LEU L 28 5.95 -17.59 52.21
CA LEU L 28 5.69 -19.02 52.04
C LEU L 28 6.76 -19.85 52.74
N GLY L 29 6.80 -19.70 54.07
CA GLY L 29 7.90 -20.18 54.88
C GLY L 29 8.01 -21.68 55.06
N ARG L 30 8.12 -22.41 53.95
CA ARG L 30 8.43 -23.82 54.04
C ARG L 30 9.92 -24.02 54.26
N SER L 31 10.27 -25.16 54.86
CA SER L 31 11.63 -25.43 55.31
C SER L 31 12.46 -26.17 54.26
N ASP L 32 12.18 -25.95 52.98
CA ASP L 32 12.81 -26.73 51.92
C ASP L 32 14.12 -26.09 51.47
N LEU L 33 14.66 -26.61 50.37
CA LEU L 33 15.85 -26.05 49.75
C LEU L 33 15.60 -24.63 49.26
N THR L 34 14.43 -24.37 48.72
CA THR L 34 14.18 -23.14 48.02
C THR L 34 13.93 -21.98 48.97
N GLN L 35 13.74 -22.26 50.27
CA GLN L 35 13.81 -21.19 51.27
C GLN L 35 15.20 -20.60 51.33
N LEU L 36 16.23 -21.44 51.30
CA LEU L 36 17.60 -20.95 51.36
C LEU L 36 18.06 -20.44 50.00
N ILE L 37 17.78 -21.19 48.93
CA ILE L 37 18.25 -20.79 47.61
C ILE L 37 17.50 -19.56 47.11
N ALA L 38 16.24 -19.41 47.50
CA ALA L 38 15.53 -18.19 47.14
C ALA L 38 15.84 -17.07 48.12
N SER L 39 15.80 -17.36 49.40
CA SER L 39 15.76 -16.29 50.39
C SER L 39 17.15 -15.78 50.74
N MET L 40 18.15 -16.67 50.76
CA MET L 40 19.54 -16.23 50.85
C MET L 40 19.95 -15.47 49.61
N CYS L 41 19.32 -15.76 48.47
CA CYS L 41 19.53 -14.95 47.27
C CYS L 41 18.91 -13.57 47.43
N PHE L 42 17.75 -13.48 48.08
CA PHE L 42 17.15 -12.16 48.28
C PHE L 42 17.95 -11.33 49.25
N GLY L 43 18.35 -11.90 50.39
CA GLY L 43 19.22 -11.21 51.30
C GLY L 43 20.59 -10.94 50.72
N HIS L 44 20.99 -11.72 49.72
CA HIS L 44 22.20 -11.44 48.98
C HIS L 44 22.03 -10.20 48.11
N ILE L 45 20.87 -10.08 47.45
CA ILE L 45 20.55 -8.88 46.66
C ILE L 45 20.52 -7.65 47.56
N ILE L 46 19.86 -7.77 48.71
CA ILE L 46 19.76 -6.66 49.67
C ILE L 46 21.14 -6.29 50.19
N GLY L 47 21.97 -7.30 50.46
CA GLY L 47 23.33 -7.02 50.92
C GLY L 47 24.16 -6.31 49.89
N VAL L 48 23.99 -6.67 48.62
CA VAL L 48 24.70 -5.96 47.55
C VAL L 48 24.16 -4.55 47.38
N GLY L 49 22.86 -4.35 47.59
CA GLY L 49 22.32 -3.01 47.55
C GLY L 49 22.77 -2.14 48.72
N ILE L 50 23.14 -2.76 49.83
CA ILE L 50 23.57 -2.00 51.01
C ILE L 50 25.07 -1.73 51.00
N VAL L 51 25.88 -2.65 50.46
CA VAL L 51 27.34 -2.50 50.49
C VAL L 51 27.78 -1.31 49.64
N LEU L 52 27.41 -1.28 48.36
CA LEU L 52 27.93 -0.24 47.50
C LEU L 52 27.09 1.02 47.51
N GLY L 53 25.80 0.91 47.79
CA GLY L 53 25.02 2.09 48.13
C GLY L 53 25.51 2.72 49.42
N LEU L 54 26.04 1.91 50.32
CA LEU L 54 26.75 2.42 51.47
C LEU L 54 28.13 2.95 51.10
N SER L 55 28.69 2.48 49.98
CA SER L 55 30.02 2.93 49.59
C SER L 55 29.98 4.30 48.95
N ASN L 56 28.96 4.60 48.17
CA ASN L 56 28.93 5.88 47.46
C ASN L 56 28.62 7.03 48.40
N MET L 57 27.44 7.02 49.03
CA MET L 57 27.08 8.08 49.96
C MET L 57 27.61 7.69 51.33
N GLY L 58 28.84 8.10 51.61
CA GLY L 58 29.39 8.03 52.96
C GLY L 58 30.41 6.91 53.11
N VAL L 59 30.64 6.57 54.39
CA VAL L 59 31.62 5.54 54.74
C VAL L 59 31.06 4.18 54.37
N ILE L 60 31.93 3.31 53.85
CA ILE L 60 31.58 1.94 53.49
C ILE L 60 31.04 1.12 54.65
N PRO M 20 -25.81 6.39 35.00
CA PRO M 20 -25.32 5.48 36.03
C PRO M 20 -24.23 6.12 36.86
N ILE M 21 -23.03 6.16 36.31
CA ILE M 21 -21.91 6.85 36.94
C ILE M 21 -21.80 8.22 36.25
N ASN M 22 -21.30 9.22 36.99
CA ASN M 22 -21.54 10.64 36.76
C ASN M 22 -23.04 10.91 36.67
N SER M 23 -23.75 10.34 37.66
CA SER M 23 -25.17 10.56 37.87
C SER M 23 -25.47 10.69 39.36
N SER M 24 -24.48 11.11 40.14
CA SER M 24 -24.56 11.08 41.60
C SER M 24 -25.35 12.27 42.13
N SER M 25 -25.41 12.37 43.46
CA SER M 25 -26.14 13.44 44.10
C SER M 25 -25.41 14.78 44.03
N LEU M 26 -24.08 14.76 43.83
CA LEU M 26 -23.37 16.00 43.59
C LEU M 26 -23.60 16.48 42.16
N THR M 27 -23.69 15.53 41.23
CA THR M 27 -24.08 15.83 39.86
C THR M 27 -25.48 16.42 39.81
N ARG M 28 -26.43 15.76 40.49
CA ARG M 28 -27.81 16.23 40.50
C ARG M 28 -27.94 17.55 41.26
N ALA M 29 -27.16 17.73 42.32
CA ALA M 29 -27.24 18.96 43.09
C ALA M 29 -26.60 20.12 42.36
N TYR M 30 -25.66 19.84 41.45
CA TYR M 30 -25.10 20.93 40.65
C TYR M 30 -26.00 21.25 39.46
N LEU M 31 -26.52 20.23 38.78
CA LEU M 31 -27.35 20.46 37.61
C LEU M 31 -28.70 21.03 37.98
N SER M 32 -29.20 20.70 39.17
CA SER M 32 -30.59 20.99 39.51
C SER M 32 -30.81 22.49 39.77
N GLN M 33 -29.77 23.23 40.13
CA GLN M 33 -29.89 24.65 40.36
C GLN M 33 -29.26 25.48 39.24
N LEU M 34 -29.06 24.87 38.08
CA LEU M 34 -28.62 25.59 36.89
C LEU M 34 -29.74 26.51 36.40
N PRO M 35 -29.42 27.52 35.55
CA PRO M 35 -30.46 28.47 35.13
C PRO M 35 -31.48 27.96 34.14
N ILE M 36 -31.61 26.65 33.96
CA ILE M 36 -32.78 26.04 33.34
C ILE M 36 -33.48 25.08 34.29
N TYR M 37 -32.71 24.17 34.90
CA TYR M 37 -33.30 23.12 35.72
C TYR M 37 -33.83 23.62 37.07
N ARG M 38 -33.60 24.86 37.44
CA ARG M 38 -34.25 25.40 38.62
C ARG M 38 -35.75 25.56 38.35
N ARG M 39 -36.53 25.49 39.43
CA ARG M 39 -37.97 25.26 39.33
C ARG M 39 -38.75 26.38 38.65
N GLY M 40 -38.82 27.56 39.27
CA GLY M 40 -39.67 28.58 38.69
C GLY M 40 -39.01 29.94 38.55
N VAL M 41 -38.77 30.33 37.30
CA VAL M 41 -38.23 31.63 36.90
C VAL M 41 -38.94 32.00 35.61
N SER M 42 -39.33 33.27 35.48
CA SER M 42 -39.92 33.76 34.24
C SER M 42 -38.92 33.62 33.09
N PRO M 43 -39.38 33.29 31.88
CA PRO M 43 -38.45 33.00 30.77
C PRO M 43 -37.63 34.19 30.32
N PHE M 44 -38.13 35.41 30.52
CA PHE M 44 -37.30 36.58 30.24
C PHE M 44 -36.17 36.70 31.24
N LEU M 45 -36.43 36.36 32.49
CA LEU M 45 -35.36 36.32 33.49
C LEU M 45 -34.55 35.03 33.39
N ARG M 46 -35.20 33.93 33.00
CA ARG M 46 -34.49 32.66 32.84
C ARG M 46 -33.46 32.75 31.71
N GLY M 47 -33.81 33.46 30.64
CA GLY M 47 -32.82 33.74 29.60
C GLY M 47 -31.93 34.91 29.95
N LEU M 48 -32.42 35.84 30.76
CA LEU M 48 -31.63 36.99 31.17
C LEU M 48 -30.48 36.59 32.08
N GLU M 49 -30.60 35.46 32.77
CA GLU M 49 -29.46 34.94 33.53
C GLU M 49 -28.42 34.34 32.59
N ILE M 50 -28.88 33.64 31.55
CA ILE M 50 -28.00 33.03 30.56
C ILE M 50 -27.21 34.11 29.83
N GLY M 51 -27.89 35.17 29.40
CA GLY M 51 -27.22 36.29 28.78
C GLY M 51 -26.39 37.07 29.77
N MET M 52 -26.80 37.10 31.03
CA MET M 52 -26.01 37.79 32.05
C MET M 52 -24.67 37.09 32.26
N ALA M 53 -24.60 35.78 32.04
CA ALA M 53 -23.30 35.10 32.06
C ALA M 53 -22.57 35.27 30.74
N HIS M 54 -23.21 34.91 29.63
CA HIS M 54 -22.52 34.76 28.35
C HIS M 54 -22.13 36.09 27.74
N GLY M 55 -22.91 37.13 27.99
CA GLY M 55 -22.53 38.44 27.49
C GLY M 55 -21.33 39.02 28.21
N TYR M 56 -21.19 38.70 29.50
CA TYR M 56 -19.95 39.01 30.19
C TYR M 56 -18.82 38.14 29.68
N PHE M 57 -19.13 36.93 29.21
CA PHE M 57 -18.09 36.04 28.73
C PHE M 57 -17.50 36.50 27.40
N LEU M 58 -18.34 36.66 26.38
CA LEU M 58 -17.89 36.79 24.99
C LEU M 58 -17.21 38.11 24.68
N ILE M 59 -17.09 39.04 25.63
CA ILE M 59 -16.25 40.21 25.41
C ILE M 59 -14.78 39.83 25.45
N GLY M 60 -14.46 38.82 26.25
CA GLY M 60 -13.10 38.39 26.53
C GLY M 60 -12.26 38.02 25.32
N PRO M 61 -12.67 37.00 24.56
CA PRO M 61 -11.86 36.59 23.39
C PRO M 61 -12.09 37.44 22.15
N PHE M 62 -12.17 38.76 22.33
CA PHE M 62 -12.05 39.71 21.23
C PHE M 62 -11.16 40.88 21.57
N VAL M 63 -10.81 41.06 22.84
CA VAL M 63 -9.98 42.19 23.25
C VAL M 63 -8.50 41.84 23.11
N GLN M 64 -8.09 40.72 23.72
CA GLN M 64 -6.69 40.36 23.67
C GLN M 64 -6.30 39.81 22.31
N LEU M 65 -7.18 39.01 21.69
CA LEU M 65 -6.82 38.30 20.48
C LEU M 65 -7.48 38.84 19.22
N GLY M 66 -8.39 39.80 19.34
CA GLY M 66 -9.08 40.34 18.19
C GLY M 66 -8.17 41.14 17.28
N PRO M 67 -8.66 41.52 16.09
CA PRO M 67 -7.82 42.26 15.15
C PRO M 67 -7.63 43.72 15.51
N LEU M 68 -8.51 44.31 16.33
CA LEU M 68 -8.38 45.70 16.73
C LEU M 68 -7.76 45.85 18.11
N ARG M 69 -6.86 44.95 18.47
CA ARG M 69 -6.10 45.04 19.71
C ARG M 69 -4.93 46.01 19.62
N ASN M 70 -4.69 46.59 18.45
CA ASN M 70 -3.53 47.45 18.25
C ASN M 70 -3.86 48.93 18.38
N THR M 71 -5.05 49.34 17.98
CA THR M 71 -5.48 50.71 18.19
C THR M 71 -6.11 50.82 19.58
N ASP M 72 -6.74 51.95 19.87
CA ASP M 72 -7.47 52.12 21.12
C ASP M 72 -8.90 51.62 21.05
N ILE M 73 -9.19 50.73 20.09
CA ILE M 73 -10.51 50.17 19.92
C ILE M 73 -10.39 48.74 20.42
N LYS M 74 -9.49 48.53 21.39
CA LYS M 74 -9.34 47.22 22.02
C LYS M 74 -10.60 46.79 22.73
N TYR M 75 -11.33 47.75 23.29
CA TYR M 75 -12.47 47.45 24.15
C TYR M 75 -13.81 47.57 23.45
N LEU M 76 -13.92 48.48 22.48
CA LEU M 76 -15.17 48.65 21.77
C LEU M 76 -15.41 47.55 20.73
N ALA M 77 -14.32 47.01 20.17
CA ALA M 77 -14.46 45.93 19.20
C ALA M 77 -14.96 44.66 19.85
N GLY M 78 -14.69 44.48 21.15
CA GLY M 78 -15.29 43.37 21.87
C GLY M 78 -16.80 43.52 21.97
N LEU M 79 -17.29 44.74 22.18
CA LEU M 79 -18.72 45.00 22.20
C LEU M 79 -19.35 44.71 20.85
N LEU M 80 -18.82 45.35 19.79
CA LEU M 80 -19.47 45.27 18.48
C LEU M 80 -19.32 43.89 17.87
N SER M 81 -18.17 43.25 18.07
CA SER M 81 -17.97 41.90 17.58
C SER M 81 -18.78 40.89 18.38
N ALA M 82 -18.82 41.07 19.71
CA ALA M 82 -19.51 40.10 20.56
C ALA M 82 -21.01 40.16 20.37
N ILE M 83 -21.58 41.36 20.29
CA ILE M 83 -22.98 41.49 19.91
C ILE M 83 -23.19 41.02 18.47
N GLY M 84 -22.16 41.14 17.64
CA GLY M 84 -22.18 40.51 16.33
C GLY M 84 -22.30 39.00 16.38
N LEU M 85 -21.78 38.37 17.44
CA LEU M 85 -22.09 36.96 17.64
C LEU M 85 -23.49 36.77 18.23
N ILE M 86 -23.86 37.61 19.18
CA ILE M 86 -25.09 37.44 19.96
C ILE M 86 -26.32 37.56 19.09
N VAL M 87 -26.27 38.38 18.03
CA VAL M 87 -27.41 38.45 17.13
C VAL M 87 -27.56 37.16 16.33
N ILE M 88 -26.46 36.48 16.05
CA ILE M 88 -26.52 35.18 15.39
C ILE M 88 -27.00 34.12 16.38
N LEU M 89 -26.61 34.28 17.65
CA LEU M 89 -26.99 33.31 18.67
C LEU M 89 -28.48 33.36 18.98
N THR M 90 -29.01 34.56 19.21
CA THR M 90 -30.45 34.72 19.40
C THR M 90 -31.22 34.46 18.12
N LEU M 91 -30.59 34.71 16.97
CA LEU M 91 -31.24 34.38 15.71
C LEU M 91 -31.42 32.88 15.56
N GLY M 92 -30.41 32.10 15.95
CA GLY M 92 -30.55 30.66 15.97
C GLY M 92 -31.48 30.17 17.07
N MET M 93 -31.56 30.90 18.18
CA MET M 93 -32.56 30.61 19.19
C MET M 93 -33.97 30.76 18.62
N LEU M 94 -34.20 31.81 17.85
CA LEU M 94 -35.51 32.01 17.23
C LEU M 94 -35.76 31.01 16.12
N LEU M 95 -34.70 30.50 15.48
CA LEU M 95 -34.91 29.43 14.52
C LEU M 95 -35.27 28.12 15.21
N TYR M 96 -34.65 27.84 16.36
CA TYR M 96 -34.89 26.58 17.03
C TYR M 96 -36.26 26.55 17.68
N GLY M 97 -36.65 27.66 18.32
CA GLY M 97 -38.01 27.75 18.81
C GLY M 97 -39.04 27.95 17.71
N ALA M 98 -38.59 28.39 16.54
CA ALA M 98 -39.51 28.54 15.42
C ALA M 98 -39.84 27.20 14.80
N VAL M 99 -38.84 26.35 14.60
CA VAL M 99 -39.07 25.07 13.93
C VAL M 99 -39.56 24.03 14.93
N SER M 100 -38.75 23.71 15.93
CA SER M 100 -39.19 22.81 16.98
C SER M 100 -39.98 23.59 18.03
N PHE M 101 -40.45 22.85 19.04
CA PHE M 101 -41.19 23.37 20.20
C PHE M 101 -42.47 24.10 19.74
N THR M 102 -43.33 23.34 19.07
CA THR M 102 -44.46 23.93 18.37
C THR M 102 -45.61 24.28 19.31
N ASN M 103 -45.80 23.51 20.38
CA ASN M 103 -46.94 23.69 21.27
C ASN M 103 -46.81 24.99 22.08
N ASP M 104 -47.87 25.29 22.81
CA ASP M 104 -47.99 26.55 23.54
C ASP M 104 -48.29 26.29 25.01
N SER M 105 -47.46 25.44 25.62
CA SER M 105 -47.49 25.22 27.07
C SER M 105 -46.79 26.34 27.85
N GLN M 106 -46.33 27.40 27.16
CA GLN M 106 -45.95 28.71 27.67
C GLN M 106 -44.60 28.69 28.41
N ASP M 107 -44.05 27.51 28.63
CA ASP M 107 -42.75 27.37 29.29
C ASP M 107 -41.66 27.37 28.22
N LEU M 108 -40.45 26.90 28.56
CA LEU M 108 -39.33 26.89 27.62
C LEU M 108 -39.59 25.97 26.43
N GLU M 109 -40.40 24.94 26.60
CA GLU M 109 -40.70 24.05 25.48
C GLU M 109 -41.78 24.61 24.54
N SER M 110 -42.12 25.88 24.64
CA SER M 110 -43.13 26.52 23.82
C SER M 110 -42.49 27.39 22.74
N VAL M 111 -43.32 28.16 22.04
CA VAL M 111 -42.83 29.21 21.16
C VAL M 111 -42.60 30.50 21.93
N ASP M 112 -43.59 30.90 22.73
CA ASP M 112 -43.54 32.19 23.40
C ASP M 112 -42.52 32.20 24.53
N GLY M 113 -42.44 31.11 25.29
CA GLY M 113 -41.46 31.04 26.36
C GLY M 113 -40.04 30.88 25.82
N TRP M 114 -39.89 30.25 24.66
CA TRP M 114 -38.56 30.14 24.08
C TRP M 114 -38.12 31.46 23.47
N ARG M 115 -39.05 32.22 22.86
CA ARG M 115 -38.65 33.50 22.30
C ARG M 115 -38.49 34.55 23.38
N GLN M 116 -39.13 34.39 24.54
CA GLN M 116 -38.78 35.22 25.68
C GLN M 116 -37.50 34.76 26.34
N LEU M 117 -37.16 33.47 26.21
CA LEU M 117 -35.85 33.00 26.65
C LEU M 117 -34.76 33.58 25.77
N ALA M 118 -35.02 33.69 24.47
CA ALA M 118 -34.07 34.25 23.53
C ALA M 118 -33.96 35.76 23.69
N SER M 119 -35.09 36.43 23.93
CA SER M 119 -35.04 37.87 24.16
C SER M 119 -34.36 38.20 25.48
N GLY M 120 -34.56 37.35 26.48
CA GLY M 120 -33.82 37.48 27.71
C GLY M 120 -32.34 37.26 27.51
N PHE M 121 -31.98 36.29 26.67
CA PHE M 121 -30.57 36.09 26.35
C PHE M 121 -29.99 37.25 25.57
N LEU M 122 -30.80 37.93 24.75
CA LEU M 122 -30.29 39.06 23.99
C LEU M 122 -30.09 40.27 24.88
N LEU M 123 -31.12 40.65 25.64
CA LEU M 123 -31.01 41.85 26.47
C LEU M 123 -30.05 41.64 27.64
N GLY M 124 -30.08 40.48 28.26
CA GLY M 124 -29.11 40.15 29.28
C GLY M 124 -27.71 39.96 28.72
N ALA M 125 -27.61 39.56 27.45
CA ALA M 125 -26.29 39.41 26.84
C ALA M 125 -25.67 40.75 26.48
N VAL M 126 -26.47 41.68 25.98
CA VAL M 126 -25.97 43.03 25.70
C VAL M 126 -25.67 43.75 27.00
N GLY M 127 -26.48 43.51 28.03
CA GLY M 127 -26.17 44.04 29.35
C GLY M 127 -24.89 43.45 29.94
N GLY M 128 -24.63 42.16 29.70
CA GLY M 128 -23.37 41.59 30.10
C GLY M 128 -22.21 42.12 29.30
N ALA M 129 -22.46 42.48 28.04
CA ALA M 129 -21.44 43.09 27.20
C ALA M 129 -21.06 44.47 27.74
N GLY M 130 -22.07 45.28 28.08
CA GLY M 130 -21.79 46.57 28.67
C GLY M 130 -21.17 46.50 30.05
N PHE M 131 -21.51 45.46 30.81
CA PHE M 131 -20.88 45.29 32.11
C PHE M 131 -19.41 44.90 31.97
N ALA M 132 -19.10 44.05 31.01
CA ALA M 132 -17.71 43.71 30.78
C ALA M 132 -16.93 44.88 30.21
N TYR M 133 -17.57 45.67 29.34
CA TYR M 133 -16.92 46.85 28.78
C TYR M 133 -16.64 47.89 29.85
N LEU M 134 -17.57 48.08 30.77
CA LEU M 134 -17.35 48.99 31.89
C LEU M 134 -16.54 48.36 33.00
N LEU M 135 -16.18 47.08 32.90
CA LEU M 135 -15.19 46.49 33.79
C LEU M 135 -13.88 46.17 33.10
N LEU M 136 -13.71 46.62 31.86
CA LEU M 136 -12.36 46.74 31.31
C LEU M 136 -11.77 48.11 31.57
N THR M 137 -12.52 48.99 32.23
CA THR M 137 -12.00 50.25 32.71
C THR M 137 -10.99 50.02 33.83
N LEU M 138 -11.42 49.38 34.91
CA LEU M 138 -10.53 49.08 36.02
C LEU M 138 -9.63 47.89 35.68
N ILE N 2 -18.52 54.68 -13.94
CA ILE N 2 -17.74 55.88 -14.13
C ILE N 2 -18.58 57.08 -13.67
N THR N 3 -19.89 56.88 -13.60
CA THR N 3 -20.83 57.87 -13.08
C THR N 3 -21.54 57.30 -11.87
N ASP N 4 -22.53 58.02 -11.37
CA ASP N 4 -23.19 57.67 -10.12
C ASP N 4 -24.64 57.24 -10.27
N ASN N 5 -25.46 58.00 -11.00
CA ASN N 5 -26.89 57.71 -11.04
C ASN N 5 -27.22 56.51 -11.92
N GLN N 6 -26.38 56.22 -12.92
CA GLN N 6 -26.57 55.03 -13.75
C GLN N 6 -26.45 53.75 -12.94
N VAL N 7 -25.61 53.77 -11.89
CA VAL N 7 -25.49 52.62 -10.99
C VAL N 7 -26.79 52.44 -10.22
N PHE N 8 -27.41 53.54 -9.79
CA PHE N 8 -28.70 53.45 -9.11
C PHE N 8 -29.80 52.95 -10.04
N VAL N 9 -29.76 53.39 -11.31
CA VAL N 9 -30.70 52.88 -12.31
C VAL N 9 -30.53 51.37 -12.49
N ALA N 10 -29.27 50.91 -12.45
CA ALA N 10 -28.99 49.47 -12.58
C ALA N 10 -29.52 48.69 -11.37
N LEU N 11 -29.32 49.21 -10.15
CA LEU N 11 -29.78 48.46 -8.98
C LEU N 11 -31.30 48.50 -8.85
N ILE N 12 -31.94 49.55 -9.38
CA ILE N 12 -33.40 49.53 -9.44
C ILE N 12 -33.89 48.49 -10.43
N MET N 13 -33.25 48.41 -11.61
CA MET N 13 -33.71 47.47 -12.63
C MET N 13 -33.46 46.02 -12.22
N ALA N 14 -32.39 45.74 -11.48
CA ALA N 14 -32.22 44.39 -10.96
C ALA N 14 -32.94 44.18 -9.64
N LEU N 15 -33.44 45.24 -9.01
CA LEU N 15 -34.42 45.03 -7.94
C LEU N 15 -35.75 44.58 -8.51
N VAL N 16 -36.17 45.18 -9.63
CA VAL N 16 -37.35 44.72 -10.36
C VAL N 16 -37.13 43.30 -10.87
N CYS N 17 -35.94 43.03 -11.42
CA CYS N 17 -35.58 41.69 -11.86
C CYS N 17 -35.54 40.70 -10.70
N GLY N 18 -35.18 41.16 -9.50
CA GLY N 18 -35.24 40.31 -8.33
C GLY N 18 -36.67 40.01 -7.92
N TYR N 19 -37.56 40.99 -8.07
CA TYR N 19 -38.97 40.72 -7.77
C TYR N 19 -39.59 39.77 -8.79
N LEU N 20 -39.12 39.82 -10.04
CA LEU N 20 -39.58 38.84 -11.01
C LEU N 20 -38.97 37.47 -10.78
N ALA N 21 -37.78 37.42 -10.18
CA ALA N 21 -37.20 36.12 -9.83
C ALA N 21 -37.94 35.47 -8.68
N VAL N 22 -38.26 36.24 -7.63
CA VAL N 22 -39.03 35.68 -6.53
C VAL N 22 -40.49 35.51 -6.93
N LYS N 23 -40.93 36.22 -7.98
CA LYS N 23 -42.24 35.99 -8.55
C LYS N 23 -42.29 34.68 -9.31
N LEU N 24 -41.17 34.29 -9.93
CA LEU N 24 -41.08 32.96 -10.52
C LEU N 24 -40.88 31.89 -9.46
N ALA N 25 -40.35 32.26 -8.29
CA ALA N 25 -39.92 31.26 -7.32
C ALA N 25 -41.10 30.54 -6.67
N LYS N 26 -42.04 31.30 -6.10
CA LYS N 26 -43.15 30.66 -5.40
C LYS N 26 -44.35 30.41 -6.30
N GLN N 27 -44.11 29.85 -7.48
CA GLN N 27 -45.19 29.29 -8.28
C GLN N 27 -44.86 27.95 -8.92
N LEU N 28 -43.59 27.65 -9.16
CA LEU N 28 -43.23 26.39 -9.80
C LEU N 28 -42.98 25.29 -8.77
N TYR O 64 -19.86 4.85 46.64
CA TYR O 64 -18.64 4.04 46.71
C TYR O 64 -17.51 4.63 47.58
N PRO O 65 -17.18 5.98 47.53
CA PRO O 65 -16.22 6.50 48.52
C PRO O 65 -16.83 6.61 49.91
N LEU O 66 -16.88 5.50 50.63
CA LEU O 66 -17.53 5.45 51.93
C LEU O 66 -16.68 6.14 53.00
N ASN O 67 -15.37 6.29 52.77
CA ASN O 67 -14.44 6.85 53.75
C ASN O 67 -13.76 8.09 53.18
N PRO O 68 -14.39 9.28 53.27
CA PRO O 68 -13.67 10.54 52.97
C PRO O 68 -13.03 11.13 54.24
N ALA O 69 -12.16 10.37 54.88
CA ALA O 69 -11.79 10.68 56.26
C ALA O 69 -10.73 11.78 56.37
N VAL O 70 -9.52 11.50 55.92
CA VAL O 70 -8.38 12.39 56.19
C VAL O 70 -7.53 12.56 54.94
N ILE O 71 -7.06 13.78 54.74
CA ILE O 71 -6.12 14.12 53.68
C ILE O 71 -4.78 14.56 54.25
N PHE O 72 -4.81 15.28 55.37
CA PHE O 72 -3.64 15.88 56.01
C PHE O 72 -2.62 14.85 56.49
N ILE O 73 -3.04 13.59 56.66
CA ILE O 73 -2.11 12.52 57.03
C ILE O 73 -1.11 12.26 55.90
N ALA O 74 -1.44 12.63 54.67
CA ALA O 74 -0.45 12.64 53.61
C ALA O 74 0.49 13.83 53.71
N LEU O 75 0.00 14.99 54.16
CA LEU O 75 0.85 16.15 54.35
C LEU O 75 1.80 15.95 55.53
N ILE O 76 1.36 15.21 56.54
CA ILE O 76 2.29 14.68 57.53
C ILE O 76 3.17 13.62 56.90
N GLY O 77 2.57 12.78 56.05
CA GLY O 77 3.23 11.60 55.52
C GLY O 77 4.19 11.86 54.38
N TRP O 78 4.11 13.00 53.72
CA TRP O 78 5.01 13.28 52.61
C TRP O 78 6.03 14.37 52.91
N SER O 79 5.69 15.35 53.73
CA SER O 79 6.67 16.37 54.08
C SER O 79 7.71 15.85 55.06
N ALA O 80 7.27 15.16 56.12
CA ALA O 80 8.17 14.71 57.17
C ALA O 80 9.12 13.61 56.70
N VAL O 81 8.73 12.84 55.68
CA VAL O 81 9.65 11.86 55.10
C VAL O 81 10.59 12.49 54.09
N ALA O 82 10.38 13.76 53.74
CA ALA O 82 11.19 14.43 52.73
C ALA O 82 11.79 15.73 53.23
N ALA O 83 11.83 15.95 54.55
CA ALA O 83 12.43 17.15 55.09
C ALA O 83 13.84 16.91 55.60
N ILE O 84 13.98 15.99 56.55
CA ILE O 84 15.29 15.70 57.15
C ILE O 84 16.29 14.98 56.23
N PRO O 85 15.91 14.13 55.20
CA PRO O 85 16.98 13.67 54.29
C PRO O 85 17.37 14.79 53.34
N SER O 86 18.53 15.39 53.60
CA SER O 86 19.00 16.48 52.74
C SER O 86 19.48 15.94 51.40
N ASN O 87 20.47 15.05 51.45
CA ASN O 87 21.16 14.47 50.28
C ASN O 87 21.70 15.59 49.38
N ILE O 88 22.67 16.29 49.97
CA ILE O 88 23.13 17.64 49.66
C ILE O 88 23.31 18.00 48.17
N PRO O 89 24.15 17.30 47.34
CA PRO O 89 24.66 17.95 46.12
C PRO O 89 23.67 18.14 44.98
N VAL O 90 22.39 17.87 45.23
CA VAL O 90 21.29 18.21 44.34
C VAL O 90 20.94 19.68 44.50
N LEU O 91 19.97 20.16 43.71
CA LEU O 91 19.43 21.52 43.78
C LEU O 91 19.25 22.04 45.20
N GLY O 92 18.57 21.27 46.04
CA GLY O 92 18.44 21.64 47.43
C GLY O 92 19.52 21.01 48.28
N GLY O 93 20.38 21.83 48.89
CA GLY O 93 21.30 21.32 49.88
C GLY O 93 20.60 20.82 51.14
N THR O 94 19.40 21.33 51.40
CA THR O 94 18.52 20.83 52.44
C THR O 94 17.67 19.69 51.86
N GLY O 95 16.60 19.33 52.56
CA GLY O 95 15.74 18.25 52.12
C GLY O 95 14.88 18.61 50.93
N LEU O 96 14.00 17.67 50.58
CA LEU O 96 13.13 17.84 49.41
C LEU O 96 12.07 18.91 49.65
N THR O 97 11.62 19.06 50.89
CA THR O 97 10.60 20.04 51.22
C THR O 97 11.16 21.34 51.74
N GLN O 98 12.29 21.29 52.46
CA GLN O 98 12.90 22.51 52.98
C GLN O 98 13.44 23.38 51.86
N ALA O 99 13.82 22.77 50.74
CA ALA O 99 14.18 23.51 49.53
C ALA O 99 12.97 24.07 48.80
N PHE O 100 11.76 23.69 49.20
CA PHE O 100 10.53 24.17 48.57
C PHE O 100 9.82 25.25 49.38
N LEU O 101 9.63 25.02 50.68
CA LEU O 101 8.96 25.99 51.55
C LEU O 101 9.76 27.28 51.67
N ALA O 102 11.09 27.20 51.56
CA ALA O 102 11.88 28.42 51.49
C ALA O 102 11.80 29.07 50.12
N SER O 103 11.53 28.28 49.08
CA SER O 103 11.50 28.79 47.71
C SER O 103 10.09 29.07 47.21
N ILE O 104 9.11 29.11 48.11
CA ILE O 104 7.77 29.56 47.75
C ILE O 104 7.45 30.84 48.49
N GLN O 105 8.06 31.05 49.64
CA GLN O 105 7.80 32.25 50.42
C GLN O 105 8.50 33.47 49.83
N ARG O 106 9.48 33.25 48.96
CA ARG O 106 10.07 34.34 48.20
C ARG O 106 9.18 34.79 47.05
N LEU O 107 8.24 33.95 46.62
CA LEU O 107 7.43 34.22 45.45
C LEU O 107 5.94 34.36 45.76
N LEU O 108 5.53 34.09 47.01
CA LEU O 108 4.11 33.98 47.32
C LEU O 108 3.42 35.33 47.41
N ALA O 109 4.16 36.40 47.76
CA ALA O 109 3.53 37.69 47.99
C ALA O 109 3.24 38.46 46.71
N GLN O 110 2.52 37.81 45.77
CA GLN O 110 2.17 38.32 44.45
C GLN O 110 3.40 38.80 43.69
N TYR O 111 4.28 37.85 43.41
CA TYR O 111 5.44 38.08 42.57
C TYR O 111 5.15 37.58 41.18
N PRO O 112 5.19 38.44 40.15
CA PRO O 112 4.96 37.97 38.77
C PRO O 112 6.14 37.21 38.18
N THR O 113 7.27 37.12 38.89
CA THR O 113 8.41 36.36 38.42
C THR O 113 8.23 34.88 38.67
N GLY O 114 9.33 34.14 38.62
CA GLY O 114 9.33 32.69 38.53
C GLY O 114 9.33 32.15 37.10
N PRO O 115 10.37 32.47 36.30
CA PRO O 115 10.39 31.99 34.91
C PRO O 115 10.80 30.53 34.82
N LYS O 116 11.07 30.05 33.61
CA LYS O 116 11.51 28.69 33.42
C LYS O 116 12.89 28.42 34.03
N LEU O 117 13.69 29.46 34.26
CA LEU O 117 14.97 29.29 34.94
C LEU O 117 14.86 29.37 36.45
N ASP O 118 13.66 29.54 36.99
CA ASP O 118 13.43 29.44 38.42
C ASP O 118 13.39 27.94 38.73
N ASP O 119 14.53 27.41 39.15
CA ASP O 119 14.64 25.96 39.37
C ASP O 119 13.79 25.47 40.55
N PRO O 120 13.99 25.92 41.80
CA PRO O 120 13.34 25.20 42.91
C PRO O 120 11.86 25.51 43.07
N PHE O 121 11.30 26.40 42.26
CA PHE O 121 9.86 26.60 42.28
C PHE O 121 9.15 25.60 41.39
N TRP O 122 9.60 25.47 40.15
CA TRP O 122 8.95 24.57 39.21
C TRP O 122 9.35 23.12 39.47
N PHE O 123 10.64 22.87 39.70
CA PHE O 123 11.09 21.50 39.85
C PHE O 123 10.60 20.90 41.15
N TYR O 124 10.73 21.63 42.25
CA TYR O 124 10.12 21.18 43.49
C TYR O 124 8.62 21.48 43.55
N LEU O 125 8.06 22.14 42.55
CA LEU O 125 6.61 22.07 42.39
C LEU O 125 6.19 20.67 41.95
N ILE O 126 6.74 20.21 40.82
CA ILE O 126 6.28 18.96 40.23
C ILE O 126 6.73 17.75 41.06
N VAL O 127 7.97 17.77 41.57
CA VAL O 127 8.45 16.57 42.26
C VAL O 127 7.81 16.44 43.64
N TYR O 128 7.25 17.51 44.20
CA TYR O 128 6.52 17.44 45.45
C TYR O 128 5.06 17.08 45.23
N HIS O 129 4.45 17.63 44.17
CA HIS O 129 3.09 17.25 43.83
C HIS O 129 2.98 15.82 43.34
N VAL O 130 4.04 15.26 42.75
CA VAL O 130 3.92 13.92 42.18
C VAL O 130 4.04 12.85 43.25
N GLY O 131 4.66 13.16 44.39
CA GLY O 131 4.72 12.22 45.49
C GLY O 131 3.58 12.48 46.44
N LEU O 132 3.13 13.74 46.47
CA LEU O 132 2.00 14.10 47.33
C LEU O 132 0.69 13.54 46.78
N PHE O 133 0.49 13.64 45.46
CA PHE O 133 -0.62 12.98 44.79
C PHE O 133 -0.58 11.47 45.03
N ALA O 134 0.61 10.88 44.90
CA ALA O 134 0.76 9.44 45.07
C ALA O 134 0.47 9.01 46.50
N LEU O 135 0.81 9.84 47.48
CA LEU O 135 0.60 9.42 48.85
C LEU O 135 -0.83 9.70 49.32
N LEU O 136 -1.53 10.67 48.71
CA LEU O 136 -2.94 10.82 49.06
C LEU O 136 -3.80 9.78 48.34
N ILE O 137 -3.44 9.44 47.10
CA ILE O 137 -4.10 8.33 46.41
C ILE O 137 -3.88 7.03 47.16
N PHE O 138 -2.64 6.79 47.59
CA PHE O 138 -2.37 5.63 48.44
C PHE O 138 -2.98 5.77 49.83
N GLY O 139 -3.37 6.98 50.23
CA GLY O 139 -4.16 7.14 51.43
C GLY O 139 -5.61 6.74 51.24
N GLN O 140 -6.15 6.91 50.03
CA GLN O 140 -7.46 6.34 49.75
C GLN O 140 -7.38 4.85 49.50
N ILE O 141 -6.21 4.35 49.07
CA ILE O 141 -5.92 2.93 49.15
C ILE O 141 -5.78 2.49 50.60
N GLY O 142 -5.50 3.43 51.50
CA GLY O 142 -5.60 3.18 52.92
C GLY O 142 -7.01 3.13 53.48
N TYR O 143 -8.00 3.06 52.60
CA TYR O 143 -9.36 2.70 52.97
C TYR O 143 -9.89 1.61 52.03
N ALA O 144 -8.99 0.75 51.57
CA ALA O 144 -9.33 -0.43 50.79
C ALA O 144 -9.37 -1.68 51.64
N GLY O 145 -8.65 -1.70 52.75
CA GLY O 145 -8.68 -2.83 53.66
C GLY O 145 -9.77 -2.71 54.70
N TYR O 146 -10.97 -2.31 54.28
CA TYR O 146 -12.10 -2.18 55.17
C TYR O 146 -13.37 -2.64 54.47
#